data_8HIM
#
_entry.id   8HIM
#
_cell.length_a   1.00
_cell.length_b   1.00
_cell.length_c   1.00
_cell.angle_alpha   90.00
_cell.angle_beta   90.00
_cell.angle_gamma   90.00
#
_symmetry.space_group_name_H-M   'P 1'
#
loop_
_entity.id
_entity.type
_entity.pdbx_description
1 polymer 'DNA (34-MER)'
2 polymer 'DNA (34-MER)'
3 polymer "RNA (5'-R(*UP*AP*UP*AP*UP*GP*CP*AP*UP*AP*AP*AP*GP*AP*CP*CP*AP*GP*GP*C)-3')"
4 polymer 'DNA-directed RNA polymerase V largest subunit'
5 polymer 'RPOLD domain-containing protein'
6 polymer 'DNA-directed RNA polymerases I, II, and III subunit RPABC2'
7 polymer 'DNA-directed RNA polymerases I, II, and III subunit RPABC5'
8 polymer 'RNA_pol_L_2 domain-containing protein'
9 polymer 'DNA-directed RNA polymerases II, IV and V subunit 12'
10 polymer 'DNA-directed RNA polymerases I, II, and III subunit RPABC3'
11 polymer 'DNA-directed RNA polymerase subunit'
12 polymer 'DNA-directed RNA polymerases I, II, and III subunit RPABC1'
13 polymer 'DNA-directed RNA polymerase IV and V subunit 2'
14 non-polymer 'MAGNESIUM ION'
15 non-polymer 'ZINC ION'
#
loop_
_entity_poly.entity_id
_entity_poly.type
_entity_poly.pdbx_seq_one_letter_code
_entity_poly.pdbx_strand_id
1 'polydeoxyribonucleotide'
;(DA)(DA)(DG)(DC)(DT)(DC)(DA)(DA)(DG)(DT)(DA)(DT)(DC)(DG)(DT)(DA)(DG)(DC)(DC)(DT)
(DG)(DG)(DT)(DC)(DA)(DT)(DT)(DA)(DC)(DG)(DA)(DG)(DT)(DA)
;
T
2 'polydeoxyribonucleotide'
;(DT)(DA)(DC)(DT)(DC)(DG)(DT)(DA)(DA)(DG)(DC)(DT)(DA)(DG)(DT)(DA)(DT)(DT)(DG)(DA)
(DC)(DG)(DA)(DT)(DA)(DC)(DT)(DT)(DG)(DA)(DG)(DC)(DT)(DT)
;
N
3 'polyribonucleotide' UAUAUGCAUAAAGACCAGGC P
4 'polypeptide(L)'
;MEEASSSDILEAEIVGISFALATHRQIRLASISDAGINHASQLSNAFLGLPLEFGKCEACGATEPDKCEGHFGYIHLPVP
IYHPAHVSELKQMLSLLCLKCLKIKKIKSTSSGLAERLLGVCCEEASNITIKDKSSDGASYLQLKLPSRTRLQEGFWNFL
ERYGYRYGSDHTRPLLAREVKEILRRIPEETRKKLTAKGHIPQEGYILEYLPVPPNCLSVPEVSDGSNSMSVDPSRIELK
DVLRKVVAINNSRSGETNFESHRAEANEMFRVVDTYLQVRGTAKPTRNIDMRFGVSKISDSSSSKAWTEKMRTLFIRKGS
GFSSRSVITGDAFRNVNEVGIPMEIAHRITFEERVSVHNIGYLQELVDNKMCLSYTQGSTTYSLRDGSKGHTVLKPGQIV
HRRVMDGDVVFINRPPTTHKHSLQALRVYVHEDNTVKINPLMCGPLSADFDGDCVHLFYPQSLTAKAEVLELFSVDKQLR
SSHTGQLILQLGLDSLLSLRVMMEQVFLDKASAQQLAMYGSRSLPSPAVVKSSKSGPAWTFFQILQLAFPERLSCRGDGF
IVGGSDLLSFDFGVDALASIINGIVTGIMVEKGPKEALAFFDSLQPLLMEHLDPQGFSLSLEDLSMSREDMGVIHNLIVR
EISPMVSRLRLSYEDELQLENSIQKVKEVAANFMLKSYSMRNLIDIKSNSAINKLVQQIGFLGLQLSDKKKLYTKTLVED
MAQFYKKKYVSTSSSGDFGIVKGCFFHGLDPYEEMAHSVAAREVIVRSSRGLAEPGTLFKNLMAVLRDIVITNDGTVRNT
CSNSIVQFKYELSSDNENQGLFEAGDPVGVLAATAMSNPAYKAVLDSSPNSNSSWELMKEVLLCKVNFQNTTNDRRVILY
LNECRCGKKYCQENSAYTVRNKLKKVSLKDTAVEFLVEYRKQQAISEIFGMDICLHGHIHLNKTLLEGWNISMQDILQRC
EDAINSLVQKKKKKAEDFKKMNLSVSECCSFRGPGSSKDSDMPCLMFSSYNATDPDLERTLDVLCNTIYPVLLETVIKGD
PRIASANIIWNSPETTTWIRSLHASRRGEWVLDVTVEKSDVKQSGDAWRVVIDSCLSVLHLIDTKRSIPYSIKQVQELLG
LSCAFEQAVQRLSASVRKVSKGVLKEHIILVANNMTCSGDMLGFNYGGYKALTRSLNIKAPFTEATLIAPRKCFEKAAEK
CHKDSLSTVVGSCSWGKRVDVGTGSQFELLWNKKETGLENDDETDVFSFLQMVRSTKTADAYVSSPGFDVTEEEMAEWAE
SPERDSALGEPKFDDSAEFQNLLDEGKASESKWDNGSLWENGCSSGSEWGVSKNAGGEENTQSGWGKAANVENEDASSGW
NSKKDAQEATNTDSWGAWGSKTKDDAENATPNWGTKPAQNDSVVIENGEPSSDVWGPKAVSDKPWGKKNSETEPAPAAWG
KTNSESESAAAAWGSDDEKNTGTESDAAGWGSTYKKNPETELNAAAWGSGAKMNKETEPAPAAWGSWGKKSSETVSGGAD
WGNRGKRVSETESGAGGWASRNRSLENQSGGATWGSRDKSKFETESGGAAWGSQAKNNSETEPGSGAAALGTWDKKKPET
ETGGGGAAWGSQAKNNSETESGSGAAAWGTWDKKKSETESGGGAWGSQAKKNSETESGAGASTWGAWDKKKPETESGGGG
AAWGSQAKNNSETESGSGAAAWGSQAKKNSESQLGTANWGSKDTNNSENGSDSAAWGKKKNSEAEPTSVAWCSWGQPSPP
ASDKDAQEDDGNPWVSLKATSSGDKEGNETSQWGVPNKRYPSAGSQSQGGGGGADWKRNRPPRTPGSESILGPMFTATRQ
RVDMFTSEEQELLSDVDPVMRRLRKIMHQSGYTDGEPISDEDKTYVLEQILNYHPDKDAKLGPGLDFITVDKHTTFTESR
CFFVVSTDGTKQDFSYRKCINNYLVEKHPNLAEEFIAKYFRKRDNENRDKNSQEATPPGEQESQTQPIDNGSQDSQPQPI
GNEGGDTQPQSQIEDIQPIGNGGEDSQTEPQA
;
A
5 'polypeptide(L)'
;MDTGATYQRFPKVKIRELKDDYAKFELRDTDVSMANALRRVMISEVPTVAIDLVEIEVNSSVLNDEFIAHRLGLIPLTSE
RAMSMRFSRDCDACDGDGQCEFCSVEFRLSAKCVTDQTLDVTSKDLYSADPTVTPVDFGDSSGADSSEQRGIIIVKLRRG
QELKLRAIARKGIGKDHAKWSPAATVTFMYEPDIIINEDMMDTLTDDEKIDLIESSPTKVFDFDAVTRQVVVVDPEAYTY
DEEVIKKAEAMGKQGLIEIRPKDDSFIFTVESTGAVKASQLVLNAIDLLKQKLDAVRLSDDTVEADDQFGELGAHMRGG
;
C
6 'polypeptide(L)'
;MAEDDYNEVDDLGYEDEPAEPEIEEGIEEDADMKDNDDINGEPLETEDKVETEPVQRPRKTSKFMTKYERARILGTRALQ
ISMNAPVMVELEGETDPLEIAMKELRQRKIPFTIRRYLPDGSFEEWGVDELIVEDSWKRQVGGD
;
F
7 'polypeptide(L)' MIIPVRCFTCGKVIGNKWDTYLDLLQADYTEGDALDAIGLVRYCCRRMLMTHVDLIEKLLNYNTLEKSD J
8 'polypeptide(L)'
;MNAPDRYERFVVPEGTKKVSYERDTKIINAASFTIEREDHTIGNIVRMQLHRDENVLFAGYQLPHPLKYKIIVRIHTTSQ
SSPMQAYNQAINDLDKELDFLKSQFEAEVAKFSNPY
;
K
9 'polypeptide(L)' MDQQSEPVTYVCGDCGQENTLKSGDVIQCRECGYRILYKKRTRRVVQYEAR L
10 'polypeptide(L)'
;MASSIIMFEDIFVVDKLDPDGKKFDKVTRIEATSHNLDMFMHLDVNTEVYPMAVGDKFTLAMAPTLNLDGTPDTGYFTPG
AKKTLADKYEYVMHGKLYKITERDGQTPKAEMYVSFGGLLMLLRGDPAHISHFELDQRLFLLMRKL
;
H
11 'polypeptide(L)'
;MSTMKFCRECNNILYPKEDREQSILLYACRNCDHQEAADDNCVYRNEVHHSVSEQTQILSDVASDPTLPRTKAVRCAKCQ
HGEAVFFQATARGEEGMTLFFVCCNPNCGHRWRE
;
I
12 'polypeptide(L)'
;MEGIGNDKSSCSSSSTVPSPCLSKYVDPSSEESHRYYLARRNALEMLRDRGYEVSLEDINLSLQDFRTVYGERPDVDRLR
ISAHHRSDSSNKVKVVFFGTGKVKVNTIRSVAAEILSQETITGLILVLQNQVTDKALKAIELFTFKVEIFQITDLLVNLT
KHVLSLRHRVLTDGEKKALLKQFNIEEKQLPRISKKDAVVRYYGLEKGQIVKVSYRGELTESYVAYRCVW
;
E
13 'polypeptide(L)'
;MTDIDIEEIEAAGEVDLRDLGEPFLQSFCKKAATSFFDEYGLVSHQLNSYNFFIEHGLQSVFESSGEMLVEPSFDPTKNK
DHEWRYATVKFGEVSVDKPTLYSDDKELVFLPWHARLQNMTYSARMKVNVDVEVFVKKVVKRDKFKTGQDEYVEKQILSK
KTQDIPIGRIPVMVKSVLCNTTEKGKNGESYRKGECAFDQGGYFVIKGAEKVFIAQEQICTKRLWISNSPWTVSYRSETK
RNRFIVRLSENQKAEDFKRKEKVLTVYFLSTEIPVWVLFFALGVASDKEAVDLIAFDGGDASITNSVVASIQEADSVCED
FRHGRNALAYVEQQIKGTKFPPGESVDECLSLYLFPGLKSLTQKARFLGYMVKCLFSAYAGKRKCENRDNFRNKRIELAG
ELLERELRVHLAHARRTMTKAMQRHLTGDGDLKPIEHYLDASIITNGLSRAFSTGAWCHPFRKMERVSGVVANLGRANPL
QSLIDLRRTRQQVLYTGRVGDARYPHPSHWGRLCFLSTPDGENCGLVKNLSLLGLVSTQIMEPVVEELFDSGMEELMDDT
STPLSGKHKVLLNGDWVGVCSDSDYFVADLKSRRRQSELPRQMEIKLDKDDKEVRIFTDAGRLLRPLLVVENLHKLKQSK
PSKYTFEHLLDQGILELIGIEEEEDCTTAWGTKQLLKQQKSYTHCELDLSFLLGVSCAIVPFANHDHGRRVLYQSQKHCQ
QAIGFCSTNPNIRCDTLSQQLFYPQRPLFKTMASECLQKDVLFNGQNAIVAVNVHLGFNQEDSIVMNKASLERGMFRSEQ
IRSYKADVDSKDSEKRKKMDEVVQFGKTHSKIGRVDSLDDDGFPFVGANMHSGDIVIGRCTESGTDHSVKLKHTERGIVQ
KVVLSSNDDGKNYATVSLRQVRSPCLGDKFSSMHGQKGVLGYIEEQENFAFTNQGIVPDIVINPHAFPSRQTPGQLLEAA
LSKGIACPMQKKKGKSDAYSKVTRHATPFSTPSVDDITDQLHRAGFSRSGNERVYNGRTGEMMRSLIFMGPNFYQRLIHM
SEDKVKFRNTGPVHPLTRQPVADRKRFGGIKFGEMERDCLIAHGASANLHERLFTLSDSSQMHICRNCKSAANVIERVAS
SGRRIRGPYCRLCESPDYVVMVNVPYGAKLLYQELFSMGICLNFETNLC
;
B
#
loop_
_chem_comp.id
_chem_comp.type
_chem_comp.name
_chem_comp.formula
A RNA linking ADENOSINE-5'-MONOPHOSPHATE 'C10 H14 N5 O7 P'
C RNA linking CYTIDINE-5'-MONOPHOSPHATE 'C9 H14 N3 O8 P'
DA DNA linking 2'-DEOXYADENOSINE-5'-MONOPHOSPHATE 'C10 H14 N5 O6 P'
DC DNA linking 2'-DEOXYCYTIDINE-5'-MONOPHOSPHATE 'C9 H14 N3 O7 P'
DG DNA linking 2'-DEOXYGUANOSINE-5'-MONOPHOSPHATE 'C10 H14 N5 O7 P'
DT DNA linking THYMIDINE-5'-MONOPHOSPHATE 'C10 H15 N2 O8 P'
G RNA linking GUANOSINE-5'-MONOPHOSPHATE 'C10 H14 N5 O8 P'
MG non-polymer 'MAGNESIUM ION' 'Mg 2'
U RNA linking URIDINE-5'-MONOPHOSPHATE 'C9 H13 N2 O9 P'
ZN non-polymer 'ZINC ION' 'Zn 2'
#
# COMPACT_ATOMS: atom_id res chain seq x y z
N GLY D 321 -24.94 -25.47 5.03
CA GLY D 321 -24.56 -26.87 4.92
C GLY D 321 -23.18 -27.07 4.33
N PHE D 322 -23.02 -26.62 3.09
CA PHE D 322 -21.74 -26.68 2.39
C PHE D 322 -21.17 -25.28 2.24
N SER D 323 -19.87 -25.25 1.99
CA SER D 323 -19.12 -24.02 1.81
C SER D 323 -18.16 -24.20 0.63
N SER D 324 -17.71 -23.07 0.08
CA SER D 324 -16.91 -23.10 -1.13
C SER D 324 -16.06 -21.84 -1.26
N ARG D 325 -14.80 -22.00 -1.62
CA ARG D 325 -13.86 -20.90 -1.78
C ARG D 325 -13.44 -20.78 -3.24
N SER D 326 -13.47 -19.57 -3.79
CA SER D 326 -13.09 -19.43 -5.19
C SER D 326 -12.67 -18.00 -5.52
N VAL D 327 -11.86 -17.88 -6.58
CA VAL D 327 -11.40 -16.60 -7.13
C VAL D 327 -12.56 -15.92 -7.86
N ILE D 328 -12.69 -14.60 -7.70
CA ILE D 328 -13.78 -13.84 -8.32
C ILE D 328 -13.29 -13.11 -9.56
N THR D 329 -14.18 -13.02 -10.56
CA THR D 329 -14.04 -12.17 -11.73
C THR D 329 -15.36 -11.43 -11.92
N GLY D 330 -15.40 -10.50 -12.86
CA GLY D 330 -16.57 -9.68 -13.07
C GLY D 330 -17.36 -10.04 -14.32
N ASP D 331 -18.60 -9.56 -14.37
CA ASP D 331 -19.49 -9.77 -15.52
C ASP D 331 -20.58 -8.70 -15.47
N ALA D 332 -20.57 -7.78 -16.42
CA ALA D 332 -21.50 -6.65 -16.38
C ALA D 332 -22.81 -6.93 -17.10
N PHE D 333 -22.97 -8.07 -17.76
CA PHE D 333 -24.14 -8.29 -18.59
C PHE D 333 -25.16 -9.25 -17.98
N ARG D 334 -24.91 -9.77 -16.79
CA ARG D 334 -25.92 -10.47 -16.02
C ARG D 334 -26.46 -9.56 -14.92
N ASN D 335 -27.47 -10.02 -14.21
CA ASN D 335 -28.19 -9.17 -13.25
C ASN D 335 -27.36 -8.95 -12.00
N VAL D 336 -27.71 -7.88 -11.27
CA VAL D 336 -27.02 -7.47 -10.05
C VAL D 336 -27.08 -8.53 -8.96
N ASN D 337 -28.21 -9.20 -8.80
CA ASN D 337 -28.37 -10.20 -7.75
C ASN D 337 -28.05 -11.62 -8.24
N GLU D 338 -27.30 -11.75 -9.33
CA GLU D 338 -26.94 -13.05 -9.87
C GLU D 338 -25.46 -13.33 -9.64
N VAL D 339 -25.14 -14.60 -9.41
CA VAL D 339 -23.79 -15.06 -9.22
C VAL D 339 -23.57 -16.28 -10.11
N GLY D 340 -22.44 -16.29 -10.83
CA GLY D 340 -22.10 -17.42 -11.68
C GLY D 340 -21.16 -18.37 -10.97
N ILE D 341 -21.48 -19.65 -11.03
CA ILE D 341 -20.82 -20.68 -10.23
C ILE D 341 -20.18 -21.68 -11.19
N PRO D 342 -18.91 -22.06 -10.97
CA PRO D 342 -18.27 -23.05 -11.84
C PRO D 342 -18.92 -24.41 -11.73
N MET D 343 -18.83 -25.17 -12.83
CA MET D 343 -19.52 -26.47 -12.90
C MET D 343 -18.88 -27.50 -11.98
N GLU D 344 -17.56 -27.42 -11.77
CA GLU D 344 -16.87 -28.33 -10.88
C GLU D 344 -17.33 -28.15 -9.44
N ILE D 345 -17.63 -26.91 -9.07
CA ILE D 345 -18.23 -26.66 -7.76
C ILE D 345 -19.68 -27.13 -7.75
N ALA D 346 -20.43 -26.83 -8.81
CA ALA D 346 -21.88 -26.98 -8.76
C ALA D 346 -22.31 -28.45 -8.78
N HIS D 347 -21.57 -29.32 -9.45
CA HIS D 347 -22.02 -30.69 -9.58
C HIS D 347 -21.62 -31.57 -8.39
N ARG D 348 -20.98 -31.01 -7.38
CA ARG D 348 -20.59 -31.76 -6.20
C ARG D 348 -21.24 -31.26 -4.92
N ILE D 349 -21.91 -30.12 -4.96
CA ILE D 349 -22.68 -29.60 -3.84
C ILE D 349 -24.13 -29.99 -4.07
N THR D 350 -24.83 -30.33 -2.99
CA THR D 350 -26.21 -30.75 -3.08
C THR D 350 -27.13 -29.81 -2.32
N PHE D 351 -28.40 -29.84 -2.71
CA PHE D 351 -29.50 -29.25 -1.98
C PHE D 351 -30.45 -30.38 -1.60
N GLU D 352 -31.01 -30.31 -0.40
CA GLU D 352 -31.93 -31.33 0.06
C GLU D 352 -33.38 -30.88 -0.04
N GLU D 353 -34.23 -31.80 -0.50
CA GLU D 353 -35.65 -31.52 -0.64
C GLU D 353 -36.44 -32.66 -0.01
N ARG D 354 -37.58 -32.32 0.57
CA ARG D 354 -38.50 -33.31 1.12
C ARG D 354 -39.58 -33.56 0.07
N VAL D 355 -39.64 -34.78 -0.45
CA VAL D 355 -40.54 -35.05 -1.55
C VAL D 355 -41.96 -35.22 -1.00
N SER D 356 -42.90 -34.53 -1.62
CA SER D 356 -44.32 -34.55 -1.23
C SER D 356 -45.11 -34.02 -2.42
N VAL D 357 -46.40 -33.75 -2.19
CA VAL D 357 -47.28 -33.37 -3.28
C VAL D 357 -46.90 -31.97 -3.79
N HIS D 358 -47.22 -31.71 -5.06
CA HIS D 358 -46.88 -30.62 -5.98
C HIS D 358 -45.48 -30.76 -6.54
N ASN D 359 -44.70 -31.77 -6.14
CA ASN D 359 -43.39 -31.94 -6.75
C ASN D 359 -43.02 -33.39 -7.01
N ILE D 360 -43.97 -34.29 -7.25
CA ILE D 360 -43.63 -35.67 -7.55
C ILE D 360 -43.11 -35.79 -8.98
N GLY D 361 -43.83 -35.19 -9.92
CA GLY D 361 -43.41 -35.27 -11.31
C GLY D 361 -42.17 -34.46 -11.60
N TYR D 362 -42.06 -33.28 -10.98
CA TYR D 362 -40.92 -32.41 -11.20
C TYR D 362 -39.64 -33.01 -10.64
N LEU D 363 -39.73 -33.72 -9.51
CA LEU D 363 -38.55 -34.39 -8.98
C LEU D 363 -38.32 -35.73 -9.67
N GLN D 364 -39.38 -36.34 -10.20
CA GLN D 364 -39.21 -37.59 -10.93
C GLN D 364 -38.48 -37.37 -12.24
N GLU D 365 -38.77 -36.26 -12.91
CA GLU D 365 -38.02 -35.83 -14.10
C GLU D 365 -36.53 -35.70 -13.79
N LEU D 366 -36.20 -35.12 -12.63
CA LEU D 366 -34.82 -34.92 -12.23
C LEU D 366 -34.11 -36.22 -11.93
N VAL D 367 -34.77 -37.14 -11.21
CA VAL D 367 -34.10 -38.40 -10.89
C VAL D 367 -33.98 -39.28 -12.13
N ASP D 368 -34.91 -39.12 -13.09
CA ASP D 368 -34.79 -39.83 -14.35
C ASP D 368 -33.65 -39.28 -15.19
N ASN D 369 -33.40 -37.98 -15.11
CA ASN D 369 -32.30 -37.38 -15.87
C ASN D 369 -30.96 -37.43 -15.13
N LYS D 370 -30.90 -38.17 -14.01
CA LYS D 370 -29.69 -38.41 -13.22
C LYS D 370 -29.07 -37.11 -12.72
N MET D 371 -29.93 -36.24 -12.22
CA MET D 371 -29.52 -34.96 -11.65
C MET D 371 -29.62 -34.91 -10.14
N CYS D 372 -30.20 -35.92 -9.52
CA CYS D 372 -30.21 -36.05 -8.08
C CYS D 372 -29.02 -36.92 -7.69
N LEU D 373 -28.20 -36.41 -6.78
CA LEU D 373 -27.03 -37.18 -6.38
C LEU D 373 -27.41 -38.31 -5.42
N SER D 374 -28.07 -37.98 -4.32
CA SER D 374 -28.25 -38.99 -3.28
C SER D 374 -29.69 -38.99 -2.78
N TYR D 375 -29.94 -39.88 -1.83
CA TYR D 375 -31.28 -40.18 -1.36
C TYR D 375 -31.22 -40.67 0.08
N THR D 376 -32.29 -40.43 0.84
CA THR D 376 -32.53 -41.17 2.07
C THR D 376 -34.02 -41.29 2.33
N GLN D 377 -34.51 -42.54 2.39
CA GLN D 377 -35.84 -42.88 2.84
C GLN D 377 -35.76 -43.39 4.27
N GLY D 378 -36.40 -42.70 5.20
CA GLY D 378 -36.25 -43.05 6.59
C GLY D 378 -34.97 -42.53 7.18
N SER D 379 -33.99 -43.41 7.39
CA SER D 379 -32.66 -42.98 7.82
C SER D 379 -31.51 -43.63 7.07
N THR D 380 -31.71 -44.81 6.47
CA THR D 380 -30.62 -45.55 5.85
C THR D 380 -30.26 -44.91 4.52
N THR D 381 -29.09 -44.28 4.46
CA THR D 381 -28.70 -43.47 3.31
C THR D 381 -28.23 -44.35 2.15
N TYR D 382 -29.18 -44.70 1.30
CA TYR D 382 -28.85 -45.43 0.07
C TYR D 382 -28.45 -44.45 -1.01
N SER D 383 -27.41 -44.78 -1.77
CA SER D 383 -26.85 -43.85 -2.74
C SER D 383 -27.57 -43.96 -4.08
N LEU D 384 -27.37 -42.96 -4.94
CA LEU D 384 -27.70 -43.10 -6.35
C LEU D 384 -26.60 -42.50 -7.23
N ARG D 385 -25.34 -42.78 -6.95
CA ARG D 385 -24.25 -42.24 -7.75
C ARG D 385 -23.28 -43.35 -8.15
N THR D 392 -34.91 -46.16 -8.37
CA THR D 392 -35.83 -45.92 -7.27
C THR D 392 -36.89 -44.89 -7.67
N VAL D 393 -38.16 -45.25 -7.47
CA VAL D 393 -39.24 -44.32 -7.70
C VAL D 393 -39.48 -43.49 -6.44
N LEU D 394 -40.24 -42.41 -6.58
CA LEU D 394 -40.45 -41.47 -5.48
C LEU D 394 -41.82 -41.71 -4.87
N LYS D 395 -41.83 -41.90 -3.57
CA LYS D 395 -43.04 -41.80 -2.77
C LYS D 395 -42.97 -40.54 -1.92
N PRO D 396 -44.10 -40.01 -1.45
CA PRO D 396 -44.06 -38.79 -0.63
C PRO D 396 -43.52 -39.06 0.77
N GLY D 397 -42.42 -38.39 1.12
CA GLY D 397 -41.95 -38.40 2.49
C GLY D 397 -40.47 -38.67 2.75
N GLN D 398 -39.64 -38.70 1.71
CA GLN D 398 -38.22 -38.92 1.92
C GLN D 398 -37.43 -37.71 1.45
N ILE D 399 -36.10 -37.82 1.52
CA ILE D 399 -35.23 -36.68 1.27
C ILE D 399 -34.40 -36.98 0.02
N VAL D 400 -34.51 -36.08 -0.96
CA VAL D 400 -33.75 -36.14 -2.20
C VAL D 400 -32.62 -35.13 -2.12
N HIS D 401 -31.41 -35.51 -2.50
CA HIS D 401 -30.30 -34.58 -2.56
C HIS D 401 -29.94 -34.40 -4.02
N ARG D 402 -30.32 -33.26 -4.59
CA ARG D 402 -30.07 -32.95 -5.98
C ARG D 402 -28.93 -31.95 -6.09
N ARG D 403 -28.46 -31.72 -7.31
CA ARG D 403 -27.31 -30.86 -7.50
C ARG D 403 -27.76 -29.43 -7.83
N VAL D 404 -26.85 -28.49 -7.57
CA VAL D 404 -27.15 -27.07 -7.72
C VAL D 404 -27.43 -26.73 -9.17
N MET D 405 -28.53 -26.03 -9.40
CA MET D 405 -28.94 -25.65 -10.74
C MET D 405 -29.34 -24.19 -10.73
N ASP D 406 -29.83 -23.71 -11.86
CA ASP D 406 -30.12 -22.28 -12.00
C ASP D 406 -31.34 -21.89 -11.18
N GLY D 407 -31.21 -20.76 -10.47
CA GLY D 407 -32.30 -20.20 -9.72
C GLY D 407 -32.25 -20.42 -8.23
N ASP D 408 -31.26 -21.15 -7.71
CA ASP D 408 -31.16 -21.39 -6.29
C ASP D 408 -30.58 -20.16 -5.59
N VAL D 409 -30.54 -20.21 -4.26
CA VAL D 409 -30.05 -19.08 -3.47
C VAL D 409 -28.84 -19.54 -2.68
N VAL D 410 -27.73 -18.80 -2.79
CA VAL D 410 -26.58 -18.98 -1.93
C VAL D 410 -26.35 -17.66 -1.21
N PHE D 411 -25.47 -17.65 -0.23
CA PHE D 411 -25.05 -16.37 0.29
C PHE D 411 -23.53 -16.25 0.34
N ILE D 412 -23.06 -15.05 0.00
CA ILE D 412 -21.68 -14.75 -0.30
C ILE D 412 -21.10 -13.92 0.82
N ASN D 413 -19.81 -14.14 1.06
CA ASN D 413 -19.05 -13.40 2.06
C ASN D 413 -17.57 -13.48 1.65
N ARG D 414 -16.95 -12.32 1.45
CA ARG D 414 -15.50 -12.28 1.52
C ARG D 414 -15.10 -12.54 2.98
N PRO D 415 -14.00 -13.25 3.23
CA PRO D 415 -13.62 -13.60 4.62
C PRO D 415 -13.43 -12.38 5.51
N PRO D 416 -14.34 -12.20 6.50
CA PRO D 416 -14.59 -10.90 7.16
C PRO D 416 -13.45 -10.44 8.07
N THR D 417 -12.35 -10.02 7.46
CA THR D 417 -11.26 -9.45 8.22
C THR D 417 -11.62 -8.04 8.69
N THR D 418 -12.16 -7.24 7.77
CA THR D 418 -12.83 -6.00 8.10
C THR D 418 -14.26 -6.04 7.57
N HIS D 419 -14.63 -7.12 6.87
CA HIS D 419 -15.88 -7.14 6.12
C HIS D 419 -17.06 -7.47 7.02
N LYS D 420 -17.29 -6.67 8.06
CA LYS D 420 -18.24 -6.93 9.12
C LYS D 420 -19.68 -7.04 8.64
N HIS D 421 -20.08 -6.20 7.70
CA HIS D 421 -21.42 -6.34 7.12
C HIS D 421 -21.30 -6.49 5.62
N SER D 422 -21.09 -7.73 5.16
CA SER D 422 -21.04 -7.98 3.73
C SER D 422 -21.77 -9.26 3.35
N LEU D 423 -22.69 -9.77 4.17
CA LEU D 423 -23.35 -11.04 3.93
C LEU D 423 -24.49 -10.82 2.95
N GLN D 424 -24.34 -11.30 1.71
CA GLN D 424 -25.31 -10.99 0.67
C GLN D 424 -25.93 -12.26 0.10
N ALA D 425 -27.20 -12.19 -0.27
CA ALA D 425 -27.91 -13.35 -0.81
C ALA D 425 -28.07 -13.20 -2.31
N LEU D 426 -27.64 -14.21 -3.07
CA LEU D 426 -27.61 -14.11 -4.52
C LEU D 426 -28.19 -15.36 -5.18
N ARG D 427 -28.64 -15.17 -6.42
CA ARG D 427 -29.28 -16.17 -7.25
C ARG D 427 -28.29 -16.78 -8.24
N VAL D 428 -28.37 -18.09 -8.42
CA VAL D 428 -27.29 -18.89 -8.99
C VAL D 428 -27.55 -19.14 -10.47
N TYR D 429 -26.52 -18.90 -11.30
CA TYR D 429 -26.44 -19.53 -12.61
C TYR D 429 -25.09 -20.24 -12.72
N VAL D 430 -25.01 -21.25 -13.60
CA VAL D 430 -23.88 -22.16 -13.70
C VAL D 430 -23.12 -21.92 -15.00
N HIS D 431 -21.79 -21.98 -14.93
CA HIS D 431 -20.98 -21.91 -16.14
C HIS D 431 -19.86 -22.95 -16.14
N GLU D 432 -18.93 -22.85 -17.09
CA GLU D 432 -17.90 -23.86 -17.29
C GLU D 432 -16.52 -23.44 -16.82
N ASP D 433 -16.30 -22.17 -16.51
CA ASP D 433 -14.96 -21.67 -16.18
C ASP D 433 -14.60 -22.03 -14.74
N ASN D 434 -13.55 -21.42 -14.20
CA ASN D 434 -13.05 -21.76 -12.87
C ASN D 434 -13.34 -20.70 -11.82
N THR D 435 -13.88 -19.55 -12.18
CA THR D 435 -14.07 -18.46 -11.25
C THR D 435 -15.52 -18.34 -10.81
N VAL D 436 -15.77 -17.38 -9.92
CA VAL D 436 -17.10 -16.96 -9.51
C VAL D 436 -17.32 -15.57 -10.09
N LYS D 437 -18.38 -15.41 -10.88
CA LYS D 437 -18.63 -14.15 -11.55
C LYS D 437 -19.69 -13.36 -10.79
N ILE D 438 -19.43 -12.08 -10.55
CA ILE D 438 -20.38 -11.18 -9.92
C ILE D 438 -20.47 -9.90 -10.74
N ASN D 439 -21.54 -9.16 -10.52
CA ASN D 439 -21.72 -7.88 -11.20
C ASN D 439 -20.73 -6.86 -10.64
N PRO D 440 -20.20 -5.95 -11.47
CA PRO D 440 -19.26 -4.95 -10.97
C PRO D 440 -19.86 -3.93 -10.02
N LEU D 441 -21.18 -3.83 -9.91
CA LEU D 441 -21.82 -2.98 -8.93
C LEU D 441 -21.73 -3.53 -7.52
N MET D 442 -21.43 -4.82 -7.37
CA MET D 442 -21.31 -5.47 -6.09
C MET D 442 -19.91 -5.47 -5.54
N CYS D 443 -18.99 -4.71 -6.13
CA CYS D 443 -17.65 -4.65 -5.57
C CYS D 443 -17.62 -3.81 -4.31
N GLY D 444 -18.26 -2.65 -4.32
CA GLY D 444 -18.25 -1.79 -3.14
C GLY D 444 -19.09 -2.32 -1.97
N PRO D 445 -20.24 -3.00 -2.17
CA PRO D 445 -20.85 -3.69 -1.02
C PRO D 445 -20.00 -4.79 -0.41
N LEU D 446 -19.06 -5.35 -1.16
CA LEU D 446 -18.21 -6.42 -0.65
C LEU D 446 -16.81 -5.94 -0.33
N SER D 447 -16.45 -4.74 -0.79
CA SER D 447 -15.11 -4.16 -0.75
C SER D 447 -14.07 -5.15 -1.28
N ALA D 448 -14.32 -5.60 -2.51
CA ALA D 448 -13.46 -6.55 -3.18
C ALA D 448 -13.04 -5.95 -4.51
N ASP D 449 -12.00 -6.53 -5.08
CA ASP D 449 -11.58 -6.19 -6.43
C ASP D 449 -11.06 -7.45 -7.08
N PHE D 450 -10.76 -7.35 -8.37
CA PHE D 450 -10.41 -8.52 -9.17
C PHE D 450 -8.91 -8.57 -9.38
N ASP D 451 -8.16 -8.68 -8.29
CA ASP D 451 -6.71 -8.77 -8.41
C ASP D 451 -6.17 -9.99 -7.68
N GLY D 452 -7.03 -10.97 -7.44
CA GLY D 452 -6.66 -12.17 -6.72
C GLY D 452 -7.54 -12.49 -5.55
N ASP D 453 -8.59 -11.71 -5.29
CA ASP D 453 -9.47 -11.96 -4.15
C ASP D 453 -10.27 -13.23 -4.32
N CYS D 454 -10.51 -13.91 -3.21
CA CYS D 454 -11.38 -15.08 -3.16
C CYS D 454 -12.55 -14.78 -2.24
N VAL D 455 -13.69 -15.41 -2.53
CA VAL D 455 -14.84 -15.33 -1.66
C VAL D 455 -15.23 -16.73 -1.20
N HIS D 456 -16.00 -16.77 -0.12
CA HIS D 456 -16.65 -17.98 0.36
C HIS D 456 -18.13 -17.88 0.05
N LEU D 457 -18.66 -18.91 -0.58
CA LEU D 457 -20.08 -19.10 -0.79
C LEU D 457 -20.57 -20.14 0.18
N PHE D 458 -21.73 -19.88 0.79
CA PHE D 458 -22.37 -20.82 1.70
C PHE D 458 -23.73 -21.20 1.14
N TYR D 459 -24.12 -22.45 1.40
CA TYR D 459 -25.29 -23.05 0.75
C TYR D 459 -26.30 -23.46 1.80
N PRO D 460 -27.45 -22.78 1.91
CA PRO D 460 -28.39 -23.09 2.98
C PRO D 460 -29.25 -24.31 2.65
N GLN D 461 -29.35 -25.24 3.60
CA GLN D 461 -30.02 -26.52 3.41
C GLN D 461 -31.42 -26.54 4.00
N SER D 462 -31.59 -26.07 5.23
CA SER D 462 -32.89 -26.02 5.88
C SER D 462 -33.79 -24.98 5.24
N LEU D 463 -35.10 -25.21 5.34
CA LEU D 463 -36.06 -24.37 4.64
C LEU D 463 -36.31 -23.07 5.39
N THR D 464 -36.29 -23.12 6.71
CA THR D 464 -36.40 -21.89 7.50
C THR D 464 -35.14 -21.03 7.36
N ALA D 465 -33.99 -21.68 7.13
CA ALA D 465 -32.76 -20.94 6.86
C ALA D 465 -32.82 -20.28 5.49
N LYS D 466 -33.42 -20.97 4.51
CA LYS D 466 -33.65 -20.37 3.20
C LYS D 466 -34.57 -19.16 3.31
N ALA D 467 -35.58 -19.24 4.17
CA ALA D 467 -36.49 -18.11 4.34
C ALA D 467 -35.80 -16.93 5.00
N GLU D 468 -34.96 -17.20 6.01
CA GLU D 468 -34.23 -16.13 6.69
C GLU D 468 -33.22 -15.47 5.76
N VAL D 469 -32.54 -16.27 4.93
CA VAL D 469 -31.56 -15.73 4.00
C VAL D 469 -32.24 -14.94 2.90
N LEU D 470 -33.34 -15.45 2.36
CA LEU D 470 -34.05 -14.75 1.31
C LEU D 470 -34.73 -13.50 1.83
N GLU D 471 -35.07 -13.45 3.11
CA GLU D 471 -35.87 -12.36 3.62
C GLU D 471 -35.05 -11.26 4.28
N LEU D 472 -33.90 -11.57 4.88
CA LEU D 472 -33.13 -10.51 5.52
C LEU D 472 -32.00 -9.97 4.66
N PHE D 473 -31.40 -10.77 3.78
CA PHE D 473 -30.11 -10.43 3.19
C PHE D 473 -30.15 -10.32 1.67
N SER D 474 -31.33 -10.17 1.08
CA SER D 474 -31.40 -9.95 -0.36
C SER D 474 -30.96 -8.53 -0.70
N VAL D 475 -30.68 -8.31 -1.98
CA VAL D 475 -30.09 -7.04 -2.40
C VAL D 475 -31.15 -5.94 -2.42
N ASP D 476 -32.37 -6.28 -2.81
CA ASP D 476 -33.44 -5.29 -2.77
C ASP D 476 -33.90 -5.01 -1.35
N LYS D 477 -33.76 -5.98 -0.45
CA LYS D 477 -34.05 -5.73 0.96
C LYS D 477 -33.00 -4.81 1.57
N GLN D 478 -31.73 -5.01 1.21
CA GLN D 478 -30.61 -4.31 1.80
C GLN D 478 -30.16 -3.11 0.98
N LEU D 479 -31.07 -2.48 0.23
CA LEU D 479 -30.66 -1.53 -0.79
C LEU D 479 -30.22 -0.21 -0.17
N ARG D 480 -30.95 0.25 0.84
CA ARG D 480 -30.58 1.46 1.56
C ARG D 480 -29.71 1.07 2.75
N SER D 481 -28.56 1.72 2.85
CA SER D 481 -27.52 1.36 3.80
C SER D 481 -27.96 1.60 5.24
N SER D 482 -27.36 0.85 6.15
CA SER D 482 -27.64 0.98 7.56
C SER D 482 -26.52 1.66 8.33
N HIS D 483 -25.38 1.93 7.71
CA HIS D 483 -24.35 2.77 8.29
C HIS D 483 -24.60 4.23 7.98
N THR D 484 -24.76 4.55 6.71
CA THR D 484 -25.17 5.87 6.26
C THR D 484 -26.62 5.79 5.80
N GLY D 485 -27.13 6.90 5.27
CA GLY D 485 -28.44 6.89 4.69
C GLY D 485 -28.46 6.66 3.20
N GLN D 486 -27.34 6.27 2.60
CA GLN D 486 -27.23 6.25 1.16
C GLN D 486 -27.51 4.85 0.60
N LEU D 487 -27.34 4.73 -0.71
CA LEU D 487 -27.54 3.47 -1.38
C LEU D 487 -26.25 2.67 -1.41
N ILE D 488 -26.36 1.34 -1.32
CA ILE D 488 -25.18 0.50 -1.38
C ILE D 488 -24.70 0.36 -2.82
N LEU D 489 -25.55 0.68 -3.80
CA LEU D 489 -25.20 0.57 -5.20
C LEU D 489 -24.99 1.96 -5.78
N GLN D 490 -23.76 2.24 -6.22
CA GLN D 490 -23.39 3.50 -6.85
C GLN D 490 -22.79 3.21 -8.20
N LEU D 491 -23.06 4.06 -9.18
CA LEU D 491 -22.41 3.95 -10.47
C LEU D 491 -20.93 4.29 -10.35
N GLY D 492 -20.08 3.37 -10.79
CA GLY D 492 -18.66 3.51 -10.60
C GLY D 492 -17.95 3.73 -11.92
N LEU D 493 -16.74 3.19 -11.99
CA LEU D 493 -15.67 3.54 -12.91
C LEU D 493 -16.01 3.69 -14.39
N ASP D 494 -16.48 2.62 -15.04
CA ASP D 494 -16.70 2.68 -16.47
C ASP D 494 -18.07 3.25 -16.78
N SER D 495 -19.02 3.06 -15.86
CA SER D 495 -20.37 3.57 -16.06
C SER D 495 -20.41 5.09 -15.96
N LEU D 496 -19.68 5.64 -14.98
CA LEU D 496 -19.65 7.09 -14.82
C LEU D 496 -18.88 7.75 -15.95
N LEU D 497 -17.83 7.08 -16.44
CA LEU D 497 -17.07 7.60 -17.56
C LEU D 497 -17.89 7.57 -18.83
N SER D 498 -18.70 6.53 -19.00
CA SER D 498 -19.61 6.44 -20.13
C SER D 498 -20.67 7.53 -20.08
N LEU D 499 -21.17 7.85 -18.88
CA LEU D 499 -22.13 8.94 -18.73
C LEU D 499 -21.49 10.29 -19.00
N ARG D 500 -20.23 10.47 -18.60
CA ARG D 500 -19.56 11.75 -18.83
C ARG D 500 -19.33 11.99 -20.32
N VAL D 501 -18.86 10.97 -21.04
CA VAL D 501 -18.64 11.16 -22.47
C VAL D 501 -19.97 11.20 -23.21
N MET D 502 -21.02 10.60 -22.65
CA MET D 502 -22.36 10.78 -23.20
C MET D 502 -22.91 12.17 -22.89
N MET D 503 -22.35 12.88 -21.92
CA MET D 503 -22.77 14.24 -21.61
C MET D 503 -21.98 15.31 -22.36
N GLU D 504 -20.73 15.05 -22.77
CA GLU D 504 -20.00 16.13 -23.42
C GLU D 504 -20.35 16.26 -24.89
N GLN D 505 -20.84 15.19 -25.52
CA GLN D 505 -21.55 15.31 -26.79
C GLN D 505 -23.00 14.93 -26.53
N VAL D 506 -23.92 15.73 -27.05
CA VAL D 506 -25.30 15.67 -26.58
C VAL D 506 -26.18 14.85 -27.53
N PHE D 507 -25.80 14.76 -28.79
CA PHE D 507 -26.71 14.21 -29.79
C PHE D 507 -26.15 12.93 -30.38
N LEU D 508 -27.08 12.08 -30.85
CA LEU D 508 -26.80 10.76 -31.41
C LEU D 508 -27.64 10.55 -32.66
N ASP D 509 -27.03 10.00 -33.70
CA ASP D 509 -27.75 9.67 -34.93
C ASP D 509 -28.58 8.40 -34.77
N LYS D 510 -29.25 8.01 -35.85
CA LYS D 510 -30.33 7.04 -35.77
C LYS D 510 -29.82 5.63 -35.49
N ALA D 511 -28.72 5.23 -36.12
CA ALA D 511 -28.25 3.85 -36.05
C ALA D 511 -27.75 3.50 -34.65
N SER D 512 -26.93 4.37 -34.07
CA SER D 512 -26.40 4.10 -32.73
C SER D 512 -27.49 4.25 -31.68
N ALA D 513 -28.47 5.13 -31.92
CA ALA D 513 -29.56 5.29 -30.97
C ALA D 513 -30.47 4.06 -30.96
N GLN D 514 -30.73 3.47 -32.13
CA GLN D 514 -31.55 2.26 -32.14
C GLN D 514 -30.77 1.07 -31.62
N GLN D 515 -29.45 1.06 -31.82
CA GLN D 515 -28.61 0.03 -31.23
C GLN D 515 -28.60 0.10 -29.71
N LEU D 516 -28.60 1.31 -29.16
CA LEU D 516 -28.73 1.45 -27.71
C LEU D 516 -30.13 1.09 -27.25
N ALA D 517 -31.14 1.41 -28.07
CA ALA D 517 -32.52 1.14 -27.71
C ALA D 517 -32.85 -0.35 -27.69
N MET D 518 -32.01 -1.16 -28.33
CA MET D 518 -32.09 -2.60 -28.15
C MET D 518 -31.87 -3.05 -26.71
N TYR D 519 -31.20 -2.27 -25.86
CA TYR D 519 -30.90 -2.66 -24.50
C TYR D 519 -31.87 -2.10 -23.47
N GLY D 520 -32.67 -1.11 -23.85
CA GLY D 520 -33.60 -0.49 -22.93
C GLY D 520 -34.81 -1.38 -22.68
N SER D 521 -35.41 -1.22 -21.50
CA SER D 521 -36.61 -1.99 -21.18
C SER D 521 -37.86 -1.30 -21.70
N ARG D 522 -37.81 0.01 -21.90
CA ARG D 522 -38.91 0.75 -22.46
C ARG D 522 -38.75 0.83 -23.97
N SER D 523 -39.56 1.67 -24.62
CA SER D 523 -39.48 1.88 -26.05
C SER D 523 -38.71 3.15 -26.35
N LEU D 524 -38.12 3.20 -27.54
CA LEU D 524 -37.40 4.39 -27.95
C LEU D 524 -38.40 5.49 -28.31
N PRO D 525 -38.21 6.70 -27.82
CA PRO D 525 -39.13 7.79 -28.18
C PRO D 525 -38.94 8.27 -29.60
N SER D 526 -39.81 9.18 -30.01
CA SER D 526 -39.61 9.99 -31.20
C SER D 526 -38.37 10.87 -31.02
N PRO D 527 -37.69 11.27 -32.11
CA PRO D 527 -36.50 12.10 -31.95
C PRO D 527 -36.80 13.47 -31.40
N ALA D 528 -35.87 13.98 -30.59
CA ALA D 528 -35.97 15.36 -30.15
C ALA D 528 -35.77 16.32 -31.30
N VAL D 529 -34.87 15.98 -32.21
CA VAL D 529 -34.64 16.73 -33.44
C VAL D 529 -35.12 15.86 -34.59
N VAL D 530 -36.18 16.30 -35.27
CA VAL D 530 -36.71 15.52 -36.38
C VAL D 530 -35.93 15.78 -37.65
N LYS D 531 -35.72 17.05 -37.97
CA LYS D 531 -35.06 17.40 -39.22
C LYS D 531 -34.32 18.71 -39.05
N SER D 532 -33.03 18.68 -39.32
CA SER D 532 -32.26 19.85 -39.68
C SER D 532 -32.02 19.81 -41.18
N SER D 533 -31.65 20.96 -41.75
CA SER D 533 -31.27 20.96 -43.15
C SER D 533 -29.87 20.41 -43.37
N LYS D 534 -29.06 20.37 -42.31
CA LYS D 534 -27.69 19.85 -42.43
C LYS D 534 -27.67 18.32 -42.41
N SER D 535 -28.24 17.72 -41.37
CA SER D 535 -28.15 16.30 -41.14
C SER D 535 -29.55 15.71 -41.03
N GLY D 536 -29.61 14.44 -40.62
CA GLY D 536 -30.86 13.76 -40.40
C GLY D 536 -31.41 14.00 -39.00
N PRO D 537 -32.25 13.09 -38.52
CA PRO D 537 -32.75 13.20 -37.16
C PRO D 537 -31.68 12.88 -36.12
N ALA D 538 -31.96 13.30 -34.89
CA ALA D 538 -31.01 13.11 -33.81
C ALA D 538 -31.73 13.10 -32.48
N TRP D 539 -31.40 12.09 -31.67
CA TRP D 539 -31.85 12.00 -30.29
C TRP D 539 -30.88 12.76 -29.40
N THR D 540 -31.31 13.04 -28.18
CA THR D 540 -30.40 13.49 -27.13
C THR D 540 -30.15 12.33 -26.18
N PHE D 541 -29.20 12.52 -25.27
CA PHE D 541 -28.84 11.44 -24.36
C PHE D 541 -29.79 11.31 -23.20
N PHE D 542 -30.64 12.31 -22.94
CA PHE D 542 -31.68 12.17 -21.93
C PHE D 542 -32.71 11.15 -22.36
N GLN D 543 -33.04 11.12 -23.66
CA GLN D 543 -33.97 10.13 -24.16
C GLN D 543 -33.38 8.73 -24.11
N ILE D 544 -32.05 8.62 -24.16
CA ILE D 544 -31.41 7.33 -24.00
C ILE D 544 -31.40 6.92 -22.53
N LEU D 545 -31.14 7.87 -21.64
CA LEU D 545 -31.11 7.56 -20.21
C LEU D 545 -32.48 7.22 -19.67
N GLN D 546 -33.53 7.76 -20.28
CA GLN D 546 -34.89 7.45 -19.85
C GLN D 546 -35.36 6.05 -20.23
N LEU D 547 -34.60 5.34 -21.05
CA LEU D 547 -34.97 3.99 -21.52
C LEU D 547 -34.86 2.93 -20.44
N ALA D 548 -34.49 3.28 -19.22
CA ALA D 548 -34.38 2.33 -18.12
C ALA D 548 -35.43 2.54 -17.05
N PHE D 549 -36.27 3.57 -17.17
CA PHE D 549 -37.27 3.90 -16.17
C PHE D 549 -38.38 2.86 -16.18
N PRO D 550 -39.14 2.74 -15.09
CA PRO D 550 -40.40 2.00 -15.14
C PRO D 550 -41.52 2.88 -15.70
N GLU D 551 -42.67 2.25 -15.89
CA GLU D 551 -43.80 2.96 -16.48
C GLU D 551 -44.50 3.85 -15.46
N ARG D 552 -44.94 5.02 -15.93
CA ARG D 552 -45.71 6.01 -15.18
C ARG D 552 -44.98 6.46 -13.91
N LEU D 553 -43.70 6.77 -14.09
CA LEU D 553 -42.86 7.33 -13.05
C LEU D 553 -42.96 8.84 -13.13
N SER D 554 -43.09 9.49 -11.98
CA SER D 554 -43.16 10.95 -11.90
C SER D 554 -42.65 11.36 -10.53
N CYS D 555 -41.41 11.85 -10.49
CA CYS D 555 -40.78 12.24 -9.23
C CYS D 555 -39.89 13.44 -9.50
N ARG D 556 -39.13 13.83 -8.48
CA ARG D 556 -38.49 15.14 -8.47
C ARG D 556 -37.41 15.16 -7.41
N GLY D 557 -36.32 15.85 -7.71
CA GLY D 557 -35.21 15.99 -6.78
C GLY D 557 -34.52 17.34 -6.96
N ASP D 558 -33.21 17.39 -6.68
CA ASP D 558 -32.49 18.65 -6.77
C ASP D 558 -32.32 19.10 -8.21
N GLY D 559 -31.59 18.33 -9.00
CA GLY D 559 -31.24 18.80 -10.33
C GLY D 559 -32.02 18.16 -11.45
N PHE D 560 -33.17 17.57 -11.16
CA PHE D 560 -33.89 16.86 -12.20
C PHE D 560 -35.39 16.98 -12.00
N ILE D 561 -36.13 16.80 -13.09
CA ILE D 561 -37.58 16.65 -13.09
C ILE D 561 -37.90 15.49 -14.02
N VAL D 562 -38.55 14.46 -13.48
CA VAL D 562 -39.03 13.31 -14.26
C VAL D 562 -40.55 13.35 -14.24
N GLY D 563 -41.17 13.35 -15.42
CA GLY D 563 -42.61 13.35 -15.46
C GLY D 563 -43.23 12.49 -16.54
N GLY D 564 -44.06 11.54 -16.15
CA GLY D 564 -44.70 10.67 -17.11
C GLY D 564 -43.73 9.68 -17.70
N SER D 565 -42.82 9.19 -16.85
CA SER D 565 -41.72 8.28 -17.20
C SER D 565 -40.81 8.88 -18.28
N ASP D 566 -40.71 10.21 -18.32
CA ASP D 566 -39.86 10.94 -19.25
C ASP D 566 -38.94 11.84 -18.46
N LEU D 567 -37.66 11.85 -18.83
CA LEU D 567 -36.68 12.71 -18.19
C LEU D 567 -36.86 14.12 -18.74
N LEU D 568 -37.67 14.93 -18.06
CA LEU D 568 -37.97 16.26 -18.55
C LEU D 568 -36.79 17.21 -18.36
N SER D 569 -36.11 17.12 -17.23
CA SER D 569 -35.06 18.10 -16.94
C SER D 569 -33.92 17.49 -16.18
N PHE D 570 -32.70 17.89 -16.56
CA PHE D 570 -31.45 17.39 -16.00
C PHE D 570 -30.43 18.50 -16.23
N ASP D 571 -30.00 19.16 -15.16
CA ASP D 571 -29.17 20.33 -15.31
C ASP D 571 -27.72 19.95 -15.57
N PHE D 572 -26.96 20.92 -16.10
CA PHE D 572 -25.57 20.74 -16.47
C PHE D 572 -24.71 20.43 -15.25
N GLY D 573 -23.67 19.66 -15.48
CA GLY D 573 -22.63 19.49 -14.48
C GLY D 573 -21.82 18.25 -14.76
N VAL D 574 -20.66 18.20 -14.10
CA VAL D 574 -19.92 16.97 -13.90
C VAL D 574 -19.62 16.90 -12.42
N ASP D 575 -19.72 18.05 -11.75
CA ASP D 575 -19.60 18.15 -10.31
C ASP D 575 -20.87 17.73 -9.59
N ALA D 576 -21.96 17.48 -10.33
CA ALA D 576 -23.23 17.14 -9.73
C ALA D 576 -23.77 15.79 -10.17
N LEU D 577 -23.19 15.19 -11.22
CA LEU D 577 -23.84 14.14 -12.02
C LEU D 577 -24.14 12.88 -11.21
N ALA D 578 -23.19 12.45 -10.38
CA ALA D 578 -23.39 11.26 -9.56
C ALA D 578 -24.48 11.47 -8.52
N SER D 579 -24.56 12.69 -7.96
CA SER D 579 -25.61 13.00 -7.01
C SER D 579 -26.98 13.06 -7.68
N ILE D 580 -27.04 13.49 -8.93
CA ILE D 580 -28.33 13.52 -9.63
C ILE D 580 -28.79 12.11 -9.97
N ILE D 581 -27.85 11.23 -10.33
CA ILE D 581 -28.21 9.83 -10.56
C ILE D 581 -28.69 9.18 -9.27
N ASN D 582 -28.04 9.53 -8.15
CA ASN D 582 -28.47 9.00 -6.86
C ASN D 582 -29.86 9.52 -6.48
N GLY D 583 -30.17 10.75 -6.85
CA GLY D 583 -31.50 11.27 -6.63
C GLY D 583 -32.57 10.60 -7.48
N ILE D 584 -32.23 10.26 -8.72
CA ILE D 584 -33.18 9.55 -9.58
C ILE D 584 -33.46 8.16 -9.04
N VAL D 585 -32.42 7.47 -8.55
CA VAL D 585 -32.63 6.12 -8.02
C VAL D 585 -33.41 6.17 -6.72
N THR D 586 -33.20 7.20 -5.89
CA THR D 586 -33.97 7.26 -4.65
C THR D 586 -35.41 7.72 -4.92
N GLY D 587 -35.63 8.44 -6.03
CA GLY D 587 -37.01 8.69 -6.44
C GLY D 587 -37.73 7.42 -6.86
N ILE D 588 -37.05 6.57 -7.64
CA ILE D 588 -37.63 5.30 -8.06
C ILE D 588 -37.88 4.39 -6.86
N MET D 589 -36.98 4.40 -5.88
CA MET D 589 -37.14 3.47 -4.77
C MET D 589 -37.96 4.10 -3.63
N VAL D 590 -38.40 5.34 -3.80
CA VAL D 590 -39.43 5.87 -2.90
C VAL D 590 -40.81 5.66 -3.52
N GLU D 591 -40.89 5.64 -4.84
CA GLU D 591 -42.24 5.37 -5.41
C GLU D 591 -42.08 4.58 -6.71
N LYS D 592 -42.08 3.25 -6.64
CA LYS D 592 -42.03 2.52 -7.93
C LYS D 592 -42.26 1.01 -7.82
N GLY D 593 -41.98 0.36 -6.68
CA GLY D 593 -42.17 -1.07 -6.78
C GLY D 593 -41.58 -1.99 -5.73
N PRO D 594 -41.41 -3.26 -6.06
CA PRO D 594 -40.62 -4.12 -5.17
C PRO D 594 -39.20 -4.37 -5.61
N LYS D 595 -38.84 -4.09 -6.87
CA LYS D 595 -37.50 -4.34 -7.39
C LYS D 595 -37.07 -3.32 -8.44
N GLU D 596 -37.78 -2.20 -8.57
CA GLU D 596 -37.62 -1.33 -9.73
C GLU D 596 -36.31 -0.56 -9.77
N ALA D 597 -35.68 -0.31 -8.62
CA ALA D 597 -34.35 0.30 -8.65
C ALA D 597 -33.30 -0.68 -9.17
N LEU D 598 -33.42 -1.95 -8.79
CA LEU D 598 -32.54 -2.97 -9.35
C LEU D 598 -32.77 -3.17 -10.82
N ALA D 599 -34.03 -3.11 -11.27
CA ALA D 599 -34.31 -3.22 -12.69
C ALA D 599 -33.77 -2.04 -13.46
N PHE D 600 -33.78 -0.86 -12.84
CA PHE D 600 -33.17 0.33 -13.43
C PHE D 600 -31.68 0.13 -13.64
N PHE D 601 -30.98 -0.41 -12.64
CA PHE D 601 -29.54 -0.65 -12.79
C PHE D 601 -29.25 -1.73 -13.83
N ASP D 602 -30.04 -2.82 -13.81
CA ASP D 602 -29.89 -3.92 -14.73
C ASP D 602 -30.16 -3.54 -16.18
N SER D 603 -30.93 -2.49 -16.41
CA SER D 603 -31.06 -1.99 -17.77
C SER D 603 -30.07 -0.89 -18.10
N LEU D 604 -29.59 -0.14 -17.11
CA LEU D 604 -28.74 1.00 -17.41
C LEU D 604 -27.31 0.60 -17.71
N GLN D 605 -26.74 -0.30 -16.90
CA GLN D 605 -25.31 -0.61 -17.01
C GLN D 605 -24.87 -1.23 -18.34
N PRO D 606 -25.56 -2.23 -18.93
CA PRO D 606 -25.09 -2.72 -20.25
C PRO D 606 -25.29 -1.71 -21.36
N LEU D 607 -26.26 -0.82 -21.22
CA LEU D 607 -26.45 0.26 -22.19
C LEU D 607 -25.25 1.18 -22.22
N LEU D 608 -24.69 1.48 -21.04
CA LEU D 608 -23.55 2.38 -20.98
C LEU D 608 -22.28 1.72 -21.49
N MET D 609 -22.12 0.41 -21.21
CA MET D 609 -20.99 -0.32 -21.77
C MET D 609 -21.05 -0.35 -23.31
N GLU D 610 -22.23 -0.63 -23.85
CA GLU D 610 -22.40 -0.70 -25.30
C GLU D 610 -22.33 0.68 -25.94
N HIS D 611 -22.55 1.73 -25.19
CA HIS D 611 -22.34 3.06 -25.73
C HIS D 611 -20.85 3.37 -25.83
N LEU D 612 -20.09 3.01 -24.80
CA LEU D 612 -18.68 3.41 -24.80
C LEU D 612 -17.84 2.54 -25.72
N ASP D 613 -18.29 1.33 -26.04
CA ASP D 613 -17.46 0.38 -26.77
C ASP D 613 -17.08 0.77 -28.20
N PRO D 614 -17.94 1.37 -29.03
CA PRO D 614 -17.43 1.84 -30.33
C PRO D 614 -16.66 3.15 -30.31
N GLN D 615 -16.25 3.66 -29.16
CA GLN D 615 -15.49 4.90 -29.08
C GLN D 615 -14.10 4.70 -28.48
N GLY D 616 -13.98 3.88 -27.45
CA GLY D 616 -12.73 3.70 -26.75
C GLY D 616 -12.38 4.89 -25.87
N PHE D 617 -11.47 4.65 -24.92
CA PHE D 617 -10.95 5.69 -24.07
C PHE D 617 -9.56 5.31 -23.62
N SER D 618 -8.60 6.22 -23.75
CA SER D 618 -7.21 5.91 -23.49
C SER D 618 -6.51 7.14 -22.92
N LEU D 619 -5.20 6.99 -22.67
CA LEU D 619 -4.39 8.11 -22.21
C LEU D 619 -2.96 7.95 -22.72
N SER D 620 -2.39 9.05 -23.14
CA SER D 620 -1.09 9.10 -23.83
C SER D 620 -0.06 9.82 -22.98
N LEU D 621 1.15 9.94 -23.53
CA LEU D 621 2.23 10.65 -22.86
C LEU D 621 1.97 12.15 -22.80
N GLU D 622 1.22 12.67 -23.76
CA GLU D 622 0.82 14.08 -23.78
C GLU D 622 -0.02 14.45 -22.57
N ASP D 623 -0.77 13.49 -22.04
CA ASP D 623 -1.57 13.73 -20.85
C ASP D 623 -0.70 13.88 -19.61
N LEU D 624 0.53 13.38 -19.65
CA LEU D 624 1.35 13.33 -18.46
C LEU D 624 2.48 14.33 -18.49
N SER D 625 2.63 15.04 -19.60
CA SER D 625 3.72 15.97 -19.80
C SER D 625 3.21 17.39 -19.57
N MET D 626 3.51 17.95 -18.41
CA MET D 626 3.31 19.38 -18.20
C MET D 626 4.28 20.15 -19.08
N SER D 627 3.89 21.35 -19.46
CA SER D 627 4.71 22.15 -20.37
C SER D 627 5.97 22.66 -19.68
N ARG D 628 6.85 23.28 -20.46
CA ARG D 628 8.06 23.85 -19.88
C ARG D 628 7.75 25.11 -19.10
N GLU D 629 6.76 25.88 -19.56
CA GLU D 629 6.35 27.11 -18.87
C GLU D 629 5.73 26.82 -17.51
N ASP D 630 4.78 25.89 -17.47
CA ASP D 630 4.10 25.58 -16.21
C ASP D 630 5.05 24.89 -15.22
N MET D 631 5.99 24.09 -15.73
CA MET D 631 6.97 23.50 -14.85
C MET D 631 7.95 24.55 -14.33
N GLY D 632 8.29 25.54 -15.16
CA GLY D 632 9.11 26.64 -14.69
C GLY D 632 8.42 27.48 -13.63
N VAL D 633 7.10 27.65 -13.76
CA VAL D 633 6.34 28.36 -12.73
C VAL D 633 6.30 27.56 -11.43
N ILE D 634 6.17 26.23 -11.54
CA ILE D 634 6.17 25.37 -10.35
C ILE D 634 7.51 25.45 -9.61
N HIS D 635 8.61 25.35 -10.37
CA HIS D 635 9.93 25.41 -9.75
C HIS D 635 10.24 26.80 -9.20
N ASN D 636 9.73 27.85 -9.87
CA ASN D 636 9.93 29.20 -9.39
C ASN D 636 9.15 29.46 -8.12
N LEU D 637 7.93 28.91 -8.02
CA LEU D 637 7.14 29.07 -6.81
C LEU D 637 7.74 28.30 -5.66
N ILE D 638 8.37 27.15 -5.94
CA ILE D 638 9.07 26.42 -4.89
C ILE D 638 10.28 27.20 -4.39
N VAL D 639 11.17 27.59 -5.31
CA VAL D 639 12.44 28.21 -4.89
C VAL D 639 12.21 29.66 -4.42
N ARG D 640 11.02 30.20 -4.67
CA ARG D 640 10.69 31.50 -4.13
C ARG D 640 10.07 31.38 -2.74
N GLU D 641 8.97 30.64 -2.61
CA GLU D 641 8.18 30.64 -1.38
C GLU D 641 8.51 29.51 -0.43
N ILE D 642 8.66 28.27 -0.92
CA ILE D 642 8.53 27.12 -0.03
C ILE D 642 9.83 26.86 0.71
N SER D 643 10.95 26.94 0.01
CA SER D 643 12.22 26.59 0.61
C SER D 643 12.79 27.60 1.62
N PRO D 644 12.61 28.94 1.51
CA PRO D 644 13.06 29.77 2.63
C PRO D 644 12.17 29.67 3.86
N MET D 645 10.88 29.36 3.68
CA MET D 645 10.03 29.20 4.85
C MET D 645 10.31 27.90 5.59
N VAL D 646 10.61 26.83 4.85
CA VAL D 646 10.74 25.50 5.45
C VAL D 646 12.01 25.41 6.29
N SER D 647 12.98 26.29 6.04
CA SER D 647 14.15 26.42 6.91
C SER D 647 13.89 27.34 8.10
N ARG D 648 12.65 27.84 8.25
CA ARG D 648 12.29 28.59 9.46
C ARG D 648 11.28 27.82 10.30
N LEU D 649 10.11 27.46 9.76
CA LEU D 649 9.03 27.03 10.65
C LEU D 649 9.13 25.55 11.00
N ARG D 650 10.05 24.82 10.37
CA ARG D 650 10.30 23.46 10.81
C ARG D 650 11.22 23.42 12.02
N LEU D 651 11.99 24.50 12.25
CA LEU D 651 12.81 24.58 13.44
C LEU D 651 11.96 24.87 14.68
N SER D 652 10.74 25.37 14.48
CA SER D 652 9.79 25.53 15.57
C SER D 652 9.10 24.20 15.81
N TYR D 653 8.16 24.15 16.74
CA TYR D 653 7.54 22.87 17.05
C TYR D 653 6.24 22.69 16.28
N GLU D 654 5.49 21.65 16.70
CA GLU D 654 4.51 20.97 15.84
C GLU D 654 3.34 21.86 15.40
N ASP D 655 3.06 22.93 16.14
CA ASP D 655 1.83 23.70 15.91
C ASP D 655 1.84 24.49 14.60
N GLU D 656 2.97 24.53 13.89
CA GLU D 656 3.11 25.30 12.66
C GLU D 656 2.98 24.37 11.46
N LEU D 657 1.73 24.07 11.09
CA LEU D 657 1.43 23.36 9.86
C LEU D 657 1.08 24.32 8.73
N GLN D 658 1.66 25.52 8.75
CA GLN D 658 1.55 26.49 7.67
C GLN D 658 2.23 25.97 6.40
N LEU D 659 3.27 25.13 6.58
CA LEU D 659 3.91 24.40 5.49
C LEU D 659 2.90 23.69 4.61
N GLU D 660 1.96 22.96 5.23
CA GLU D 660 1.01 22.15 4.50
C GLU D 660 0.03 23.02 3.72
N ASN D 661 -0.38 24.16 4.29
CA ASN D 661 -1.29 25.05 3.57
C ASN D 661 -0.59 25.70 2.38
N SER D 662 0.68 26.08 2.54
CA SER D 662 1.38 26.74 1.43
C SER D 662 1.70 25.76 0.30
N ILE D 663 2.13 24.54 0.66
CA ILE D 663 2.40 23.56 -0.39
C ILE D 663 1.10 23.08 -1.02
N GLN D 664 -0.02 23.16 -0.27
CA GLN D 664 -1.31 22.86 -0.88
C GLN D 664 -1.72 23.95 -1.85
N LYS D 665 -1.32 25.19 -1.60
CA LYS D 665 -1.59 26.25 -2.57
C LYS D 665 -0.80 26.02 -3.87
N VAL D 666 0.45 25.61 -3.74
CA VAL D 666 1.24 25.31 -4.93
C VAL D 666 0.71 24.07 -5.65
N LYS D 667 0.16 23.12 -4.89
CA LYS D 667 -0.45 21.94 -5.49
C LYS D 667 -1.76 22.28 -6.20
N GLU D 668 -2.50 23.26 -5.68
CA GLU D 668 -3.68 23.78 -6.38
C GLU D 668 -3.30 24.39 -7.72
N VAL D 669 -2.19 25.12 -7.74
CA VAL D 669 -1.68 25.69 -9.00
C VAL D 669 -1.33 24.58 -9.99
N ALA D 670 -0.71 23.51 -9.48
CA ALA D 670 -0.32 22.39 -10.34
C ALA D 670 -1.53 21.64 -10.88
N ALA D 671 -2.58 21.48 -10.06
CA ALA D 671 -3.77 20.80 -10.51
C ALA D 671 -4.53 21.62 -11.55
N ASN D 672 -4.59 22.94 -11.36
CA ASN D 672 -5.18 23.81 -12.36
C ASN D 672 -4.43 23.75 -13.68
N PHE D 673 -3.11 23.54 -13.61
CA PHE D 673 -2.36 23.33 -14.84
C PHE D 673 -2.70 22.00 -15.50
N MET D 674 -2.74 20.92 -14.72
CA MET D 674 -2.79 19.59 -15.30
C MET D 674 -4.19 19.16 -15.72
N LEU D 675 -5.24 19.84 -15.30
CA LEU D 675 -6.58 19.48 -15.78
C LEU D 675 -6.96 20.13 -17.09
N LYS D 676 -5.99 20.57 -17.88
CA LYS D 676 -6.27 21.01 -19.25
C LYS D 676 -6.31 19.87 -20.24
N SER D 677 -5.79 18.70 -19.88
CA SER D 677 -5.82 17.53 -20.75
C SER D 677 -7.14 16.80 -20.56
N TYR D 678 -7.79 16.47 -21.68
CA TYR D 678 -9.18 16.03 -21.67
C TYR D 678 -9.33 14.64 -21.07
N SER D 679 -8.30 13.80 -21.20
CA SER D 679 -8.42 12.45 -20.66
C SER D 679 -8.26 12.42 -19.16
N MET D 680 -7.45 13.32 -18.59
CA MET D 680 -7.14 13.24 -17.17
C MET D 680 -8.29 13.72 -16.31
N ARG D 681 -9.12 14.63 -16.82
CA ARG D 681 -10.20 15.11 -15.98
C ARG D 681 -11.38 14.14 -15.94
N ASN D 682 -11.45 13.16 -16.84
CA ASN D 682 -12.51 12.18 -16.85
C ASN D 682 -12.18 10.91 -16.10
N LEU D 683 -10.92 10.71 -15.72
CA LEU D 683 -10.50 9.47 -15.10
C LEU D 683 -10.33 9.57 -13.60
N ILE D 684 -10.55 10.73 -13.01
CA ILE D 684 -10.47 10.91 -11.56
C ILE D 684 -11.74 11.57 -11.06
N ASP D 685 -11.84 11.67 -9.74
CA ASP D 685 -12.84 12.54 -9.11
C ASP D 685 -12.18 13.86 -8.75
N ILE D 686 -12.59 14.93 -9.42
CA ILE D 686 -11.93 16.23 -9.32
C ILE D 686 -12.04 16.81 -7.92
N LYS D 687 -13.18 16.59 -7.26
CA LYS D 687 -13.38 17.17 -5.94
C LYS D 687 -12.64 16.38 -4.86
N SER D 688 -12.23 15.15 -5.17
CA SER D 688 -11.48 14.38 -4.19
C SER D 688 -10.07 14.93 -4.07
N ASN D 689 -9.52 14.87 -2.86
CA ASN D 689 -8.23 15.49 -2.58
C ASN D 689 -7.13 14.46 -2.37
N SER D 690 -7.47 13.28 -1.83
CA SER D 690 -6.48 12.22 -1.71
C SER D 690 -6.10 11.65 -3.06
N ALA D 691 -7.01 11.71 -4.03
CA ALA D 691 -6.73 11.25 -5.38
C ALA D 691 -6.21 12.35 -6.28
N ILE D 692 -6.26 13.61 -5.86
CA ILE D 692 -5.68 14.68 -6.65
C ILE D 692 -4.26 15.03 -6.19
N ASN D 693 -3.85 14.58 -5.00
CA ASN D 693 -2.47 14.77 -4.63
C ASN D 693 -1.57 13.77 -5.36
N LYS D 694 -2.10 12.56 -5.57
CA LYS D 694 -1.39 11.49 -6.28
C LYS D 694 -1.08 11.84 -7.72
N LEU D 695 -1.88 12.69 -8.35
CA LEU D 695 -1.54 13.06 -9.72
C LEU D 695 -0.56 14.23 -9.74
N VAL D 696 -0.58 15.08 -8.71
CA VAL D 696 0.39 16.16 -8.63
C VAL D 696 1.78 15.59 -8.38
N GLN D 697 1.86 14.50 -7.61
CA GLN D 697 3.15 13.84 -7.40
C GLN D 697 3.72 13.26 -8.69
N GLN D 698 2.86 12.86 -9.62
CA GLN D 698 3.35 12.33 -10.89
C GLN D 698 3.72 13.45 -11.85
N ILE D 699 2.86 14.45 -12.00
CA ILE D 699 3.12 15.46 -13.01
C ILE D 699 4.12 16.50 -12.51
N GLY D 700 3.87 17.06 -11.32
CA GLY D 700 4.78 17.99 -10.71
C GLY D 700 5.49 17.39 -9.50
N PHE D 701 5.96 18.27 -8.63
CA PHE D 701 6.80 17.94 -7.49
C PHE D 701 6.16 16.95 -6.52
N LEU D 702 7.00 16.21 -5.79
CA LEU D 702 6.53 15.31 -4.74
C LEU D 702 6.23 16.03 -3.43
N GLY D 703 6.98 17.08 -3.11
CA GLY D 703 6.72 17.78 -1.87
C GLY D 703 7.54 17.30 -0.70
N LEU D 704 6.98 17.41 0.50
CA LEU D 704 7.73 17.11 1.70
C LEU D 704 7.74 15.62 1.97
N GLN D 705 8.93 15.08 2.23
CA GLN D 705 9.12 13.66 2.44
C GLN D 705 9.73 13.31 3.79
N LEU D 706 10.53 14.21 4.36
CA LEU D 706 11.17 13.97 5.65
C LEU D 706 10.77 15.05 6.62
N SER D 707 10.39 14.66 7.84
CA SER D 707 10.16 15.58 8.93
C SER D 707 10.27 14.80 10.23
N ASP D 708 10.42 15.52 11.34
CA ASP D 708 10.58 14.90 12.64
C ASP D 708 9.40 15.22 13.56
N LYS D 709 8.19 15.12 13.04
CA LYS D 709 6.97 15.29 13.82
C LYS D 709 6.08 14.07 13.60
N LYS D 710 5.78 13.37 14.70
CA LYS D 710 4.89 12.20 14.81
C LYS D 710 5.14 11.11 13.77
N LYS D 711 6.41 10.95 13.40
CA LYS D 711 6.79 9.89 12.49
C LYS D 711 7.33 8.72 13.30
N LEU D 712 7.36 7.54 12.69
CA LEU D 712 7.81 6.35 13.39
C LEU D 712 9.33 6.19 13.41
N TYR D 713 10.07 7.10 12.80
CA TYR D 713 11.52 7.10 12.88
C TYR D 713 11.95 8.25 13.78
N THR D 714 13.22 8.26 14.16
CA THR D 714 13.65 9.21 15.17
C THR D 714 14.18 10.48 14.52
N LYS D 715 14.82 11.31 15.34
CA LYS D 715 15.38 12.57 14.86
C LYS D 715 16.83 12.42 14.45
N THR D 716 17.48 11.35 14.90
CA THR D 716 18.86 11.10 14.50
C THR D 716 18.94 10.71 13.04
N LEU D 717 17.91 10.02 12.53
CA LEU D 717 17.82 9.73 11.10
C LEU D 717 17.68 11.01 10.29
N VAL D 718 16.91 11.98 10.79
CA VAL D 718 16.70 13.22 10.07
C VAL D 718 17.97 14.06 10.05
N GLU D 719 18.72 14.09 11.16
CA GLU D 719 20.00 14.80 11.17
C GLU D 719 21.03 14.12 10.27
N ASP D 720 21.05 12.79 10.27
CA ASP D 720 21.94 12.05 9.36
C ASP D 720 21.61 12.34 7.90
N MET D 721 20.32 12.46 7.57
CA MET D 721 19.96 12.73 6.19
C MET D 721 20.30 14.16 5.80
N ALA D 722 20.24 15.10 6.75
CA ALA D 722 20.62 16.48 6.43
C ALA D 722 22.14 16.61 6.22
N GLN D 723 22.93 15.89 7.03
CA GLN D 723 24.37 15.88 6.82
C GLN D 723 24.75 15.18 5.53
N PHE D 724 24.04 14.10 5.19
CA PHE D 724 24.26 13.41 3.92
C PHE D 724 23.87 14.28 2.74
N TYR D 725 22.85 15.13 2.91
CA TYR D 725 22.49 16.09 1.88
C TYR D 725 23.60 17.10 1.66
N LYS D 726 24.25 17.54 2.74
CA LYS D 726 25.44 18.38 2.58
C LYS D 726 26.57 17.63 1.87
N LYS D 727 26.71 16.34 2.16
CA LYS D 727 27.82 15.57 1.60
C LYS D 727 27.66 15.28 0.11
N LYS D 728 26.46 14.93 -0.36
CA LYS D 728 26.33 14.41 -1.73
C LYS D 728 26.14 15.50 -2.75
N TYR D 729 25.32 16.51 -2.47
CA TYR D 729 25.24 17.66 -3.36
C TYR D 729 26.41 18.61 -3.09
N VAL D 730 27.61 18.16 -3.44
CA VAL D 730 28.78 19.00 -3.32
C VAL D 730 28.75 20.08 -4.39
N SER D 731 28.00 19.84 -5.46
CA SER D 731 27.61 20.87 -6.42
C SER D 731 26.54 21.73 -5.76
N THR D 732 26.97 22.87 -5.20
CA THR D 732 26.18 23.94 -4.57
C THR D 732 25.12 23.47 -3.57
N SER D 733 25.63 22.86 -2.50
CA SER D 733 24.80 22.45 -1.37
C SER D 733 23.94 23.59 -0.82
N SER D 734 22.90 23.18 -0.07
CA SER D 734 21.83 24.06 0.45
C SER D 734 21.18 24.90 -0.65
N SER D 735 21.00 24.31 -1.82
CA SER D 735 20.21 24.91 -2.89
C SER D 735 18.79 24.33 -2.82
N GLY D 736 18.13 24.66 -1.72
CA GLY D 736 16.85 24.08 -1.40
C GLY D 736 16.89 23.45 -0.02
N ASP D 737 15.95 22.58 0.29
CA ASP D 737 15.98 21.88 1.55
C ASP D 737 16.22 20.39 1.31
N PHE D 738 16.53 19.67 2.39
CA PHE D 738 16.78 18.25 2.30
C PHE D 738 15.51 17.43 2.45
N GLY D 739 14.41 18.00 2.90
CA GLY D 739 13.20 17.24 3.09
C GLY D 739 12.19 17.46 1.98
N ILE D 740 12.50 18.38 1.07
CA ILE D 740 11.65 18.69 -0.06
C ILE D 740 12.21 17.99 -1.28
N VAL D 741 11.38 17.23 -1.97
CA VAL D 741 11.72 16.66 -3.26
C VAL D 741 11.09 17.54 -4.34
N LYS D 742 11.91 18.01 -5.27
CA LYS D 742 11.44 18.92 -6.31
C LYS D 742 11.03 18.20 -7.59
N GLY D 743 11.52 16.98 -7.82
CA GLY D 743 11.23 16.27 -9.04
C GLY D 743 9.89 15.57 -9.02
N CYS D 744 9.58 14.94 -10.15
CA CYS D 744 8.34 14.21 -10.34
C CYS D 744 8.65 12.76 -10.65
N PHE D 745 7.61 11.93 -10.65
CA PHE D 745 7.80 10.54 -11.04
C PHE D 745 7.95 10.41 -12.56
N PHE D 746 7.33 11.31 -13.32
CA PHE D 746 7.34 11.18 -14.77
C PHE D 746 8.71 11.53 -15.35
N HIS D 747 9.47 12.38 -14.68
CA HIS D 747 10.81 12.71 -15.16
C HIS D 747 11.91 12.02 -14.38
N GLY D 748 11.60 11.42 -13.25
CA GLY D 748 12.55 10.59 -12.54
C GLY D 748 13.22 11.32 -11.39
N LEU D 749 13.55 10.54 -10.35
CA LEU D 749 14.15 11.08 -9.15
C LEU D 749 15.67 10.91 -9.19
N ASP D 750 16.35 11.75 -8.40
CA ASP D 750 17.75 11.56 -8.08
C ASP D 750 17.93 10.34 -7.20
N PRO D 751 19.17 9.84 -7.05
CA PRO D 751 19.40 8.84 -6.00
C PRO D 751 19.14 9.35 -4.58
N TYR D 752 19.47 10.62 -4.31
CA TYR D 752 19.15 11.17 -2.99
C TYR D 752 17.64 11.32 -2.81
N GLU D 753 16.95 11.81 -3.84
CA GLU D 753 15.50 11.96 -3.76
C GLU D 753 14.83 10.60 -3.67
N GLU D 754 15.42 9.58 -4.29
CA GLU D 754 14.89 8.23 -4.18
C GLU D 754 15.03 7.69 -2.76
N MET D 755 16.17 7.96 -2.11
CA MET D 755 16.34 7.51 -0.73
C MET D 755 15.42 8.27 0.23
N ALA D 756 15.25 9.57 0.01
CA ALA D 756 14.35 10.36 0.85
C ALA D 756 12.89 9.91 0.67
N HIS D 757 12.49 9.61 -0.57
CA HIS D 757 11.15 9.12 -0.82
C HIS D 757 10.97 7.70 -0.27
N SER D 758 12.05 6.92 -0.26
CA SER D 758 11.96 5.54 0.17
C SER D 758 11.79 5.44 1.68
N VAL D 759 12.33 6.42 2.43
CA VAL D 759 12.09 6.47 3.87
C VAL D 759 10.60 6.72 4.16
N ALA D 760 9.99 7.67 3.44
CA ALA D 760 8.59 8.00 3.65
C ALA D 760 7.67 6.86 3.24
N ALA D 761 7.98 6.19 2.13
CA ALA D 761 7.22 5.02 1.71
C ALA D 761 7.35 3.87 2.71
N ARG D 762 8.54 3.66 3.26
CA ARG D 762 8.75 2.60 4.25
C ARG D 762 7.97 2.88 5.52
N GLU D 763 7.88 4.15 5.91
CA GLU D 763 7.16 4.50 7.12
C GLU D 763 5.66 4.31 6.94
N VAL D 764 5.14 4.64 5.76
CA VAL D 764 3.73 4.39 5.47
C VAL D 764 3.42 2.90 5.47
N ILE D 765 4.31 2.09 4.90
CA ILE D 765 4.09 0.64 4.82
C ILE D 765 4.12 0.01 6.21
N VAL D 766 5.06 0.43 7.06
CA VAL D 766 5.17 -0.09 8.42
C VAL D 766 3.97 0.35 9.25
N ARG D 767 3.52 1.59 9.09
CA ARG D 767 2.36 2.07 9.84
C ARG D 767 1.08 1.37 9.41
N SER D 768 0.97 1.00 8.13
CA SER D 768 -0.20 0.27 7.66
C SER D 768 -0.19 -1.20 8.04
N SER D 769 0.97 -1.82 8.20
CA SER D 769 0.98 -3.24 8.53
C SER D 769 1.06 -3.50 10.02
N ARG D 770 1.98 -2.86 10.75
CA ARG D 770 2.09 -3.11 12.18
C ARG D 770 0.96 -2.45 12.95
N GLY D 771 0.46 -1.32 12.47
CA GLY D 771 -0.51 -0.54 13.18
C GLY D 771 -1.94 -1.01 13.12
N LEU D 772 -2.19 -2.21 12.59
CA LEU D 772 -3.53 -2.78 12.55
C LEU D 772 -3.82 -3.65 13.76
N ALA D 773 -3.58 -3.12 14.95
CA ALA D 773 -3.88 -3.87 16.16
C ALA D 773 -4.74 -3.03 17.09
N GLU D 774 -4.64 -1.72 16.98
CA GLU D 774 -5.52 -0.84 17.73
C GLU D 774 -6.96 -0.81 17.19
N PRO D 775 -7.21 -0.83 15.87
CA PRO D 775 -8.58 -1.16 15.44
C PRO D 775 -9.01 -2.56 15.83
N GLY D 776 -8.10 -3.53 15.83
CA GLY D 776 -8.41 -4.89 16.21
C GLY D 776 -8.77 -5.04 17.67
N THR D 777 -8.11 -4.28 18.53
CA THR D 777 -8.48 -4.22 19.94
C THR D 777 -9.77 -3.46 20.15
N LEU D 778 -9.93 -2.33 19.44
CA LEU D 778 -11.09 -1.47 19.63
C LEU D 778 -12.37 -2.17 19.22
N PHE D 779 -12.33 -2.96 18.15
CA PHE D 779 -13.54 -3.68 17.73
C PHE D 779 -13.92 -4.77 18.72
N LYS D 780 -12.93 -5.45 19.31
CA LYS D 780 -13.20 -6.46 20.33
C LYS D 780 -13.83 -5.84 21.57
N ASN D 781 -13.28 -4.72 22.02
CA ASN D 781 -13.82 -4.11 23.24
C ASN D 781 -15.11 -3.35 22.97
N LEU D 782 -15.37 -3.03 21.71
CA LEU D 782 -16.62 -2.39 21.33
C LEU D 782 -17.75 -3.41 21.26
N MET D 783 -17.44 -4.59 20.72
CA MET D 783 -18.43 -5.65 20.64
C MET D 783 -18.66 -6.30 21.99
N ALA D 784 -17.69 -6.22 22.89
CA ALA D 784 -17.86 -6.85 24.20
C ALA D 784 -18.87 -6.11 25.08
N VAL D 785 -19.14 -4.85 24.78
CA VAL D 785 -20.01 -4.03 25.61
C VAL D 785 -21.29 -3.69 24.85
N LEU D 786 -21.20 -3.61 23.52
CA LEU D 786 -22.33 -3.19 22.72
C LEU D 786 -23.11 -4.36 22.10
N ARG D 787 -22.88 -5.59 22.54
CA ARG D 787 -23.42 -6.75 21.86
C ARG D 787 -24.92 -6.92 22.04
N ASP D 788 -25.45 -6.62 23.22
CA ASP D 788 -26.80 -7.03 23.57
C ASP D 788 -27.73 -5.82 23.74
N ILE D 789 -27.63 -4.85 22.86
CA ILE D 789 -28.49 -3.67 22.94
C ILE D 789 -29.45 -3.71 21.77
N VAL D 790 -30.75 -3.85 22.08
CA VAL D 790 -31.78 -4.17 21.10
C VAL D 790 -32.88 -3.11 21.20
N ILE D 791 -33.49 -2.77 20.07
CA ILE D 791 -34.77 -2.05 20.10
C ILE D 791 -35.86 -3.04 20.49
N THR D 792 -36.59 -2.73 21.55
CA THR D 792 -37.58 -3.67 22.09
C THR D 792 -38.96 -3.45 21.47
N ASN D 793 -39.89 -4.31 21.86
CA ASN D 793 -41.22 -4.33 21.24
C ASN D 793 -42.05 -3.12 21.62
N ASP D 794 -41.74 -2.50 22.77
CA ASP D 794 -42.38 -1.23 23.09
C ASP D 794 -41.62 -0.03 22.56
N GLY D 795 -40.42 -0.23 22.02
CA GLY D 795 -39.72 0.83 21.31
C GLY D 795 -38.51 1.40 22.00
N THR D 796 -38.35 1.18 23.30
CA THR D 796 -37.23 1.72 24.05
C THR D 796 -35.98 0.94 23.71
N VAL D 797 -34.88 1.64 23.46
CA VAL D 797 -33.61 0.97 23.22
C VAL D 797 -33.04 0.48 24.54
N ARG D 798 -32.95 -0.84 24.68
CA ARG D 798 -32.62 -1.43 25.98
C ARG D 798 -31.52 -2.46 25.83
N ASN D 799 -30.74 -2.58 26.89
CA ASN D 799 -29.88 -3.73 27.11
C ASN D 799 -30.77 -4.92 27.43
N THR D 800 -30.28 -6.13 27.20
CA THR D 800 -31.14 -7.29 27.44
C THR D 800 -30.60 -8.17 28.56
N CYS D 801 -29.30 -8.08 28.86
CA CYS D 801 -28.78 -8.91 29.94
C CYS D 801 -29.09 -8.30 31.30
N SER D 802 -29.27 -6.98 31.34
CA SER D 802 -29.64 -6.28 32.56
C SER D 802 -31.02 -5.66 32.50
N ASN D 803 -31.64 -5.63 31.32
CA ASN D 803 -32.99 -5.10 31.06
C ASN D 803 -33.11 -3.64 31.50
N SER D 804 -32.09 -2.84 31.17
CA SER D 804 -32.06 -1.44 31.56
C SER D 804 -32.18 -0.57 30.32
N ILE D 805 -32.77 0.61 30.50
CA ILE D 805 -33.02 1.53 29.40
C ILE D 805 -31.70 2.24 29.08
N VAL D 806 -31.23 2.10 27.84
CA VAL D 806 -30.13 2.95 27.37
C VAL D 806 -30.69 4.20 26.71
N GLN D 807 -31.83 4.08 26.06
CA GLN D 807 -32.38 5.23 25.35
C GLN D 807 -33.88 5.05 25.25
N PHE D 808 -34.61 6.16 25.22
CA PHE D 808 -36.06 6.06 25.16
C PHE D 808 -36.55 5.92 23.73
N LYS D 809 -35.85 6.51 22.77
CA LYS D 809 -36.17 6.38 21.35
C LYS D 809 -34.87 6.30 20.56
N TYR D 810 -34.86 5.50 19.50
CA TYR D 810 -33.66 5.40 18.67
C TYR D 810 -33.57 6.57 17.70
N GLU D 811 -34.60 6.77 16.89
CA GLU D 811 -34.69 7.94 16.04
C GLU D 811 -35.62 8.96 16.69
N LEU D 812 -35.75 10.12 16.05
CA LEU D 812 -36.55 11.20 16.63
C LEU D 812 -37.95 11.28 16.05
N SER D 813 -38.24 10.55 14.98
CA SER D 813 -39.56 10.56 14.37
C SER D 813 -40.13 9.15 14.24
N SER D 814 -39.61 8.19 15.00
CA SER D 814 -40.11 6.83 15.01
C SER D 814 -41.22 6.67 16.05
N ASP D 815 -42.36 6.17 15.61
CA ASP D 815 -43.49 5.86 16.48
C ASP D 815 -44.35 4.81 15.77
N ASN D 816 -45.51 4.49 16.35
CA ASN D 816 -46.29 3.35 15.87
C ASN D 816 -47.24 3.70 14.72
N GLU D 817 -47.29 4.96 14.30
CA GLU D 817 -47.95 5.34 13.06
C GLU D 817 -47.00 5.37 11.88
N ASN D 818 -45.76 5.81 12.08
CA ASN D 818 -44.79 5.97 11.01
C ASN D 818 -43.68 4.94 11.19
N GLN D 819 -43.55 4.04 10.22
CA GLN D 819 -42.42 3.13 10.21
C GLN D 819 -41.17 3.87 9.74
N GLY D 820 -40.01 3.29 10.03
CA GLY D 820 -38.77 3.96 9.73
C GLY D 820 -37.71 3.07 9.14
N LEU D 821 -36.45 3.53 9.22
CA LEU D 821 -35.35 2.72 8.71
C LEU D 821 -35.02 1.60 9.68
N PHE D 822 -35.31 1.80 10.96
CA PHE D 822 -35.07 0.79 11.98
C PHE D 822 -36.39 0.39 12.64
N GLU D 823 -36.46 -0.86 13.04
CA GLU D 823 -37.68 -1.44 13.60
C GLU D 823 -37.34 -2.15 14.90
N ALA D 824 -38.37 -2.73 15.50
CA ALA D 824 -38.18 -3.52 16.70
C ALA D 824 -37.41 -4.79 16.37
N GLY D 825 -36.54 -5.20 17.29
CA GLY D 825 -35.71 -6.36 17.09
C GLY D 825 -34.39 -6.10 16.40
N ASP D 826 -34.14 -4.87 15.98
CA ASP D 826 -32.90 -4.56 15.28
C ASP D 826 -31.74 -4.54 16.26
N PRO D 827 -30.60 -5.13 15.92
CA PRO D 827 -29.42 -5.12 16.81
C PRO D 827 -28.57 -3.87 16.62
N VAL D 828 -29.04 -2.75 17.20
CA VAL D 828 -28.46 -1.44 16.91
C VAL D 828 -27.08 -1.28 17.53
N GLY D 829 -26.74 -2.08 18.54
CA GLY D 829 -25.43 -1.99 19.14
C GLY D 829 -24.33 -2.51 18.22
N VAL D 830 -24.61 -3.61 17.54
CA VAL D 830 -23.67 -4.17 16.58
C VAL D 830 -23.50 -3.23 15.39
N LEU D 831 -24.59 -2.60 14.97
CA LEU D 831 -24.51 -1.64 13.87
C LEU D 831 -23.70 -0.41 14.26
N ALA D 832 -23.83 0.05 15.50
CA ALA D 832 -22.98 1.15 15.98
C ALA D 832 -21.51 0.76 16.08
N ALA D 833 -21.22 -0.46 16.55
CA ALA D 833 -19.84 -0.92 16.66
C ALA D 833 -19.17 -1.05 15.30
N THR D 834 -19.90 -1.54 14.30
CA THR D 834 -19.31 -1.69 12.98
C THR D 834 -19.19 -0.34 12.28
N ALA D 835 -20.15 0.55 12.48
CA ALA D 835 -20.04 1.89 11.93
C ALA D 835 -18.94 2.70 12.60
N MET D 836 -18.52 2.33 13.81
CA MET D 836 -17.34 2.93 14.40
C MET D 836 -16.05 2.28 13.96
N SER D 837 -16.06 0.97 13.67
CA SER D 837 -14.81 0.30 13.35
C SER D 837 -14.39 0.51 11.90
N ASN D 838 -15.35 0.71 10.99
CA ASN D 838 -15.00 0.96 9.59
C ASN D 838 -14.09 2.17 9.32
N PRO D 839 -14.34 3.38 9.86
CA PRO D 839 -13.43 4.48 9.53
C PRO D 839 -12.07 4.37 10.18
N ALA D 840 -11.96 3.64 11.30
CA ALA D 840 -10.68 3.38 11.92
C ALA D 840 -9.78 2.54 11.03
N TYR D 841 -10.32 1.41 10.54
CA TYR D 841 -9.58 0.54 9.63
C TYR D 841 -9.25 1.24 8.33
N LYS D 842 -10.16 2.08 7.83
CA LYS D 842 -9.89 2.84 6.61
C LYS D 842 -8.78 3.85 6.82
N ALA D 843 -8.77 4.51 7.98
CA ALA D 843 -7.76 5.52 8.28
C ALA D 843 -6.37 4.90 8.43
N VAL D 844 -6.29 3.75 9.10
CA VAL D 844 -4.98 3.13 9.27
C VAL D 844 -4.51 2.49 7.97
N LEU D 845 -5.43 1.96 7.17
CA LEU D 845 -5.04 1.36 5.90
C LEU D 845 -4.63 2.43 4.88
N ASP D 846 -5.06 3.66 5.08
CA ASP D 846 -4.53 4.73 4.24
C ASP D 846 -3.20 5.26 4.77
N SER D 847 -3.18 5.65 6.05
CA SER D 847 -2.01 6.19 6.76
C SER D 847 -1.45 7.46 6.09
N SER D 848 -2.34 8.35 5.72
CA SER D 848 -2.01 9.73 5.37
C SER D 848 -1.86 10.54 6.67
N PRO D 849 -1.25 11.72 6.61
CA PRO D 849 -1.26 12.59 7.80
C PRO D 849 -2.63 13.00 8.31
N ASN D 850 -3.56 13.34 7.40
CA ASN D 850 -4.93 13.66 7.79
C ASN D 850 -5.63 12.45 8.41
N SER D 851 -5.46 11.29 7.78
CA SER D 851 -6.08 10.08 8.32
C SER D 851 -5.34 9.54 9.53
N ASN D 852 -4.14 10.03 9.84
CA ASN D 852 -3.52 9.74 11.12
C ASN D 852 -4.07 10.63 12.21
N SER D 853 -4.23 11.92 11.91
CA SER D 853 -4.75 12.85 12.91
C SER D 853 -6.19 12.54 13.28
N SER D 854 -6.98 12.06 12.31
CA SER D 854 -8.37 11.69 12.61
C SER D 854 -8.45 10.49 13.54
N TRP D 855 -7.59 9.50 13.33
CA TRP D 855 -7.58 8.33 14.18
C TRP D 855 -7.05 8.64 15.58
N GLU D 856 -6.15 9.64 15.68
CA GLU D 856 -5.76 10.17 16.98
C GLU D 856 -6.94 10.81 17.70
N LEU D 857 -7.68 11.67 16.99
CA LEU D 857 -8.83 12.36 17.59
C LEU D 857 -9.93 11.38 17.96
N MET D 858 -10.02 10.25 17.25
CA MET D 858 -11.01 9.24 17.58
C MET D 858 -10.60 8.43 18.81
N LYS D 859 -9.31 8.11 18.91
CA LYS D 859 -8.82 7.36 20.07
C LYS D 859 -8.88 8.20 21.34
N GLU D 860 -8.79 9.53 21.22
CA GLU D 860 -8.83 10.37 22.41
C GLU D 860 -10.23 10.48 23.01
N VAL D 861 -11.26 10.07 22.27
CA VAL D 861 -12.62 9.99 22.82
C VAL D 861 -12.96 8.55 23.20
N LEU D 862 -12.70 7.60 22.30
CA LEU D 862 -13.17 6.24 22.51
C LEU D 862 -12.39 5.47 23.56
N LEU D 863 -11.20 5.94 23.94
CA LEU D 863 -10.32 5.21 24.84
C LEU D 863 -9.98 6.03 26.07
N CYS D 864 -10.97 6.69 26.66
CA CYS D 864 -10.74 7.43 27.89
C CYS D 864 -10.58 6.45 29.05
N LYS D 865 -9.98 6.93 30.14
CA LYS D 865 -9.64 6.10 31.29
C LYS D 865 -10.28 6.66 32.55
N VAL D 866 -11.00 5.81 33.27
CA VAL D 866 -11.75 6.26 34.44
C VAL D 866 -10.80 6.55 35.61
N ASN D 867 -9.66 5.87 35.64
CA ASN D 867 -8.62 6.20 36.61
C ASN D 867 -7.76 7.33 36.09
N PHE D 868 -7.31 8.19 37.00
CA PHE D 868 -6.49 9.34 36.62
C PHE D 868 -5.07 8.91 36.32
N GLN D 869 -4.60 9.21 35.12
CA GLN D 869 -3.26 8.84 34.69
C GLN D 869 -2.32 10.02 34.60
N ASN D 870 -2.83 11.24 34.82
CA ASN D 870 -2.17 12.56 34.76
C ASN D 870 -1.15 12.70 33.63
N THR D 871 -1.60 12.39 32.42
CA THR D 871 -0.76 12.47 31.24
C THR D 871 -0.63 13.91 30.77
N THR D 872 -0.09 14.09 29.57
CA THR D 872 0.21 15.43 29.06
C THR D 872 -1.07 16.19 28.74
N ASN D 873 -2.05 15.51 28.16
CA ASN D 873 -3.30 16.17 27.81
C ASN D 873 -4.14 16.49 29.03
N ASP D 874 -3.92 15.78 30.14
CA ASP D 874 -4.70 16.02 31.36
C ASP D 874 -4.37 17.34 32.01
N ARG D 875 -3.23 17.93 31.70
CA ARG D 875 -2.78 19.17 32.33
C ARG D 875 -2.98 20.40 31.45
N ARG D 876 -3.54 20.23 30.25
CA ARG D 876 -3.66 21.31 29.28
C ARG D 876 -4.98 22.03 29.46
N VAL D 877 -4.97 23.35 29.30
CA VAL D 877 -6.14 24.21 29.46
C VAL D 877 -6.08 25.30 28.40
N ILE D 878 -7.18 25.48 27.67
CA ILE D 878 -7.30 26.55 26.68
C ILE D 878 -7.99 27.75 27.31
N LEU D 879 -7.33 28.90 27.27
CA LEU D 879 -7.85 30.15 27.84
C LEU D 879 -8.20 31.11 26.71
N TYR D 880 -9.42 31.63 26.73
CA TYR D 880 -9.94 32.61 25.79
C TYR D 880 -9.82 34.03 26.38
N LEU D 881 -10.22 35.02 25.59
CA LEU D 881 -10.05 36.42 25.96
C LEU D 881 -11.31 37.23 25.66
N ASN D 882 -11.32 38.46 26.19
CA ASN D 882 -12.40 39.42 25.96
C ASN D 882 -12.22 40.11 24.61
N GLU D 883 -12.96 41.19 24.39
CA GLU D 883 -13.05 41.78 23.06
C GLU D 883 -13.09 43.30 23.16
N CYS D 884 -12.15 43.95 22.46
CA CYS D 884 -12.17 45.40 22.14
C CYS D 884 -11.92 46.41 23.26
N ARG D 885 -10.71 46.36 23.83
CA ARG D 885 -10.32 47.49 24.71
C ARG D 885 -10.56 48.82 24.03
N CYS D 886 -11.49 49.62 24.58
CA CYS D 886 -11.85 50.98 24.13
C CYS D 886 -12.04 51.07 22.61
N GLY D 887 -12.31 49.94 21.96
CA GLY D 887 -12.48 49.87 20.51
C GLY D 887 -11.28 50.33 19.71
N LYS D 888 -10.07 50.15 20.24
CA LYS D 888 -8.84 50.56 19.58
C LYS D 888 -8.23 49.37 18.86
N LYS D 889 -7.54 49.63 17.75
CA LYS D 889 -6.87 48.57 17.03
C LYS D 889 -5.63 48.11 17.79
N TYR D 890 -5.37 46.81 17.70
CA TYR D 890 -4.21 46.13 18.29
C TYR D 890 -4.14 46.30 19.80
N CYS D 891 -5.15 45.73 20.47
CA CYS D 891 -5.24 45.74 21.92
C CYS D 891 -5.62 44.40 22.53
N GLN D 892 -5.96 43.39 21.72
CA GLN D 892 -6.32 42.10 22.26
C GLN D 892 -5.06 41.26 22.46
N GLU D 893 -4.10 41.40 21.55
CA GLU D 893 -2.81 40.73 21.69
C GLU D 893 -2.04 41.29 22.88
N ASN D 894 -2.30 42.55 23.22
CA ASN D 894 -1.67 43.13 24.40
C ASN D 894 -2.18 42.50 25.68
N SER D 895 -3.48 42.20 25.74
CA SER D 895 -4.00 41.47 26.90
C SER D 895 -3.51 40.04 26.92
N ALA D 896 -3.36 39.43 25.74
CA ALA D 896 -2.79 38.08 25.65
C ALA D 896 -1.38 37.91 26.22
N TYR D 897 -0.46 38.82 25.86
CA TYR D 897 0.88 38.81 26.45
C TYR D 897 0.96 39.37 27.89
N THR D 898 -0.07 40.11 28.29
CA THR D 898 -0.16 40.61 29.65
C THR D 898 -0.35 39.37 30.50
N VAL D 899 -1.31 38.53 30.12
CA VAL D 899 -1.55 37.32 30.90
C VAL D 899 -0.43 36.30 30.67
N ARG D 900 0.19 36.31 29.49
CA ARG D 900 1.36 35.44 29.26
C ARG D 900 2.54 35.86 30.11
N ASN D 901 2.79 37.17 30.23
CA ASN D 901 3.89 37.66 31.05
C ASN D 901 3.60 37.48 32.53
N LYS D 902 2.32 37.41 32.89
CA LYS D 902 1.99 37.07 34.26
C LYS D 902 2.19 35.58 34.54
N LEU D 903 1.99 34.72 33.54
CA LEU D 903 2.00 33.29 33.78
C LEU D 903 3.38 32.64 33.61
N LYS D 904 4.11 33.00 32.54
CA LYS D 904 5.26 32.23 32.07
C LYS D 904 6.39 32.14 33.10
N LYS D 905 6.95 30.94 33.23
CA LYS D 905 7.94 30.63 34.25
C LYS D 905 9.35 30.73 33.68
N VAL D 906 10.17 31.61 34.26
CA VAL D 906 11.60 31.65 34.03
C VAL D 906 12.31 31.73 35.37
N SER D 907 13.36 30.92 35.53
CA SER D 907 14.00 30.68 36.81
C SER D 907 15.38 31.31 36.87
N LEU D 908 15.97 31.28 38.06
CA LEU D 908 17.30 31.85 38.28
C LEU D 908 18.44 31.18 37.54
N LYS D 909 18.33 29.87 37.33
CA LYS D 909 19.31 29.14 36.52
C LYS D 909 19.19 29.45 35.02
N ASP D 910 18.08 30.07 34.62
CA ASP D 910 17.92 30.49 33.24
C ASP D 910 18.73 31.77 33.06
N THR D 911 19.15 32.41 34.15
CA THR D 911 19.95 33.62 34.09
C THR D 911 21.34 33.46 34.69
N ALA D 912 21.60 32.38 35.41
CA ALA D 912 22.91 32.18 36.02
C ALA D 912 23.90 31.69 34.97
N VAL D 913 25.16 32.10 35.15
CA VAL D 913 26.25 31.63 34.29
C VAL D 913 27.37 30.98 35.09
N GLU D 914 27.73 31.56 36.24
CA GLU D 914 28.82 30.97 37.01
C GLU D 914 28.58 31.16 38.50
N PHE D 915 29.25 30.32 39.27
CA PHE D 915 29.08 30.21 40.71
C PHE D 915 30.47 30.25 41.34
N LEU D 916 30.79 31.35 42.00
CA LEU D 916 32.15 31.66 42.39
C LEU D 916 32.24 31.80 43.91
N VAL D 917 32.95 30.90 44.54
CA VAL D 917 33.07 30.91 46.00
C VAL D 917 34.32 31.70 46.38
N GLU D 918 34.17 32.61 47.34
CA GLU D 918 35.16 33.61 47.68
C GLU D 918 35.54 33.48 49.15
N TYR D 919 36.72 33.99 49.49
CA TYR D 919 37.20 34.06 50.86
C TYR D 919 37.61 35.50 51.13
N ARG D 920 37.19 36.04 52.29
CA ARG D 920 37.45 37.45 52.62
C ARG D 920 38.32 37.64 53.85
N ILE D 933 31.05 34.64 57.40
CA ILE D 933 32.29 34.49 58.14
C ILE D 933 33.49 34.52 57.19
N CYS D 934 33.77 33.38 56.56
CA CYS D 934 34.93 33.25 55.69
C CYS D 934 34.56 32.99 54.24
N LEU D 935 33.64 32.06 53.97
CA LEU D 935 33.30 31.66 52.62
C LEU D 935 32.02 32.35 52.17
N HIS D 936 32.06 32.94 50.97
CA HIS D 936 30.96 33.77 50.48
C HIS D 936 30.70 33.41 49.02
N GLY D 937 29.49 32.95 48.71
CA GLY D 937 29.18 32.55 47.37
C GLY D 937 28.67 33.71 46.52
N HIS D 938 29.04 33.68 45.24
CA HIS D 938 28.68 34.70 44.26
C HIS D 938 27.98 33.98 43.11
N ILE D 939 26.65 34.07 43.07
CA ILE D 939 25.91 33.65 41.88
C ILE D 939 25.99 34.81 40.89
N HIS D 940 26.59 34.59 39.73
CA HIS D 940 26.66 35.64 38.73
C HIS D 940 25.56 35.44 37.70
N LEU D 941 25.22 36.52 37.00
CA LEU D 941 23.99 36.62 36.23
C LEU D 941 24.32 36.99 34.80
N ASN D 942 23.28 37.33 34.03
CA ASN D 942 23.43 37.99 32.74
C ASN D 942 22.69 39.31 32.86
N LYS D 943 23.30 40.40 32.41
CA LYS D 943 22.66 41.71 32.53
C LYS D 943 21.56 41.88 31.49
N THR D 944 21.73 41.29 30.30
CA THR D 944 20.84 41.61 29.20
C THR D 944 19.47 40.95 29.35
N LEU D 945 19.41 39.72 29.85
CA LEU D 945 18.13 39.01 29.90
C LEU D 945 17.30 39.47 31.08
N LEU D 946 17.92 40.13 32.06
CA LEU D 946 17.16 40.85 33.07
C LEU D 946 16.39 42.00 32.45
N GLU D 947 17.03 42.73 31.53
CA GLU D 947 16.39 43.89 30.90
C GLU D 947 15.38 43.48 29.84
N GLY D 948 15.67 42.39 29.12
CA GLY D 948 14.74 41.94 28.08
C GLY D 948 13.48 41.31 28.64
N TRP D 949 13.47 40.99 29.93
CA TRP D 949 12.29 40.48 30.61
C TRP D 949 11.83 41.38 31.74
N ASN D 950 12.44 42.56 31.91
CA ASN D 950 12.09 43.57 32.92
C ASN D 950 12.15 43.01 34.34
N ILE D 951 13.34 42.59 34.74
CA ILE D 951 13.55 42.12 36.11
C ILE D 951 14.64 43.00 36.73
N SER D 952 14.42 43.37 38.00
CA SER D 952 15.44 44.00 38.82
C SER D 952 15.94 43.01 39.86
N MET D 953 16.87 43.47 40.69
CA MET D 953 17.61 42.55 41.54
C MET D 953 16.96 42.43 42.92
N GLN D 954 16.29 43.50 43.37
CA GLN D 954 15.53 43.43 44.61
C GLN D 954 14.33 42.50 44.46
N ASP D 955 13.80 42.42 43.23
CA ASP D 955 12.82 41.39 42.87
C ASP D 955 13.36 39.99 43.13
N ILE D 956 14.59 39.73 42.69
CA ILE D 956 15.17 38.40 42.83
C ILE D 956 15.48 38.10 44.29
N LEU D 957 15.84 39.13 45.06
CA LEU D 957 16.05 38.93 46.50
C LEU D 957 14.74 38.56 47.20
N GLN D 958 13.65 39.26 46.86
CA GLN D 958 12.35 38.93 47.43
C GLN D 958 11.89 37.54 47.04
N ARG D 959 12.01 37.19 45.75
CA ARG D 959 11.50 35.94 45.23
C ARG D 959 12.38 34.76 45.61
N CYS D 960 13.62 35.01 46.05
CA CYS D 960 14.40 33.97 46.70
C CYS D 960 14.09 33.84 48.17
N GLU D 961 13.88 34.97 48.86
CA GLU D 961 13.75 34.95 50.32
C GLU D 961 12.43 34.32 50.75
N ASP D 962 11.34 34.66 50.05
CA ASP D 962 10.04 34.09 50.42
C ASP D 962 10.00 32.59 50.21
N ALA D 963 10.60 32.13 49.11
CA ALA D 963 10.61 30.71 48.79
C ALA D 963 11.52 29.94 49.74
N ILE D 964 12.65 30.52 50.14
CA ILE D 964 13.56 29.80 51.02
C ILE D 964 13.01 29.77 52.44
N ASN D 965 12.25 30.81 52.84
CA ASN D 965 11.63 30.77 54.16
C ASN D 965 10.43 29.85 54.18
N SER D 966 9.74 29.71 53.04
CA SER D 966 8.70 28.70 52.96
C SER D 966 9.28 27.29 53.00
N LEU D 967 10.41 27.07 52.34
CA LEU D 967 10.94 25.72 52.29
C LEU D 967 11.64 25.35 53.60
N VAL D 968 12.10 26.34 54.36
CA VAL D 968 12.53 26.05 55.73
C VAL D 968 11.35 25.98 56.68
N GLN D 969 10.17 26.45 56.26
CA GLN D 969 8.97 26.30 57.08
C GLN D 969 8.20 25.04 56.70
N LYS D 970 8.01 24.81 55.41
CA LYS D 970 7.34 23.58 54.98
C LYS D 970 8.30 22.40 55.02
N LYS D 971 7.80 21.26 55.51
CA LYS D 971 8.53 19.98 55.57
C LYS D 971 9.86 20.10 56.31
N LYS D 972 9.77 20.30 57.62
CA LYS D 972 10.91 20.65 58.47
C LYS D 972 11.65 19.41 58.93
N LYS D 973 12.51 18.87 58.07
CA LYS D 973 13.57 17.94 58.46
C LYS D 973 14.61 17.89 57.34
N LYS D 974 15.89 17.82 57.74
CA LYS D 974 17.08 17.85 56.87
C LYS D 974 17.19 19.16 56.09
N ALA D 975 16.49 20.20 56.53
CA ALA D 975 16.55 21.51 55.90
C ALA D 975 16.94 22.59 56.90
N GLU D 976 17.85 22.27 57.82
CA GLU D 976 18.25 23.20 58.87
C GLU D 976 19.57 23.85 58.51
N ASP D 977 19.88 23.85 57.21
CA ASP D 977 21.02 24.57 56.69
C ASP D 977 20.75 26.05 56.53
N PHE D 978 19.48 26.47 56.54
CA PHE D 978 19.10 27.87 56.38
C PHE D 978 18.78 28.51 57.72
N LYS D 979 19.54 28.15 58.76
CA LYS D 979 19.33 28.67 60.11
C LYS D 979 19.57 30.16 60.19
N LYS D 980 20.82 30.58 59.99
CA LYS D 980 21.16 31.99 59.86
C LYS D 980 21.97 32.18 58.59
N MET D 981 21.48 31.59 57.49
CA MET D 981 22.14 31.86 56.23
C MET D 981 21.75 33.26 55.76
N ASN D 982 22.66 33.91 55.05
CA ASN D 982 22.56 35.31 54.73
C ASN D 982 22.40 35.48 53.23
N LEU D 983 21.71 36.55 52.84
CA LEU D 983 21.58 36.91 51.44
C LEU D 983 21.95 38.37 51.28
N SER D 984 22.38 38.71 50.07
CA SER D 984 22.79 40.08 49.75
C SER D 984 22.71 40.23 48.23
N VAL D 985 22.57 41.48 47.79
CA VAL D 985 22.36 41.73 46.37
C VAL D 985 23.14 42.98 45.97
N SER D 986 23.60 42.98 44.73
CA SER D 986 24.35 44.10 44.18
C SER D 986 24.28 44.04 42.66
N GLU D 987 24.24 45.22 42.04
CA GLU D 987 24.25 45.28 40.58
C GLU D 987 25.64 44.94 40.04
N CYS D 988 26.68 45.38 40.75
CA CYS D 988 28.05 45.14 40.32
C CYS D 988 28.85 44.60 41.50
N CYS D 989 29.62 43.54 41.25
CA CYS D 989 30.55 42.99 42.23
C CYS D 989 31.97 42.93 41.72
N SER D 990 32.14 42.50 40.46
CA SER D 990 33.42 42.39 39.75
C SER D 990 34.46 41.58 40.50
N PHE D 991 34.07 40.45 41.09
CA PHE D 991 35.04 39.57 41.74
C PHE D 991 35.94 38.89 40.71
N ARG D 992 35.33 38.37 39.64
CA ARG D 992 35.99 38.02 38.37
C ARG D 992 37.08 36.94 38.55
N GLY D 993 36.60 35.74 38.87
CA GLY D 993 37.46 34.58 38.91
C GLY D 993 38.06 34.22 37.57
N PRO D 994 39.01 33.27 37.57
CA PRO D 994 39.94 33.12 36.44
C PRO D 994 39.32 32.57 35.16
N GLY D 995 38.61 33.42 34.42
CA GLY D 995 38.05 33.04 33.15
C GLY D 995 36.71 33.67 32.82
N SER D 996 36.60 34.20 31.59
CA SER D 996 35.37 34.76 31.00
C SER D 996 34.83 35.93 31.82
N SER D 997 35.60 37.01 31.82
CA SER D 997 35.27 38.23 32.56
C SER D 997 34.31 39.11 31.77
N LYS D 998 33.42 39.79 32.49
CA LYS D 998 32.52 40.81 31.98
C LYS D 998 32.89 42.20 32.50
N ASP D 999 33.80 42.25 33.47
CA ASP D 999 34.60 43.37 33.97
C ASP D 999 33.87 44.42 34.79
N SER D 1000 32.54 44.51 34.70
CA SER D 1000 31.76 45.55 35.37
C SER D 1000 30.28 45.23 35.21
N ASP D 1001 29.53 45.41 36.31
CA ASP D 1001 28.07 45.20 36.35
C ASP D 1001 27.70 43.79 35.91
N MET D 1002 28.50 42.82 36.33
CA MET D 1002 28.09 41.43 36.25
C MET D 1002 27.25 41.19 37.50
N PRO D 1003 25.93 41.06 37.36
CA PRO D 1003 25.05 41.11 38.53
C PRO D 1003 25.23 39.87 39.40
N CYS D 1004 25.20 40.07 40.71
CA CYS D 1004 25.63 39.06 41.64
C CYS D 1004 24.70 38.95 42.82
N LEU D 1005 24.32 37.72 43.14
CA LEU D 1005 23.57 37.40 44.35
C LEU D 1005 24.52 36.71 45.32
N MET D 1006 25.12 37.50 46.20
CA MET D 1006 25.99 36.91 47.22
C MET D 1006 25.15 36.21 48.27
N PHE D 1007 25.67 35.10 48.76
CA PHE D 1007 25.07 34.44 49.91
C PHE D 1007 26.18 33.92 50.80
N SER D 1008 25.79 33.50 52.01
CA SER D 1008 26.75 33.12 53.02
C SER D 1008 26.09 32.14 53.98
N SER D 1009 26.80 31.82 55.05
CA SER D 1009 26.24 31.03 56.14
C SER D 1009 26.87 31.49 57.45
N TYR D 1010 26.12 31.31 58.53
CA TYR D 1010 26.59 31.66 59.87
C TYR D 1010 26.38 30.57 60.91
N ASN D 1011 25.45 29.64 60.69
CA ASN D 1011 25.27 28.56 61.66
C ASN D 1011 26.38 27.51 61.54
N ALA D 1012 26.97 27.35 60.35
CA ALA D 1012 28.04 26.39 60.15
C ALA D 1012 29.36 26.96 60.68
N THR D 1013 29.45 27.01 62.00
CA THR D 1013 30.71 27.34 62.68
C THR D 1013 31.64 26.12 62.61
N ASP D 1014 32.35 26.03 61.49
CA ASP D 1014 33.13 24.84 61.21
C ASP D 1014 34.62 25.09 61.47
N PRO D 1015 35.34 24.06 61.93
CA PRO D 1015 36.80 24.21 62.11
C PRO D 1015 37.55 23.89 60.82
N ASP D 1016 36.81 23.52 59.78
CA ASP D 1016 37.38 23.13 58.50
C ASP D 1016 36.61 23.83 57.40
N LEU D 1017 37.31 24.16 56.31
CA LEU D 1017 36.68 24.80 55.17
C LEU D 1017 36.07 23.78 54.23
N GLU D 1018 36.53 22.52 54.31
CA GLU D 1018 36.21 21.52 53.31
C GLU D 1018 34.78 21.02 53.47
N ARG D 1019 34.24 21.05 54.69
CA ARG D 1019 32.84 20.70 54.89
C ARG D 1019 31.93 21.89 54.64
N THR D 1020 32.43 23.12 54.86
CA THR D 1020 31.70 24.31 54.46
C THR D 1020 31.51 24.40 52.95
N LEU D 1021 32.54 24.04 52.18
CA LEU D 1021 32.41 24.01 50.72
C LEU D 1021 31.40 22.97 50.27
N ASP D 1022 31.31 21.86 51.02
CA ASP D 1022 30.31 20.84 50.72
C ASP D 1022 28.90 21.36 50.90
N VAL D 1023 28.65 22.04 52.02
CA VAL D 1023 27.27 22.51 52.34
C VAL D 1023 26.90 23.67 51.39
N LEU D 1024 27.84 24.54 51.05
CA LEU D 1024 27.50 25.74 50.24
C LEU D 1024 27.48 25.40 48.75
N CYS D 1025 28.01 24.23 48.35
CA CYS D 1025 28.10 23.90 46.90
C CYS D 1025 27.26 22.67 46.58
N ASN D 1026 26.71 22.00 47.59
CA ASN D 1026 25.95 20.78 47.36
C ASN D 1026 24.58 20.75 48.02
N THR D 1027 24.24 21.72 48.86
CA THR D 1027 22.88 21.86 49.37
C THR D 1027 22.25 23.19 48.97
N ILE D 1028 22.92 24.31 49.25
CA ILE D 1028 22.32 25.62 49.06
C ILE D 1028 22.26 25.99 47.59
N TYR D 1029 23.38 25.86 46.89
CA TYR D 1029 23.42 26.16 45.47
C TYR D 1029 22.50 25.31 44.59
N PRO D 1030 22.18 24.03 44.90
CA PRO D 1030 21.07 23.39 44.17
C PRO D 1030 19.71 24.05 44.37
N VAL D 1031 19.34 24.40 45.60
CA VAL D 1031 18.00 24.90 45.84
C VAL D 1031 17.88 26.37 45.46
N LEU D 1032 19.00 27.05 45.24
CA LEU D 1032 18.93 28.44 44.85
C LEU D 1032 18.90 28.64 43.34
N LEU D 1033 19.12 27.58 42.57
CA LEU D 1033 19.05 27.67 41.12
C LEU D 1033 17.64 27.52 40.59
N GLU D 1034 16.85 26.63 41.19
CA GLU D 1034 15.51 26.31 40.73
C GLU D 1034 14.46 27.24 41.30
N THR D 1035 14.87 28.28 42.01
CA THR D 1035 13.98 29.36 42.39
C THR D 1035 13.52 30.12 41.16
N VAL D 1036 12.21 30.34 41.06
CA VAL D 1036 11.60 31.05 39.94
C VAL D 1036 11.48 32.52 40.34
N ILE D 1037 11.63 33.42 39.37
CA ILE D 1037 11.72 34.84 39.70
C ILE D 1037 10.57 35.62 39.07
N LYS D 1038 10.20 35.29 37.83
CA LYS D 1038 9.11 35.98 37.16
C LYS D 1038 8.10 34.94 36.69
N GLY D 1039 6.84 35.16 37.03
CA GLY D 1039 5.79 34.23 36.70
C GLY D 1039 5.36 33.40 37.91
N ASP D 1040 4.49 32.43 37.65
CA ASP D 1040 4.00 31.58 38.72
C ASP D 1040 4.78 30.27 38.76
N PRO D 1041 5.11 29.77 39.96
CA PRO D 1041 5.89 28.52 40.07
C PRO D 1041 5.18 27.25 39.63
N ARG D 1042 3.89 27.26 39.33
CA ARG D 1042 3.20 26.02 39.01
C ARG D 1042 2.94 25.84 37.52
N ILE D 1043 2.87 26.92 36.74
CA ILE D 1043 2.59 26.86 35.32
C ILE D 1043 3.87 26.43 34.60
N ALA D 1044 3.82 25.31 33.90
CA ALA D 1044 5.00 24.82 33.20
C ALA D 1044 5.21 25.55 31.88
N SER D 1045 4.12 25.85 31.15
CA SER D 1045 4.25 26.60 29.92
C SER D 1045 2.93 27.31 29.62
N ALA D 1046 3.02 28.44 28.92
CA ALA D 1046 1.81 29.16 28.53
C ALA D 1046 2.08 29.88 27.20
N ASN D 1047 1.77 29.21 26.10
CA ASN D 1047 2.05 29.72 24.77
C ASN D 1047 0.78 30.27 24.14
N ILE D 1048 0.95 31.05 23.08
CA ILE D 1048 -0.16 31.72 22.42
C ILE D 1048 -0.38 31.10 21.04
N ILE D 1049 -1.61 30.65 20.80
CA ILE D 1049 -1.94 30.10 19.50
C ILE D 1049 -3.03 30.97 18.87
N TRP D 1050 -2.92 31.24 17.57
CA TRP D 1050 -3.88 32.11 16.91
C TRP D 1050 -5.19 31.39 16.64
N ASN D 1051 -5.19 30.07 16.80
CA ASN D 1051 -6.40 29.30 16.55
C ASN D 1051 -6.87 29.60 15.14
N SER D 1052 -8.13 29.98 15.01
CA SER D 1052 -8.68 30.31 13.69
C SER D 1052 -8.39 29.24 12.64
N PRO D 1053 -8.62 27.96 13.00
CA PRO D 1053 -8.30 26.88 12.07
C PRO D 1053 -9.42 26.61 11.08
N GLU D 1054 -10.16 27.64 10.72
CA GLU D 1054 -11.32 27.46 9.84
C GLU D 1054 -12.10 26.23 10.28
N THR D 1055 -12.02 25.92 11.58
CA THR D 1055 -12.89 24.93 12.20
C THR D 1055 -13.92 25.73 12.98
N THR D 1056 -13.75 27.05 13.03
CA THR D 1056 -14.66 28.02 13.66
C THR D 1056 -14.88 27.70 15.15
N THR D 1057 -13.85 27.89 15.97
CA THR D 1057 -13.97 27.64 17.45
C THR D 1057 -14.06 26.17 17.79
N TRP D 1058 -13.05 25.40 17.40
CA TRP D 1058 -13.17 23.93 17.40
C TRP D 1058 -13.74 23.35 18.69
N ILE D 1059 -13.58 24.04 19.81
CA ILE D 1059 -14.14 23.63 21.08
C ILE D 1059 -15.13 24.65 21.60
N ARG D 1060 -15.84 25.34 20.69
CA ARG D 1060 -16.97 26.19 21.07
C ARG D 1060 -18.18 25.84 20.22
N SER D 1061 -19.37 26.13 20.76
CA SER D 1061 -20.60 25.68 20.10
C SER D 1061 -21.53 26.82 19.70
N LEU D 1062 -21.71 27.82 20.57
CA LEU D 1062 -22.59 28.95 20.24
C LEU D 1062 -22.05 30.19 20.97
N HIS D 1063 -21.26 30.98 20.25
CA HIS D 1063 -20.79 32.25 20.77
C HIS D 1063 -21.15 33.44 19.87
N ALA D 1064 -20.83 33.34 18.57
CA ALA D 1064 -20.92 34.42 17.60
C ALA D 1064 -20.60 33.85 16.22
N SER D 1065 -20.52 34.69 15.20
CA SER D 1065 -19.94 34.29 13.92
C SER D 1065 -18.51 34.80 13.75
N ARG D 1066 -17.78 34.94 14.86
CA ARG D 1066 -16.37 35.30 14.82
C ARG D 1066 -15.52 34.06 14.55
N ARG D 1067 -14.33 34.29 13.99
CA ARG D 1067 -13.49 33.17 13.57
C ARG D 1067 -11.99 33.38 13.82
N GLY D 1068 -11.59 34.46 14.48
CA GLY D 1068 -10.17 34.77 14.55
C GLY D 1068 -9.60 35.05 15.92
N GLU D 1069 -10.06 34.33 16.93
CA GLU D 1069 -9.63 34.60 18.30
C GLU D 1069 -8.28 33.96 18.58
N TRP D 1070 -7.50 34.64 19.41
CA TRP D 1070 -6.20 34.14 19.86
C TRP D 1070 -6.37 33.56 21.26
N VAL D 1071 -5.73 32.43 21.52
CA VAL D 1071 -5.95 31.65 22.73
C VAL D 1071 -4.61 31.35 23.38
N LEU D 1072 -4.65 31.04 24.67
CA LEU D 1072 -3.46 30.59 25.40
C LEU D 1072 -3.62 29.12 25.71
N ASP D 1073 -2.60 28.32 25.40
CA ASP D 1073 -2.66 26.90 25.77
C ASP D 1073 -1.71 26.63 26.94
N VAL D 1074 -2.27 26.85 28.14
CA VAL D 1074 -1.51 26.67 29.37
C VAL D 1074 -1.32 25.18 29.65
N THR D 1075 -0.13 24.82 30.11
CA THR D 1075 0.19 23.47 30.56
C THR D 1075 0.80 23.57 31.95
N VAL D 1076 0.25 22.82 32.91
CA VAL D 1076 0.74 22.81 34.28
C VAL D 1076 1.83 21.76 34.44
N GLU D 1077 2.77 22.03 35.35
CA GLU D 1077 3.80 21.08 35.74
C GLU D 1077 3.17 19.83 36.36
N LYS D 1078 3.87 18.69 36.20
CA LYS D 1078 3.39 17.41 36.70
C LYS D 1078 3.36 17.36 38.23
N SER D 1079 4.16 18.19 38.90
CA SER D 1079 4.29 18.07 40.35
C SER D 1079 3.09 18.64 41.10
N ASP D 1080 2.14 19.26 40.42
CA ASP D 1080 1.04 19.94 41.08
C ASP D 1080 -0.30 19.24 40.93
N VAL D 1081 -0.55 18.60 39.79
CA VAL D 1081 -1.80 17.89 39.57
C VAL D 1081 -1.70 16.55 40.28
N LYS D 1082 -2.51 16.38 41.33
CA LYS D 1082 -2.48 15.13 42.08
C LYS D 1082 -3.69 14.27 41.78
N GLN D 1083 -4.89 14.84 41.87
CA GLN D 1083 -6.10 14.11 41.52
C GLN D 1083 -6.75 14.84 40.34
N SER D 1084 -7.81 14.25 39.81
CA SER D 1084 -8.36 14.71 38.54
C SER D 1084 -9.12 16.02 38.69
N GLY D 1085 -8.85 16.96 37.79
CA GLY D 1085 -9.50 18.25 37.78
C GLY D 1085 -8.66 19.37 38.36
N ASP D 1086 -7.38 19.15 38.58
CA ASP D 1086 -6.58 20.12 39.33
C ASP D 1086 -6.04 21.22 38.43
N ALA D 1087 -5.86 20.93 37.13
CA ALA D 1087 -5.20 21.89 36.24
C ALA D 1087 -6.05 23.13 36.03
N TRP D 1088 -7.37 22.97 35.97
CA TRP D 1088 -8.26 24.12 35.94
C TRP D 1088 -8.19 24.91 37.24
N ARG D 1089 -8.12 24.22 38.37
CA ARG D 1089 -8.02 24.84 39.68
C ARG D 1089 -6.75 25.66 39.85
N VAL D 1090 -5.65 25.23 39.25
CA VAL D 1090 -4.40 25.99 39.40
C VAL D 1090 -4.18 26.96 38.25
N VAL D 1091 -4.92 26.86 37.15
CA VAL D 1091 -4.84 27.92 36.17
C VAL D 1091 -5.70 29.11 36.57
N ILE D 1092 -6.90 28.86 37.11
CA ILE D 1092 -7.78 29.96 37.50
C ILE D 1092 -7.21 30.69 38.72
N ASP D 1093 -6.66 29.95 39.68
CA ASP D 1093 -6.11 30.58 40.87
C ASP D 1093 -4.83 31.35 40.58
N SER D 1094 -4.04 30.91 39.61
CA SER D 1094 -2.86 31.68 39.23
C SER D 1094 -3.17 32.80 38.25
N CYS D 1095 -4.34 32.78 37.64
CA CYS D 1095 -4.78 33.84 36.75
C CYS D 1095 -5.56 34.93 37.48
N LEU D 1096 -5.46 34.96 38.82
CA LEU D 1096 -6.46 35.65 39.63
C LEU D 1096 -6.29 37.16 39.62
N SER D 1097 -5.07 37.67 39.54
CA SER D 1097 -4.87 39.10 39.54
C SER D 1097 -5.08 39.72 38.17
N VAL D 1098 -5.18 38.90 37.13
CA VAL D 1098 -5.40 39.38 35.77
C VAL D 1098 -6.75 38.88 35.24
N LEU D 1099 -7.58 38.30 36.12
CA LEU D 1099 -8.77 37.55 35.71
C LEU D 1099 -9.88 38.44 35.16
N HIS D 1100 -9.77 39.76 35.31
CA HIS D 1100 -10.75 40.64 34.69
C HIS D 1100 -10.62 40.71 33.16
N LEU D 1101 -9.56 40.15 32.58
CA LEU D 1101 -9.35 40.15 31.15
C LEU D 1101 -9.76 38.87 30.46
N ILE D 1102 -9.78 37.73 31.17
CA ILE D 1102 -10.04 36.43 30.57
C ILE D 1102 -11.55 36.21 30.45
N ASP D 1103 -11.97 35.59 29.34
CA ASP D 1103 -13.37 35.19 29.16
C ASP D 1103 -13.62 33.96 30.04
N THR D 1104 -14.14 34.23 31.22
CA THR D 1104 -14.41 33.20 32.22
C THR D 1104 -15.46 32.20 31.77
N LYS D 1105 -16.48 32.64 31.04
CA LYS D 1105 -17.58 31.78 30.66
C LYS D 1105 -17.28 30.90 29.44
N ARG D 1106 -16.06 30.97 28.89
CA ARG D 1106 -15.75 30.22 27.67
C ARG D 1106 -14.57 29.28 27.78
N SER D 1107 -13.58 29.58 28.63
CA SER D 1107 -12.38 28.76 28.70
C SER D 1107 -12.67 27.40 29.32
N ILE D 1108 -12.06 26.37 28.76
CA ILE D 1108 -12.32 24.98 29.15
C ILE D 1108 -11.01 24.21 29.17
N PRO D 1109 -10.98 23.04 29.81
CA PRO D 1109 -9.84 22.14 29.63
C PRO D 1109 -9.84 21.49 28.26
N TYR D 1110 -8.82 20.68 28.04
CA TYR D 1110 -8.60 20.04 26.75
C TYR D 1110 -9.12 18.60 26.69
N SER D 1111 -9.01 17.83 27.75
CA SER D 1111 -9.39 16.43 27.73
C SER D 1111 -10.83 16.27 28.23
N ILE D 1112 -11.49 15.22 27.74
CA ILE D 1112 -12.94 15.11 27.87
C ILE D 1112 -13.34 14.74 29.29
N LYS D 1113 -12.48 14.01 30.01
CA LYS D 1113 -12.76 13.72 31.41
C LYS D 1113 -12.58 14.96 32.28
N GLN D 1114 -11.74 15.90 31.86
CA GLN D 1114 -11.58 17.12 32.64
C GLN D 1114 -12.75 18.06 32.43
N VAL D 1115 -13.37 18.02 31.25
CA VAL D 1115 -14.64 18.70 31.05
C VAL D 1115 -15.74 18.04 31.88
N GLN D 1116 -15.68 16.71 32.03
CA GLN D 1116 -16.64 16.02 32.88
C GLN D 1116 -16.49 16.43 34.34
N GLU D 1117 -15.25 16.60 34.78
CA GLU D 1117 -15.02 17.04 36.15
C GLU D 1117 -15.41 18.50 36.35
N LEU D 1118 -15.23 19.32 35.32
CA LEU D 1118 -15.51 20.75 35.49
C LEU D 1118 -16.98 21.07 35.26
N LEU D 1119 -17.55 20.60 34.16
CA LEU D 1119 -18.89 20.99 33.78
C LEU D 1119 -19.96 19.94 34.06
N GLY D 1120 -19.61 18.67 34.15
CA GLY D 1120 -20.57 17.63 34.45
C GLY D 1120 -20.67 16.59 33.34
N LEU D 1121 -21.60 15.67 33.55
CA LEU D 1121 -21.70 14.49 32.67
C LEU D 1121 -22.43 14.81 31.37
N SER D 1122 -23.41 15.70 31.41
CA SER D 1122 -24.18 16.02 30.21
C SER D 1122 -23.35 16.83 29.23
N CYS D 1123 -22.53 17.75 29.75
CA CYS D 1123 -21.61 18.51 28.91
C CYS D 1123 -20.55 17.61 28.29
N ALA D 1124 -20.10 16.61 29.04
CA ALA D 1124 -19.13 15.66 28.51
C ALA D 1124 -19.75 14.78 27.42
N PHE D 1125 -21.03 14.43 27.59
CA PHE D 1125 -21.77 13.67 26.58
C PHE D 1125 -21.85 14.44 25.27
N GLU D 1126 -22.27 15.71 25.36
CA GLU D 1126 -22.41 16.54 24.16
C GLU D 1126 -21.06 16.80 23.49
N GLN D 1127 -20.00 17.01 24.28
CA GLN D 1127 -18.69 17.23 23.70
C GLN D 1127 -18.12 15.96 23.08
N ALA D 1128 -18.44 14.79 23.63
CA ALA D 1128 -17.98 13.54 23.04
C ALA D 1128 -18.66 13.26 21.71
N VAL D 1129 -19.96 13.55 21.63
CA VAL D 1129 -20.67 13.49 20.33
C VAL D 1129 -20.03 14.46 19.34
N GLN D 1130 -19.74 15.68 19.79
CA GLN D 1130 -19.27 16.73 18.89
C GLN D 1130 -17.85 16.46 18.39
N ARG D 1131 -17.04 15.75 19.18
CA ARG D 1131 -15.69 15.43 18.74
C ARG D 1131 -15.65 14.17 17.89
N LEU D 1132 -16.43 13.16 18.28
CA LEU D 1132 -16.50 11.91 17.52
C LEU D 1132 -17.08 12.14 16.13
N SER D 1133 -18.03 13.07 16.01
CA SER D 1133 -18.60 13.39 14.70
C SER D 1133 -17.59 14.02 13.77
N ALA D 1134 -16.75 14.92 14.29
CA ALA D 1134 -15.76 15.59 13.46
C ALA D 1134 -14.69 14.62 13.00
N SER D 1135 -14.23 13.75 13.92
CA SER D 1135 -13.20 12.79 13.56
C SER D 1135 -13.71 11.74 12.59
N VAL D 1136 -14.97 11.30 12.75
CA VAL D 1136 -15.49 10.30 11.83
C VAL D 1136 -15.86 10.92 10.49
N ARG D 1137 -16.17 12.22 10.46
CA ARG D 1137 -16.52 12.84 9.19
C ARG D 1137 -15.28 13.19 8.39
N LYS D 1138 -14.11 13.28 9.04
CA LYS D 1138 -12.92 13.52 8.24
C LYS D 1138 -12.49 12.31 7.42
N VAL D 1139 -12.73 11.09 7.91
CA VAL D 1139 -12.31 9.89 7.18
C VAL D 1139 -13.36 9.44 6.18
N SER D 1140 -14.54 9.08 6.66
CA SER D 1140 -15.61 8.53 5.84
C SER D 1140 -16.87 9.35 6.02
N LYS D 1141 -17.41 9.85 4.92
CA LYS D 1141 -18.44 10.88 4.98
C LYS D 1141 -19.82 10.27 5.23
N GLY D 1142 -20.61 10.99 6.02
CA GLY D 1142 -22.03 10.77 6.10
C GLY D 1142 -22.52 9.68 7.04
N VAL D 1143 -21.74 9.33 8.07
CA VAL D 1143 -22.20 8.35 9.06
C VAL D 1143 -23.36 8.94 9.83
N LEU D 1144 -24.41 8.12 10.04
CA LEU D 1144 -25.64 8.57 10.68
C LEU D 1144 -25.41 8.96 12.13
N LYS D 1145 -26.20 9.92 12.61
CA LYS D 1145 -26.02 10.43 13.96
C LYS D 1145 -26.49 9.43 15.02
N GLU D 1146 -27.33 8.47 14.62
CA GLU D 1146 -27.95 7.56 15.58
C GLU D 1146 -26.94 6.66 16.24
N HIS D 1147 -25.96 6.18 15.49
CA HIS D 1147 -24.93 5.31 16.04
C HIS D 1147 -24.01 6.07 16.99
N ILE D 1148 -23.70 7.33 16.66
CA ILE D 1148 -22.83 8.14 17.51
C ILE D 1148 -23.52 8.47 18.83
N ILE D 1149 -24.80 8.82 18.76
CA ILE D 1149 -25.57 9.13 19.97
C ILE D 1149 -25.76 7.88 20.81
N LEU D 1150 -25.88 6.71 20.17
CA LEU D 1150 -25.98 5.47 20.95
C LEU D 1150 -24.66 5.13 21.63
N VAL D 1151 -23.53 5.39 20.96
CA VAL D 1151 -22.22 5.16 21.57
C VAL D 1151 -22.02 6.05 22.79
N ALA D 1152 -22.36 7.33 22.66
CA ALA D 1152 -22.17 8.26 23.77
C ALA D 1152 -23.18 8.02 24.89
N ASN D 1153 -24.35 7.46 24.56
CA ASN D 1153 -25.28 7.06 25.62
C ASN D 1153 -24.81 5.83 26.36
N ASN D 1154 -24.22 4.87 25.65
CA ASN D 1154 -23.78 3.64 26.31
C ASN D 1154 -22.52 3.90 27.12
N MET D 1155 -21.72 4.90 26.74
CA MET D 1155 -20.54 5.24 27.54
C MET D 1155 -20.93 5.84 28.89
N THR D 1156 -21.86 6.78 28.91
CA THR D 1156 -22.23 7.51 30.10
C THR D 1156 -23.53 7.01 30.73
N CYS D 1157 -23.77 5.70 30.67
CA CYS D 1157 -25.00 5.17 31.27
C CYS D 1157 -24.77 4.72 32.70
N SER D 1158 -23.52 4.37 33.03
CA SER D 1158 -23.19 3.92 34.39
C SER D 1158 -23.26 5.05 35.39
N GLY D 1159 -23.14 6.29 34.94
CA GLY D 1159 -23.11 7.44 35.83
C GLY D 1159 -21.95 8.34 35.53
N ASP D 1160 -20.79 7.77 35.19
CA ASP D 1160 -19.64 8.54 34.76
C ASP D 1160 -19.11 7.96 33.46
N MET D 1161 -18.47 8.82 32.66
CA MET D 1161 -18.02 8.44 31.33
C MET D 1161 -16.88 7.43 31.40
N LEU D 1162 -17.08 6.29 30.75
CA LEU D 1162 -16.10 5.21 30.77
C LEU D 1162 -15.54 4.99 29.36
N GLY D 1163 -14.52 4.15 29.26
CA GLY D 1163 -13.85 3.88 28.02
C GLY D 1163 -14.13 2.49 27.49
N PHE D 1164 -13.68 2.25 26.27
CA PHE D 1164 -13.78 0.91 25.67
C PHE D 1164 -12.44 0.19 25.80
N ASN D 1165 -12.04 -0.03 27.04
CA ASN D 1165 -10.81 -0.72 27.37
C ASN D 1165 -11.14 -1.52 28.62
N TYR D 1166 -10.11 -2.07 29.26
CA TYR D 1166 -10.37 -2.90 30.43
C TYR D 1166 -10.75 -2.10 31.67
N GLY D 1167 -10.24 -0.86 31.76
CA GLY D 1167 -10.46 -0.06 32.96
C GLY D 1167 -11.90 0.40 32.99
N GLY D 1168 -12.48 0.66 31.83
CA GLY D 1168 -13.90 0.98 31.77
C GLY D 1168 -14.76 -0.26 31.88
N TYR D 1169 -14.30 -1.37 31.31
CA TYR D 1169 -15.14 -2.56 31.22
C TYR D 1169 -15.28 -3.23 32.59
N LYS D 1170 -14.18 -3.33 33.34
CA LYS D 1170 -14.27 -3.93 34.67
C LYS D 1170 -15.04 -3.02 35.62
N ALA D 1171 -14.95 -1.71 35.39
CA ALA D 1171 -15.71 -0.75 36.23
C ALA D 1171 -17.21 -1.03 36.12
N LEU D 1172 -17.77 -0.92 34.91
CA LEU D 1172 -19.23 -1.14 34.72
C LEU D 1172 -19.59 -2.57 35.12
N THR D 1173 -18.77 -3.55 34.69
CA THR D 1173 -19.04 -4.98 35.03
C THR D 1173 -19.19 -5.09 36.55
N ARG D 1174 -18.41 -4.32 37.30
CA ARG D 1174 -18.51 -4.34 38.76
C ARG D 1174 -19.73 -3.55 39.23
N SER D 1175 -20.03 -2.43 38.56
CA SER D 1175 -21.18 -1.62 38.95
C SER D 1175 -22.50 -2.35 38.72
N LEU D 1176 -22.59 -3.11 37.63
CA LEU D 1176 -23.82 -3.81 37.29
C LEU D 1176 -23.95 -5.06 38.17
N THR D 1223 -37.06 -10.66 17.19
CA THR D 1223 -36.12 -11.75 17.05
C THR D 1223 -36.30 -12.78 18.16
N GLY D 1224 -35.20 -13.36 18.61
CA GLY D 1224 -35.27 -14.36 19.66
C GLY D 1224 -35.98 -13.82 20.88
N SER D 1225 -36.93 -14.58 21.41
CA SER D 1225 -37.64 -14.17 22.61
C SER D 1225 -38.31 -12.82 22.42
N GLN D 1226 -38.81 -12.57 21.21
CA GLN D 1226 -39.51 -11.32 20.96
C GLN D 1226 -40.93 -11.61 20.54
N PHE D 1227 -41.13 -12.73 19.86
CA PHE D 1227 -42.49 -13.10 19.49
C PHE D 1227 -42.58 -14.62 19.48
N GLU D 1228 -43.80 -15.12 19.31
CA GLU D 1228 -44.04 -16.55 19.26
C GLU D 1228 -45.20 -16.84 18.32
N LEU D 1229 -45.00 -17.77 17.41
CA LEU D 1229 -46.08 -18.21 16.53
C LEU D 1229 -46.81 -19.39 17.14
N LEU D 1230 -48.09 -19.50 16.80
CA LEU D 1230 -48.91 -20.65 17.14
C LEU D 1230 -50.14 -20.66 16.25
N TRP D 1231 -50.85 -21.78 16.25
CA TRP D 1231 -51.99 -21.97 15.36
C TRP D 1231 -53.19 -21.16 15.82
N ASN D 1232 -54.11 -20.91 14.90
CA ASN D 1232 -55.39 -20.30 15.26
C ASN D 1232 -56.52 -20.79 14.34
N GLY E 4 -41.66 -6.10 -55.02
CA GLY E 4 -40.97 -5.78 -56.25
C GLY E 4 -39.94 -4.68 -56.11
N ALA E 5 -39.60 -4.35 -54.88
CA ALA E 5 -38.65 -3.29 -54.59
C ALA E 5 -37.22 -3.82 -54.63
N THR E 6 -36.27 -2.93 -54.90
CA THR E 6 -34.85 -3.23 -54.86
C THR E 6 -34.12 -2.11 -54.14
N TYR E 7 -33.23 -2.49 -53.23
CA TYR E 7 -32.37 -1.54 -52.53
C TYR E 7 -30.94 -2.05 -52.54
N GLN E 8 -30.49 -2.49 -53.71
CA GLN E 8 -29.22 -3.18 -53.87
C GLN E 8 -28.08 -2.21 -54.08
N ARG E 9 -26.89 -2.62 -53.66
CA ARG E 9 -25.66 -1.90 -53.92
C ARG E 9 -24.90 -2.58 -55.05
N PHE E 10 -23.87 -1.89 -55.55
CA PHE E 10 -23.04 -2.39 -56.64
C PHE E 10 -21.59 -2.12 -56.31
N PRO E 11 -20.90 -3.05 -55.65
CA PRO E 11 -19.49 -2.83 -55.32
C PRO E 11 -18.59 -2.89 -56.55
N LYS E 12 -17.48 -2.16 -56.48
CA LYS E 12 -16.51 -2.09 -57.57
C LYS E 12 -15.12 -2.38 -57.04
N VAL E 13 -14.38 -3.22 -57.76
CA VAL E 13 -13.10 -3.77 -57.33
C VAL E 13 -12.04 -3.35 -58.32
N LYS E 14 -10.87 -2.94 -57.82
CA LYS E 14 -9.74 -2.58 -58.67
C LYS E 14 -8.46 -3.08 -58.01
N ILE E 15 -7.82 -4.08 -58.61
CA ILE E 15 -6.65 -4.72 -58.03
C ILE E 15 -5.40 -3.95 -58.42
N ARG E 16 -4.58 -3.60 -57.43
CA ARG E 16 -3.38 -2.82 -57.69
C ARG E 16 -2.11 -3.65 -57.72
N GLU E 17 -2.08 -4.79 -57.02
CA GLU E 17 -0.93 -5.68 -57.02
C GLU E 17 -1.41 -7.05 -56.61
N LEU E 18 -1.14 -8.06 -57.43
CA LEU E 18 -1.59 -9.41 -57.16
C LEU E 18 -0.45 -10.38 -57.42
N LYS E 19 -0.18 -11.24 -56.44
CA LYS E 19 0.72 -12.35 -56.62
C LYS E 19 0.23 -13.50 -55.77
N ASP E 20 0.98 -14.60 -55.80
CA ASP E 20 0.73 -15.69 -54.87
C ASP E 20 1.08 -15.22 -53.46
N ASP E 21 0.16 -15.47 -52.52
CA ASP E 21 0.20 -15.14 -51.10
C ASP E 21 0.06 -13.65 -50.81
N TYR E 22 -0.30 -12.82 -51.79
CA TYR E 22 -0.42 -11.39 -51.52
C TYR E 22 -1.40 -10.76 -52.51
N ALA E 23 -2.26 -9.90 -52.01
CA ALA E 23 -3.21 -9.19 -52.87
C ALA E 23 -3.54 -7.84 -52.25
N LYS E 24 -3.52 -6.80 -53.08
CA LYS E 24 -3.88 -5.46 -52.66
C LYS E 24 -4.91 -4.92 -53.62
N PHE E 25 -6.06 -4.51 -53.12
CA PHE E 25 -7.11 -4.06 -54.02
C PHE E 25 -8.01 -3.05 -53.35
N GLU E 26 -8.45 -2.06 -54.12
CA GLU E 26 -9.38 -1.08 -53.59
C GLU E 26 -10.81 -1.40 -53.98
N LEU E 27 -11.72 -1.20 -53.03
CA LEU E 27 -13.10 -1.64 -53.12
C LEU E 27 -13.98 -0.45 -52.76
N ARG E 28 -14.93 -0.12 -53.62
CA ARG E 28 -15.73 1.06 -53.36
C ARG E 28 -17.20 0.78 -53.68
N ASP E 29 -18.03 1.72 -53.24
CA ASP E 29 -19.48 1.76 -53.42
C ASP E 29 -20.20 0.66 -52.66
N THR E 30 -19.60 0.20 -51.55
CA THR E 30 -20.32 -0.65 -50.61
C THR E 30 -20.17 -0.07 -49.21
N ASP E 31 -20.72 -0.73 -48.21
CA ASP E 31 -20.71 -0.22 -46.85
C ASP E 31 -19.54 -0.82 -46.08
N VAL E 32 -19.21 -0.19 -44.95
CA VAL E 32 -18.13 -0.69 -44.10
C VAL E 32 -18.53 -1.98 -43.40
N SER E 33 -19.82 -2.25 -43.29
CA SER E 33 -20.27 -3.51 -42.71
C SER E 33 -19.93 -4.68 -43.63
N MET E 34 -19.96 -4.46 -44.94
CA MET E 34 -19.64 -5.53 -45.88
C MET E 34 -18.14 -5.80 -45.94
N ALA E 35 -17.33 -4.73 -45.92
CA ALA E 35 -15.89 -4.89 -45.83
C ALA E 35 -15.48 -5.58 -44.53
N ASN E 36 -16.15 -5.25 -43.43
CA ASN E 36 -15.85 -5.92 -42.18
C ASN E 36 -16.32 -7.36 -42.17
N ALA E 37 -17.41 -7.68 -42.87
CA ALA E 37 -17.84 -9.07 -42.98
C ALA E 37 -16.85 -9.90 -43.76
N LEU E 38 -16.32 -9.35 -44.86
CA LEU E 38 -15.30 -10.05 -45.64
C LEU E 38 -14.03 -10.26 -44.84
N ARG E 39 -13.61 -9.26 -44.05
CA ARG E 39 -12.43 -9.39 -43.22
C ARG E 39 -12.60 -10.45 -42.13
N ARG E 40 -13.73 -10.41 -41.43
CA ARG E 40 -14.00 -11.36 -40.36
C ARG E 40 -14.12 -12.79 -40.88
N VAL E 41 -14.70 -12.96 -42.07
CA VAL E 41 -14.86 -14.31 -42.61
C VAL E 41 -13.53 -14.85 -43.11
N MET E 42 -12.72 -14.01 -43.76
CA MET E 42 -11.40 -14.42 -44.20
C MET E 42 -10.48 -14.79 -43.04
N ILE E 43 -10.63 -14.13 -41.90
CA ILE E 43 -9.82 -14.52 -40.75
C ILE E 43 -10.37 -15.78 -40.08
N SER E 44 -11.69 -15.88 -39.89
CA SER E 44 -12.22 -16.90 -38.99
C SER E 44 -13.16 -17.93 -39.61
N GLU E 45 -13.46 -17.88 -40.90
CA GLU E 45 -14.48 -18.79 -41.41
C GLU E 45 -14.05 -19.65 -42.59
N VAL E 46 -13.06 -19.20 -43.34
CA VAL E 46 -12.59 -19.96 -44.51
C VAL E 46 -11.80 -21.17 -44.02
N PRO E 47 -12.12 -22.38 -44.45
CA PRO E 47 -11.46 -23.57 -43.91
C PRO E 47 -10.11 -23.85 -44.55
N THR E 48 -9.27 -24.55 -43.79
CA THR E 48 -8.03 -25.13 -44.29
C THR E 48 -7.86 -26.54 -43.77
N VAL E 49 -6.71 -27.15 -44.02
CA VAL E 49 -6.37 -28.49 -43.54
C VAL E 49 -5.14 -28.38 -42.66
N ALA E 50 -5.23 -28.93 -41.44
CA ALA E 50 -4.10 -28.90 -40.52
C ALA E 50 -4.10 -30.17 -39.68
N ILE E 51 -2.96 -30.44 -39.06
CA ILE E 51 -2.77 -31.67 -38.29
C ILE E 51 -3.56 -31.58 -36.99
N ASP E 52 -4.33 -32.61 -36.69
CA ASP E 52 -5.23 -32.57 -35.55
C ASP E 52 -4.99 -33.68 -34.55
N LEU E 53 -4.58 -34.86 -34.98
CA LEU E 53 -4.23 -35.92 -34.06
C LEU E 53 -2.79 -36.34 -34.28
N VAL E 54 -2.04 -36.52 -33.20
CA VAL E 54 -0.66 -36.98 -33.27
C VAL E 54 -0.55 -38.22 -32.40
N GLU E 55 0.00 -39.29 -32.96
CA GLU E 55 0.21 -40.55 -32.25
C GLU E 55 1.70 -40.86 -32.29
N ILE E 56 2.32 -40.85 -31.11
CA ILE E 56 3.78 -40.85 -30.99
C ILE E 56 4.23 -42.23 -30.54
N GLU E 57 5.16 -42.82 -31.28
CA GLU E 57 5.69 -44.13 -30.95
C GLU E 57 7.02 -44.07 -30.22
N VAL E 58 7.98 -43.30 -30.73
CA VAL E 58 9.28 -43.14 -30.09
C VAL E 58 9.58 -41.66 -29.96
N ASN E 59 9.92 -41.22 -28.76
CA ASN E 59 10.40 -39.85 -28.54
C ASN E 59 11.59 -39.92 -27.59
N SER E 60 12.80 -39.85 -28.13
CA SER E 60 14.00 -39.78 -27.31
C SER E 60 14.62 -38.40 -27.29
N SER E 61 13.96 -37.40 -27.85
CA SER E 61 14.50 -36.07 -27.85
C SER E 61 14.30 -35.40 -26.49
N VAL E 62 14.89 -34.22 -26.34
CA VAL E 62 14.86 -33.50 -25.08
C VAL E 62 13.61 -32.63 -24.96
N LEU E 63 12.71 -32.76 -25.93
CA LEU E 63 11.43 -32.09 -25.89
C LEU E 63 10.31 -33.09 -25.61
N ASN E 64 9.28 -32.62 -24.94
CA ASN E 64 8.16 -33.48 -24.56
C ASN E 64 7.12 -33.49 -25.68
N ASP E 65 6.12 -34.34 -25.49
CA ASP E 65 5.23 -34.69 -26.58
C ASP E 65 4.22 -33.60 -26.91
N GLU E 66 3.78 -32.84 -25.90
CA GLU E 66 2.83 -31.76 -26.17
C GLU E 66 3.50 -30.60 -26.90
N PHE E 67 4.79 -30.37 -26.64
CA PHE E 67 5.57 -29.41 -27.41
C PHE E 67 5.61 -29.79 -28.88
N ILE E 68 5.85 -31.07 -29.16
CA ILE E 68 5.99 -31.54 -30.53
C ILE E 68 4.65 -31.55 -31.23
N ALA E 69 3.58 -31.95 -30.54
CA ALA E 69 2.25 -31.96 -31.13
C ALA E 69 1.75 -30.55 -31.43
N HIS E 70 2.03 -29.59 -30.55
CA HIS E 70 1.64 -28.21 -30.80
C HIS E 70 2.46 -27.59 -31.92
N ARG E 71 3.72 -27.99 -32.07
CA ARG E 71 4.49 -27.54 -33.22
C ARG E 71 3.96 -28.11 -34.53
N LEU E 72 3.58 -29.40 -34.52
CA LEU E 72 3.07 -30.04 -35.72
C LEU E 72 1.70 -29.48 -36.11
N GLY E 73 0.90 -29.06 -35.14
CA GLY E 73 -0.39 -28.48 -35.44
C GLY E 73 -0.36 -27.19 -36.22
N LEU E 74 0.74 -26.44 -36.16
CA LEU E 74 0.82 -25.11 -36.74
C LEU E 74 1.58 -25.05 -38.05
N ILE E 75 1.99 -26.18 -38.62
CA ILE E 75 2.65 -26.17 -39.93
C ILE E 75 1.59 -26.09 -41.02
N PRO E 76 1.67 -25.12 -41.92
CA PRO E 76 0.66 -25.01 -42.97
C PRO E 76 0.80 -26.07 -44.06
N LEU E 77 -0.32 -26.72 -44.36
CA LEU E 77 -0.43 -27.72 -45.41
C LEU E 77 -1.11 -27.10 -46.62
N THR E 78 -0.97 -27.76 -47.77
CA THR E 78 -1.64 -27.29 -48.98
C THR E 78 -3.10 -27.71 -48.93
N SER E 79 -4.00 -26.73 -48.94
CA SER E 79 -5.42 -27.00 -48.77
C SER E 79 -6.21 -26.32 -49.87
N GLU E 80 -6.31 -26.98 -51.02
CA GLU E 80 -7.25 -26.61 -52.07
C GLU E 80 -8.46 -27.52 -52.07
N ARG E 81 -8.38 -28.65 -51.39
CA ARG E 81 -9.47 -29.60 -51.28
C ARG E 81 -10.43 -29.26 -50.15
N ALA E 82 -10.12 -28.25 -49.34
CA ALA E 82 -10.82 -28.07 -48.07
C ALA E 82 -12.25 -27.59 -48.24
N MET E 83 -12.56 -26.92 -49.34
CA MET E 83 -13.95 -26.58 -49.59
C MET E 83 -14.78 -27.77 -50.04
N SER E 84 -14.15 -28.83 -50.54
CA SER E 84 -14.87 -29.98 -51.08
C SER E 84 -14.91 -31.16 -50.13
N MET E 85 -14.05 -31.21 -49.13
CA MET E 85 -14.14 -32.28 -48.17
C MET E 85 -15.05 -31.87 -47.02
N ARG E 86 -15.39 -32.82 -46.17
CA ARG E 86 -16.36 -32.60 -45.12
C ARG E 86 -15.69 -32.67 -43.75
N PHE E 87 -16.35 -32.08 -42.76
CA PHE E 87 -15.86 -32.14 -41.40
C PHE E 87 -15.95 -33.57 -40.86
N SER E 88 -15.16 -33.86 -39.84
CA SER E 88 -15.16 -35.21 -39.30
C SER E 88 -16.37 -35.49 -38.43
N ARG E 89 -17.10 -34.46 -38.01
CA ARG E 89 -18.36 -34.69 -37.31
C ARG E 89 -19.47 -35.13 -38.25
N ASP E 90 -19.30 -34.91 -39.55
CA ASP E 90 -20.33 -35.19 -40.53
C ASP E 90 -20.05 -36.45 -41.35
N CYS E 91 -18.83 -36.97 -41.33
CA CYS E 91 -18.49 -38.12 -42.16
C CYS E 91 -18.98 -39.41 -41.52
N ASP E 92 -19.74 -40.18 -42.28
CA ASP E 92 -20.20 -41.49 -41.84
C ASP E 92 -19.47 -42.63 -42.53
N ALA E 93 -18.57 -42.35 -43.46
CA ALA E 93 -17.86 -43.37 -44.21
C ALA E 93 -16.62 -43.91 -43.50
N CYS E 94 -16.46 -43.62 -42.21
CA CYS E 94 -15.25 -44.01 -41.48
C CYS E 94 -15.52 -43.94 -39.99
N ASP E 95 -14.44 -44.04 -39.22
CA ASP E 95 -14.45 -43.88 -37.77
C ASP E 95 -13.42 -42.85 -37.33
N GLY E 96 -12.97 -41.98 -38.23
CA GLY E 96 -11.72 -41.31 -38.01
C GLY E 96 -10.61 -42.34 -38.08
N ASP E 97 -9.57 -42.12 -37.27
CA ASP E 97 -8.61 -43.16 -36.85
C ASP E 97 -7.77 -43.70 -38.01
N GLY E 98 -7.69 -42.97 -39.11
CA GLY E 98 -6.89 -43.43 -40.23
C GLY E 98 -7.11 -42.57 -41.44
N GLN E 99 -6.55 -43.02 -42.56
CA GLN E 99 -6.76 -42.34 -43.82
C GLN E 99 -8.14 -42.67 -44.37
N CYS E 100 -8.86 -41.63 -44.79
CA CYS E 100 -10.20 -41.77 -45.35
C CYS E 100 -10.50 -40.51 -46.13
N GLU E 101 -10.87 -40.65 -47.40
CA GLU E 101 -11.15 -39.47 -48.20
C GLU E 101 -12.44 -38.81 -47.75
N PHE E 102 -12.54 -37.52 -48.08
CA PHE E 102 -13.50 -36.51 -47.64
C PHE E 102 -13.33 -36.07 -46.19
N CYS E 103 -12.51 -36.75 -45.38
CA CYS E 103 -12.40 -36.29 -44.00
C CYS E 103 -11.03 -36.36 -43.35
N SER E 104 -10.05 -37.07 -43.91
CA SER E 104 -8.83 -37.34 -43.14
C SER E 104 -7.65 -37.60 -44.07
N VAL E 105 -6.46 -37.16 -43.63
CA VAL E 105 -5.20 -37.44 -44.31
C VAL E 105 -4.23 -37.97 -43.27
N GLU E 106 -3.42 -38.97 -43.66
CA GLU E 106 -2.44 -39.57 -42.76
C GLU E 106 -1.03 -39.13 -43.13
N PHE E 107 -0.24 -38.78 -42.12
CA PHE E 107 1.15 -38.38 -42.25
C PHE E 107 2.01 -39.30 -41.40
N ARG E 108 3.27 -39.47 -41.81
CA ARG E 108 4.20 -40.28 -41.04
C ARG E 108 5.53 -39.55 -40.96
N LEU E 109 6.27 -39.79 -39.88
CA LEU E 109 7.59 -39.21 -39.73
C LEU E 109 8.46 -40.11 -38.88
N SER E 110 9.73 -40.24 -39.27
CA SER E 110 10.66 -41.09 -38.56
C SER E 110 12.07 -40.57 -38.79
N ALA E 111 12.83 -40.38 -37.71
CA ALA E 111 14.17 -39.84 -37.80
C ALA E 111 15.00 -40.34 -36.63
N LYS E 112 16.30 -40.50 -36.86
CA LYS E 112 17.22 -40.99 -35.85
C LYS E 112 18.61 -40.53 -36.22
N CYS E 113 19.34 -39.96 -35.25
CA CYS E 113 20.65 -39.39 -35.52
C CYS E 113 21.74 -40.44 -35.32
N VAL E 114 22.62 -40.56 -36.30
CA VAL E 114 23.71 -41.53 -36.25
C VAL E 114 25.08 -40.89 -36.38
N THR E 115 25.17 -39.67 -36.90
CA THR E 115 26.42 -38.93 -37.02
C THR E 115 26.74 -38.37 -35.63
N ASP E 116 27.90 -37.75 -35.43
CA ASP E 116 28.16 -37.06 -34.18
C ASP E 116 27.87 -35.57 -34.29
N GLN E 117 27.26 -35.14 -35.40
CA GLN E 117 26.71 -33.80 -35.55
C GLN E 117 25.23 -33.81 -35.19
N THR E 118 24.71 -32.64 -34.87
CA THR E 118 23.30 -32.51 -34.51
C THR E 118 22.43 -32.54 -35.76
N LEU E 119 21.47 -33.46 -35.79
CA LEU E 119 20.55 -33.60 -36.91
C LEU E 119 19.31 -32.74 -36.68
N ASP E 120 18.98 -31.89 -37.65
CA ASP E 120 17.72 -31.16 -37.65
C ASP E 120 16.62 -32.03 -38.24
N VAL E 121 15.43 -31.95 -37.65
CA VAL E 121 14.25 -32.62 -38.19
C VAL E 121 13.29 -31.52 -38.61
N THR E 122 13.10 -31.36 -39.91
CA THR E 122 12.30 -30.28 -40.43
C THR E 122 10.93 -30.77 -40.86
N SER E 123 10.17 -29.89 -41.51
CA SER E 123 8.89 -30.22 -42.10
C SER E 123 9.02 -30.82 -43.50
N LYS E 124 10.23 -31.05 -43.96
CA LYS E 124 10.48 -31.76 -45.19
C LYS E 124 10.66 -33.25 -44.95
N ASP E 125 10.48 -33.70 -43.71
CA ASP E 125 10.51 -35.10 -43.37
C ASP E 125 9.13 -35.68 -43.12
N LEU E 126 8.07 -34.89 -43.31
CA LEU E 126 6.71 -35.38 -43.18
C LEU E 126 6.23 -35.88 -44.53
N TYR E 127 5.83 -37.15 -44.58
CA TYR E 127 5.40 -37.78 -45.82
C TYR E 127 3.94 -38.19 -45.68
N SER E 128 3.09 -37.65 -46.54
CA SER E 128 1.68 -37.94 -46.49
C SER E 128 1.35 -39.15 -47.35
N ALA E 129 0.26 -39.81 -47.00
CA ALA E 129 -0.31 -40.88 -47.80
C ALA E 129 -1.28 -40.36 -48.83
N ASP E 130 -1.30 -39.06 -49.06
CA ASP E 130 -2.10 -38.41 -50.10
C ASP E 130 -1.24 -37.35 -50.77
N PRO E 131 -0.98 -37.46 -52.07
CA PRO E 131 -0.08 -36.51 -52.73
C PRO E 131 -0.69 -35.15 -53.02
N THR E 132 -1.94 -34.92 -52.62
CA THR E 132 -2.62 -33.64 -52.80
C THR E 132 -2.38 -32.71 -51.61
N VAL E 133 -2.27 -33.26 -50.40
CA VAL E 133 -2.11 -32.48 -49.19
C VAL E 133 -0.70 -32.72 -48.67
N THR E 134 0.19 -31.78 -48.93
CA THR E 134 1.58 -31.78 -48.49
C THR E 134 1.86 -30.50 -47.71
N PRO E 135 2.96 -30.43 -46.96
CA PRO E 135 3.39 -29.14 -46.42
C PRO E 135 3.71 -28.11 -47.49
N VAL E 136 3.54 -26.84 -47.13
CA VAL E 136 3.73 -25.74 -48.08
C VAL E 136 5.22 -25.50 -48.29
N ASP E 137 5.61 -25.31 -49.54
CA ASP E 137 6.98 -24.97 -49.89
C ASP E 137 7.18 -23.47 -49.82
N PHE E 138 8.20 -23.04 -49.09
CA PHE E 138 8.57 -21.63 -49.02
C PHE E 138 9.83 -21.36 -49.84
N GLN E 149 14.12 -22.54 -48.74
CA GLN E 149 14.87 -22.64 -47.49
C GLN E 149 15.11 -24.09 -47.12
N ARG E 150 15.21 -24.34 -45.82
CA ARG E 150 15.41 -25.68 -45.28
C ARG E 150 14.13 -26.35 -44.84
N GLY E 151 13.07 -25.58 -44.56
CA GLY E 151 11.89 -26.11 -43.93
C GLY E 151 11.83 -25.73 -42.46
N ILE E 152 10.62 -25.83 -41.91
CA ILE E 152 10.36 -25.38 -40.54
C ILE E 152 10.89 -26.41 -39.56
N ILE E 153 11.68 -25.94 -38.59
CA ILE E 153 12.32 -26.82 -37.62
C ILE E 153 11.28 -27.42 -36.66
N ILE E 154 11.44 -28.70 -36.36
CA ILE E 154 10.60 -29.41 -35.41
C ILE E 154 11.37 -29.76 -34.14
N VAL E 155 12.51 -30.42 -34.29
CA VAL E 155 13.31 -30.89 -33.16
C VAL E 155 14.73 -31.09 -33.67
N LYS E 156 15.68 -31.20 -32.74
CA LYS E 156 17.07 -31.51 -33.05
C LYS E 156 17.52 -32.70 -32.21
N LEU E 157 18.29 -33.60 -32.82
CA LEU E 157 18.80 -34.78 -32.14
C LEU E 157 20.32 -34.79 -32.16
N ARG E 158 20.95 -35.50 -31.22
CA ARG E 158 22.40 -35.44 -31.10
C ARG E 158 23.09 -36.74 -31.52
N ARG E 159 22.76 -37.89 -30.92
CA ARG E 159 23.19 -39.22 -31.35
C ARG E 159 22.41 -40.26 -30.58
N GLY E 160 21.81 -41.21 -31.27
CA GLY E 160 21.07 -42.26 -30.60
C GLY E 160 19.70 -41.85 -30.11
N GLN E 161 19.26 -40.63 -30.38
CA GLN E 161 17.90 -40.22 -30.12
C GLN E 161 17.04 -40.44 -31.36
N GLU E 162 15.72 -40.45 -31.17
CA GLU E 162 14.84 -40.90 -32.24
C GLU E 162 13.46 -40.28 -32.07
N LEU E 163 12.84 -39.92 -33.19
CA LEU E 163 11.44 -39.49 -33.23
C LEU E 163 10.69 -40.33 -34.26
N LYS E 164 9.52 -40.83 -33.88
CA LYS E 164 8.75 -41.69 -34.79
C LYS E 164 7.27 -41.54 -34.47
N LEU E 165 6.49 -41.10 -35.46
CA LEU E 165 5.10 -40.77 -35.18
C LEU E 165 4.25 -40.87 -36.44
N ARG E 166 2.94 -40.74 -36.22
CA ARG E 166 1.91 -40.80 -37.25
C ARG E 166 0.87 -39.75 -36.92
N ALA E 167 0.47 -38.96 -37.91
CA ALA E 167 -0.44 -37.84 -37.69
C ALA E 167 -1.69 -37.97 -38.56
N ILE E 168 -2.77 -37.34 -38.09
CA ILE E 168 -4.05 -37.28 -38.80
C ILE E 168 -4.42 -35.82 -38.97
N ALA E 169 -4.48 -35.37 -40.22
CA ALA E 169 -4.80 -34.01 -40.59
C ALA E 169 -6.24 -33.93 -41.09
N ARG E 170 -6.99 -32.98 -40.54
CA ARG E 170 -8.41 -32.80 -40.81
C ARG E 170 -8.71 -31.38 -41.23
N LYS E 171 -9.99 -31.10 -41.39
CA LYS E 171 -10.51 -29.83 -41.87
C LYS E 171 -11.14 -29.08 -40.71
N GLY E 172 -10.94 -27.77 -40.68
CA GLY E 172 -11.55 -26.95 -39.64
C GLY E 172 -11.41 -25.49 -40.00
N ILE E 173 -11.89 -24.66 -39.08
CA ILE E 173 -11.92 -23.22 -39.29
C ILE E 173 -11.19 -22.52 -38.14
N GLY E 174 -10.79 -21.27 -38.38
CA GLY E 174 -10.04 -20.47 -37.45
C GLY E 174 -10.78 -20.06 -36.20
N LYS E 175 -12.11 -20.12 -36.21
CA LYS E 175 -12.91 -19.88 -35.03
C LYS E 175 -12.73 -20.97 -33.98
N ASP E 176 -12.26 -22.14 -34.40
CA ASP E 176 -12.08 -23.29 -33.51
C ASP E 176 -10.68 -23.31 -32.91
N HIS E 177 -9.67 -23.11 -33.73
CA HIS E 177 -8.29 -22.99 -33.29
C HIS E 177 -7.59 -22.15 -34.34
N ALA E 178 -6.61 -21.38 -33.93
CA ALA E 178 -5.91 -20.48 -34.82
C ALA E 178 -4.98 -21.20 -35.79
N LYS E 179 -4.77 -22.50 -35.64
CA LYS E 179 -3.99 -23.26 -36.60
C LYS E 179 -4.70 -23.47 -37.92
N TRP E 180 -6.03 -23.29 -37.96
CA TRP E 180 -6.81 -23.45 -39.17
C TRP E 180 -7.08 -22.12 -39.86
N SER E 181 -6.48 -21.07 -39.43
CA SER E 181 -6.73 -19.79 -40.08
C SER E 181 -5.80 -19.62 -41.28
N PRO E 182 -6.32 -19.25 -42.44
CA PRO E 182 -5.46 -19.05 -43.62
C PRO E 182 -4.84 -17.67 -43.75
N ALA E 183 -5.16 -16.75 -42.82
CA ALA E 183 -4.69 -15.36 -43.00
C ALA E 183 -3.67 -14.98 -41.94
N ALA E 184 -2.43 -14.69 -42.35
CA ALA E 184 -1.42 -14.19 -41.40
C ALA E 184 -1.79 -12.75 -41.01
N THR E 185 -2.61 -12.10 -41.83
CA THR E 185 -3.05 -10.71 -41.55
C THR E 185 -3.93 -10.17 -42.69
N VAL E 186 -5.22 -9.94 -42.44
CA VAL E 186 -6.07 -9.31 -43.45
C VAL E 186 -6.61 -8.05 -42.80
N THR E 187 -6.52 -6.94 -43.51
CA THR E 187 -6.93 -5.66 -42.96
C THR E 187 -7.41 -4.76 -44.08
N PHE E 188 -8.13 -3.71 -43.71
CA PHE E 188 -8.50 -2.65 -44.64
C PHE E 188 -8.24 -1.32 -43.97
N MET E 189 -8.41 -0.24 -44.72
CA MET E 189 -8.30 1.11 -44.18
C MET E 189 -9.20 2.03 -44.99
N TYR E 190 -9.68 3.07 -44.34
CA TYR E 190 -10.51 4.05 -45.02
C TYR E 190 -9.64 4.87 -45.97
N GLU E 191 -10.22 5.25 -47.08
CA GLU E 191 -9.51 6.10 -48.01
C GLU E 191 -9.70 7.57 -47.63
N PRO E 192 -8.64 8.35 -47.54
CA PRO E 192 -8.78 9.73 -47.04
C PRO E 192 -9.01 10.78 -48.11
N ASP E 193 -9.64 11.86 -47.67
CA ASP E 193 -9.89 13.04 -48.47
C ASP E 193 -9.24 14.22 -47.76
N ILE E 194 -8.25 14.84 -48.41
CA ILE E 194 -7.47 15.91 -47.82
C ILE E 194 -7.72 17.17 -48.62
N ILE E 195 -8.13 18.25 -47.96
CA ILE E 195 -8.19 19.57 -48.57
C ILE E 195 -7.23 20.49 -47.84
N ILE E 196 -6.51 21.30 -48.60
CA ILE E 196 -5.64 22.34 -48.06
C ILE E 196 -6.12 23.68 -48.62
N ASN E 197 -6.45 24.60 -47.73
CA ASN E 197 -6.94 25.92 -48.15
C ASN E 197 -5.75 26.75 -48.61
N GLU E 198 -5.63 26.94 -49.93
CA GLU E 198 -4.45 27.61 -50.46
C GLU E 198 -4.49 29.11 -50.19
N ASP E 199 -5.67 29.67 -49.92
CA ASP E 199 -5.76 31.08 -49.57
C ASP E 199 -5.19 31.37 -48.19
N MET E 200 -5.12 30.37 -47.32
CA MET E 200 -4.41 30.47 -46.05
C MET E 200 -3.03 29.85 -46.09
N MET E 201 -2.67 29.18 -47.19
CA MET E 201 -1.35 28.58 -47.32
C MET E 201 -0.31 29.62 -47.73
N ASP E 202 -0.73 30.65 -48.45
CA ASP E 202 0.16 31.75 -48.85
C ASP E 202 0.61 32.60 -47.67
N THR E 203 -0.14 32.58 -46.56
CA THR E 203 0.16 33.40 -45.39
C THR E 203 1.41 32.91 -44.64
N LEU E 204 1.92 31.73 -44.96
CA LEU E 204 3.01 31.11 -44.22
C LEU E 204 4.33 31.23 -44.98
N THR E 205 5.34 31.72 -44.29
CA THR E 205 6.70 31.68 -44.81
C THR E 205 7.21 30.24 -44.83
N ASP E 206 8.22 29.99 -45.66
CA ASP E 206 8.50 28.62 -46.07
C ASP E 206 9.20 27.82 -44.98
N ASP E 207 9.89 28.49 -44.05
CA ASP E 207 10.42 27.77 -42.91
C ASP E 207 9.31 27.36 -41.95
N GLU E 208 8.24 28.14 -41.88
CA GLU E 208 7.05 27.71 -41.16
C GLU E 208 6.34 26.58 -41.90
N LYS E 209 6.47 26.54 -43.23
CA LYS E 209 5.93 25.42 -43.99
C LYS E 209 6.71 24.15 -43.73
N ILE E 210 8.04 24.26 -43.62
CA ILE E 210 8.88 23.11 -43.27
C ILE E 210 8.58 22.66 -41.85
N ASP E 211 8.31 23.61 -40.96
CA ASP E 211 7.93 23.30 -39.59
C ASP E 211 6.58 22.59 -39.54
N LEU E 212 5.67 22.94 -40.45
CA LEU E 212 4.39 22.23 -40.54
C LEU E 212 4.55 20.82 -41.10
N ILE E 213 5.33 20.67 -42.17
CA ILE E 213 5.50 19.37 -42.83
C ILE E 213 6.28 18.41 -41.94
N GLU E 214 7.21 18.91 -41.14
CA GLU E 214 8.00 18.06 -40.25
C GLU E 214 7.19 17.49 -39.09
N SER E 215 5.97 17.97 -38.88
CA SER E 215 5.11 17.37 -37.87
C SER E 215 4.45 16.08 -38.33
N SER E 216 4.43 15.81 -39.63
CA SER E 216 3.74 14.58 -40.03
C SER E 216 4.66 13.39 -39.85
N PRO E 217 4.15 12.29 -39.28
CA PRO E 217 4.99 11.11 -39.08
C PRO E 217 5.37 10.40 -40.37
N THR E 218 4.44 10.27 -41.31
CA THR E 218 4.74 9.63 -42.57
C THR E 218 4.82 10.65 -43.70
N LYS E 219 5.06 10.15 -44.92
CA LYS E 219 5.37 11.00 -46.07
C LYS E 219 4.10 11.23 -46.88
N VAL E 220 3.26 12.13 -46.38
CA VAL E 220 2.03 12.51 -47.04
C VAL E 220 2.14 13.86 -47.74
N PHE E 221 2.77 14.84 -47.11
CA PHE E 221 3.00 16.14 -47.71
C PHE E 221 4.46 16.25 -48.08
N ASP E 222 4.76 17.17 -49.00
CA ASP E 222 6.15 17.49 -49.30
C ASP E 222 6.23 18.91 -49.83
N PHE E 223 7.45 19.39 -49.96
CA PHE E 223 7.73 20.78 -50.27
C PHE E 223 8.42 20.89 -51.63
N ASP E 224 7.76 21.57 -52.57
CA ASP E 224 8.37 21.81 -53.88
C ASP E 224 8.77 23.28 -53.99
N ALA E 225 10.06 23.52 -53.76
CA ALA E 225 10.64 24.86 -53.85
C ALA E 225 10.78 25.35 -55.28
N VAL E 226 10.57 24.46 -56.26
CA VAL E 226 10.52 24.85 -57.66
C VAL E 226 9.35 25.79 -57.94
N THR E 227 8.31 25.78 -57.09
CA THR E 227 7.29 26.80 -57.07
C THR E 227 7.17 27.47 -55.71
N ARG E 228 8.03 27.06 -54.74
CA ARG E 228 8.01 27.53 -53.34
C ARG E 228 6.65 27.26 -52.69
N GLN E 229 6.23 26.01 -52.71
CA GLN E 229 4.91 25.66 -52.19
C GLN E 229 4.97 24.26 -51.57
N VAL E 230 3.78 23.76 -51.20
CA VAL E 230 3.61 22.44 -50.61
C VAL E 230 2.62 21.66 -51.48
N VAL E 231 2.76 20.34 -51.49
CA VAL E 231 1.92 19.48 -52.33
C VAL E 231 1.57 18.17 -51.62
N VAL E 232 0.31 17.75 -51.76
CA VAL E 232 -0.09 16.44 -51.25
C VAL E 232 0.19 15.30 -52.24
N VAL E 233 1.22 14.52 -51.93
CA VAL E 233 1.70 13.42 -52.76
C VAL E 233 1.65 12.13 -51.97
N ASP E 234 1.05 11.08 -52.56
CA ASP E 234 0.64 9.85 -51.89
C ASP E 234 -0.27 10.21 -50.72
N PRO E 235 -1.53 10.55 -50.95
CA PRO E 235 -2.46 10.71 -49.82
C PRO E 235 -3.07 9.38 -49.40
N GLU E 236 -2.27 8.34 -49.27
CA GLU E 236 -2.70 7.10 -48.65
C GLU E 236 -1.68 6.62 -47.63
N ALA E 237 -0.62 7.37 -47.40
CA ALA E 237 0.29 7.14 -46.31
C ALA E 237 -0.19 7.79 -45.02
N TYR E 238 -1.36 8.40 -45.04
CA TYR E 238 -1.95 9.00 -43.87
C TYR E 238 -2.48 7.93 -42.92
N THR E 239 -2.28 8.16 -41.63
CA THR E 239 -2.64 7.18 -40.62
C THR E 239 -3.68 7.69 -39.64
N TYR E 240 -4.30 8.84 -39.92
CA TYR E 240 -5.43 9.40 -39.18
C TYR E 240 -5.08 9.75 -37.73
N ASP E 241 -3.82 10.03 -37.46
CA ASP E 241 -3.50 10.75 -36.24
C ASP E 241 -3.65 12.25 -36.51
N GLU E 242 -3.76 13.02 -35.45
CA GLU E 242 -4.15 14.41 -35.58
C GLU E 242 -2.95 15.36 -35.55
N GLU E 243 -1.77 14.88 -35.94
CA GLU E 243 -0.52 15.58 -35.65
C GLU E 243 -0.38 16.86 -36.45
N VAL E 244 -0.67 16.82 -37.75
CA VAL E 244 -0.58 18.02 -38.56
C VAL E 244 -1.70 18.98 -38.22
N ILE E 245 -2.87 18.46 -37.87
CA ILE E 245 -3.99 19.32 -37.51
C ILE E 245 -3.75 19.97 -36.16
N LYS E 246 -3.19 19.21 -35.20
CA LYS E 246 -2.82 19.81 -33.93
C LYS E 246 -1.66 20.79 -34.07
N LYS E 247 -0.80 20.60 -35.07
CA LYS E 247 0.25 21.58 -35.32
C LYS E 247 -0.32 22.87 -35.87
N ALA E 248 -1.28 22.78 -36.81
CA ALA E 248 -1.86 23.99 -37.37
C ALA E 248 -2.79 24.69 -36.38
N GLU E 249 -3.43 23.93 -35.50
CA GLU E 249 -4.19 24.54 -34.41
C GLU E 249 -3.28 25.10 -33.33
N ALA E 250 -2.05 24.61 -33.24
CA ALA E 250 -1.08 25.18 -32.30
C ALA E 250 -0.46 26.46 -32.82
N MET E 251 -0.36 26.61 -34.14
CA MET E 251 0.10 27.88 -34.70
C MET E 251 -1.00 28.92 -34.77
N GLY E 252 -2.23 28.57 -34.42
CA GLY E 252 -3.35 29.47 -34.55
C GLY E 252 -4.03 29.46 -35.91
N LYS E 253 -3.33 29.06 -36.96
CA LYS E 253 -3.86 29.10 -38.33
C LYS E 253 -4.87 27.97 -38.51
N GLN E 254 -6.06 28.19 -37.97
CA GLN E 254 -7.11 27.18 -37.95
C GLN E 254 -7.67 26.96 -39.35
N GLY E 255 -8.02 25.71 -39.65
CA GLY E 255 -8.66 25.40 -40.91
C GLY E 255 -7.75 25.40 -42.10
N LEU E 256 -6.43 25.37 -41.88
CA LEU E 256 -5.50 25.37 -43.00
C LEU E 256 -5.59 24.07 -43.79
N ILE E 257 -5.56 22.93 -43.09
CA ILE E 257 -5.77 21.63 -43.69
C ILE E 257 -7.03 21.03 -43.08
N GLU E 258 -7.54 19.98 -43.74
CA GLU E 258 -8.71 19.27 -43.25
C GLU E 258 -8.74 17.89 -43.89
N ILE E 259 -9.05 16.87 -43.10
CA ILE E 259 -9.06 15.49 -43.56
C ILE E 259 -10.37 14.84 -43.16
N ARG E 260 -11.11 14.35 -44.14
CA ARG E 260 -12.33 13.60 -43.89
C ARG E 260 -12.20 12.23 -44.54
N PRO E 261 -12.61 11.17 -43.86
CA PRO E 261 -12.62 9.85 -44.50
C PRO E 261 -13.63 9.74 -45.62
N LYS E 262 -13.15 9.56 -46.86
CA LYS E 262 -13.99 9.43 -48.03
C LYS E 262 -14.82 8.16 -47.92
N ASP E 263 -16.11 8.33 -47.67
CA ASP E 263 -17.02 7.23 -47.37
C ASP E 263 -17.23 6.31 -48.56
N ASP E 264 -17.48 5.04 -48.24
CA ASP E 264 -17.70 3.95 -49.21
C ASP E 264 -16.51 3.79 -50.15
N SER E 265 -15.30 3.70 -49.59
CA SER E 265 -14.09 3.44 -50.35
C SER E 265 -13.02 2.94 -49.40
N PHE E 266 -12.47 1.75 -49.69
CA PHE E 266 -11.58 1.04 -48.79
C PHE E 266 -10.43 0.44 -49.60
N ILE E 267 -9.35 0.09 -48.91
CA ILE E 267 -8.18 -0.54 -49.52
C ILE E 267 -7.85 -1.79 -48.72
N PHE E 268 -8.08 -2.95 -49.31
CA PHE E 268 -7.82 -4.22 -48.68
C PHE E 268 -6.41 -4.73 -48.98
N THR E 269 -5.80 -5.34 -47.97
CA THR E 269 -4.53 -6.03 -48.08
C THR E 269 -4.71 -7.44 -47.53
N VAL E 270 -4.37 -8.45 -48.34
CA VAL E 270 -4.60 -9.85 -48.01
C VAL E 270 -3.29 -10.60 -48.13
N GLU E 271 -2.86 -11.23 -47.04
CA GLU E 271 -1.72 -12.15 -47.05
C GLU E 271 -2.18 -13.50 -46.54
N SER E 272 -1.72 -14.55 -47.19
CA SER E 272 -2.09 -15.89 -46.80
C SER E 272 -0.86 -16.63 -46.34
N THR E 273 -1.05 -17.66 -45.55
CA THR E 273 0.08 -18.46 -45.09
C THR E 273 0.58 -19.31 -46.23
N GLY E 274 -0.14 -19.32 -47.35
CA GLY E 274 0.25 -20.12 -48.49
C GLY E 274 -0.58 -21.38 -48.65
N ALA E 275 -1.38 -21.72 -47.65
CA ALA E 275 -2.23 -22.89 -47.74
C ALA E 275 -3.17 -22.71 -48.90
N VAL E 276 -3.63 -21.48 -49.11
CA VAL E 276 -4.48 -21.19 -50.25
C VAL E 276 -4.02 -19.88 -50.83
N LYS E 277 -4.29 -19.67 -52.12
CA LYS E 277 -3.85 -18.44 -52.78
C LYS E 277 -4.65 -17.23 -52.30
N ALA E 278 -4.12 -16.05 -52.60
CA ALA E 278 -4.71 -14.83 -52.07
C ALA E 278 -5.96 -14.40 -52.84
N SER E 279 -6.16 -14.90 -54.06
CA SER E 279 -7.42 -14.66 -54.73
C SER E 279 -8.46 -15.67 -54.30
N GLN E 280 -8.02 -16.90 -54.06
CA GLN E 280 -8.92 -17.97 -53.64
C GLN E 280 -9.47 -17.73 -52.25
N LEU E 281 -8.73 -17.02 -51.40
CA LEU E 281 -9.22 -16.68 -50.06
C LEU E 281 -10.39 -15.71 -50.14
N VAL E 282 -10.31 -14.71 -51.02
CA VAL E 282 -11.38 -13.75 -51.22
C VAL E 282 -12.60 -14.43 -51.85
N LEU E 283 -12.35 -15.31 -52.82
CA LEU E 283 -13.47 -15.99 -53.49
C LEU E 283 -14.18 -16.96 -52.56
N ASN E 284 -13.43 -17.66 -51.71
CA ASN E 284 -14.06 -18.57 -50.77
C ASN E 284 -14.79 -17.81 -49.67
N ALA E 285 -14.31 -16.61 -49.32
CA ALA E 285 -15.05 -15.76 -48.38
C ALA E 285 -16.40 -15.35 -48.96
N ILE E 286 -16.42 -14.97 -50.23
CA ILE E 286 -17.68 -14.58 -50.88
C ILE E 286 -18.63 -15.77 -50.97
N ASP E 287 -18.11 -16.96 -51.27
CA ASP E 287 -18.96 -18.15 -51.34
C ASP E 287 -19.55 -18.54 -49.98
N LEU E 288 -18.73 -18.49 -48.92
CA LEU E 288 -19.25 -18.84 -47.60
C LEU E 288 -20.23 -17.81 -47.07
N LEU E 289 -20.03 -16.54 -47.42
CA LEU E 289 -20.96 -15.52 -46.96
C LEU E 289 -22.29 -15.64 -47.69
N LYS E 290 -22.27 -16.05 -48.96
CA LYS E 290 -23.50 -16.42 -49.66
C LYS E 290 -24.17 -17.63 -49.01
N GLN E 291 -23.39 -18.63 -48.66
CA GLN E 291 -23.94 -19.85 -48.09
C GLN E 291 -24.58 -19.65 -46.72
N LYS E 292 -24.11 -18.67 -45.95
CA LYS E 292 -24.80 -18.41 -44.69
C LYS E 292 -25.87 -17.33 -44.81
N LEU E 293 -25.88 -16.54 -45.89
CA LEU E 293 -27.07 -15.76 -46.17
C LEU E 293 -28.21 -16.63 -46.64
N ASP E 294 -27.92 -17.76 -47.28
CA ASP E 294 -28.97 -18.61 -47.81
C ASP E 294 -29.62 -19.46 -46.72
N ALA E 295 -28.86 -19.88 -45.72
CA ALA E 295 -29.39 -20.74 -44.68
C ALA E 295 -30.14 -20.00 -43.60
N VAL E 296 -30.23 -18.67 -43.67
CA VAL E 296 -30.88 -17.89 -42.63
C VAL E 296 -32.30 -17.50 -43.03
N ARG E 297 -32.60 -17.71 -44.31
CA ARG E 297 -33.88 -17.21 -44.91
C ARG E 297 -35.12 -17.59 -44.12
N LEU E 298 -36.23 -16.91 -44.48
CA LEU E 298 -37.58 -17.26 -43.96
C LEU E 298 -38.35 -18.02 -45.06
N SER E 299 -39.02 -19.11 -44.67
CA SER E 299 -39.74 -20.00 -45.58
C SER E 299 -41.08 -19.40 -45.97
N ASP E 300 -41.90 -19.05 -44.97
CA ASP E 300 -43.18 -18.33 -45.11
C ASP E 300 -44.19 -19.03 -46.03
N PRO F 58 -55.05 -4.36 18.49
CA PRO F 58 -54.34 -4.25 19.77
C PRO F 58 -53.39 -3.06 19.76
N ARG F 59 -53.36 -2.27 20.83
CA ARG F 59 -52.67 -0.99 20.79
C ARG F 59 -51.23 -1.15 21.27
N LYS F 60 -50.54 0.00 21.35
CA LYS F 60 -49.24 0.24 21.99
C LYS F 60 -48.05 -0.34 21.23
N THR F 61 -48.26 -1.06 20.13
CA THR F 61 -47.17 -1.56 19.30
C THR F 61 -47.42 -1.16 17.85
N SER F 62 -46.46 -1.50 16.99
CA SER F 62 -46.50 -1.07 15.60
C SER F 62 -47.53 -1.85 14.81
N LYS F 63 -48.25 -1.16 13.93
CA LYS F 63 -49.20 -1.79 13.04
C LYS F 63 -48.56 -2.30 11.76
N PHE F 64 -47.24 -2.29 11.69
CA PHE F 64 -46.49 -2.89 10.60
C PHE F 64 -45.86 -4.19 11.06
N MET F 65 -45.63 -5.08 10.11
CA MET F 65 -44.95 -6.33 10.38
C MET F 65 -43.46 -6.16 10.13
N THR F 66 -42.65 -6.69 11.03
CA THR F 66 -41.20 -6.54 10.90
C THR F 66 -40.63 -7.66 10.04
N LYS F 67 -39.36 -7.51 9.69
CA LYS F 67 -38.69 -8.49 8.84
C LYS F 67 -38.46 -9.81 9.58
N TYR F 68 -38.30 -9.76 10.90
CA TYR F 68 -38.03 -10.96 11.65
C TYR F 68 -39.29 -11.78 11.85
N GLU F 69 -40.45 -11.14 11.84
CA GLU F 69 -41.70 -11.89 11.87
C GLU F 69 -42.04 -12.44 10.50
N ARG F 70 -41.74 -11.67 9.45
CA ARG F 70 -41.99 -12.09 8.08
C ARG F 70 -41.16 -13.33 7.73
N ALA F 71 -39.89 -13.35 8.14
CA ALA F 71 -39.03 -14.49 7.84
C ALA F 71 -39.51 -15.75 8.54
N ARG F 72 -39.91 -15.66 9.81
CA ARG F 72 -40.31 -16.87 10.53
C ARG F 72 -41.69 -17.35 10.10
N ILE F 73 -42.58 -16.42 9.71
CA ILE F 73 -43.88 -16.80 9.20
C ILE F 73 -43.75 -17.55 7.88
N LEU F 74 -42.92 -17.02 6.96
CA LEU F 74 -42.70 -17.72 5.70
C LEU F 74 -41.98 -19.05 5.90
N GLY F 75 -41.06 -19.13 6.87
CA GLY F 75 -40.37 -20.38 7.12
C GLY F 75 -41.28 -21.48 7.64
N THR F 76 -42.10 -21.15 8.64
CA THR F 76 -43.02 -22.16 9.18
C THR F 76 -44.12 -22.50 8.20
N ARG F 77 -44.54 -21.55 7.37
CA ARG F 77 -45.56 -21.86 6.35
C ARG F 77 -45.01 -22.81 5.29
N ALA F 78 -43.79 -22.58 4.81
CA ALA F 78 -43.19 -23.47 3.82
C ALA F 78 -42.88 -24.84 4.42
N LEU F 79 -42.49 -24.89 5.70
CA LEU F 79 -42.30 -26.18 6.36
C LEU F 79 -43.62 -26.92 6.51
N GLN F 80 -44.72 -26.20 6.73
CA GLN F 80 -46.03 -26.83 6.79
C GLN F 80 -46.44 -27.39 5.44
N ILE F 81 -46.23 -26.63 4.38
CA ILE F 81 -46.62 -27.05 3.03
C ILE F 81 -45.80 -28.27 2.60
N SER F 82 -44.52 -28.33 2.99
CA SER F 82 -43.71 -29.51 2.71
C SER F 82 -44.20 -30.77 3.43
N MET F 83 -45.02 -30.62 4.47
CA MET F 83 -45.55 -31.75 5.24
C MET F 83 -46.98 -32.09 4.83
N ASN F 84 -47.30 -31.97 3.53
CA ASN F 84 -48.60 -32.33 2.96
C ASN F 84 -49.77 -31.56 3.59
N ALA F 85 -49.56 -30.29 3.90
CA ALA F 85 -50.69 -29.50 4.38
C ALA F 85 -51.47 -28.94 3.19
N PRO F 86 -52.79 -28.81 3.32
CA PRO F 86 -53.59 -28.24 2.24
C PRO F 86 -53.28 -26.77 2.01
N VAL F 87 -53.23 -26.38 0.75
CA VAL F 87 -52.90 -25.02 0.38
C VAL F 87 -54.18 -24.19 0.36
N MET F 88 -54.16 -23.06 1.07
CA MET F 88 -55.34 -22.21 1.24
C MET F 88 -55.68 -21.40 0.00
N VAL F 89 -54.85 -21.42 -1.04
CA VAL F 89 -55.09 -20.69 -2.28
C VAL F 89 -54.85 -21.62 -3.46
N GLU F 90 -54.97 -21.05 -4.65
CA GLU F 90 -54.80 -21.77 -5.89
C GLU F 90 -53.36 -21.68 -6.39
N LEU F 91 -52.99 -22.61 -7.26
CA LEU F 91 -51.64 -22.70 -7.79
C LEU F 91 -51.65 -22.31 -9.28
N GLU F 92 -50.89 -21.28 -9.62
CA GLU F 92 -50.71 -20.88 -11.01
C GLU F 92 -49.44 -21.51 -11.59
N GLY F 93 -49.34 -22.83 -11.42
CA GLY F 93 -48.19 -23.59 -11.86
C GLY F 93 -46.90 -23.25 -11.15
N GLU F 94 -46.84 -23.48 -9.84
CA GLU F 94 -45.65 -23.24 -9.06
C GLU F 94 -45.32 -24.47 -8.23
N THR F 95 -44.02 -24.70 -8.01
CA THR F 95 -43.54 -25.91 -7.37
C THR F 95 -42.79 -25.65 -6.07
N ASP F 96 -42.04 -24.54 -5.99
CA ASP F 96 -41.31 -24.14 -4.79
C ASP F 96 -42.27 -23.83 -3.65
N PRO F 97 -42.07 -24.42 -2.46
CA PRO F 97 -43.01 -24.14 -1.36
C PRO F 97 -42.90 -22.73 -0.81
N LEU F 98 -41.70 -22.14 -0.88
CA LEU F 98 -41.52 -20.78 -0.38
C LEU F 98 -42.28 -19.77 -1.23
N GLU F 99 -42.43 -20.04 -2.53
CA GLU F 99 -43.20 -19.10 -3.34
C GLU F 99 -44.69 -19.27 -3.15
N ILE F 100 -45.13 -20.48 -2.78
CA ILE F 100 -46.53 -20.68 -2.40
C ILE F 100 -46.83 -19.97 -1.09
N ALA F 101 -45.89 -20.02 -0.14
CA ALA F 101 -46.06 -19.29 1.11
C ALA F 101 -46.03 -17.78 0.88
N MET F 102 -45.22 -17.32 -0.08
CA MET F 102 -45.22 -15.90 -0.43
C MET F 102 -46.52 -15.48 -1.07
N LYS F 103 -47.12 -16.33 -1.91
CA LYS F 103 -48.42 -16.00 -2.48
C LYS F 103 -49.53 -16.02 -1.41
N GLU F 104 -49.41 -16.92 -0.44
CA GLU F 104 -50.37 -16.95 0.66
C GLU F 104 -50.27 -15.70 1.53
N LEU F 105 -49.04 -15.22 1.78
CA LEU F 105 -48.90 -13.97 2.52
C LEU F 105 -49.36 -12.78 1.70
N ARG F 106 -49.18 -12.82 0.39
CA ARG F 106 -49.61 -11.71 -0.46
C ARG F 106 -51.12 -11.64 -0.54
N GLN F 107 -51.80 -12.79 -0.50
CA GLN F 107 -53.25 -12.81 -0.54
C GLN F 107 -53.89 -12.88 0.83
N ARG F 108 -53.09 -12.84 1.91
CA ARG F 108 -53.54 -12.76 3.30
C ARG F 108 -54.45 -13.93 3.69
N LYS F 109 -54.16 -15.11 3.16
CA LYS F 109 -54.97 -16.30 3.42
C LYS F 109 -54.30 -17.25 4.40
N ILE F 110 -53.47 -16.75 5.28
CA ILE F 110 -52.61 -17.57 6.13
C ILE F 110 -53.17 -17.56 7.55
N PRO F 111 -53.49 -18.71 8.12
CA PRO F 111 -53.89 -18.74 9.54
C PRO F 111 -52.71 -18.87 10.50
N PHE F 112 -52.42 -17.81 11.25
CA PHE F 112 -51.47 -17.88 12.35
C PHE F 112 -51.82 -16.81 13.35
N THR F 113 -51.26 -16.92 14.55
CA THR F 113 -51.36 -15.88 15.55
C THR F 113 -50.02 -15.69 16.23
N ILE F 114 -49.71 -14.44 16.54
CA ILE F 114 -48.44 -14.07 17.16
C ILE F 114 -48.70 -13.46 18.54
N ARG F 115 -47.65 -13.46 19.36
CA ARG F 115 -47.68 -12.85 20.68
C ARG F 115 -46.42 -12.01 20.84
N ARG F 116 -46.56 -10.70 20.73
CA ARG F 116 -45.43 -9.80 20.93
C ARG F 116 -45.19 -9.65 22.43
N TYR F 117 -44.03 -10.11 22.89
CA TYR F 117 -43.66 -10.06 24.30
C TYR F 117 -43.08 -8.69 24.63
N LEU F 118 -43.67 -8.00 25.59
CA LEU F 118 -43.11 -6.75 26.06
C LEU F 118 -41.98 -7.05 27.06
N PRO F 119 -41.12 -6.07 27.35
CA PRO F 119 -40.03 -6.36 28.31
C PRO F 119 -40.50 -6.60 29.74
N ASP F 120 -41.62 -6.02 30.16
CA ASP F 120 -42.04 -6.12 31.55
C ASP F 120 -42.79 -7.41 31.87
N GLY F 121 -42.77 -8.41 30.99
CA GLY F 121 -43.46 -9.67 31.20
C GLY F 121 -44.75 -9.81 30.43
N SER F 122 -45.42 -8.70 30.11
CA SER F 122 -46.71 -8.70 29.45
C SER F 122 -46.55 -9.11 27.99
N PHE F 123 -47.67 -9.13 27.26
CA PHE F 123 -47.64 -9.47 25.84
C PHE F 123 -48.84 -8.85 25.13
N GLU F 124 -48.87 -9.08 23.82
CA GLU F 124 -49.99 -8.68 22.98
C GLU F 124 -50.26 -9.80 21.99
N GLU F 125 -51.45 -10.39 22.09
CA GLU F 125 -51.91 -11.35 21.09
C GLU F 125 -52.30 -10.60 19.83
N TRP F 126 -52.15 -11.28 18.70
CA TRP F 126 -52.39 -10.66 17.41
C TRP F 126 -52.64 -11.77 16.40
N GLY F 127 -53.44 -11.48 15.38
CA GLY F 127 -53.65 -12.42 14.28
C GLY F 127 -52.97 -11.89 13.01
N VAL F 128 -52.34 -12.80 12.27
CA VAL F 128 -51.37 -12.40 11.24
C VAL F 128 -52.00 -11.67 10.07
N ASP F 129 -53.32 -11.78 9.88
CA ASP F 129 -53.98 -10.96 8.87
C ASP F 129 -54.52 -9.68 9.49
N GLU F 130 -53.68 -8.96 10.23
CA GLU F 130 -54.05 -7.67 10.79
C GLU F 130 -52.92 -6.65 10.71
N LEU F 131 -51.76 -7.02 10.16
CA LEU F 131 -50.61 -6.14 10.04
C LEU F 131 -50.48 -5.62 8.62
N ILE F 132 -49.97 -4.39 8.49
CA ILE F 132 -49.65 -3.86 7.17
C ILE F 132 -48.40 -4.54 6.64
N VAL F 133 -48.55 -5.28 5.54
CA VAL F 133 -47.40 -5.85 4.84
C VAL F 133 -47.39 -5.25 3.46
N GLU F 134 -48.31 -4.33 3.21
CA GLU F 134 -48.51 -3.73 1.90
C GLU F 134 -47.66 -2.47 1.79
N ASP F 135 -46.46 -2.61 1.24
CA ASP F 135 -45.61 -1.46 0.96
C ASP F 135 -44.76 -1.81 -0.25
N SER F 136 -44.94 -1.05 -1.33
CA SER F 136 -44.03 -1.07 -2.47
C SER F 136 -42.85 -0.17 -2.14
N TRP F 137 -42.07 0.18 -3.15
CA TRP F 137 -41.07 1.20 -2.91
C TRP F 137 -41.75 2.52 -2.56
N MET G 1 12.33 -22.97 -26.14
CA MET G 1 13.46 -23.77 -26.57
C MET G 1 13.88 -23.51 -28.01
N ILE G 2 13.00 -23.79 -28.97
CA ILE G 2 13.26 -23.51 -30.37
C ILE G 2 12.40 -22.31 -30.75
N ILE G 3 12.64 -21.77 -31.94
CA ILE G 3 11.87 -20.62 -32.42
C ILE G 3 10.42 -21.06 -32.68
N PRO G 4 9.43 -20.27 -32.31
CA PRO G 4 8.05 -20.68 -32.58
C PRO G 4 7.72 -20.59 -34.06
N VAL G 5 6.78 -21.44 -34.47
CA VAL G 5 6.44 -21.60 -35.88
C VAL G 5 5.84 -20.34 -36.45
N ARG G 6 5.00 -19.66 -35.66
CA ARG G 6 4.30 -18.48 -36.11
C ARG G 6 4.45 -17.38 -35.08
N CYS G 7 4.33 -16.13 -35.55
CA CYS G 7 4.26 -14.99 -34.67
C CYS G 7 3.02 -15.08 -33.79
N PHE G 8 3.14 -14.61 -32.55
CA PHE G 8 2.06 -14.80 -31.59
C PHE G 8 0.85 -13.94 -31.94
N THR G 9 1.07 -12.72 -32.39
CA THR G 9 0.01 -11.74 -32.58
C THR G 9 -0.69 -11.88 -33.92
N CYS G 10 0.05 -12.00 -35.02
CA CYS G 10 -0.54 -12.03 -36.34
C CYS G 10 -0.62 -13.40 -36.97
N GLY G 11 0.34 -14.28 -36.72
CA GLY G 11 0.31 -15.61 -37.28
C GLY G 11 1.13 -15.82 -38.53
N LYS G 12 2.11 -14.98 -38.79
CA LYS G 12 3.00 -15.15 -39.92
C LYS G 12 4.01 -16.25 -39.66
N VAL G 13 4.32 -17.04 -40.67
CA VAL G 13 5.30 -18.11 -40.53
C VAL G 13 6.70 -17.50 -40.39
N ILE G 14 7.35 -17.77 -39.26
CA ILE G 14 8.70 -17.30 -38.96
C ILE G 14 9.64 -18.44 -38.62
N GLY G 15 9.13 -19.67 -38.53
CA GLY G 15 9.89 -20.80 -38.02
C GLY G 15 11.00 -21.30 -38.93
N ASN G 16 11.08 -20.83 -40.16
CA ASN G 16 12.17 -21.16 -41.06
C ASN G 16 13.10 -19.96 -41.29
N LYS G 17 13.23 -19.08 -40.31
CA LYS G 17 13.99 -17.86 -40.47
C LYS G 17 15.04 -17.64 -39.39
N TRP G 18 15.30 -18.63 -38.53
CA TRP G 18 16.22 -18.38 -37.43
C TRP G 18 17.68 -18.44 -37.89
N ASP G 19 18.05 -19.52 -38.58
CA ASP G 19 19.43 -19.70 -39.02
C ASP G 19 19.84 -18.66 -40.04
N THR G 20 18.90 -18.18 -40.85
CA THR G 20 19.17 -17.07 -41.77
C THR G 20 19.47 -15.79 -41.01
N TYR G 21 18.73 -15.55 -39.94
CA TYR G 21 18.94 -14.37 -39.11
C TYR G 21 20.27 -14.44 -38.37
N LEU G 22 20.66 -15.64 -37.91
CA LEU G 22 21.97 -15.81 -37.29
C LEU G 22 23.10 -15.66 -38.30
N ASP G 23 22.90 -16.16 -39.52
CA ASP G 23 23.90 -16.00 -40.58
C ASP G 23 24.07 -14.55 -40.97
N LEU G 24 22.98 -13.77 -40.99
CA LEU G 24 23.11 -12.35 -41.29
C LEU G 24 23.73 -11.58 -40.13
N LEU G 25 23.49 -12.00 -38.89
CA LEU G 25 24.14 -11.37 -37.75
C LEU G 25 25.64 -11.66 -37.74
N GLN G 26 26.01 -12.85 -38.21
CA GLN G 26 27.42 -13.26 -38.23
C GLN G 26 28.23 -12.49 -39.26
N ALA G 27 27.59 -11.95 -40.30
CA ALA G 27 28.26 -11.17 -41.31
C ALA G 27 28.18 -9.67 -41.05
N ASP G 28 28.09 -9.28 -39.77
CA ASP G 28 28.16 -7.89 -39.28
C ASP G 28 27.05 -7.00 -39.87
N TYR G 29 25.82 -7.37 -39.52
CA TYR G 29 24.66 -6.53 -39.75
C TYR G 29 24.14 -6.04 -38.40
N THR G 30 23.42 -4.92 -38.44
CA THR G 30 22.63 -4.57 -37.28
C THR G 30 21.39 -5.45 -37.22
N GLU G 31 20.72 -5.46 -36.07
CA GLU G 31 19.53 -6.27 -35.93
C GLU G 31 18.38 -5.74 -36.79
N GLY G 32 18.27 -4.42 -36.89
CA GLY G 32 17.25 -3.85 -37.75
C GLY G 32 17.47 -4.16 -39.21
N ASP G 33 18.72 -4.13 -39.66
CA ASP G 33 19.02 -4.45 -41.04
C ASP G 33 18.93 -5.93 -41.32
N ALA G 34 19.23 -6.77 -40.33
CA ALA G 34 19.06 -8.20 -40.49
C ALA G 34 17.58 -8.59 -40.54
N LEU G 35 16.70 -7.80 -39.93
CA LEU G 35 15.27 -8.06 -40.07
C LEU G 35 14.67 -7.42 -41.30
N ASP G 36 15.25 -6.33 -41.79
CA ASP G 36 14.76 -5.68 -43.00
C ASP G 36 14.99 -6.56 -44.22
N ALA G 37 16.18 -7.16 -44.31
CA ALA G 37 16.56 -7.99 -45.44
C ALA G 37 15.83 -9.32 -45.47
N ILE G 38 15.15 -9.68 -44.38
CA ILE G 38 14.54 -10.99 -44.25
C ILE G 38 13.01 -10.92 -44.40
N GLY G 39 12.45 -9.72 -44.52
CA GLY G 39 11.07 -9.56 -44.92
C GLY G 39 10.10 -9.18 -43.83
N LEU G 40 10.56 -8.91 -42.61
CA LEU G 40 9.66 -8.65 -41.51
C LEU G 40 9.36 -7.16 -41.41
N VAL G 41 8.07 -6.81 -41.43
CA VAL G 41 7.63 -5.44 -41.57
C VAL G 41 6.89 -4.95 -40.34
N ARG G 42 6.04 -5.78 -39.75
CA ARG G 42 5.33 -5.40 -38.55
C ARG G 42 6.22 -5.59 -37.34
N TYR G 43 6.10 -4.70 -36.35
CA TYR G 43 6.96 -4.79 -35.18
C TYR G 43 6.61 -5.97 -34.30
N CYS G 44 5.40 -6.51 -34.42
CA CYS G 44 5.04 -7.74 -33.73
C CYS G 44 5.86 -8.91 -34.21
N CYS G 45 6.15 -8.96 -35.51
CA CYS G 45 6.95 -10.05 -36.06
C CYS G 45 8.42 -9.86 -35.77
N ARG G 46 8.85 -8.61 -35.68
CA ARG G 46 10.25 -8.34 -35.41
C ARG G 46 10.61 -8.63 -33.95
N ARG G 47 9.68 -8.41 -33.02
CA ARG G 47 10.02 -8.72 -31.64
C ARG G 47 10.03 -10.21 -31.34
N MET G 48 9.52 -11.06 -32.23
CA MET G 48 9.67 -12.49 -32.04
C MET G 48 11.11 -12.93 -32.27
N LEU G 49 11.80 -12.33 -33.24
CA LEU G 49 13.17 -12.70 -33.53
C LEU G 49 14.20 -11.92 -32.74
N MET G 50 13.93 -10.66 -32.40
CA MET G 50 14.87 -9.92 -31.57
C MET G 50 14.94 -10.45 -30.14
N THR G 51 13.91 -11.14 -29.65
CA THR G 51 13.82 -11.46 -28.23
C THR G 51 13.83 -12.96 -27.97
N HIS G 52 14.04 -13.79 -28.99
CA HIS G 52 14.09 -15.23 -28.80
C HIS G 52 15.36 -15.65 -28.08
N VAL G 53 15.22 -16.56 -27.13
CA VAL G 53 16.32 -17.15 -26.37
C VAL G 53 16.42 -18.61 -26.78
N ASP G 54 17.58 -19.02 -27.27
CA ASP G 54 17.75 -20.31 -27.94
C ASP G 54 18.29 -21.33 -26.94
N LEU G 55 17.38 -21.92 -26.15
CA LEU G 55 17.75 -22.81 -25.06
C LEU G 55 17.97 -24.26 -25.49
N ILE G 56 17.79 -24.59 -26.77
CA ILE G 56 17.89 -25.98 -27.20
C ILE G 56 19.34 -26.46 -27.19
N GLU G 57 20.28 -25.54 -27.43
CA GLU G 57 21.69 -25.90 -27.47
C GLU G 57 22.21 -26.27 -26.09
N LYS G 58 21.76 -25.55 -25.06
CA LYS G 58 22.12 -25.89 -23.69
C LYS G 58 21.44 -27.16 -23.24
N LEU G 59 20.23 -27.43 -23.71
CA LEU G 59 19.56 -28.67 -23.38
C LEU G 59 20.21 -29.87 -24.04
N LEU G 60 20.87 -29.68 -25.18
CA LEU G 60 21.46 -30.81 -25.87
C LEU G 60 22.70 -31.35 -25.16
N ASN G 61 23.43 -30.50 -24.44
CA ASN G 61 24.63 -30.94 -23.74
C ASN G 61 24.28 -31.65 -22.44
N TYR G 62 23.46 -31.03 -21.61
CA TYR G 62 23.13 -31.53 -20.28
C TYR G 62 21.99 -32.53 -20.42
N ASN G 63 22.30 -33.81 -20.28
CA ASN G 63 21.28 -34.85 -20.42
C ASN G 63 20.89 -35.46 -19.07
N ARG H 6 -15.19 -32.97 -28.38
CA ARG H 6 -15.99 -32.06 -27.57
C ARG H 6 -16.11 -30.68 -28.22
N TYR H 7 -15.19 -30.37 -29.13
CA TYR H 7 -15.16 -29.08 -29.82
C TYR H 7 -16.09 -29.08 -31.03
N GLU H 8 -17.35 -29.46 -30.82
CA GLU H 8 -18.26 -29.79 -31.90
C GLU H 8 -19.49 -28.90 -31.91
N ARG H 9 -19.77 -28.20 -30.81
CA ARG H 9 -20.93 -27.31 -30.70
C ARG H 9 -20.62 -25.92 -31.25
N PHE H 10 -20.09 -25.86 -32.47
CA PHE H 10 -19.73 -24.58 -33.06
C PHE H 10 -20.82 -24.00 -33.94
N VAL H 11 -21.18 -24.70 -35.01
CA VAL H 11 -22.12 -24.17 -35.97
C VAL H 11 -23.41 -24.98 -36.01
N VAL H 12 -23.35 -26.19 -35.46
CA VAL H 12 -24.53 -27.05 -35.40
C VAL H 12 -25.47 -26.52 -34.30
N PRO H 13 -26.73 -26.27 -34.62
CA PRO H 13 -27.71 -26.01 -33.56
C PRO H 13 -28.25 -27.32 -33.03
N GLU H 14 -29.09 -27.21 -32.01
CA GLU H 14 -29.79 -28.35 -31.45
C GLU H 14 -31.07 -28.54 -32.26
N GLY H 15 -32.04 -29.29 -31.73
CA GLY H 15 -33.31 -29.49 -32.41
C GLY H 15 -34.22 -28.28 -32.57
N THR H 16 -33.73 -27.10 -32.16
CA THR H 16 -34.40 -25.84 -32.43
C THR H 16 -34.34 -25.48 -33.90
N LYS H 17 -35.13 -24.51 -34.28
CA LYS H 17 -35.03 -23.92 -35.60
C LYS H 17 -33.79 -23.04 -35.68
N LYS H 18 -33.29 -22.88 -36.90
CA LYS H 18 -32.20 -21.93 -37.15
C LYS H 18 -32.66 -20.51 -36.90
N VAL H 19 -33.85 -20.16 -37.38
CA VAL H 19 -34.48 -18.87 -37.18
C VAL H 19 -35.85 -19.09 -36.56
N SER H 20 -36.19 -18.30 -35.54
CA SER H 20 -37.50 -18.37 -34.91
C SER H 20 -38.12 -16.99 -34.92
N TYR H 21 -39.35 -16.90 -35.42
CA TYR H 21 -40.08 -15.64 -35.54
C TYR H 21 -40.94 -15.41 -34.32
N GLU H 22 -41.12 -14.15 -33.96
CA GLU H 22 -41.93 -13.80 -32.79
C GLU H 22 -42.44 -12.38 -32.98
N ARG H 23 -43.75 -12.24 -33.13
CA ARG H 23 -44.40 -10.95 -33.40
C ARG H 23 -44.92 -10.36 -32.11
N ASP H 24 -44.32 -9.26 -31.67
CA ASP H 24 -44.61 -8.72 -30.36
C ASP H 24 -45.99 -8.04 -30.32
N THR H 25 -46.49 -7.86 -29.09
CA THR H 25 -47.88 -7.49 -28.86
C THR H 25 -48.09 -6.02 -28.56
N LYS H 26 -47.10 -5.31 -28.06
CA LYS H 26 -47.31 -3.92 -27.65
C LYS H 26 -47.36 -2.98 -28.86
N ILE H 27 -46.45 -3.15 -29.81
CA ILE H 27 -46.38 -2.30 -31.00
C ILE H 27 -46.76 -3.15 -32.21
N ILE H 28 -47.52 -2.57 -33.13
CA ILE H 28 -47.91 -3.28 -34.34
C ILE H 28 -46.88 -3.03 -35.44
N ASN H 29 -46.84 -3.96 -36.40
CA ASN H 29 -45.83 -4.04 -37.47
C ASN H 29 -44.43 -4.04 -36.88
N ALA H 30 -44.18 -5.04 -36.03
CA ALA H 30 -42.93 -5.10 -35.29
C ALA H 30 -42.68 -6.55 -34.90
N ALA H 31 -41.43 -6.99 -35.05
CA ALA H 31 -41.10 -8.38 -34.78
C ALA H 31 -39.63 -8.51 -34.40
N SER H 32 -39.29 -9.68 -33.85
CA SER H 32 -37.93 -9.97 -33.41
C SER H 32 -37.55 -11.39 -33.82
N PHE H 33 -36.64 -11.49 -34.77
CA PHE H 33 -36.15 -12.76 -35.31
C PHE H 33 -34.94 -13.18 -34.49
N THR H 34 -34.98 -14.38 -33.94
CA THR H 34 -33.89 -14.89 -33.12
C THR H 34 -33.10 -15.92 -33.90
N ILE H 35 -31.81 -15.66 -34.13
CA ILE H 35 -30.99 -16.48 -35.01
C ILE H 35 -29.92 -17.19 -34.19
N GLU H 36 -29.88 -18.51 -34.33
CA GLU H 36 -28.93 -19.36 -33.64
C GLU H 36 -27.65 -19.50 -34.45
N ARG H 37 -26.53 -19.61 -33.74
CA ARG H 37 -25.19 -19.81 -34.30
C ARG H 37 -24.77 -18.69 -35.26
N GLU H 38 -25.12 -17.46 -34.94
CA GLU H 38 -24.59 -16.32 -35.67
C GLU H 38 -24.09 -15.28 -34.69
N ASP H 39 -23.44 -14.25 -35.22
CA ASP H 39 -22.76 -13.24 -34.42
C ASP H 39 -22.73 -11.97 -35.25
N HIS H 40 -21.82 -11.05 -34.92
CA HIS H 40 -21.74 -9.74 -35.56
C HIS H 40 -21.68 -9.74 -37.08
N THR H 41 -21.20 -10.83 -37.69
CA THR H 41 -20.99 -10.85 -39.14
C THR H 41 -22.30 -10.77 -39.91
N ILE H 42 -23.25 -11.67 -39.61
CA ILE H 42 -24.54 -11.64 -40.31
C ILE H 42 -25.38 -10.49 -39.79
N GLY H 43 -25.36 -10.24 -38.48
CA GLY H 43 -26.24 -9.26 -37.88
C GLY H 43 -25.94 -7.85 -38.31
N ASN H 44 -24.66 -7.53 -38.50
CA ASN H 44 -24.30 -6.17 -38.87
C ASN H 44 -24.65 -5.84 -40.31
N ILE H 45 -24.45 -6.78 -41.24
CA ILE H 45 -24.81 -6.47 -42.63
C ILE H 45 -26.31 -6.50 -42.82
N VAL H 46 -27.04 -7.37 -42.10
CA VAL H 46 -28.49 -7.36 -42.22
C VAL H 46 -29.06 -6.07 -41.64
N ARG H 47 -28.52 -5.60 -40.52
CA ARG H 47 -28.94 -4.32 -39.95
C ARG H 47 -28.67 -3.16 -40.89
N MET H 48 -27.46 -3.08 -41.45
CA MET H 48 -27.18 -1.94 -42.30
C MET H 48 -27.79 -2.05 -43.70
N GLN H 49 -28.30 -3.22 -44.08
CA GLN H 49 -29.08 -3.34 -45.30
C GLN H 49 -30.55 -3.01 -45.07
N LEU H 50 -31.08 -3.28 -43.87
CA LEU H 50 -32.46 -2.90 -43.55
C LEU H 50 -32.63 -1.39 -43.44
N HIS H 51 -31.58 -0.67 -43.04
CA HIS H 51 -31.66 0.79 -42.97
C HIS H 51 -31.72 1.43 -44.34
N ARG H 52 -31.28 0.71 -45.36
CA ARG H 52 -31.35 1.19 -46.73
C ARG H 52 -32.77 1.13 -47.27
N ASP H 53 -33.60 0.25 -46.70
CA ASP H 53 -35.01 0.13 -47.04
C ASP H 53 -35.79 1.36 -46.60
N GLU H 54 -36.96 1.56 -47.21
CA GLU H 54 -37.74 2.77 -47.01
C GLU H 54 -38.96 2.57 -46.13
N ASN H 55 -39.49 1.36 -46.06
CA ASN H 55 -40.57 1.02 -45.14
C ASN H 55 -40.04 0.34 -43.90
N VAL H 56 -38.86 0.73 -43.44
CA VAL H 56 -38.29 0.22 -42.20
C VAL H 56 -38.02 1.41 -41.31
N LEU H 57 -38.64 1.42 -40.13
CA LEU H 57 -38.45 2.49 -39.17
C LEU H 57 -37.52 2.11 -38.02
N PHE H 58 -37.43 0.83 -37.69
CA PHE H 58 -36.48 0.37 -36.69
C PHE H 58 -35.80 -0.87 -37.21
N ALA H 59 -34.48 -0.91 -37.12
CA ALA H 59 -33.71 -2.12 -37.36
C ALA H 59 -32.55 -2.15 -36.38
N GLY H 60 -32.45 -3.23 -35.62
CA GLY H 60 -31.34 -3.32 -34.71
C GLY H 60 -31.03 -4.72 -34.27
N TYR H 61 -29.77 -5.03 -34.04
CA TYR H 61 -29.39 -6.37 -33.65
C TYR H 61 -28.70 -6.33 -32.29
N GLN H 62 -28.73 -7.46 -31.60
CA GLN H 62 -28.20 -7.53 -30.25
C GLN H 62 -27.80 -8.95 -29.92
N LEU H 63 -26.61 -9.11 -29.39
CA LEU H 63 -26.28 -10.36 -28.71
C LEU H 63 -26.87 -10.32 -27.31
N PRO H 64 -27.61 -11.36 -26.90
CA PRO H 64 -28.10 -11.40 -25.51
C PRO H 64 -27.00 -11.48 -24.48
N HIS H 65 -25.85 -12.06 -24.82
CA HIS H 65 -24.71 -12.13 -23.94
C HIS H 65 -23.51 -12.33 -24.83
N PRO H 66 -22.40 -11.62 -24.62
CA PRO H 66 -21.28 -11.68 -25.56
C PRO H 66 -20.55 -13.00 -25.60
N LEU H 67 -20.82 -13.92 -24.68
CA LEU H 67 -20.26 -15.26 -24.72
C LEU H 67 -21.21 -16.30 -25.31
N LYS H 68 -22.35 -15.88 -25.87
CA LYS H 68 -23.26 -16.77 -26.54
C LYS H 68 -23.18 -16.56 -28.04
N TYR H 69 -23.33 -17.65 -28.79
CA TYR H 69 -23.29 -17.61 -30.24
C TYR H 69 -24.74 -17.58 -30.74
N LYS H 70 -25.34 -16.39 -30.65
CA LYS H 70 -26.76 -16.19 -30.87
C LYS H 70 -27.03 -14.70 -31.00
N ILE H 71 -27.90 -14.30 -31.93
CA ILE H 71 -28.28 -12.90 -32.04
C ILE H 71 -29.81 -12.76 -32.10
N ILE H 72 -30.27 -11.55 -31.83
CA ILE H 72 -31.68 -11.18 -31.93
C ILE H 72 -31.77 -9.93 -32.78
N VAL H 73 -32.63 -9.96 -33.80
CA VAL H 73 -32.78 -8.88 -34.77
C VAL H 73 -34.19 -8.34 -34.68
N ARG H 74 -34.34 -7.05 -34.42
CA ARG H 74 -35.64 -6.43 -34.22
C ARG H 74 -35.94 -5.47 -35.36
N ILE H 75 -37.10 -5.65 -36.00
CA ILE H 75 -37.54 -4.83 -37.12
C ILE H 75 -38.90 -4.23 -36.79
N HIS H 76 -39.06 -2.93 -37.00
CA HIS H 76 -40.36 -2.28 -37.00
C HIS H 76 -40.56 -1.59 -38.35
N THR H 77 -41.64 -1.92 -39.03
CA THR H 77 -41.94 -1.42 -40.36
C THR H 77 -43.14 -0.48 -40.35
N THR H 78 -43.40 0.13 -41.50
CA THR H 78 -44.62 0.89 -41.72
C THR H 78 -45.74 -0.06 -42.14
N SER H 79 -46.88 0.51 -42.54
CA SER H 79 -48.02 -0.31 -42.92
C SER H 79 -48.02 -0.67 -44.40
N GLN H 80 -47.13 -0.07 -45.19
CA GLN H 80 -46.99 -0.45 -46.59
C GLN H 80 -46.27 -1.77 -46.77
N SER H 81 -45.56 -2.24 -45.74
CA SER H 81 -44.88 -3.53 -45.78
C SER H 81 -45.07 -4.21 -44.43
N SER H 82 -44.36 -5.30 -44.22
CA SER H 82 -44.42 -6.12 -43.03
C SER H 82 -43.00 -6.50 -42.66
N PRO H 83 -42.75 -6.91 -41.40
CA PRO H 83 -41.38 -7.29 -41.03
C PRO H 83 -40.78 -8.45 -41.82
N MET H 84 -41.59 -9.45 -42.19
CA MET H 84 -41.06 -10.62 -42.87
C MET H 84 -40.65 -10.29 -44.30
N GLN H 85 -41.42 -9.42 -44.95
CA GLN H 85 -41.06 -8.96 -46.29
C GLN H 85 -39.77 -8.16 -46.29
N ALA H 86 -39.59 -7.31 -45.27
CA ALA H 86 -38.39 -6.49 -45.19
C ALA H 86 -37.16 -7.33 -44.91
N TYR H 87 -37.30 -8.31 -44.03
CA TYR H 87 -36.24 -9.29 -43.77
C TYR H 87 -35.83 -10.02 -45.04
N ASN H 88 -36.80 -10.59 -45.76
CA ASN H 88 -36.47 -11.37 -46.95
C ASN H 88 -35.94 -10.50 -48.08
N GLN H 89 -36.44 -9.27 -48.19
CA GLN H 89 -35.93 -8.35 -49.21
C GLN H 89 -34.49 -7.96 -48.94
N ALA H 90 -34.14 -7.77 -47.66
CA ALA H 90 -32.76 -7.49 -47.29
C ALA H 90 -31.84 -8.65 -47.63
N ILE H 91 -32.28 -9.87 -47.37
CA ILE H 91 -31.43 -11.03 -47.61
C ILE H 91 -31.22 -11.25 -49.11
N ASN H 92 -32.27 -11.09 -49.91
CA ASN H 92 -32.14 -11.26 -51.36
C ASN H 92 -31.26 -10.18 -51.98
N ASP H 93 -31.38 -8.94 -51.49
CA ASP H 93 -30.51 -7.87 -51.96
C ASP H 93 -29.06 -8.13 -51.60
N LEU H 94 -28.81 -8.73 -50.43
CA LEU H 94 -27.44 -9.04 -50.06
C LEU H 94 -26.84 -10.14 -50.94
N ASP H 95 -27.65 -11.14 -51.31
CA ASP H 95 -27.16 -12.15 -52.25
C ASP H 95 -26.85 -11.57 -53.62
N LYS H 96 -27.70 -10.69 -54.13
CA LYS H 96 -27.43 -10.12 -55.45
C LYS H 96 -26.21 -9.21 -55.44
N GLU H 97 -25.99 -8.49 -54.33
CA GLU H 97 -24.78 -7.68 -54.19
C GLU H 97 -23.53 -8.56 -54.14
N LEU H 98 -23.60 -9.69 -53.43
CA LEU H 98 -22.45 -10.60 -53.36
C LEU H 98 -22.14 -11.23 -54.71
N ASP H 99 -23.18 -11.53 -55.50
CA ASP H 99 -22.95 -12.08 -56.85
C ASP H 99 -22.29 -11.06 -57.77
N PHE H 100 -22.73 -9.79 -57.69
CA PHE H 100 -22.09 -8.74 -58.47
C PHE H 100 -20.63 -8.56 -58.09
N LEU H 101 -20.35 -8.61 -56.79
CA LEU H 101 -18.98 -8.48 -56.30
C LEU H 101 -18.10 -9.61 -56.78
N LYS H 102 -18.62 -10.83 -56.76
CA LYS H 102 -17.84 -11.99 -57.19
C LYS H 102 -17.53 -11.94 -58.69
N SER H 103 -18.48 -11.48 -59.51
CA SER H 103 -18.19 -11.36 -60.94
C SER H 103 -17.14 -10.29 -61.22
N GLN H 104 -17.22 -9.15 -60.52
CA GLN H 104 -16.20 -8.11 -60.67
C GLN H 104 -14.82 -8.60 -60.24
N PHE H 105 -14.75 -9.33 -59.14
CA PHE H 105 -13.46 -9.81 -58.65
C PHE H 105 -12.85 -10.85 -59.57
N GLU H 106 -13.67 -11.75 -60.12
CA GLU H 106 -13.14 -12.74 -61.04
C GLU H 106 -12.65 -12.10 -62.33
N ALA H 107 -13.34 -11.05 -62.79
CA ALA H 107 -12.87 -10.32 -63.97
C ALA H 107 -11.53 -9.65 -63.71
N GLU H 108 -11.38 -9.02 -62.54
CA GLU H 108 -10.12 -8.32 -62.25
C GLU H 108 -8.96 -9.30 -62.06
N VAL H 109 -9.22 -10.46 -61.45
CA VAL H 109 -8.17 -11.45 -61.26
C VAL H 109 -7.75 -12.06 -62.59
N ALA H 110 -8.70 -12.33 -63.48
CA ALA H 110 -8.34 -12.79 -64.83
C ALA H 110 -7.63 -11.73 -65.64
N LYS H 111 -7.91 -10.45 -65.36
CA LYS H 111 -7.21 -9.38 -66.06
C LYS H 111 -5.76 -9.27 -65.62
N PHE H 112 -5.50 -9.42 -64.32
CA PHE H 112 -4.15 -9.19 -63.82
C PHE H 112 -3.16 -10.28 -64.21
N SER H 113 -3.60 -11.54 -64.21
CA SER H 113 -2.78 -12.72 -64.53
C SER H 113 -1.51 -12.83 -63.69
N PRO I 7 7.96 -57.13 -19.26
CA PRO I 7 9.37 -57.09 -18.84
C PRO I 7 9.78 -55.73 -18.28
N VAL I 8 9.50 -55.50 -17.01
CA VAL I 8 9.88 -54.23 -16.39
C VAL I 8 11.37 -54.28 -16.03
N THR I 9 12.15 -53.44 -16.70
CA THR I 9 13.58 -53.35 -16.46
C THR I 9 13.94 -51.94 -16.08
N TYR I 10 15.04 -51.79 -15.36
CA TYR I 10 15.53 -50.49 -14.93
C TYR I 10 16.90 -50.24 -15.54
N VAL I 11 17.28 -48.97 -15.61
CA VAL I 11 18.59 -48.57 -16.07
C VAL I 11 19.30 -47.89 -14.91
N CYS I 12 20.62 -47.82 -15.01
CA CYS I 12 21.43 -47.13 -14.02
C CYS I 12 21.64 -45.69 -14.47
N GLY I 13 21.37 -44.76 -13.57
CA GLY I 13 21.54 -43.34 -13.89
C GLY I 13 22.97 -42.87 -13.92
N ASP I 14 23.94 -43.73 -13.59
CA ASP I 14 25.34 -43.36 -13.64
C ASP I 14 26.06 -43.94 -14.84
N CYS I 15 25.97 -45.25 -15.06
CA CYS I 15 26.55 -45.84 -16.27
C CYS I 15 25.51 -46.02 -17.37
N GLY I 16 24.48 -46.83 -17.09
CA GLY I 16 23.48 -47.15 -18.08
C GLY I 16 23.27 -48.65 -18.24
N GLN I 17 23.72 -49.43 -17.27
CA GLN I 17 23.50 -50.87 -17.32
C GLN I 17 22.04 -51.20 -17.01
N GLU I 18 21.46 -52.06 -17.83
CA GLU I 18 20.03 -52.34 -17.75
C GLU I 18 19.79 -53.51 -16.80
N ASN I 19 19.56 -53.18 -15.53
CA ASN I 19 19.18 -54.15 -14.52
C ASN I 19 17.76 -54.65 -14.76
N THR I 20 17.43 -55.77 -14.12
CA THR I 20 16.09 -56.34 -14.16
C THR I 20 15.64 -56.71 -12.74
N LEU I 21 15.08 -55.73 -12.04
CA LEU I 21 14.62 -55.98 -10.68
C LEU I 21 13.20 -56.52 -10.70
N LYS I 22 12.98 -57.62 -9.97
CA LYS I 22 11.66 -58.23 -9.83
C LYS I 22 11.33 -58.45 -8.36
N SER I 23 12.31 -58.27 -7.48
CA SER I 23 12.15 -58.52 -6.05
C SER I 23 12.35 -57.19 -5.34
N GLY I 24 12.41 -57.23 -4.01
CA GLY I 24 12.59 -56.01 -3.25
C GLY I 24 13.77 -56.05 -2.31
N ASP I 25 14.88 -56.65 -2.76
CA ASP I 25 16.07 -56.76 -1.94
C ASP I 25 16.69 -55.41 -1.60
N VAL I 26 17.24 -54.72 -2.61
CA VAL I 26 17.90 -53.43 -2.47
C VAL I 26 17.75 -52.69 -3.78
N ILE I 27 18.15 -51.43 -3.78
CA ILE I 27 18.16 -50.60 -4.97
C ILE I 27 19.61 -50.22 -5.21
N GLN I 28 20.26 -50.93 -6.12
CA GLN I 28 21.69 -50.78 -6.36
C GLN I 28 22.04 -51.36 -7.71
N CYS I 29 23.01 -50.73 -8.37
CA CYS I 29 23.58 -51.29 -9.58
C CYS I 29 24.57 -52.42 -9.31
N ARG I 30 24.90 -53.17 -10.36
CA ARG I 30 25.96 -54.16 -10.32
C ARG I 30 27.33 -53.67 -10.80
N GLU I 31 27.36 -53.11 -11.99
CA GLU I 31 28.59 -52.59 -12.56
C GLU I 31 29.17 -51.29 -12.02
N CYS I 32 28.43 -50.57 -11.18
CA CYS I 32 28.94 -49.39 -10.48
C CYS I 32 28.94 -49.53 -8.98
N GLY I 33 27.82 -49.91 -8.37
CA GLY I 33 27.65 -49.83 -6.94
C GLY I 33 26.82 -48.65 -6.48
N TYR I 34 26.53 -47.71 -7.38
CA TYR I 34 25.68 -46.58 -7.05
C TYR I 34 24.22 -47.04 -6.87
N ARG I 35 23.40 -46.14 -6.33
CA ARG I 35 22.11 -46.54 -5.81
C ARG I 35 20.93 -45.82 -6.47
N ILE I 36 21.07 -45.38 -7.72
CA ILE I 36 20.03 -44.64 -8.41
C ILE I 36 19.69 -45.35 -9.71
N LEU I 37 18.41 -45.70 -9.89
CA LEU I 37 17.93 -46.39 -11.08
C LEU I 37 16.68 -45.72 -11.61
N TYR I 38 16.53 -45.76 -12.94
CA TYR I 38 15.37 -45.22 -13.65
C TYR I 38 14.56 -46.34 -14.26
N LYS I 39 13.25 -46.15 -14.35
CA LYS I 39 12.38 -47.08 -15.06
C LYS I 39 12.42 -46.79 -16.54
N LYS I 40 12.58 -47.83 -17.35
CA LYS I 40 12.75 -47.68 -18.78
C LYS I 40 11.40 -47.54 -19.49
N ARG I 41 11.36 -46.73 -20.53
CA ARG I 41 10.17 -46.53 -21.33
C ARG I 41 10.05 -47.62 -22.39
N THR I 42 9.05 -48.48 -22.25
CA THR I 42 8.80 -49.55 -23.20
C THR I 42 8.03 -49.01 -24.40
N ARG I 43 7.54 -49.91 -25.24
CA ARG I 43 7.01 -49.56 -26.56
C ARG I 43 5.49 -49.59 -26.52
N ARG I 44 4.87 -48.45 -26.84
CA ARG I 44 3.43 -48.23 -26.78
C ARG I 44 3.15 -46.91 -27.47
N VAL I 45 1.91 -46.73 -27.93
CA VAL I 45 1.52 -45.51 -28.65
C VAL I 45 0.62 -44.69 -27.75
N VAL I 46 0.90 -43.40 -27.68
CA VAL I 46 0.11 -42.46 -26.88
C VAL I 46 -0.42 -41.40 -27.84
N GLN I 47 -1.70 -41.06 -27.70
CA GLN I 47 -2.36 -40.18 -28.64
C GLN I 47 -2.53 -38.79 -28.03
N TYR I 48 -2.27 -37.76 -28.83
CA TYR I 48 -2.40 -36.39 -28.41
C TYR I 48 -3.20 -35.60 -29.42
N GLU I 49 -3.84 -34.54 -28.95
CA GLU I 49 -4.38 -33.52 -29.84
C GLU I 49 -3.28 -32.53 -30.14
N ALA I 50 -3.29 -32.00 -31.35
CA ALA I 50 -2.29 -31.04 -31.79
C ALA I 50 -2.71 -29.61 -31.52
N ARG I 51 -3.46 -29.43 -30.45
CA ARG I 51 -4.08 -28.19 -30.08
C ARG I 51 -3.36 -27.52 -28.93
N ILE J 5 -52.90 22.34 -39.52
CA ILE J 5 -53.24 23.68 -39.05
C ILE J 5 -52.48 23.98 -37.77
N ILE J 6 -51.75 25.10 -37.79
CA ILE J 6 -50.90 25.50 -36.68
C ILE J 6 -51.73 26.08 -35.54
N MET J 7 -51.09 26.26 -34.38
CA MET J 7 -51.73 26.95 -33.26
C MET J 7 -51.04 28.26 -32.92
N PHE J 8 -49.93 28.58 -33.56
CA PHE J 8 -49.19 29.83 -33.30
C PHE J 8 -48.22 30.05 -34.45
N GLU J 9 -47.91 31.33 -34.70
CA GLU J 9 -46.83 31.74 -35.58
C GLU J 9 -46.46 33.17 -35.22
N ASP J 10 -45.17 33.46 -35.20
CA ASP J 10 -44.69 34.83 -35.01
C ASP J 10 -43.25 34.97 -35.47
N ILE J 11 -42.93 36.13 -36.04
CA ILE J 11 -41.56 36.47 -36.36
C ILE J 11 -40.86 36.95 -35.08
N PHE J 12 -39.71 36.37 -34.79
CA PHE J 12 -38.96 36.67 -33.58
C PHE J 12 -37.62 37.30 -33.93
N VAL J 13 -37.10 38.09 -32.99
CA VAL J 13 -35.76 38.65 -33.07
C VAL J 13 -35.05 38.39 -31.76
N VAL J 14 -33.82 37.85 -31.84
CA VAL J 14 -33.09 37.50 -30.64
C VAL J 14 -32.55 38.75 -29.95
N ASP J 15 -32.64 38.75 -28.63
CA ASP J 15 -31.99 39.80 -27.84
C ASP J 15 -30.56 39.41 -27.49
N LYS J 16 -30.37 38.23 -26.88
CA LYS J 16 -29.01 37.84 -26.52
C LYS J 16 -28.83 36.34 -26.56
N LEU J 17 -27.57 35.95 -26.65
CA LEU J 17 -27.12 34.58 -26.49
C LEU J 17 -26.57 34.41 -25.08
N ASP J 18 -26.73 33.21 -24.54
CA ASP J 18 -26.13 32.71 -23.30
C ASP J 18 -26.39 33.61 -22.10
N PRO J 19 -27.59 33.59 -21.52
CA PRO J 19 -27.83 34.35 -20.29
C PRO J 19 -27.02 33.85 -19.11
N ASP J 20 -26.64 32.58 -19.09
CA ASP J 20 -25.58 32.08 -18.24
C ASP J 20 -24.46 31.40 -18.99
N GLY J 21 -24.75 30.82 -20.16
CA GLY J 21 -23.74 30.02 -20.84
C GLY J 21 -23.36 28.76 -20.11
N LYS J 22 -22.05 28.47 -20.12
CA LYS J 22 -21.35 27.39 -19.40
C LYS J 22 -22.12 26.03 -19.37
N LYS J 23 -22.73 25.67 -20.48
CA LYS J 23 -23.61 24.52 -20.47
C LYS J 23 -23.00 23.63 -21.56
N PHE J 24 -23.76 22.60 -21.95
CA PHE J 24 -23.34 21.58 -22.90
C PHE J 24 -22.79 22.17 -24.19
N ASP J 25 -21.82 21.46 -24.77
CA ASP J 25 -20.80 22.11 -25.60
C ASP J 25 -21.33 22.49 -26.99
N LYS J 26 -22.41 21.86 -27.45
CA LYS J 26 -23.00 22.21 -28.73
C LYS J 26 -24.45 22.65 -28.59
N VAL J 27 -24.78 23.33 -27.50
CA VAL J 27 -26.10 23.90 -27.30
C VAL J 27 -25.95 25.40 -27.03
N THR J 28 -26.74 26.22 -27.72
CA THR J 28 -26.86 27.63 -27.39
C THR J 28 -28.27 27.94 -26.92
N ARG J 29 -28.36 28.79 -25.90
CA ARG J 29 -29.63 29.29 -25.41
C ARG J 29 -29.83 30.70 -25.92
N ILE J 30 -30.97 30.93 -26.55
CA ILE J 30 -31.32 32.25 -27.07
C ILE J 30 -32.40 32.85 -26.18
N GLU J 31 -32.22 34.12 -25.83
CA GLU J 31 -33.23 34.90 -25.13
C GLU J 31 -33.73 35.99 -26.07
N ALA J 32 -35.05 36.06 -26.23
CA ALA J 32 -35.64 36.87 -27.28
C ALA J 32 -36.98 37.45 -26.84
N THR J 33 -37.22 38.68 -27.26
CA THR J 33 -38.55 39.26 -27.34
C THR J 33 -39.09 39.01 -28.74
N SER J 34 -40.25 39.57 -29.02
CA SER J 34 -40.90 39.38 -30.32
C SER J 34 -41.15 40.71 -31.00
N HIS J 35 -41.25 40.67 -32.33
CA HIS J 35 -41.40 41.90 -33.09
C HIS J 35 -42.85 42.29 -33.30
N ASN J 36 -43.71 41.34 -33.67
CA ASN J 36 -45.08 41.69 -34.02
C ASN J 36 -46.03 41.54 -32.86
N LEU J 37 -46.19 40.33 -32.35
CA LEU J 37 -47.14 40.03 -31.28
C LEU J 37 -46.36 39.83 -29.99
N ASP J 38 -46.81 40.49 -28.91
CA ASP J 38 -46.02 40.61 -27.69
C ASP J 38 -45.81 39.26 -27.01
N MET J 39 -44.55 38.82 -26.97
CA MET J 39 -44.15 37.50 -26.52
C MET J 39 -42.75 37.56 -25.93
N PHE J 40 -42.48 36.68 -24.98
CA PHE J 40 -41.14 36.47 -24.45
C PHE J 40 -40.77 35.00 -24.64
N MET J 41 -39.49 34.74 -24.93
CA MET J 41 -39.08 33.37 -25.24
C MET J 41 -37.61 33.18 -24.91
N HIS J 42 -37.27 32.01 -24.38
CA HIS J 42 -35.87 31.59 -24.35
C HIS J 42 -35.78 30.09 -24.48
N LEU J 43 -34.83 29.65 -25.30
CA LEU J 43 -34.83 28.34 -25.93
C LEU J 43 -33.44 27.74 -25.97
N ASP J 44 -33.35 26.40 -25.86
CA ASP J 44 -32.14 25.68 -26.20
C ASP J 44 -32.19 25.22 -27.66
N VAL J 45 -31.08 25.40 -28.37
CA VAL J 45 -31.00 25.01 -29.78
C VAL J 45 -29.62 24.42 -30.05
N ASN J 46 -29.56 23.54 -31.06
CA ASN J 46 -28.29 22.96 -31.48
C ASN J 46 -27.46 23.97 -32.26
N THR J 47 -26.15 23.99 -32.00
CA THR J 47 -25.26 24.94 -32.66
C THR J 47 -24.65 24.42 -33.94
N GLU J 48 -24.27 23.14 -33.99
CA GLU J 48 -23.53 22.65 -35.15
C GLU J 48 -24.43 22.41 -36.35
N VAL J 49 -25.66 21.96 -36.15
CA VAL J 49 -26.56 21.73 -37.27
C VAL J 49 -27.36 22.97 -37.63
N TYR J 50 -27.32 24.02 -36.81
CA TYR J 50 -28.06 25.25 -37.07
C TYR J 50 -27.45 26.41 -36.29
N PRO J 51 -26.41 27.08 -36.80
CA PRO J 51 -25.81 28.18 -36.06
C PRO J 51 -26.71 29.41 -36.08
N MET J 52 -26.81 30.07 -34.93
CA MET J 52 -27.69 31.21 -34.76
C MET J 52 -26.93 32.33 -34.06
N ALA J 53 -27.10 33.55 -34.57
CA ALA J 53 -26.36 34.73 -34.17
C ALA J 53 -27.25 35.71 -33.42
N VAL J 54 -26.74 36.91 -33.17
CA VAL J 54 -27.48 37.98 -32.51
C VAL J 54 -28.03 38.91 -33.58
N GLY J 55 -29.29 39.31 -33.44
CA GLY J 55 -29.92 40.18 -34.41
C GLY J 55 -30.49 39.47 -35.63
N ASP J 56 -31.25 38.40 -35.44
CA ASP J 56 -31.74 37.61 -36.56
C ASP J 56 -33.23 37.85 -36.79
N LYS J 57 -33.78 37.09 -37.74
CA LYS J 57 -35.06 37.40 -38.35
C LYS J 57 -36.14 36.36 -38.05
N PHE J 58 -35.75 35.18 -37.55
CA PHE J 58 -36.49 33.92 -37.73
C PHE J 58 -37.91 33.96 -37.17
N THR J 59 -38.76 33.12 -37.74
CA THR J 59 -40.13 32.96 -37.28
C THR J 59 -40.36 31.55 -36.74
N LEU J 60 -41.35 31.44 -35.86
CA LEU J 60 -41.63 30.23 -35.11
C LEU J 60 -43.10 29.87 -35.26
N ALA J 61 -43.37 28.57 -35.38
CA ALA J 61 -44.70 28.01 -35.43
C ALA J 61 -44.83 26.93 -34.36
N MET J 62 -46.08 26.61 -33.99
CA MET J 62 -46.36 25.72 -32.88
C MET J 62 -47.42 24.69 -33.24
N ALA J 63 -47.24 24.03 -34.38
CA ALA J 63 -48.21 23.04 -34.83
C ALA J 63 -48.14 21.77 -33.96
N PRO J 64 -49.26 21.09 -33.75
CA PRO J 64 -49.25 19.82 -33.05
C PRO J 64 -49.18 18.59 -33.94
N THR J 65 -49.15 18.77 -35.25
CA THR J 65 -49.10 17.69 -36.23
C THR J 65 -48.37 18.22 -37.45
N LEU J 66 -47.62 17.35 -38.13
CA LEU J 66 -46.91 17.80 -39.31
C LEU J 66 -47.79 17.75 -40.56
N ASN J 67 -48.72 16.81 -40.62
CA ASN J 67 -49.45 16.54 -41.86
C ASN J 67 -50.48 17.62 -42.11
N LEU J 68 -50.52 18.11 -43.34
CA LEU J 68 -51.39 19.23 -43.68
C LEU J 68 -52.82 18.77 -43.91
N ASP J 69 -52.99 17.50 -44.29
CA ASP J 69 -54.30 16.91 -44.44
C ASP J 69 -54.71 16.04 -43.26
N GLY J 70 -53.90 15.03 -42.91
CA GLY J 70 -54.32 14.07 -41.91
C GLY J 70 -53.97 14.49 -40.49
N THR J 71 -54.83 14.09 -39.57
CA THR J 71 -54.55 14.28 -38.14
C THR J 71 -53.56 13.32 -37.44
N PRO J 72 -53.42 12.01 -37.74
CA PRO J 72 -52.59 11.18 -36.84
C PRO J 72 -51.11 11.34 -37.14
N ASP J 73 -50.29 10.89 -36.18
CA ASP J 73 -48.85 11.00 -36.32
C ASP J 73 -48.18 9.85 -35.59
N THR J 74 -47.75 8.86 -36.35
CA THR J 74 -46.91 7.78 -35.84
C THR J 74 -45.80 7.54 -36.83
N GLY J 75 -44.56 7.72 -36.39
CA GLY J 75 -43.40 7.45 -37.21
C GLY J 75 -42.54 8.69 -37.40
N TYR J 76 -41.34 8.44 -37.91
CA TYR J 76 -40.33 9.48 -38.12
C TYR J 76 -40.65 10.25 -39.40
N PHE J 77 -39.65 10.98 -39.90
CA PHE J 77 -39.85 11.75 -41.16
C PHE J 77 -39.08 11.08 -42.31
N THR J 78 -39.41 9.84 -42.65
CA THR J 78 -38.78 9.17 -43.83
C THR J 78 -39.60 9.58 -45.05
N PRO J 79 -39.17 10.57 -45.88
CA PRO J 79 -40.00 11.08 -46.97
C PRO J 79 -40.22 10.06 -48.07
N GLY J 80 -41.18 10.38 -48.94
CA GLY J 80 -41.67 9.44 -49.92
C GLY J 80 -42.91 9.95 -50.63
N ALA J 81 -43.97 9.15 -50.66
CA ALA J 81 -45.19 9.53 -51.34
C ALA J 81 -45.96 10.63 -50.61
N LYS J 82 -46.11 10.54 -49.30
CA LYS J 82 -46.80 11.56 -48.53
C LYS J 82 -45.84 12.59 -47.93
N LYS J 83 -45.04 13.26 -48.78
CA LYS J 83 -44.15 14.32 -48.30
C LYS J 83 -44.88 15.67 -48.25
N THR J 84 -46.20 15.66 -48.33
CA THR J 84 -47.03 16.86 -48.41
C THR J 84 -47.20 17.59 -47.08
N LEU J 85 -46.43 17.22 -46.06
CA LEU J 85 -46.52 17.84 -44.75
C LEU J 85 -45.89 19.23 -44.78
N ALA J 86 -45.86 19.91 -43.63
CA ALA J 86 -45.31 21.25 -43.55
C ALA J 86 -43.80 21.21 -43.63
N ASP J 87 -43.27 21.24 -44.86
CA ASP J 87 -41.84 21.24 -45.14
C ASP J 87 -41.38 22.64 -45.53
N LYS J 88 -41.99 23.66 -44.94
CA LYS J 88 -41.61 25.04 -45.19
C LYS J 88 -40.50 25.52 -44.27
N TYR J 89 -39.94 24.63 -43.45
CA TYR J 89 -39.06 25.02 -42.36
C TYR J 89 -37.79 24.19 -42.38
N GLU J 90 -36.70 24.78 -41.89
CA GLU J 90 -35.39 24.14 -41.89
C GLU J 90 -35.08 23.40 -40.60
N TYR J 91 -35.69 23.79 -39.49
CA TYR J 91 -35.34 23.23 -38.18
C TYR J 91 -36.63 22.89 -37.44
N VAL J 92 -36.79 21.63 -37.05
CA VAL J 92 -37.97 21.22 -36.30
C VAL J 92 -37.52 20.42 -35.08
N MET J 93 -38.31 20.55 -34.01
CA MET J 93 -38.15 19.77 -32.79
C MET J 93 -39.49 19.14 -32.44
N HIS J 94 -39.48 18.27 -31.44
CA HIS J 94 -40.70 17.61 -31.01
C HIS J 94 -40.60 17.33 -29.52
N GLY J 95 -41.47 17.94 -28.73
CA GLY J 95 -41.39 17.82 -27.29
C GLY J 95 -42.71 17.93 -26.59
N LYS J 96 -42.65 18.31 -25.32
CA LYS J 96 -43.76 18.13 -24.40
C LYS J 96 -43.92 19.39 -23.55
N LEU J 97 -45.17 19.76 -23.31
CA LEU J 97 -45.53 20.86 -22.42
C LEU J 97 -45.70 20.31 -21.01
N TYR J 98 -44.90 20.79 -20.06
CA TYR J 98 -44.93 20.19 -18.72
C TYR J 98 -45.39 21.13 -17.61
N LYS J 99 -45.38 22.45 -17.82
CA LYS J 99 -45.87 23.35 -16.78
C LYS J 99 -46.55 24.53 -17.43
N ILE J 100 -47.84 24.69 -17.14
CA ILE J 100 -48.70 25.70 -17.75
C ILE J 100 -49.20 26.61 -16.63
N THR J 101 -48.32 26.88 -15.66
CA THR J 101 -48.65 27.68 -14.49
C THR J 101 -49.06 29.11 -14.88
N GLU J 102 -50.14 29.58 -14.28
CA GLU J 102 -50.64 30.92 -14.55
C GLU J 102 -50.11 31.90 -13.51
N ARG J 103 -49.57 33.03 -13.99
CA ARG J 103 -48.81 33.94 -13.14
C ARG J 103 -49.71 34.83 -12.29
N ASP J 104 -50.49 35.68 -12.95
CA ASP J 104 -51.14 36.87 -12.38
C ASP J 104 -50.14 37.76 -11.63
N GLY J 105 -48.90 37.78 -12.07
CA GLY J 105 -47.89 38.73 -11.62
C GLY J 105 -47.30 39.39 -12.84
N GLN J 106 -47.55 40.70 -12.98
CA GLN J 106 -47.60 41.38 -14.28
C GLN J 106 -48.46 40.53 -15.21
N THR J 107 -49.75 40.46 -14.89
CA THR J 107 -50.80 39.68 -15.54
C THR J 107 -50.82 39.72 -17.08
N PRO J 108 -50.45 40.82 -17.76
CA PRO J 108 -50.11 40.70 -19.19
C PRO J 108 -49.14 39.58 -19.56
N LYS J 109 -48.17 39.25 -18.71
CA LYS J 109 -47.29 38.11 -18.93
C LYS J 109 -47.90 36.88 -18.27
N ALA J 110 -47.95 35.78 -19.03
CA ALA J 110 -48.33 34.46 -18.53
C ALA J 110 -47.39 33.43 -19.12
N GLU J 111 -46.67 32.71 -18.26
CA GLU J 111 -45.56 31.86 -18.67
C GLU J 111 -46.01 30.44 -18.97
N MET J 112 -45.17 29.72 -19.71
CA MET J 112 -45.44 28.38 -20.19
C MET J 112 -44.11 27.65 -20.42
N TYR J 113 -44.08 26.35 -20.11
CA TYR J 113 -42.84 25.58 -20.04
C TYR J 113 -42.93 24.33 -20.89
N VAL J 114 -42.03 24.20 -21.88
CA VAL J 114 -41.94 22.97 -22.67
C VAL J 114 -40.50 22.48 -22.68
N SER J 115 -40.36 21.19 -22.98
CA SER J 115 -39.07 20.53 -23.04
C SER J 115 -39.04 19.55 -24.20
N PHE J 116 -38.01 19.66 -25.04
CA PHE J 116 -37.79 18.78 -26.18
C PHE J 116 -36.65 17.84 -25.80
N GLY J 117 -37.02 16.72 -25.18
CA GLY J 117 -36.09 15.67 -24.83
C GLY J 117 -34.96 16.07 -23.91
N GLY J 118 -35.15 17.10 -23.10
CA GLY J 118 -34.11 17.65 -22.27
C GLY J 118 -33.71 19.05 -22.63
N LEU J 119 -34.08 19.53 -23.82
CA LEU J 119 -33.77 20.90 -24.23
C LEU J 119 -34.96 21.80 -23.87
N LEU J 120 -34.72 22.81 -23.06
CA LEU J 120 -35.82 23.53 -22.44
C LEU J 120 -36.23 24.74 -23.26
N MET J 121 -37.47 25.19 -23.01
CA MET J 121 -37.98 26.41 -23.61
C MET J 121 -39.04 27.01 -22.71
N LEU J 122 -38.87 28.29 -22.38
CA LEU J 122 -39.88 29.06 -21.68
C LEU J 122 -40.48 30.07 -22.64
N LEU J 123 -41.81 30.15 -22.66
CA LEU J 123 -42.54 31.12 -23.48
C LEU J 123 -43.57 31.81 -22.60
N ARG J 124 -43.38 33.11 -22.36
CA ARG J 124 -44.34 33.93 -21.65
C ARG J 124 -45.33 34.51 -22.65
N GLY J 125 -46.14 35.47 -22.21
CA GLY J 125 -46.97 36.20 -23.13
C GLY J 125 -48.36 36.43 -22.59
N ASP J 126 -49.24 36.87 -23.49
CA ASP J 126 -50.59 37.24 -23.14
C ASP J 126 -51.44 36.01 -22.79
N PRO J 127 -52.45 36.17 -21.93
CA PRO J 127 -53.39 35.08 -21.68
C PRO J 127 -54.27 34.72 -22.87
N ALA J 128 -54.35 35.57 -23.90
CA ALA J 128 -55.24 35.32 -25.02
C ALA J 128 -54.60 34.48 -26.12
N HIS J 129 -53.43 33.89 -25.87
CA HIS J 129 -52.84 33.01 -26.87
C HIS J 129 -52.47 31.67 -26.26
N ILE J 130 -51.99 31.67 -25.02
CA ILE J 130 -51.68 30.42 -24.33
C ILE J 130 -52.95 30.04 -23.57
N SER J 131 -53.90 29.51 -24.30
CA SER J 131 -55.02 28.80 -23.70
C SER J 131 -55.33 27.49 -24.40
N HIS J 132 -55.21 27.45 -25.72
CA HIS J 132 -55.48 26.24 -26.48
C HIS J 132 -54.38 25.20 -26.28
N PHE J 133 -53.18 25.64 -25.94
CA PHE J 133 -52.19 24.74 -25.37
C PHE J 133 -52.70 24.24 -24.02
N GLU J 134 -52.55 22.95 -23.77
CA GLU J 134 -52.99 22.39 -22.50
C GLU J 134 -51.89 21.49 -21.96
N LEU J 135 -52.06 21.06 -20.70
CA LEU J 135 -51.02 20.33 -20.00
C LEU J 135 -50.83 18.94 -20.60
N ASP J 136 -49.56 18.57 -20.78
CA ASP J 136 -49.10 17.28 -21.32
C ASP J 136 -49.65 17.03 -22.72
N GLN J 137 -49.30 17.95 -23.61
CA GLN J 137 -49.64 17.89 -25.03
C GLN J 137 -48.35 17.93 -25.83
N ARG J 138 -48.22 17.02 -26.81
CA ARG J 138 -47.02 17.00 -27.65
C ARG J 138 -47.05 18.18 -28.62
N LEU J 139 -45.90 18.84 -28.78
CA LEU J 139 -45.80 20.02 -29.61
C LEU J 139 -44.58 19.93 -30.51
N PHE J 140 -44.56 20.78 -31.54
CA PHE J 140 -43.46 20.86 -32.48
C PHE J 140 -42.93 22.29 -32.52
N LEU J 141 -41.75 22.45 -33.12
CA LEU J 141 -41.03 23.72 -33.14
C LEU J 141 -40.54 24.05 -34.53
N LEU J 142 -41.48 24.04 -35.49
CA LEU J 142 -41.21 24.41 -36.87
C LEU J 142 -40.63 25.82 -36.96
N MET J 143 -39.40 25.92 -37.45
CA MET J 143 -38.66 27.18 -37.40
C MET J 143 -37.73 27.29 -38.60
N ARG J 144 -37.80 28.42 -39.30
CA ARG J 144 -37.00 28.66 -40.49
C ARG J 144 -36.39 30.05 -40.39
N LYS J 145 -35.52 30.37 -41.35
CA LYS J 145 -34.99 31.72 -41.45
C LYS J 145 -35.73 32.51 -42.51
N THR K 3 40.25 26.16 37.91
CA THR K 3 41.59 25.65 37.65
C THR K 3 42.22 25.16 38.95
N MET K 4 42.81 23.97 38.92
CA MET K 4 43.48 23.41 40.06
C MET K 4 44.99 23.56 39.93
N LYS K 5 45.67 23.54 41.07
CA LYS K 5 47.12 23.64 41.13
C LYS K 5 47.67 22.49 41.95
N PHE K 6 48.88 22.05 41.61
CA PHE K 6 49.48 20.85 42.18
C PHE K 6 50.59 21.19 43.17
N CYS K 7 50.92 20.21 44.01
CA CYS K 7 51.95 20.40 45.02
C CYS K 7 53.33 20.52 44.39
N ARG K 8 54.17 21.35 44.99
CA ARG K 8 55.45 21.70 44.36
C ARG K 8 56.46 20.57 44.46
N GLU K 9 56.45 19.83 45.57
CA GLU K 9 57.47 18.81 45.78
C GLU K 9 56.95 17.39 45.63
N CYS K 10 55.65 17.16 45.83
CA CYS K 10 55.08 15.83 45.72
C CYS K 10 54.26 15.62 44.45
N ASN K 11 53.84 16.71 43.79
CA ASN K 11 52.98 16.71 42.60
C ASN K 11 51.66 15.98 42.87
N ASN K 12 50.88 16.57 43.77
CA ASN K 12 49.56 16.04 44.09
C ASN K 12 48.62 17.21 44.27
N ILE K 13 47.33 16.90 44.40
CA ILE K 13 46.32 17.94 44.39
C ILE K 13 46.31 18.67 45.74
N LEU K 14 46.16 19.99 45.68
CA LEU K 14 46.19 20.84 46.86
C LEU K 14 44.78 21.27 47.24
N TYR K 15 44.43 21.09 48.50
CA TYR K 15 43.14 21.53 49.02
C TYR K 15 43.33 22.79 49.86
N PRO K 16 42.35 23.70 49.87
CA PRO K 16 42.48 24.91 50.69
C PRO K 16 42.43 24.61 52.18
N LYS K 17 43.44 25.08 52.89
CA LYS K 17 43.59 24.84 54.32
C LYS K 17 43.93 26.17 55.00
N GLU K 18 43.10 27.17 54.73
CA GLU K 18 43.13 28.46 55.40
C GLU K 18 43.13 28.33 56.92
N ASP K 19 44.19 28.83 57.55
CA ASP K 19 44.42 28.60 58.96
C ASP K 19 43.49 29.44 59.83
N ARG K 20 43.40 29.08 61.10
CA ARG K 20 42.46 29.75 62.00
C ARG K 20 42.97 31.11 62.44
N GLU K 21 44.23 31.16 62.87
CA GLU K 21 44.74 32.34 63.57
C GLU K 21 45.04 33.49 62.61
N GLN K 22 45.19 33.20 61.31
CA GLN K 22 45.63 34.20 60.35
C GLN K 22 44.87 34.05 59.05
N SER K 23 44.60 35.18 58.40
CA SER K 23 43.92 35.20 57.11
C SER K 23 44.93 35.02 55.98
N ILE K 24 45.20 33.76 55.62
CA ILE K 24 46.26 33.48 54.66
C ILE K 24 45.70 32.85 53.39
N LEU K 25 44.62 32.06 53.55
CA LEU K 25 44.09 31.16 52.51
C LEU K 25 45.20 30.29 51.94
N LEU K 26 45.69 29.39 52.77
CA LEU K 26 46.79 28.51 52.39
C LEU K 26 46.32 27.43 51.43
N TYR K 27 47.27 26.64 50.96
CA TYR K 27 47.02 25.40 50.24
C TYR K 27 47.81 24.29 50.89
N ALA K 28 47.25 23.08 50.93
CA ALA K 28 47.92 21.99 51.61
C ALA K 28 47.75 20.70 50.83
N CYS K 29 48.53 19.70 51.21
CA CYS K 29 48.58 18.42 50.54
C CYS K 29 48.17 17.30 51.50
N ARG K 30 47.34 16.39 51.02
CA ARG K 30 46.88 15.27 51.83
C ARG K 30 47.83 14.08 51.79
N ASN K 31 49.04 14.27 51.26
CA ASN K 31 50.04 13.21 51.17
C ASN K 31 51.37 13.63 51.79
N CYS K 32 51.74 14.90 51.68
CA CYS K 32 52.95 15.42 52.29
C CYS K 32 52.60 16.59 53.22
N ASP K 33 53.62 17.17 53.84
CA ASP K 33 53.48 18.29 54.75
C ASP K 33 54.11 19.51 54.08
N HIS K 34 53.26 20.33 53.46
CA HIS K 34 53.74 21.47 52.69
C HIS K 34 52.59 22.46 52.55
N GLN K 35 52.83 23.71 52.91
CA GLN K 35 51.83 24.77 52.81
C GLN K 35 52.36 25.93 52.00
N GLU K 36 51.43 26.77 51.52
CA GLU K 36 51.74 27.82 50.56
C GLU K 36 50.56 28.78 50.49
N ALA K 37 50.84 30.08 50.58
CA ALA K 37 49.78 31.07 50.47
C ALA K 37 49.36 31.26 49.02
N ALA K 38 48.06 31.43 48.80
CA ALA K 38 47.50 31.30 47.47
C ALA K 38 47.78 32.52 46.59
N ASP K 39 47.95 32.26 45.29
CA ASP K 39 48.10 33.33 44.30
C ASP K 39 46.76 33.98 43.98
N ASP K 40 45.67 33.22 44.09
CA ASP K 40 44.34 33.63 43.66
C ASP K 40 43.35 33.44 44.80
N ASN K 41 42.36 34.33 44.88
CA ASN K 41 41.36 34.31 45.95
C ASN K 41 40.04 33.70 45.52
N CYS K 42 40.05 32.83 44.51
CA CYS K 42 38.85 32.11 44.07
C CYS K 42 39.06 30.62 44.29
N VAL K 43 38.16 29.99 45.05
CA VAL K 43 38.35 28.60 45.44
C VAL K 43 37.40 27.64 44.73
N TYR K 44 36.37 28.15 44.05
CA TYR K 44 35.44 27.26 43.33
C TYR K 44 34.78 28.08 42.22
N ARG K 45 35.23 27.91 40.98
CA ARG K 45 34.57 28.49 39.82
C ARG K 45 33.94 27.35 39.02
N ASN K 46 32.65 27.49 38.69
CA ASN K 46 31.90 26.40 38.09
C ASN K 46 31.07 26.90 36.91
N GLU K 47 31.00 26.09 35.86
CA GLU K 47 30.20 26.39 34.68
C GLU K 47 28.82 25.76 34.80
N VAL K 48 27.80 26.49 34.35
CA VAL K 48 26.42 25.99 34.35
C VAL K 48 25.99 25.79 32.90
N HIS K 49 24.76 25.29 32.71
CA HIS K 49 24.16 25.00 31.41
C HIS K 49 24.99 23.99 30.63
N HIS K 50 25.10 22.80 31.22
CA HIS K 50 25.89 21.72 30.65
C HIS K 50 24.98 20.69 29.99
N PRO K 66 10.28 31.34 16.57
CA PRO K 66 10.85 30.50 17.63
C PRO K 66 10.13 30.67 18.97
N THR K 67 9.15 29.79 19.23
CA THR K 67 8.26 29.73 20.41
C THR K 67 7.77 31.10 20.88
N LEU K 68 7.44 31.95 19.91
CA LEU K 68 6.83 33.24 20.18
C LEU K 68 5.94 33.59 18.98
N PRO K 69 4.77 34.18 19.21
CA PRO K 69 3.73 34.19 18.17
C PRO K 69 4.02 35.21 17.07
N ARG K 70 3.69 34.82 15.84
CA ARG K 70 3.79 35.70 14.69
C ARG K 70 2.40 36.02 14.17
N THR K 71 2.24 37.21 13.60
CA THR K 71 0.94 37.63 13.10
C THR K 71 0.67 37.06 11.71
N LYS K 72 -0.53 37.33 11.21
CA LYS K 72 -0.97 36.91 9.89
C LYS K 72 -1.04 38.08 8.91
N ALA K 73 -1.68 39.17 9.31
CA ALA K 73 -2.15 40.17 8.37
C ALA K 73 -1.79 41.58 8.84
N VAL K 74 -0.54 41.79 9.20
CA VAL K 74 -0.02 43.13 9.46
C VAL K 74 0.99 43.47 8.37
N ARG K 75 0.63 44.40 7.50
CA ARG K 75 1.48 44.77 6.37
C ARG K 75 2.70 45.56 6.84
N CYS K 76 3.73 45.57 6.00
CA CYS K 76 4.94 46.34 6.25
C CYS K 76 4.96 47.60 5.40
N ALA K 77 5.33 48.72 6.00
CA ALA K 77 5.46 49.98 5.28
C ALA K 77 6.70 50.02 4.40
N LYS K 78 7.70 49.16 4.66
CA LYS K 78 8.91 49.08 3.86
C LYS K 78 8.77 48.04 2.74
N CYS K 79 8.43 46.80 3.10
CA CYS K 79 8.38 45.71 2.14
C CYS K 79 6.94 45.48 1.67
N GLN K 80 6.76 44.40 0.93
CA GLN K 80 5.46 43.89 0.54
C GLN K 80 4.96 42.77 1.44
N HIS K 81 5.82 42.27 2.34
CA HIS K 81 5.44 41.18 3.23
C HIS K 81 4.44 41.66 4.27
N GLY K 82 3.36 40.90 4.44
CA GLY K 82 2.35 41.24 5.41
C GLY K 82 2.36 40.37 6.64
N GLU K 83 3.54 39.90 7.03
CA GLU K 83 3.72 39.17 8.27
C GLU K 83 4.89 39.76 9.01
N ALA K 84 4.64 40.32 10.20
CA ALA K 84 5.66 41.00 10.97
C ALA K 84 5.52 40.56 12.42
N VAL K 85 6.49 39.77 12.88
CA VAL K 85 6.37 39.09 14.17
C VAL K 85 6.48 40.11 15.31
N PHE K 86 5.56 40.00 16.27
CA PHE K 86 5.30 41.00 17.28
C PHE K 86 5.56 40.42 18.67
N PHE K 87 5.98 41.30 19.59
CA PHE K 87 6.20 40.87 20.97
C PHE K 87 6.10 42.06 21.92
N GLN K 88 5.66 41.80 23.15
CA GLN K 88 5.51 42.85 24.15
C GLN K 88 6.85 43.01 24.87
N ALA K 89 7.49 44.16 24.71
CA ALA K 89 8.71 44.43 25.44
C ALA K 89 8.67 45.83 26.06
N THR K 90 9.78 46.29 26.64
CA THR K 90 9.81 47.60 27.25
C THR K 90 11.24 48.12 27.24
N ALA K 91 11.39 49.43 27.44
CA ALA K 91 12.69 50.08 27.43
C ALA K 91 13.11 50.46 28.84
N ARG K 92 14.35 50.95 28.95
CA ARG K 92 15.01 51.03 30.24
C ARG K 92 14.59 52.28 31.02
N GLY K 93 14.07 53.29 30.35
CA GLY K 93 13.58 54.46 31.06
C GLY K 93 12.07 54.48 31.17
N GLU K 94 11.39 53.69 30.35
CA GLU K 94 9.94 53.70 30.26
C GLU K 94 9.39 52.53 31.07
N GLU K 95 8.62 52.84 32.11
CA GLU K 95 7.94 51.81 32.87
C GLU K 95 6.62 51.45 32.21
N GLY K 96 6.32 50.16 32.18
CA GLY K 96 5.21 49.66 31.40
C GLY K 96 5.64 49.18 30.03
N MET K 97 4.84 48.29 29.48
CA MET K 97 5.21 47.54 28.28
C MET K 97 4.54 48.14 27.05
N THR K 98 5.11 47.85 25.88
CA THR K 98 4.53 48.24 24.59
C THR K 98 4.83 47.13 23.59
N LEU K 99 3.97 47.02 22.57
CA LEU K 99 4.10 46.04 21.50
C LEU K 99 5.09 46.51 20.45
N PHE K 100 6.07 45.67 20.13
CA PHE K 100 7.06 45.96 19.11
C PHE K 100 6.91 44.98 17.95
N PHE K 101 7.00 45.51 16.73
CA PHE K 101 6.94 44.74 15.49
C PHE K 101 8.34 44.54 14.94
N VAL K 102 8.54 43.46 14.20
CA VAL K 102 9.71 43.33 13.31
C VAL K 102 9.32 42.49 12.10
N CYS K 103 9.60 43.03 10.91
CA CYS K 103 9.21 42.41 9.63
C CYS K 103 10.00 41.12 9.41
N CYS K 104 9.31 40.08 8.93
CA CYS K 104 9.83 38.72 8.98
C CYS K 104 10.75 38.35 7.83
N ASN K 105 10.92 39.21 6.84
CA ASN K 105 11.82 38.89 5.74
C ASN K 105 13.26 39.01 6.23
N PRO K 106 14.17 38.10 5.83
CA PRO K 106 15.53 38.12 6.39
C PRO K 106 16.34 39.32 5.95
N ASN K 107 16.13 39.83 4.74
CA ASN K 107 16.83 41.02 4.29
C ASN K 107 16.32 42.30 4.96
N CYS K 108 15.17 42.25 5.61
CA CYS K 108 14.61 43.46 6.22
C CYS K 108 15.20 43.75 7.60
N GLY K 109 14.89 42.89 8.58
CA GLY K 109 15.31 43.01 9.96
C GLY K 109 15.23 44.35 10.67
N HIS K 110 14.07 45.00 10.69
CA HIS K 110 13.94 46.28 11.39
C HIS K 110 12.77 46.25 12.35
N ARG K 111 12.99 46.83 13.53
CA ARG K 111 12.08 46.76 14.66
C ARG K 111 11.46 48.12 14.92
N TRP K 112 10.17 48.15 15.23
CA TRP K 112 9.51 49.42 15.49
C TRP K 112 8.26 49.22 16.32
N ARG K 113 8.03 50.16 17.23
CA ARG K 113 6.75 50.25 17.94
C ARG K 113 5.67 50.70 16.96
N GLU K 114 4.47 50.13 17.10
CA GLU K 114 3.26 50.49 16.35
C GLU K 114 3.44 50.25 14.85
N LEU L 22 -6.50 49.15 30.47
CA LEU L 22 -6.81 47.72 30.81
C LEU L 22 -6.09 46.81 29.80
N SER L 23 -5.99 47.24 28.54
CA SER L 23 -5.34 46.43 27.52
C SER L 23 -4.04 45.80 28.00
N LYS L 24 -3.36 46.43 28.96
CA LYS L 24 -2.13 45.91 29.52
C LYS L 24 -2.08 46.11 31.03
N TYR L 25 -3.22 46.43 31.64
CA TYR L 25 -3.29 46.67 33.06
C TYR L 25 -3.20 45.36 33.84
N VAL L 26 -2.53 45.42 34.99
CA VAL L 26 -2.56 44.38 36.01
C VAL L 26 -3.07 45.05 37.27
N ASP L 27 -3.89 44.34 38.06
CA ASP L 27 -4.41 44.89 39.30
C ASP L 27 -3.37 44.74 40.40
N PRO L 28 -2.81 45.83 40.92
CA PRO L 28 -1.79 45.74 41.98
C PRO L 28 -2.41 45.70 43.37
N SER L 29 -3.26 44.71 43.61
CA SER L 29 -3.93 44.56 44.89
C SER L 29 -3.73 43.16 45.44
N SER L 30 -4.35 42.91 46.58
CA SER L 30 -4.30 41.58 47.17
C SER L 30 -5.17 40.62 46.37
N GLU L 31 -4.71 39.38 46.27
CA GLU L 31 -5.44 38.35 45.54
C GLU L 31 -6.36 37.55 46.44
N GLU L 32 -6.03 37.43 47.73
CA GLU L 32 -6.80 36.58 48.63
C GLU L 32 -8.16 37.18 48.97
N SER L 33 -8.24 38.50 49.10
CA SER L 33 -9.52 39.16 49.25
C SER L 33 -10.37 38.98 47.99
N HIS L 34 -9.74 39.04 46.82
CA HIS L 34 -10.46 38.81 45.56
C HIS L 34 -10.95 37.37 45.45
N ARG L 35 -10.16 36.43 45.96
CA ARG L 35 -10.58 35.03 45.96
C ARG L 35 -11.76 34.80 46.87
N TYR L 36 -11.74 35.41 48.07
CA TYR L 36 -12.89 35.28 48.97
C TYR L 36 -14.11 36.01 48.42
N TYR L 37 -13.90 37.08 47.65
CA TYR L 37 -14.99 37.79 47.01
C TYR L 37 -15.70 36.93 45.98
N LEU L 38 -14.93 36.35 45.06
CA LEU L 38 -15.51 35.49 44.04
C LEU L 38 -16.14 34.23 44.65
N ALA L 39 -15.52 33.69 45.71
CA ALA L 39 -16.08 32.48 46.32
C ALA L 39 -17.36 32.78 47.08
N ARG L 40 -17.44 33.94 47.73
CA ARG L 40 -18.65 34.29 48.46
C ARG L 40 -19.81 34.62 47.53
N ARG L 41 -19.55 35.34 46.43
CA ARG L 41 -20.61 35.57 45.47
C ARG L 41 -21.01 34.28 44.75
N ASN L 42 -20.08 33.34 44.60
CA ASN L 42 -20.42 32.02 44.07
C ASN L 42 -21.35 31.27 45.01
N ALA L 43 -21.07 31.34 46.32
CA ALA L 43 -21.95 30.70 47.32
C ALA L 43 -23.33 31.35 47.26
N LEU L 44 -23.37 32.69 47.25
CA LEU L 44 -24.66 33.42 47.18
C LEU L 44 -25.39 33.03 45.89
N GLU L 45 -24.66 32.98 44.77
CA GLU L 45 -25.28 32.63 43.46
C GLU L 45 -25.90 31.24 43.54
N MET L 46 -25.20 30.28 44.16
CA MET L 46 -25.70 28.91 44.19
C MET L 46 -26.91 28.79 45.11
N LEU L 47 -26.96 29.59 46.19
CA LEU L 47 -28.18 29.64 46.98
C LEU L 47 -29.34 30.31 46.24
N ARG L 48 -29.08 31.36 45.45
CA ARG L 48 -30.17 32.03 44.76
C ARG L 48 -30.70 31.20 43.60
N ASP L 49 -29.81 30.53 42.88
CA ASP L 49 -30.23 29.63 41.82
C ASP L 49 -30.75 28.30 42.35
N ARG L 50 -30.40 27.93 43.58
CA ARG L 50 -31.04 26.79 44.20
C ARG L 50 -32.49 27.11 44.54
N GLY L 51 -32.74 28.32 45.03
CA GLY L 51 -34.11 28.77 45.19
C GLY L 51 -34.42 29.57 46.43
N TYR L 52 -33.52 29.59 47.41
CA TYR L 52 -33.79 30.26 48.67
C TYR L 52 -33.77 31.77 48.45
N GLU L 53 -34.50 32.49 49.30
CA GLU L 53 -34.52 33.94 49.18
C GLU L 53 -33.27 34.52 49.84
N VAL L 54 -32.43 35.17 49.05
CA VAL L 54 -31.29 35.92 49.54
C VAL L 54 -31.36 37.31 48.93
N SER L 55 -30.69 38.25 49.58
CA SER L 55 -30.80 39.65 49.22
C SER L 55 -30.15 39.91 47.88
N LEU L 56 -30.88 40.60 47.00
CA LEU L 56 -30.28 41.12 45.78
C LEU L 56 -29.26 42.19 46.16
N GLU L 57 -28.19 42.25 45.35
CA GLU L 57 -27.02 43.13 45.36
C GLU L 57 -26.12 42.84 46.56
N ASP L 58 -26.50 41.86 47.40
CA ASP L 58 -25.54 41.08 48.15
C ASP L 58 -24.85 40.06 47.24
N ILE L 59 -25.47 39.77 46.09
CA ILE L 59 -24.75 39.19 44.97
C ILE L 59 -24.03 40.29 44.19
N ASN L 60 -24.79 41.25 43.70
CA ASN L 60 -24.34 42.19 42.68
C ASN L 60 -23.67 43.37 43.35
N LEU L 61 -22.39 43.21 43.67
CA LEU L 61 -21.58 44.29 44.22
C LEU L 61 -20.18 44.14 43.65
N SER L 62 -19.46 45.25 43.62
CA SER L 62 -18.17 45.32 42.93
C SER L 62 -17.08 44.59 43.72
N LEU L 63 -15.89 44.56 43.15
CA LEU L 63 -14.72 44.16 43.91
C LEU L 63 -14.22 45.29 44.79
N GLN L 64 -14.34 46.54 44.32
CA GLN L 64 -13.79 47.67 45.04
C GLN L 64 -14.57 47.95 46.32
N ASP L 65 -15.90 47.92 46.26
CA ASP L 65 -16.66 48.15 47.49
C ASP L 65 -16.59 46.95 48.44
N PHE L 66 -16.32 45.75 47.91
CA PHE L 66 -15.95 44.62 48.75
C PHE L 66 -14.67 44.91 49.52
N ARG L 67 -13.68 45.49 48.83
CA ARG L 67 -12.43 45.84 49.49
C ARG L 67 -12.62 46.98 50.48
N THR L 68 -13.59 47.87 50.25
CA THR L 68 -13.88 48.90 51.24
C THR L 68 -14.57 48.31 52.47
N VAL L 69 -15.48 47.36 52.29
CA VAL L 69 -16.25 46.89 53.45
C VAL L 69 -15.47 45.83 54.26
N TYR L 70 -14.62 45.02 53.63
CA TYR L 70 -13.97 43.95 54.37
C TYR L 70 -12.44 43.99 54.34
N GLY L 71 -11.83 44.80 53.51
CA GLY L 71 -10.40 45.02 53.56
C GLY L 71 -9.66 44.34 52.42
N GLU L 72 -8.37 44.17 52.63
CA GLU L 72 -7.50 43.46 51.69
C GLU L 72 -7.05 42.11 52.21
N ARG L 73 -7.11 41.88 53.52
CA ARG L 73 -6.74 40.60 54.14
C ARG L 73 -7.84 40.19 55.10
N PRO L 74 -8.92 39.62 54.59
CA PRO L 74 -10.16 39.57 55.37
C PRO L 74 -10.24 38.40 56.34
N ASP L 75 -10.93 38.63 57.45
CA ASP L 75 -11.18 37.62 58.45
C ASP L 75 -12.42 36.81 58.09
N VAL L 76 -12.39 35.52 58.42
CA VAL L 76 -13.35 34.58 57.87
C VAL L 76 -14.59 34.35 58.73
N ASP L 77 -14.52 34.60 60.04
CA ASP L 77 -15.69 34.38 60.88
C ASP L 77 -16.68 35.53 60.81
N ARG L 78 -16.30 36.64 60.16
CA ARG L 78 -17.25 37.72 59.88
C ARG L 78 -17.82 37.54 58.47
N LEU L 79 -18.36 36.35 58.24
CA LEU L 79 -18.86 35.95 56.93
C LEU L 79 -20.30 36.43 56.76
N ARG L 80 -20.94 35.97 55.69
CA ARG L 80 -22.37 36.18 55.47
C ARG L 80 -23.13 34.96 55.98
N ILE L 81 -23.70 35.08 57.17
CA ILE L 81 -24.63 34.08 57.67
C ILE L 81 -25.91 34.17 56.83
N SER L 82 -26.15 33.15 56.01
CA SER L 82 -27.12 33.27 54.94
C SER L 82 -28.54 33.08 55.47
N ALA L 83 -29.50 33.14 54.53
CA ALA L 83 -30.92 33.29 54.82
C ALA L 83 -31.67 31.96 54.65
N HIS L 84 -33.01 32.04 54.67
CA HIS L 84 -33.89 30.88 54.67
C HIS L 84 -34.64 30.73 53.34
N HIS L 85 -35.58 29.80 53.32
CA HIS L 85 -36.26 29.36 52.10
C HIS L 85 -37.17 30.46 51.54
N ARG L 86 -37.50 30.33 50.26
CA ARG L 86 -38.33 31.34 49.60
C ARG L 86 -39.79 31.17 49.97
N SER L 87 -40.37 30.02 49.65
CA SER L 87 -41.78 29.79 49.96
C SER L 87 -41.96 29.17 51.34
N ASP L 88 -41.13 28.20 51.70
CA ASP L 88 -41.10 27.66 53.05
C ASP L 88 -40.47 28.68 54.00
N SER L 89 -40.65 28.44 55.30
CA SER L 89 -40.12 29.30 56.34
C SER L 89 -39.08 28.59 57.20
N SER L 90 -39.35 27.34 57.59
CA SER L 90 -38.51 26.62 58.53
C SER L 90 -37.22 26.08 57.93
N ASN L 91 -37.02 26.22 56.62
CA ASN L 91 -35.83 25.71 55.96
C ASN L 91 -34.80 26.84 55.87
N LYS L 92 -33.84 26.84 56.78
CA LYS L 92 -32.81 27.87 56.84
C LYS L 92 -31.42 27.23 56.85
N VAL L 93 -30.42 28.05 56.51
CA VAL L 93 -29.10 27.57 56.14
C VAL L 93 -28.06 28.61 56.53
N LYS L 94 -26.79 28.18 56.59
CA LYS L 94 -25.66 29.06 56.89
C LYS L 94 -24.50 28.72 55.96
N VAL L 95 -23.43 29.51 56.06
CA VAL L 95 -22.15 29.21 55.41
C VAL L 95 -21.10 29.23 56.51
N VAL L 96 -20.03 28.45 56.35
CA VAL L 96 -18.88 28.48 57.24
C VAL L 96 -17.61 28.48 56.39
N PHE L 97 -16.83 29.55 56.51
CA PHE L 97 -15.54 29.70 55.85
C PHE L 97 -14.45 29.20 56.81
N PHE L 98 -13.21 29.15 56.33
CA PHE L 98 -12.15 28.48 57.08
C PHE L 98 -10.84 29.24 56.97
N GLY L 99 -9.86 28.80 57.76
CA GLY L 99 -8.51 29.29 57.69
C GLY L 99 -7.67 28.52 56.68
N THR L 100 -6.42 28.97 56.51
CA THR L 100 -5.59 28.48 55.43
C THR L 100 -5.01 27.10 55.71
N GLY L 101 -4.52 26.87 56.93
CA GLY L 101 -3.73 25.69 57.23
C GLY L 101 -4.52 24.41 57.25
N LYS L 102 -3.78 23.30 57.45
CA LYS L 102 -4.36 21.97 57.46
C LYS L 102 -5.26 21.79 58.68
N VAL L 103 -6.38 21.12 58.46
CA VAL L 103 -7.50 21.14 59.40
C VAL L 103 -7.59 19.80 60.13
N LYS L 104 -8.10 19.86 61.37
CA LYS L 104 -8.41 18.69 62.17
C LYS L 104 -9.86 18.79 62.64
N VAL L 105 -10.52 17.63 62.72
CA VAL L 105 -11.98 17.56 62.82
C VAL L 105 -12.51 18.05 64.18
N ASN L 106 -11.64 18.22 65.18
CA ASN L 106 -12.08 18.75 66.47
C ASN L 106 -12.62 20.18 66.33
N THR L 107 -12.01 20.96 65.44
CA THR L 107 -12.49 22.28 65.07
C THR L 107 -13.90 22.21 64.50
N ILE L 108 -14.15 21.23 63.63
CA ILE L 108 -15.43 21.10 62.97
C ILE L 108 -16.50 20.63 63.96
N ARG L 109 -16.12 19.80 64.93
CA ARG L 109 -17.10 19.35 65.92
C ARG L 109 -17.44 20.47 66.91
N SER L 110 -16.46 21.29 67.28
CA SER L 110 -16.73 22.41 68.18
C SER L 110 -17.57 23.48 67.49
N VAL L 111 -17.24 23.78 66.22
CA VAL L 111 -18.03 24.77 65.50
C VAL L 111 -19.41 24.19 65.18
N ALA L 112 -19.55 22.87 65.08
CA ALA L 112 -20.88 22.31 64.87
C ALA L 112 -21.71 22.35 66.16
N ALA L 113 -21.04 22.20 67.32
CA ALA L 113 -21.72 22.38 68.60
C ALA L 113 -22.26 23.80 68.75
N GLU L 114 -21.45 24.81 68.38
CA GLU L 114 -21.98 26.17 68.48
C GLU L 114 -23.00 26.47 67.40
N ILE L 115 -22.89 25.84 66.21
CA ILE L 115 -23.92 25.99 65.17
C ILE L 115 -25.26 25.46 65.64
N LEU L 116 -25.31 24.25 66.20
CA LEU L 116 -26.59 23.74 66.68
C LEU L 116 -27.04 24.45 67.94
N SER L 117 -26.13 25.19 68.60
CA SER L 117 -26.54 26.01 69.73
C SER L 117 -27.14 27.34 69.29
N GLN L 118 -26.96 27.74 68.02
CA GLN L 118 -27.28 29.11 67.60
C GLN L 118 -28.74 29.59 67.62
N GLU L 119 -29.57 29.09 66.70
CA GLU L 119 -31.02 29.15 66.90
C GLU L 119 -31.59 27.83 66.45
N THR L 120 -31.46 27.61 65.14
CA THR L 120 -31.97 26.50 64.35
C THR L 120 -31.48 26.70 62.92
N ILE L 121 -31.20 25.61 62.21
CA ILE L 121 -30.90 25.63 60.79
C ILE L 121 -31.64 24.45 60.15
N THR L 122 -31.38 24.24 58.86
CA THR L 122 -31.62 22.95 58.23
C THR L 122 -30.39 22.47 57.49
N GLY L 123 -29.26 23.11 57.72
CA GLY L 123 -28.02 22.74 57.05
C GLY L 123 -27.09 23.94 56.94
N LEU L 124 -25.91 23.68 56.40
CA LEU L 124 -24.96 24.74 56.08
C LEU L 124 -23.97 24.26 55.04
N ILE L 125 -23.28 25.22 54.44
CA ILE L 125 -22.23 24.94 53.47
C ILE L 125 -20.89 25.19 54.13
N LEU L 126 -20.10 24.12 54.28
CA LEU L 126 -18.73 24.22 54.76
C LEU L 126 -17.83 24.44 53.55
N VAL L 127 -17.38 25.67 53.34
CA VAL L 127 -16.39 25.90 52.29
C VAL L 127 -15.01 25.71 52.93
N LEU L 128 -14.35 24.62 52.57
CA LEU L 128 -13.05 24.30 53.13
C LEU L 128 -11.98 25.01 52.33
N GLN L 129 -10.71 24.84 52.71
CA GLN L 129 -9.64 25.61 52.09
C GLN L 129 -8.64 24.73 51.35
N ASN L 130 -8.02 23.76 52.03
CA ASN L 130 -6.92 23.06 51.39
C ASN L 130 -7.06 21.54 51.49
N GLN L 131 -7.84 21.05 52.44
CA GLN L 131 -7.94 19.60 52.63
C GLN L 131 -9.19 19.27 53.43
N VAL L 132 -9.82 18.15 53.07
CA VAL L 132 -10.80 17.48 53.92
C VAL L 132 -10.21 16.14 54.35
N THR L 133 -10.73 15.62 55.45
CA THR L 133 -10.16 14.45 56.11
C THR L 133 -11.16 13.29 55.97
N ASP L 134 -10.65 12.08 55.74
CA ASP L 134 -11.53 10.92 55.75
C ASP L 134 -12.08 10.61 57.13
N LYS L 135 -11.42 11.09 58.19
CA LYS L 135 -12.01 11.08 59.51
C LYS L 135 -13.12 12.12 59.65
N ALA L 136 -13.17 13.12 58.78
CA ALA L 136 -14.12 14.21 58.95
C ALA L 136 -15.51 13.88 58.42
N LEU L 137 -15.60 13.23 57.26
CA LEU L 137 -16.89 13.00 56.61
C LEU L 137 -17.80 12.07 57.43
N LYS L 138 -17.22 11.08 58.11
CA LYS L 138 -18.01 10.23 58.99
C LYS L 138 -18.32 10.92 60.32
N ALA L 139 -17.49 11.87 60.74
CA ALA L 139 -17.68 12.60 61.97
C ALA L 139 -18.48 13.89 61.77
N ILE L 140 -18.93 14.15 60.54
CA ILE L 140 -19.99 15.11 60.30
C ILE L 140 -21.28 14.43 59.86
N GLU L 141 -21.23 13.14 59.54
CA GLU L 141 -22.38 12.34 59.14
C GLU L 141 -23.40 12.14 60.26
N LEU L 142 -22.98 12.24 61.51
CA LEU L 142 -23.86 11.96 62.64
C LEU L 142 -24.68 13.16 63.09
N PHE L 143 -24.47 14.32 62.48
CA PHE L 143 -25.11 15.53 62.96
C PHE L 143 -26.59 15.54 62.57
N THR L 144 -27.32 16.48 63.15
CA THR L 144 -28.77 16.48 63.11
C THR L 144 -29.35 17.24 61.92
N PHE L 145 -28.54 17.62 60.93
CA PHE L 145 -29.04 18.25 59.72
C PHE L 145 -28.23 17.72 58.53
N LYS L 146 -28.39 18.37 57.39
CA LYS L 146 -27.72 17.99 56.14
C LYS L 146 -26.78 19.11 55.70
N VAL L 147 -25.48 18.86 55.79
CA VAL L 147 -24.49 19.87 55.45
C VAL L 147 -23.69 19.41 54.23
N GLU L 148 -23.05 20.38 53.58
CA GLU L 148 -22.22 20.17 52.41
C GLU L 148 -20.79 20.57 52.70
N ILE L 149 -19.85 19.97 51.96
CA ILE L 149 -18.45 20.37 52.00
C ILE L 149 -17.99 20.70 50.58
N PHE L 150 -17.36 21.85 50.41
CA PHE L 150 -16.88 22.35 49.13
C PHE L 150 -15.38 22.60 49.21
N GLN L 151 -14.84 23.23 48.17
CA GLN L 151 -13.45 23.63 48.11
C GLN L 151 -13.38 25.07 47.64
N ILE L 152 -12.45 25.84 48.23
CA ILE L 152 -12.36 27.27 47.96
C ILE L 152 -11.93 27.56 46.52
N THR L 153 -11.22 26.64 45.88
CA THR L 153 -10.72 26.85 44.54
C THR L 153 -11.63 26.28 43.46
N ASP L 154 -12.63 25.47 43.84
CA ASP L 154 -13.70 25.06 42.94
C ASP L 154 -14.76 26.13 42.77
N LEU L 155 -14.77 27.14 43.63
CA LEU L 155 -15.87 28.12 43.69
C LEU L 155 -15.47 29.46 43.09
N LEU L 156 -14.68 29.48 42.02
CA LEU L 156 -14.24 30.75 41.45
C LEU L 156 -15.07 31.11 40.21
N VAL L 157 -15.09 30.23 39.24
CA VAL L 157 -15.94 30.35 38.05
C VAL L 157 -17.29 29.72 38.33
N ASN L 158 -18.36 30.43 37.97
CA ASN L 158 -19.69 29.86 38.04
C ASN L 158 -19.88 28.90 36.87
N LEU L 159 -20.13 27.64 37.19
CA LEU L 159 -20.26 26.61 36.15
C LEU L 159 -21.60 26.64 35.45
N THR L 160 -22.62 27.26 36.03
CA THR L 160 -23.90 27.41 35.36
C THR L 160 -24.00 28.72 34.60
N LYS L 161 -22.93 29.50 34.57
CA LYS L 161 -22.83 30.65 33.70
C LYS L 161 -22.04 30.34 32.43
N HIS L 162 -21.42 29.16 32.36
CA HIS L 162 -20.67 28.76 31.18
C HIS L 162 -21.61 28.51 30.02
N VAL L 163 -21.08 28.69 28.81
CA VAL L 163 -21.90 28.59 27.60
C VAL L 163 -22.36 27.17 27.35
N LEU L 164 -21.52 26.18 27.62
CA LEU L 164 -21.84 24.79 27.35
C LEU L 164 -22.80 24.19 28.37
N SER L 165 -23.20 24.94 29.39
CA SER L 165 -24.08 24.44 30.43
C SER L 165 -25.51 24.32 29.92
N LEU L 166 -26.25 23.38 30.51
CA LEU L 166 -27.62 23.10 30.12
C LEU L 166 -28.51 23.12 31.35
N ARG L 167 -29.81 23.24 31.10
CA ARG L 167 -30.79 23.28 32.17
C ARG L 167 -31.00 21.88 32.73
N HIS L 168 -31.15 21.79 34.04
CA HIS L 168 -31.44 20.53 34.71
C HIS L 168 -32.67 20.80 35.57
N ARG L 169 -33.85 20.70 34.97
CA ARG L 169 -35.07 20.95 35.71
C ARG L 169 -35.50 19.64 36.36
N VAL L 170 -35.50 19.62 37.69
CA VAL L 170 -35.90 18.43 38.43
C VAL L 170 -37.41 18.34 38.41
N LEU L 171 -37.93 17.15 38.14
CA LEU L 171 -39.36 16.97 38.10
C LEU L 171 -39.88 16.43 39.44
N THR L 172 -41.14 16.73 39.72
CA THR L 172 -41.78 16.44 40.99
C THR L 172 -41.89 14.94 41.23
N ASP L 173 -42.31 14.59 42.45
CA ASP L 173 -42.53 13.18 42.77
C ASP L 173 -43.71 12.62 41.97
N GLY L 174 -44.74 13.44 41.76
CA GLY L 174 -45.86 13.00 40.95
C GLY L 174 -45.49 12.83 39.48
N GLU L 175 -44.63 13.70 38.96
CA GLU L 175 -44.17 13.53 37.58
C GLU L 175 -43.22 12.37 37.44
N LYS L 176 -42.44 12.07 38.48
CA LYS L 176 -41.66 10.84 38.52
C LYS L 176 -42.55 9.61 38.46
N LYS L 177 -43.65 9.63 39.23
CA LYS L 177 -44.63 8.54 39.17
C LYS L 177 -45.28 8.43 37.80
N ALA L 178 -45.60 9.56 37.18
CA ALA L 178 -46.27 9.53 35.88
C ALA L 178 -45.33 9.11 34.76
N LEU L 179 -44.02 9.34 34.91
CA LEU L 179 -43.08 8.80 33.93
C LEU L 179 -42.85 7.31 34.15
N LEU L 180 -42.80 6.87 35.41
CA LEU L 180 -42.67 5.44 35.68
C LEU L 180 -43.93 4.67 35.32
N LYS L 181 -45.07 5.36 35.21
CA LYS L 181 -46.31 4.81 34.70
C LYS L 181 -46.16 4.26 33.29
N GLN L 182 -45.47 4.99 32.43
CA GLN L 182 -45.56 4.77 30.99
C GLN L 182 -44.73 3.57 30.56
N PHE L 183 -43.53 3.44 31.10
CA PHE L 183 -42.60 2.45 30.59
C PHE L 183 -42.48 1.21 31.47
N ASN L 184 -43.27 1.14 32.56
CA ASN L 184 -43.35 -0.02 33.46
C ASN L 184 -42.00 -0.39 34.04
N ILE L 185 -41.28 0.61 34.56
CA ILE L 185 -39.91 0.41 35.02
C ILE L 185 -39.79 0.82 36.48
N GLU L 186 -38.67 0.41 37.09
CA GLU L 186 -38.50 0.32 38.53
C GLU L 186 -37.25 1.07 38.97
N GLU L 187 -36.93 2.17 38.27
CA GLU L 187 -36.04 3.25 38.71
C GLU L 187 -34.57 2.86 38.81
N LYS L 188 -34.25 1.58 38.76
CA LYS L 188 -32.85 1.13 38.68
C LYS L 188 -32.55 0.55 37.31
N GLN L 189 -33.48 0.68 36.38
CA GLN L 189 -33.25 0.37 34.98
C GLN L 189 -33.14 1.62 34.14
N LEU L 190 -33.13 2.78 34.76
CA LEU L 190 -32.95 4.08 34.11
C LEU L 190 -31.48 4.38 33.92
N PRO L 191 -31.14 5.29 33.01
CA PRO L 191 -29.78 5.82 33.00
C PRO L 191 -29.54 6.65 34.25
N ARG L 192 -28.30 6.68 34.71
CA ARG L 192 -27.98 7.28 35.98
C ARG L 192 -27.14 8.53 35.80
N ILE L 193 -27.06 9.30 36.88
CA ILE L 193 -26.10 10.38 37.04
C ILE L 193 -25.60 10.30 38.48
N SER L 194 -24.29 10.33 38.65
CA SER L 194 -23.74 10.07 39.98
C SER L 194 -23.93 11.29 40.88
N LYS L 195 -23.88 11.05 42.19
CA LYS L 195 -24.09 12.15 43.12
C LYS L 195 -22.85 13.00 43.35
N LYS L 196 -21.66 12.48 43.04
CA LYS L 196 -20.44 13.27 43.06
C LYS L 196 -20.17 13.88 41.71
N ASP L 197 -21.17 14.58 41.18
CA ASP L 197 -21.16 15.22 39.88
C ASP L 197 -21.19 16.71 40.10
N ALA L 198 -21.01 17.47 39.02
CA ALA L 198 -20.95 18.92 39.16
C ALA L 198 -22.32 19.51 39.45
N VAL L 199 -23.29 19.28 38.55
CA VAL L 199 -24.59 19.92 38.67
C VAL L 199 -25.41 19.31 39.81
N VAL L 200 -25.12 18.06 40.18
CA VAL L 200 -25.83 17.39 41.27
C VAL L 200 -25.52 18.03 42.61
N ARG L 201 -24.26 18.37 42.85
CA ARG L 201 -23.94 19.12 44.07
C ARG L 201 -24.17 20.61 43.91
N TYR L 202 -24.20 21.13 42.68
CA TYR L 202 -24.52 22.54 42.51
C TYR L 202 -25.98 22.81 42.83
N TYR L 203 -26.87 21.83 42.66
CA TYR L 203 -28.23 22.02 43.09
C TYR L 203 -28.58 21.25 44.37
N GLY L 204 -27.66 20.44 44.88
CA GLY L 204 -27.86 19.75 46.14
C GLY L 204 -28.93 18.70 46.09
N LEU L 205 -28.77 17.72 45.20
CA LEU L 205 -29.82 16.75 44.96
C LEU L 205 -29.54 15.46 45.73
N GLU L 206 -30.61 14.82 46.19
CA GLU L 206 -30.49 13.55 46.88
C GLU L 206 -30.58 12.39 45.90
N LYS L 207 -30.28 11.20 46.40
CA LYS L 207 -30.41 10.00 45.59
C LYS L 207 -31.88 9.71 45.34
N GLY L 208 -32.20 9.36 44.09
CA GLY L 208 -33.54 8.95 43.74
C GLY L 208 -34.35 10.00 43.02
N GLN L 209 -33.95 11.26 43.06
CA GLN L 209 -34.62 12.23 42.22
C GLN L 209 -34.25 12.00 40.76
N ILE L 210 -35.11 12.44 39.86
CA ILE L 210 -34.92 12.22 38.43
C ILE L 210 -34.98 13.56 37.73
N VAL L 211 -33.95 13.85 36.94
CA VAL L 211 -33.79 15.14 36.29
C VAL L 211 -33.85 14.92 34.78
N LYS L 212 -34.23 15.96 34.05
CA LYS L 212 -34.28 15.90 32.61
C LYS L 212 -33.41 17.00 32.01
N VAL L 213 -32.96 16.76 30.80
CA VAL L 213 -32.11 17.73 30.09
C VAL L 213 -32.43 17.66 28.60
N SER L 214 -32.69 18.83 28.01
CA SER L 214 -32.96 18.94 26.59
C SER L 214 -31.73 19.52 25.90
N TYR L 215 -31.23 18.80 24.89
CA TYR L 215 -29.96 19.13 24.27
C TYR L 215 -30.16 20.08 23.10
N ARG L 216 -29.41 21.17 23.12
CA ARG L 216 -29.22 22.03 21.97
C ARG L 216 -27.86 21.70 21.37
N GLY L 217 -27.81 21.63 20.05
CA GLY L 217 -26.59 21.26 19.37
C GLY L 217 -26.89 20.47 18.13
N GLU L 218 -26.13 20.77 17.08
CA GLU L 218 -26.61 20.54 15.71
C GLU L 218 -26.61 19.06 15.33
N LEU L 219 -26.10 18.18 16.19
CA LEU L 219 -26.38 16.76 16.04
C LEU L 219 -27.37 16.22 17.06
N THR L 220 -27.61 16.93 18.16
CA THR L 220 -28.51 16.43 19.20
C THR L 220 -29.63 17.42 19.50
N GLU L 221 -30.04 18.24 18.52
CA GLU L 221 -31.20 19.09 18.74
C GLU L 221 -32.47 18.27 18.78
N SER L 222 -33.43 18.76 19.57
CA SER L 222 -34.72 18.12 19.84
C SER L 222 -34.53 16.72 20.41
N TYR L 223 -33.61 16.60 21.36
CA TYR L 223 -33.32 15.33 21.99
C TYR L 223 -33.27 15.56 23.50
N VAL L 224 -34.08 14.81 24.24
CA VAL L 224 -34.14 14.97 25.68
C VAL L 224 -33.68 13.68 26.33
N ALA L 225 -33.22 13.81 27.58
CA ALA L 225 -32.79 12.66 28.37
C ALA L 225 -33.29 12.80 29.80
N TYR L 226 -33.43 11.66 30.46
CA TYR L 226 -33.91 11.58 31.85
C TYR L 226 -32.94 10.71 32.63
N ARG L 227 -32.41 11.23 33.73
CA ARG L 227 -31.46 10.48 34.53
C ARG L 227 -31.90 10.44 35.98
N CYS L 228 -31.63 9.32 36.63
CA CYS L 228 -31.92 9.11 38.04
C CYS L 228 -30.64 9.25 38.83
N VAL L 229 -30.65 10.11 39.85
CA VAL L 229 -29.47 10.29 40.70
C VAL L 229 -29.26 9.03 41.53
N TRP L 230 -28.10 8.41 41.38
CA TRP L 230 -27.89 7.07 41.92
C TRP L 230 -26.50 6.93 42.53
N VAL M 15 46.86 16.42 -15.70
CA VAL M 15 46.31 16.01 -16.99
C VAL M 15 44.80 16.21 -16.98
N ASP M 16 44.28 16.90 -17.99
CA ASP M 16 42.85 17.04 -18.13
C ASP M 16 42.22 15.73 -18.55
N LEU M 17 40.98 15.52 -18.12
CA LEU M 17 40.25 14.31 -18.51
C LEU M 17 39.26 14.58 -19.62
N ARG M 18 39.19 15.82 -20.11
CA ARG M 18 38.24 16.19 -21.15
C ARG M 18 38.62 15.55 -22.47
N ASP M 19 39.92 15.46 -22.74
CA ASP M 19 40.38 14.88 -24.01
C ASP M 19 40.21 13.37 -24.05
N LEU M 20 40.01 12.72 -22.91
CA LEU M 20 39.65 11.31 -22.92
C LEU M 20 38.24 11.12 -23.47
N GLY M 21 37.37 12.09 -23.25
CA GLY M 21 36.04 12.01 -23.80
C GLY M 21 35.05 11.28 -22.91
N GLU M 22 33.79 11.66 -23.01
CA GLU M 22 32.74 10.96 -22.26
C GLU M 22 32.42 9.54 -22.77
N PRO M 23 32.22 9.28 -24.09
CA PRO M 23 31.84 7.90 -24.48
C PRO M 23 32.94 6.86 -24.26
N PHE M 24 34.21 7.31 -24.29
CA PHE M 24 35.30 6.42 -23.92
C PHE M 24 35.19 6.00 -22.47
N LEU M 25 34.83 6.93 -21.59
CA LEU M 25 34.73 6.63 -20.17
C LEU M 25 33.52 5.77 -19.88
N GLN M 26 32.44 5.94 -20.64
CA GLN M 26 31.28 5.05 -20.49
C GLN M 26 31.61 3.63 -20.93
N SER M 27 32.34 3.50 -22.05
CA SER M 27 32.76 2.19 -22.51
C SER M 27 33.70 1.51 -21.52
N PHE M 28 34.59 2.30 -20.90
CA PHE M 28 35.47 1.75 -19.89
C PHE M 28 34.70 1.30 -18.66
N CYS M 29 33.67 2.06 -18.27
CA CYS M 29 32.86 1.68 -17.11
C CYS M 29 32.13 0.36 -17.36
N LYS M 30 31.62 0.17 -18.58
CA LYS M 30 30.96 -1.08 -18.91
C LYS M 30 31.95 -2.25 -18.94
N LYS M 31 33.14 -2.03 -19.52
CA LYS M 31 34.15 -3.09 -19.55
C LYS M 31 34.65 -3.44 -18.15
N ALA M 32 34.75 -2.45 -17.27
CA ALA M 32 35.25 -2.69 -15.92
C ALA M 32 34.23 -3.44 -15.08
N ALA M 33 32.94 -3.12 -15.23
CA ALA M 33 31.92 -3.87 -14.51
C ALA M 33 31.80 -5.30 -15.04
N THR M 34 31.99 -5.48 -16.36
CA THR M 34 31.99 -6.82 -16.93
C THR M 34 33.15 -7.65 -16.39
N SER M 35 34.32 -7.04 -16.23
CA SER M 35 35.45 -7.73 -15.64
C SER M 35 35.22 -8.07 -14.17
N PHE M 36 34.53 -7.19 -13.43
CA PHE M 36 34.15 -7.49 -12.06
C PHE M 36 33.29 -8.74 -11.99
N PHE M 37 32.28 -8.82 -12.85
CA PHE M 37 31.35 -9.95 -12.76
C PHE M 37 31.98 -11.24 -13.30
N ASP M 38 32.95 -11.11 -14.20
CA ASP M 38 33.70 -12.30 -14.62
C ASP M 38 34.62 -12.80 -13.51
N GLU M 39 35.19 -11.90 -12.71
CA GLU M 39 36.20 -12.31 -11.76
C GLU M 39 35.59 -12.78 -10.43
N TYR M 40 34.48 -12.18 -10.02
CA TYR M 40 33.92 -12.45 -8.70
C TYR M 40 32.63 -13.26 -8.74
N GLY M 41 31.76 -12.98 -9.69
CA GLY M 41 30.46 -13.60 -9.70
C GLY M 41 29.52 -12.95 -8.72
N LEU M 42 28.46 -13.67 -8.37
CA LEU M 42 27.46 -13.16 -7.46
C LEU M 42 27.41 -13.88 -6.13
N VAL M 43 28.21 -14.91 -5.93
CA VAL M 43 28.17 -15.67 -4.68
C VAL M 43 29.55 -15.79 -4.07
N SER M 44 30.41 -14.80 -4.29
CA SER M 44 31.77 -14.91 -3.79
C SER M 44 31.83 -14.71 -2.30
N HIS M 45 30.82 -14.04 -1.74
CA HIS M 45 30.86 -13.72 -0.31
C HIS M 45 30.52 -14.92 0.55
N GLN M 46 29.81 -15.92 -0.01
CA GLN M 46 29.59 -17.17 0.70
C GLN M 46 30.81 -18.09 0.57
N LEU M 47 31.32 -18.20 -0.66
CA LEU M 47 32.37 -19.16 -0.95
C LEU M 47 33.69 -18.75 -0.31
N ASN M 48 34.00 -17.45 -0.29
CA ASN M 48 35.24 -16.98 0.32
C ASN M 48 35.25 -17.23 1.81
N SER M 49 34.10 -17.07 2.47
CA SER M 49 34.01 -17.27 3.91
C SER M 49 34.15 -18.75 4.26
N TYR M 50 33.49 -19.62 3.50
CA TYR M 50 33.64 -21.05 3.72
C TYR M 50 35.07 -21.52 3.44
N ASN M 51 35.70 -20.95 2.41
CA ASN M 51 37.06 -21.34 2.04
C ASN M 51 38.05 -20.92 3.11
N PHE M 52 37.86 -19.73 3.69
CA PHE M 52 38.70 -19.31 4.81
C PHE M 52 38.50 -20.19 6.02
N PHE M 53 37.29 -20.67 6.26
CA PHE M 53 37.07 -21.54 7.42
C PHE M 53 37.76 -22.89 7.24
N ILE M 54 37.74 -23.42 6.02
CA ILE M 54 38.39 -24.71 5.79
C ILE M 54 39.91 -24.56 5.83
N GLU M 55 40.43 -23.48 5.25
CA GLU M 55 41.88 -23.37 5.13
C GLU M 55 42.55 -22.94 6.43
N HIS M 56 41.92 -22.03 7.19
CA HIS M 56 42.55 -21.48 8.38
C HIS M 56 41.77 -21.70 9.66
N GLY M 57 40.47 -21.44 9.66
CA GLY M 57 39.74 -21.31 10.91
C GLY M 57 39.54 -22.62 11.65
N LEU M 58 39.59 -23.74 10.94
CA LEU M 58 39.45 -25.06 11.56
C LEU M 58 40.62 -25.35 12.49
N GLN M 59 41.83 -25.08 12.02
CA GLN M 59 43.04 -25.27 12.83
C GLN M 59 43.04 -24.33 14.02
N SER M 60 42.54 -23.12 13.84
CA SER M 60 42.48 -22.16 14.94
C SER M 60 41.51 -22.62 16.01
N VAL M 61 40.41 -23.25 15.61
CA VAL M 61 39.49 -23.84 16.59
C VAL M 61 40.18 -24.96 17.36
N PHE M 62 40.84 -25.87 16.64
CA PHE M 62 41.35 -27.07 17.30
C PHE M 62 42.60 -26.80 18.12
N GLU M 63 43.25 -25.65 17.89
CA GLU M 63 44.40 -25.31 18.72
C GLU M 63 44.04 -24.32 19.81
N SER M 64 43.12 -23.39 19.54
CA SER M 64 42.66 -22.47 20.57
C SER M 64 41.85 -23.17 21.63
N SER M 65 41.31 -24.36 21.32
CA SER M 65 40.65 -25.18 22.34
C SER M 65 41.62 -25.59 23.44
N GLY M 66 42.88 -25.84 23.10
CA GLY M 66 43.90 -26.13 24.08
C GLY M 66 44.00 -27.61 24.42
N GLU M 67 45.13 -27.96 25.02
CA GLU M 67 45.31 -29.32 25.51
C GLU M 67 44.59 -29.51 26.84
N MET M 68 44.47 -30.76 27.29
CA MET M 68 43.84 -31.01 28.58
C MET M 68 44.37 -32.28 29.21
N LEU M 69 44.28 -32.35 30.53
CA LEU M 69 44.75 -33.52 31.27
C LEU M 69 43.68 -33.95 32.25
N VAL M 70 43.33 -35.23 32.19
CA VAL M 70 42.39 -35.83 33.12
C VAL M 70 43.17 -36.34 34.33
N GLU M 71 42.65 -36.06 35.52
CA GLU M 71 43.23 -36.41 36.80
C GLU M 71 42.09 -36.95 37.65
N PRO M 72 42.22 -38.16 38.23
CA PRO M 72 41.14 -38.72 39.02
C PRO M 72 41.21 -38.31 40.49
N TYR M 86 47.46 -38.98 36.36
CA TYR M 86 47.51 -38.02 35.26
C TYR M 86 47.32 -38.75 33.94
N ALA M 87 46.75 -38.04 32.97
CA ALA M 87 46.82 -38.42 31.56
C ALA M 87 46.52 -37.19 30.73
N THR M 88 47.46 -36.79 29.88
CA THR M 88 47.30 -35.59 29.08
C THR M 88 47.05 -35.95 27.62
N VAL M 89 46.23 -35.12 26.96
CA VAL M 89 45.97 -35.22 25.53
C VAL M 89 46.18 -33.85 24.89
N LYS M 90 46.62 -33.89 23.64
CA LYS M 90 46.93 -32.72 22.84
C LYS M 90 46.42 -32.97 21.43
N PHE M 91 45.78 -31.98 20.83
CA PHE M 91 45.31 -32.08 19.47
C PHE M 91 46.35 -31.51 18.51
N GLY M 92 46.61 -32.23 17.43
CA GLY M 92 47.60 -31.82 16.45
C GLY M 92 46.97 -31.07 15.29
N GLU M 93 47.40 -31.42 14.08
CA GLU M 93 46.88 -30.75 12.89
C GLU M 93 45.65 -31.49 12.36
N VAL M 94 44.79 -30.75 11.66
CA VAL M 94 43.52 -31.29 11.19
C VAL M 94 43.53 -31.37 9.68
N SER M 95 43.04 -32.50 9.17
CA SER M 95 42.95 -32.78 7.74
C SER M 95 41.50 -33.04 7.39
N VAL M 96 41.11 -32.61 6.20
CA VAL M 96 39.79 -32.94 5.65
C VAL M 96 40.00 -33.50 4.26
N ASP M 97 39.25 -34.53 3.91
CA ASP M 97 39.33 -35.13 2.58
C ASP M 97 37.96 -35.08 1.89
N LYS M 98 37.97 -35.33 0.59
CA LYS M 98 36.82 -35.07 -0.27
C LYS M 98 35.67 -36.02 0.06
N PRO M 99 34.43 -35.63 -0.23
CA PRO M 99 33.29 -36.51 0.07
C PRO M 99 33.27 -37.74 -0.81
N THR M 100 33.19 -38.91 -0.16
CA THR M 100 33.21 -40.20 -0.84
C THR M 100 32.11 -41.09 -0.28
N LEU M 101 31.82 -42.17 -1.00
CA LEU M 101 30.83 -43.16 -0.59
C LEU M 101 31.49 -44.52 -0.36
N TYR M 102 31.09 -45.18 0.72
CA TYR M 102 31.62 -46.49 1.08
C TYR M 102 30.51 -47.52 0.94
N SER M 103 29.80 -47.49 -0.18
CA SER M 103 28.70 -48.44 -0.41
C SER M 103 29.21 -49.87 -0.50
N ASP M 104 30.14 -50.12 -1.41
CA ASP M 104 30.99 -51.29 -1.35
C ASP M 104 32.25 -50.92 -0.58
N ASP M 105 33.26 -51.78 -0.65
CA ASP M 105 34.55 -51.38 -0.09
C ASP M 105 35.39 -50.63 -1.11
N LYS M 106 34.81 -50.33 -2.27
CA LYS M 106 35.35 -49.33 -3.18
C LYS M 106 35.06 -47.92 -2.64
N GLU M 107 35.92 -46.98 -3.01
CA GLU M 107 35.75 -45.55 -2.72
C GLU M 107 35.14 -44.92 -3.97
N LEU M 108 33.87 -44.55 -3.89
CA LEU M 108 33.18 -43.95 -5.00
C LEU M 108 33.18 -42.42 -4.86
N VAL M 109 33.26 -41.73 -5.99
CA VAL M 109 33.17 -40.28 -5.96
C VAL M 109 31.74 -39.89 -5.63
N PHE M 110 31.59 -38.87 -4.82
CA PHE M 110 30.30 -38.45 -4.30
C PHE M 110 30.00 -37.04 -4.80
N LEU M 111 28.99 -36.91 -5.55
CA LEU M 111 28.54 -35.69 -6.19
C LEU M 111 27.27 -35.19 -5.51
N PRO M 112 26.93 -33.89 -5.58
CA PRO M 112 25.74 -33.41 -4.85
C PRO M 112 24.41 -33.94 -5.36
N TRP M 113 24.33 -34.34 -6.63
CA TRP M 113 23.07 -34.84 -7.14
C TRP M 113 22.79 -36.25 -6.63
N HIS M 114 23.84 -37.02 -6.33
CA HIS M 114 23.68 -38.28 -5.61
C HIS M 114 23.08 -38.04 -4.24
N ALA M 115 23.54 -37.01 -3.55
CA ALA M 115 23.04 -36.67 -2.22
C ALA M 115 21.60 -36.18 -2.29
N ARG M 116 21.24 -35.49 -3.37
CA ARG M 116 19.85 -35.04 -3.51
C ARG M 116 18.92 -36.21 -3.75
N LEU M 117 19.29 -37.14 -4.63
CA LEU M 117 18.35 -38.17 -5.02
C LEU M 117 18.28 -39.30 -4.01
N GLN M 118 19.32 -39.51 -3.22
CA GLN M 118 19.31 -40.58 -2.23
C GLN M 118 18.88 -40.12 -0.85
N ASN M 119 18.48 -38.86 -0.72
CA ASN M 119 18.11 -38.21 0.55
C ASN M 119 19.23 -38.31 1.59
N MET M 120 20.44 -38.06 1.13
CA MET M 120 21.64 -38.10 1.95
C MET M 120 22.15 -36.69 2.20
N THR M 121 23.02 -36.56 3.18
CA THR M 121 23.70 -35.31 3.47
C THR M 121 25.09 -35.34 2.86
N TYR M 122 25.50 -34.22 2.27
CA TYR M 122 26.70 -34.15 1.47
C TYR M 122 27.80 -33.57 2.34
N SER M 123 28.70 -34.42 2.81
CA SER M 123 29.61 -34.03 3.89
C SER M 123 30.96 -34.70 3.69
N ALA M 124 31.95 -34.18 4.40
CA ALA M 124 33.33 -34.63 4.33
C ALA M 124 33.79 -35.09 5.70
N ARG M 125 34.81 -35.95 5.72
CA ARG M 125 35.36 -36.46 6.97
C ARG M 125 36.52 -35.59 7.43
N MET M 126 36.57 -35.37 8.74
CA MET M 126 37.65 -34.63 9.38
C MET M 126 38.48 -35.58 10.23
N LYS M 127 39.79 -35.52 10.08
CA LYS M 127 40.72 -36.31 10.87
C LYS M 127 41.62 -35.37 11.65
N VAL M 128 41.95 -35.76 12.88
CA VAL M 128 42.92 -35.04 13.69
C VAL M 128 43.88 -36.08 14.24
N ASN M 129 45.14 -35.70 14.45
CA ASN M 129 46.09 -36.62 15.07
C ASN M 129 46.37 -36.15 16.48
N VAL M 130 46.06 -37.02 17.44
CA VAL M 130 46.16 -36.70 18.86
C VAL M 130 47.51 -37.18 19.37
N ASP M 131 47.91 -36.62 20.50
CA ASP M 131 49.09 -37.06 21.23
C ASP M 131 48.72 -37.17 22.69
N VAL M 132 48.75 -38.41 23.21
CA VAL M 132 48.31 -38.71 24.56
C VAL M 132 49.47 -39.34 25.32
N GLU M 133 49.67 -38.89 26.56
CA GLU M 133 50.69 -39.49 27.41
C GLU M 133 50.16 -39.65 28.82
N VAL M 134 50.42 -40.82 29.39
CA VAL M 134 49.87 -41.21 30.69
C VAL M 134 50.95 -41.79 31.59
N THR M 162 49.40 -41.82 20.22
CA THR M 162 49.84 -41.05 19.06
C THR M 162 49.42 -41.74 17.77
N GLN M 163 48.26 -41.34 17.26
CA GLN M 163 47.73 -41.86 16.00
C GLN M 163 46.72 -40.85 15.45
N ASP M 164 46.14 -41.20 14.30
CA ASP M 164 45.20 -40.33 13.62
C ASP M 164 43.77 -40.86 13.77
N ILE M 165 42.88 -40.02 14.30
CA ILE M 165 41.52 -40.43 14.64
C ILE M 165 40.49 -39.64 13.83
N PRO M 166 39.46 -40.29 13.29
CA PRO M 166 38.37 -39.54 12.65
C PRO M 166 37.45 -38.91 13.68
N ILE M 167 37.07 -37.65 13.45
CA ILE M 167 36.43 -36.85 14.47
C ILE M 167 35.04 -36.33 14.08
N GLY M 168 34.66 -36.43 12.82
CA GLY M 168 33.32 -36.02 12.44
C GLY M 168 33.20 -35.81 10.95
N ARG M 169 31.99 -35.45 10.54
CA ARG M 169 31.68 -35.08 9.16
C ARG M 169 31.12 -33.68 9.15
N ILE M 170 31.66 -32.82 8.30
CA ILE M 170 31.23 -31.44 8.18
C ILE M 170 30.54 -31.29 6.83
N PRO M 171 29.36 -30.65 6.78
CA PRO M 171 28.70 -30.39 5.49
C PRO M 171 29.55 -29.54 4.56
N VAL M 172 29.45 -29.85 3.26
CA VAL M 172 30.27 -29.24 2.24
C VAL M 172 29.41 -28.30 1.42
N MET M 173 29.88 -27.07 1.27
CA MET M 173 29.23 -26.10 0.39
C MET M 173 29.58 -26.41 -1.06
N VAL M 174 28.55 -26.42 -1.91
CA VAL M 174 28.72 -26.73 -3.32
C VAL M 174 29.53 -25.64 -4.00
N LYS M 175 30.48 -26.05 -4.86
CA LYS M 175 31.48 -25.26 -5.58
C LYS M 175 32.56 -24.67 -4.68
N SER M 176 32.77 -25.22 -3.48
CA SER M 176 33.86 -24.77 -2.64
C SER M 176 35.08 -25.68 -2.86
N VAL M 177 36.11 -25.49 -2.03
CA VAL M 177 37.37 -26.23 -2.21
C VAL M 177 37.24 -27.70 -1.85
N LEU M 178 36.17 -28.12 -1.19
CA LEU M 178 35.96 -29.52 -0.90
C LEU M 178 34.95 -30.18 -1.82
N CYS M 179 34.26 -29.41 -2.66
CA CYS M 179 33.26 -30.01 -3.54
C CYS M 179 33.93 -30.74 -4.68
N ASN M 180 33.35 -31.89 -5.05
CA ASN M 180 33.93 -32.69 -6.12
C ASN M 180 33.58 -32.16 -7.50
N THR M 181 32.75 -31.13 -7.58
CA THR M 181 32.42 -30.57 -8.89
C THR M 181 33.32 -29.39 -9.23
N THR M 182 34.21 -29.00 -8.32
CA THR M 182 35.25 -28.04 -8.67
C THR M 182 36.43 -28.75 -9.31
N GLU M 183 36.99 -28.14 -10.35
CA GLU M 183 38.09 -28.77 -11.06
C GLU M 183 39.23 -27.81 -11.36
N TYR M 191 30.09 -29.37 -19.26
CA TYR M 191 28.76 -29.96 -19.29
C TYR M 191 28.76 -31.31 -18.56
N ARG M 192 29.31 -31.30 -17.35
CA ARG M 192 29.41 -32.49 -16.52
C ARG M 192 28.03 -33.07 -16.21
N LYS M 193 27.96 -34.39 -16.14
CA LYS M 193 26.74 -35.05 -15.69
C LYS M 193 26.44 -34.66 -14.25
N GLY M 194 25.24 -34.12 -14.04
CA GLY M 194 24.83 -33.74 -12.71
C GLY M 194 24.74 -32.26 -12.47
N GLU M 195 25.22 -31.44 -13.39
CA GLU M 195 25.24 -30.00 -13.21
C GLU M 195 24.17 -29.37 -14.07
N CYS M 196 23.64 -28.24 -13.61
CA CYS M 196 22.82 -27.37 -14.44
C CYS M 196 23.69 -26.23 -14.91
N ALA M 197 23.42 -25.72 -16.11
CA ALA M 197 24.16 -24.58 -16.62
C ALA M 197 23.83 -23.31 -15.86
N PHE M 198 22.64 -23.20 -15.30
CA PHE M 198 22.17 -22.00 -14.64
C PHE M 198 22.71 -21.86 -13.23
N ASP M 199 23.46 -22.83 -12.75
CA ASP M 199 23.76 -22.96 -11.34
C ASP M 199 25.15 -22.44 -11.01
N GLN M 200 25.23 -21.77 -9.87
CA GLN M 200 26.46 -21.47 -9.16
C GLN M 200 26.38 -22.20 -7.84
N GLY M 201 27.42 -22.10 -7.05
CA GLY M 201 27.46 -22.84 -5.81
C GLY M 201 26.81 -22.09 -4.68
N GLY M 202 27.24 -22.42 -3.46
CA GLY M 202 26.92 -21.65 -2.28
C GLY M 202 25.83 -22.21 -1.41
N TYR M 203 25.34 -23.42 -1.64
CA TYR M 203 24.26 -23.98 -0.84
C TYR M 203 24.73 -25.31 -0.26
N PHE M 204 23.93 -25.86 0.64
CA PHE M 204 24.25 -27.12 1.29
C PHE M 204 23.15 -28.12 1.00
N VAL M 205 23.49 -29.41 0.98
CA VAL M 205 22.52 -30.48 0.78
C VAL M 205 22.44 -31.23 2.09
N ILE M 206 21.43 -30.90 2.90
CA ILE M 206 21.25 -31.45 4.22
C ILE M 206 20.04 -32.36 4.18
N LYS M 207 20.28 -33.67 4.37
CA LYS M 207 19.27 -34.72 4.31
C LYS M 207 18.48 -34.68 3.00
N GLY M 208 19.16 -34.37 1.91
CA GLY M 208 18.53 -34.28 0.62
C GLY M 208 17.91 -32.94 0.28
N ALA M 209 17.98 -31.94 1.15
CA ALA M 209 17.34 -30.65 0.90
C ALA M 209 18.37 -29.54 0.83
N GLU M 210 18.12 -28.55 -0.03
CA GLU M 210 19.08 -27.48 -0.25
C GLU M 210 18.82 -26.31 0.70
N LYS M 211 19.85 -25.89 1.43
CA LYS M 211 19.76 -24.84 2.43
C LYS M 211 20.82 -23.77 2.20
N VAL M 212 20.53 -22.54 2.64
CA VAL M 212 21.47 -21.43 2.51
C VAL M 212 21.61 -20.71 3.85
N PHE M 213 22.75 -20.05 4.04
CA PHE M 213 22.97 -19.17 5.18
C PHE M 213 22.53 -17.75 4.88
N ILE M 214 21.81 -17.16 5.82
CA ILE M 214 21.52 -15.74 5.82
C ILE M 214 22.57 -15.06 6.70
N ALA M 215 23.20 -14.01 6.18
CA ALA M 215 24.26 -13.33 6.90
C ALA M 215 23.72 -12.59 8.11
N GLN M 216 24.43 -12.69 9.24
CA GLN M 216 23.95 -12.13 10.50
C GLN M 216 24.75 -10.88 10.85
N GLU M 217 24.05 -9.82 11.23
CA GLU M 217 24.73 -8.58 11.58
C GLU M 217 24.96 -8.48 13.08
N GLN M 218 26.21 -8.21 13.46
CA GLN M 218 26.58 -7.96 14.85
C GLN M 218 27.22 -6.60 14.95
N ILE M 219 27.39 -6.12 16.18
CA ILE M 219 28.07 -4.85 16.38
C ILE M 219 29.57 -5.06 16.29
N CYS M 220 30.29 -4.02 15.91
CA CYS M 220 31.73 -4.07 15.80
C CYS M 220 32.34 -3.94 17.19
N THR M 221 33.09 -4.96 17.62
CA THR M 221 33.72 -4.94 18.92
C THR M 221 35.19 -4.61 18.85
N LYS M 222 35.67 -4.05 17.74
CA LYS M 222 37.01 -3.49 17.63
C LYS M 222 36.99 -1.98 17.77
N ARG M 223 36.11 -1.44 18.60
CA ARG M 223 36.10 -0.01 18.88
C ARG M 223 35.49 0.19 20.24
N LEU M 224 35.54 1.43 20.72
CA LEU M 224 34.87 1.79 21.96
C LEU M 224 33.44 2.19 21.69
N TRP M 225 32.56 1.91 22.64
CA TRP M 225 31.16 2.25 22.55
C TRP M 225 30.78 3.17 23.71
N ILE M 226 30.27 4.35 23.39
CA ILE M 226 29.86 5.32 24.40
C ILE M 226 28.35 5.40 24.42
N SER M 227 27.76 5.01 25.54
CA SER M 227 26.33 5.11 25.78
C SER M 227 26.01 6.45 26.43
N ASN M 228 24.76 6.62 26.84
CA ASN M 228 24.40 7.74 27.70
C ASN M 228 23.37 7.43 28.77
N SER M 229 23.09 6.16 29.05
CA SER M 229 22.04 5.94 30.04
C SER M 229 22.60 6.13 31.45
N PRO M 230 23.73 5.52 31.88
CA PRO M 230 24.47 6.13 32.99
C PRO M 230 25.71 6.91 32.55
N TRP M 231 25.85 7.23 31.25
CA TRP M 231 27.06 7.79 30.64
C TRP M 231 28.25 6.84 30.76
N THR M 232 28.18 5.74 30.03
CA THR M 232 29.14 4.65 30.03
C THR M 232 30.09 4.75 28.86
N VAL M 233 31.31 4.21 29.00
CA VAL M 233 32.18 3.89 27.88
C VAL M 233 32.76 2.50 28.10
N SER M 234 32.70 1.65 27.07
CA SER M 234 32.93 0.22 27.21
C SER M 234 33.94 -0.30 26.20
N TYR M 235 34.77 -1.24 26.66
CA TYR M 235 35.70 -2.00 25.85
C TYR M 235 35.29 -3.46 25.95
N ARG M 236 35.17 -4.12 24.79
CA ARG M 236 34.85 -5.53 24.69
C ARG M 236 35.98 -6.26 23.98
N SER M 237 35.96 -7.58 24.09
CA SER M 237 36.93 -8.42 23.39
C SER M 237 36.34 -9.81 23.22
N GLU M 238 37.22 -10.77 22.89
CA GLU M 238 36.81 -12.16 22.73
C GLU M 238 36.39 -12.76 24.06
N THR M 239 37.32 -12.80 25.02
CA THR M 239 37.10 -13.43 26.31
C THR M 239 36.07 -12.63 27.10
N LYS M 240 35.19 -13.34 27.82
CA LYS M 240 34.22 -12.65 28.68
C LYS M 240 34.89 -12.07 29.91
N ARG M 241 36.10 -12.48 30.24
CA ARG M 241 36.89 -11.89 31.30
C ARG M 241 37.66 -10.64 30.85
N ASN M 242 37.38 -10.13 29.65
CA ASN M 242 38.10 -8.98 29.12
C ASN M 242 37.27 -7.70 29.11
N ARG M 243 36.04 -7.74 29.60
CA ARG M 243 35.16 -6.58 29.52
C ARG M 243 35.62 -5.48 30.48
N PHE M 244 35.64 -4.24 29.98
CA PHE M 244 36.15 -3.12 30.78
C PHE M 244 35.23 -1.93 30.60
N ILE M 245 34.67 -1.43 31.70
CA ILE M 245 33.67 -0.36 31.66
C ILE M 245 34.14 0.78 32.54
N VAL M 246 34.11 2.01 32.02
CA VAL M 246 34.27 3.21 32.81
C VAL M 246 32.94 3.96 32.81
N ARG M 247 32.39 4.20 34.00
CA ARG M 247 31.09 4.82 34.16
C ARG M 247 31.24 6.14 34.91
N LEU M 248 30.41 7.11 34.55
CA LEU M 248 30.41 8.44 35.16
C LEU M 248 29.06 8.65 35.83
N SER M 249 29.00 8.45 37.14
CA SER M 249 27.71 8.44 37.82
C SER M 249 27.88 8.75 39.30
N GLU M 250 26.77 8.66 40.02
CA GLU M 250 26.66 9.00 41.43
C GLU M 250 26.30 7.75 42.20
N ASN M 251 27.26 7.21 42.96
CA ASN M 251 27.01 5.99 43.73
C ASN M 251 26.61 6.34 45.16
N GLN M 252 25.49 7.04 45.28
CA GLN M 252 24.96 7.44 46.58
C GLN M 252 23.55 6.91 46.77
N LYS M 258 23.94 16.09 50.55
CA LYS M 258 23.35 15.46 49.37
C LYS M 258 23.97 16.00 48.09
N ARG M 259 23.41 15.55 46.96
CA ARG M 259 23.74 16.02 45.61
C ARG M 259 25.23 15.82 45.30
N LYS M 260 25.62 14.54 45.22
CA LYS M 260 27.00 14.17 44.93
C LYS M 260 27.40 14.60 43.51
N GLU M 261 28.65 15.05 43.38
CA GLU M 261 29.28 15.26 42.09
C GLU M 261 29.52 13.92 41.41
N LYS M 262 29.36 13.90 40.08
CA LYS M 262 29.49 12.66 39.32
C LYS M 262 30.94 12.21 39.26
N VAL M 263 31.18 10.93 39.58
CA VAL M 263 32.53 10.39 39.71
C VAL M 263 32.69 9.20 38.76
N LEU M 264 33.94 8.76 38.63
CA LEU M 264 34.36 7.75 37.66
C LEU M 264 34.55 6.41 38.35
N THR M 265 33.99 5.35 37.78
CA THR M 265 34.05 4.01 38.34
C THR M 265 34.45 3.01 37.26
N VAL M 266 35.16 1.97 37.66
CA VAL M 266 35.64 0.93 36.75
C VAL M 266 34.94 -0.37 37.12
N TYR M 267 34.36 -1.03 36.13
CA TYR M 267 33.75 -2.34 36.31
C TYR M 267 34.63 -3.38 35.61
N PHE M 268 35.65 -3.84 36.30
CA PHE M 268 36.58 -4.82 35.77
C PHE M 268 36.51 -6.07 36.63
N LEU M 269 36.31 -7.22 35.96
CA LEU M 269 36.24 -8.55 36.57
C LEU M 269 35.15 -8.64 37.63
N SER M 270 34.01 -8.00 37.33
CA SER M 270 32.85 -7.87 38.23
C SER M 270 33.25 -7.30 39.58
N THR M 271 33.89 -6.15 39.57
CA THR M 271 34.38 -5.51 40.78
C THR M 271 34.50 -4.01 40.55
N GLU M 272 33.72 -3.23 41.30
CA GLU M 272 33.75 -1.78 41.15
C GLU M 272 34.96 -1.21 41.85
N ILE M 273 35.82 -0.55 41.08
CA ILE M 273 37.07 0.01 41.58
C ILE M 273 37.08 1.49 41.20
N PRO M 274 37.52 2.40 42.07
CA PRO M 274 37.75 3.78 41.62
C PRO M 274 38.88 3.83 40.61
N VAL M 275 38.78 4.77 39.66
CA VAL M 275 39.72 4.77 38.54
C VAL M 275 41.05 5.37 38.96
N TRP M 276 41.06 6.11 40.07
CA TRP M 276 42.31 6.71 40.51
C TRP M 276 43.18 5.67 41.19
N VAL M 277 42.53 4.71 41.84
CA VAL M 277 43.23 3.56 42.42
C VAL M 277 43.85 2.72 41.32
N LEU M 278 43.12 2.53 40.21
CA LEU M 278 43.67 1.75 39.11
C LEU M 278 44.79 2.49 38.40
N PHE M 279 44.71 3.82 38.37
CA PHE M 279 45.82 4.62 37.85
C PHE M 279 47.08 4.40 38.66
N PHE M 280 46.97 4.47 39.99
CA PHE M 280 48.19 4.29 40.79
C PHE M 280 48.57 2.81 40.90
N ALA M 281 47.65 1.91 40.61
CA ALA M 281 48.00 0.49 40.57
C ALA M 281 48.78 0.15 39.31
N LEU M 282 48.47 0.81 38.19
CA LEU M 282 49.17 0.52 36.95
C LEU M 282 50.55 1.15 36.90
N GLY M 283 50.85 2.09 37.80
CA GLY M 283 52.21 2.56 37.90
C GLY M 283 52.44 4.05 37.77
N VAL M 284 51.37 4.85 37.80
CA VAL M 284 51.54 6.29 37.68
C VAL M 284 52.02 6.83 39.02
N ALA M 285 52.70 7.97 39.01
CA ALA M 285 53.34 8.48 40.22
C ALA M 285 52.67 9.72 40.79
N SER M 286 52.06 10.54 39.94
CA SER M 286 51.55 11.84 40.37
C SER M 286 50.16 12.08 39.81
N ASP M 287 49.41 12.92 40.50
CA ASP M 287 48.10 13.31 39.99
C ASP M 287 48.23 14.24 38.78
N LYS M 288 49.31 15.01 38.71
CA LYS M 288 49.49 15.89 37.56
C LYS M 288 49.80 15.09 36.31
N GLU M 289 50.54 13.99 36.42
CA GLU M 289 50.76 13.21 35.21
C GLU M 289 49.57 12.31 34.92
N ALA M 290 48.71 12.05 35.91
CA ALA M 290 47.48 11.32 35.61
C ALA M 290 46.49 12.19 34.86
N VAL M 291 46.39 13.47 35.22
CA VAL M 291 45.54 14.37 34.44
C VAL M 291 46.25 14.83 33.18
N ASP M 292 47.55 14.53 33.06
CA ASP M 292 48.19 14.64 31.75
C ASP M 292 47.83 13.46 30.86
N LEU M 293 47.71 12.27 31.46
CA LEU M 293 47.30 11.10 30.71
C LEU M 293 45.86 11.24 30.22
N ILE M 294 45.00 11.91 31.00
CA ILE M 294 43.65 12.16 30.49
C ILE M 294 43.63 13.26 29.43
N ALA M 295 44.42 14.32 29.60
CA ALA M 295 44.57 15.44 28.65
C ALA M 295 43.25 16.16 28.38
N PHE M 296 42.79 16.86 29.43
CA PHE M 296 41.47 17.50 29.50
C PHE M 296 41.17 18.48 28.37
N ASP M 297 42.20 18.99 27.68
CA ASP M 297 42.18 20.12 26.75
C ASP M 297 41.76 21.42 27.40
N GLY M 298 41.89 21.54 28.73
CA GLY M 298 41.67 22.79 29.42
C GLY M 298 40.20 23.14 29.60
N GLY M 299 39.97 24.11 30.49
CA GLY M 299 38.64 24.62 30.80
C GLY M 299 37.77 23.56 31.45
N ASP M 300 36.46 23.69 31.18
CA ASP M 300 35.45 22.66 31.43
C ASP M 300 35.39 22.27 32.90
N ALA M 301 34.88 23.20 33.72
CA ALA M 301 34.89 23.06 35.18
C ALA M 301 34.13 21.84 35.70
N SER M 302 33.22 21.28 34.90
CA SER M 302 32.60 20.01 35.27
C SER M 302 33.61 18.87 35.23
N ILE M 303 34.56 18.93 34.30
CA ILE M 303 35.59 17.89 34.22
C ILE M 303 36.55 18.00 35.40
N THR M 304 36.91 19.24 35.78
CA THR M 304 37.78 19.44 36.93
C THR M 304 37.07 19.07 38.23
N ASN M 305 35.76 19.33 38.30
CA ASN M 305 34.99 18.96 39.48
C ASN M 305 34.89 17.46 39.62
N SER M 306 34.67 16.75 38.50
CA SER M 306 34.62 15.30 38.53
C SER M 306 35.96 14.66 38.84
N VAL M 307 37.07 15.23 38.36
CA VAL M 307 38.34 14.59 38.67
C VAL M 307 38.75 14.87 40.13
N VAL M 308 38.46 16.06 40.69
CA VAL M 308 38.80 16.24 42.10
C VAL M 308 37.85 15.48 43.02
N ALA M 309 36.60 15.25 42.60
CA ALA M 309 35.71 14.41 43.37
C ALA M 309 36.16 12.95 43.33
N SER M 310 36.66 12.49 42.19
CA SER M 310 37.16 11.12 42.10
C SER M 310 38.47 10.93 42.85
N ILE M 311 39.30 11.98 42.94
CA ILE M 311 40.50 11.91 43.77
C ILE M 311 40.11 11.83 45.24
N GLN M 312 39.30 12.77 45.73
CA GLN M 312 38.95 12.75 47.16
C GLN M 312 37.91 11.70 47.50
N GLU M 313 37.41 10.95 46.53
CA GLU M 313 36.69 9.72 46.82
C GLU M 313 37.61 8.51 46.80
N ALA M 314 38.69 8.56 46.02
CA ALA M 314 39.69 7.51 46.11
C ALA M 314 40.37 7.51 47.47
N ASP M 315 40.63 8.70 48.00
CA ASP M 315 41.24 8.85 49.31
C ASP M 315 40.29 8.50 50.45
N SER M 316 38.99 8.43 50.18
CA SER M 316 38.00 8.06 51.18
C SER M 316 37.74 6.57 51.21
N VAL M 317 38.46 5.77 50.43
CA VAL M 317 38.28 4.33 50.44
C VAL M 317 39.54 3.59 50.89
N CYS M 318 40.72 3.94 50.37
CA CYS M 318 41.97 3.37 50.86
C CYS M 318 42.76 4.45 51.57
N GLU M 319 43.42 4.06 52.65
CA GLU M 319 44.23 5.01 53.41
C GLU M 319 45.61 5.10 52.80
N ASP M 320 45.86 6.19 52.08
CA ASP M 320 47.12 6.50 51.40
C ASP M 320 47.50 5.39 50.41
N PHE M 321 46.65 5.27 49.38
CA PHE M 321 46.87 4.32 48.29
C PHE M 321 48.10 4.68 47.46
N ARG M 322 48.55 5.93 47.53
CA ARG M 322 49.69 6.35 46.73
C ARG M 322 51.00 5.76 47.20
N HIS M 323 51.07 5.32 48.46
CA HIS M 323 52.29 4.68 48.95
C HIS M 323 52.40 3.27 48.41
N GLY M 324 53.64 2.78 48.32
CA GLY M 324 54.03 1.58 47.59
C GLY M 324 53.23 0.31 47.81
N ARG M 325 52.62 -0.16 46.72
CA ARG M 325 51.78 -1.36 46.65
C ARG M 325 50.56 -1.33 47.57
N ASN M 326 50.11 -0.13 47.96
CA ASN M 326 48.86 -0.05 48.72
C ASN M 326 47.66 -0.24 47.82
N ALA M 327 47.66 0.44 46.68
CA ALA M 327 46.56 0.30 45.72
C ALA M 327 46.56 -1.07 45.08
N LEU M 328 47.74 -1.65 44.87
CA LEU M 328 47.82 -2.99 44.29
C LEU M 328 47.31 -4.04 45.26
N ALA M 329 47.61 -3.87 46.55
CA ALA M 329 47.02 -4.74 47.58
C ALA M 329 45.53 -4.53 47.68
N TYR M 330 45.06 -3.30 47.46
CA TYR M 330 43.63 -3.03 47.47
C TYR M 330 42.93 -3.75 46.33
N VAL M 331 43.49 -3.72 45.13
CA VAL M 331 42.83 -4.43 44.05
C VAL M 331 43.03 -5.93 44.14
N GLU M 332 44.05 -6.39 44.88
CA GLU M 332 44.10 -7.80 45.28
C GLU M 332 42.88 -8.18 46.10
N GLN M 333 42.63 -7.44 47.18
CA GLN M 333 41.54 -7.82 48.06
C GLN M 333 40.18 -7.43 47.50
N GLN M 334 40.15 -6.62 46.44
CA GLN M 334 38.87 -6.29 45.83
C GLN M 334 38.53 -7.27 44.71
N ILE M 335 39.53 -7.74 43.95
CA ILE M 335 39.28 -8.77 42.94
C ILE M 335 38.96 -10.10 43.62
N LYS M 336 39.79 -10.50 44.59
CA LYS M 336 39.75 -11.86 45.12
C LYS M 336 38.47 -12.19 45.88
N GLY M 337 37.75 -11.19 46.38
CA GLY M 337 36.56 -11.43 47.16
C GLY M 337 35.28 -11.62 46.38
N THR M 338 35.37 -11.74 45.05
CA THR M 338 34.17 -11.79 44.22
C THR M 338 33.62 -13.20 44.15
N LYS M 339 32.49 -13.34 43.46
CA LYS M 339 32.02 -14.67 43.08
C LYS M 339 32.89 -15.22 41.96
N PHE M 340 33.35 -16.46 42.14
CA PHE M 340 34.26 -17.17 41.23
C PHE M 340 35.51 -16.35 40.90
N PRO M 341 36.45 -16.22 41.84
CA PRO M 341 37.63 -15.43 41.58
C PRO M 341 38.55 -16.12 40.60
N PRO M 342 39.35 -15.37 39.85
CA PRO M 342 40.22 -16.01 38.84
C PRO M 342 41.41 -16.68 39.49
N GLY M 343 41.85 -17.77 38.87
CA GLY M 343 42.99 -18.50 39.36
C GLY M 343 44.30 -17.82 39.02
N GLU M 344 44.55 -16.67 39.63
CA GLU M 344 45.75 -15.88 39.36
C GLU M 344 45.96 -14.80 40.40
N SER M 345 47.22 -14.41 40.61
CA SER M 345 47.54 -13.17 41.30
C SER M 345 47.16 -11.98 40.41
N VAL M 346 47.29 -10.77 40.95
CA VAL M 346 46.78 -9.63 40.21
C VAL M 346 47.73 -9.22 39.10
N ASP M 347 49.03 -9.49 39.23
CA ASP M 347 49.98 -9.09 38.20
C ASP M 347 49.79 -9.92 36.94
N GLU M 348 49.58 -11.23 37.12
CA GLU M 348 49.23 -12.07 35.98
C GLU M 348 47.80 -11.81 35.52
N CYS M 349 46.92 -11.36 36.44
CA CYS M 349 45.58 -10.93 36.02
C CYS M 349 45.63 -9.70 35.12
N LEU M 350 46.55 -8.78 35.41
CA LEU M 350 46.68 -7.59 34.59
C LEU M 350 47.37 -7.91 33.27
N SER M 351 48.36 -8.79 33.29
CA SER M 351 49.01 -9.18 32.05
C SER M 351 48.15 -10.10 31.18
N LEU M 352 47.12 -10.72 31.75
CA LEU M 352 46.23 -11.58 30.98
C LEU M 352 44.95 -10.88 30.54
N TYR M 353 44.17 -10.37 31.49
CA TYR M 353 42.81 -9.94 31.22
C TYR M 353 42.64 -8.43 31.07
N LEU M 354 43.72 -7.65 31.18
CA LEU M 354 43.62 -6.21 31.02
C LEU M 354 44.25 -5.81 29.70
N PHE M 355 43.41 -5.40 28.75
CA PHE M 355 43.78 -4.82 27.46
C PHE M 355 44.75 -5.72 26.67
N PRO M 356 44.28 -6.84 26.11
CA PRO M 356 45.19 -7.74 25.42
C PRO M 356 45.64 -7.16 24.09
N GLY M 357 46.94 -7.20 23.86
CA GLY M 357 47.55 -6.57 22.70
C GLY M 357 48.47 -5.44 23.06
N LEU M 358 48.42 -4.96 24.29
CA LEU M 358 49.36 -3.95 24.76
C LEU M 358 50.45 -4.63 25.59
N LYS M 359 51.63 -4.01 25.60
CA LYS M 359 52.79 -4.64 26.21
C LYS M 359 52.96 -4.27 27.67
N SER M 360 53.17 -3.00 27.97
CA SER M 360 53.56 -2.55 29.30
C SER M 360 52.36 -2.02 30.04
N LEU M 361 52.50 -1.89 31.36
CA LEU M 361 51.46 -1.29 32.17
C LEU M 361 51.39 0.21 31.95
N THR M 362 52.49 0.79 31.50
CA THR M 362 52.53 2.19 31.06
C THR M 362 51.55 2.44 29.92
N GLN M 363 51.52 1.51 28.96
CA GLN M 363 50.60 1.65 27.83
C GLN M 363 49.16 1.43 28.25
N LYS M 364 48.94 0.59 29.26
CA LYS M 364 47.57 0.39 29.74
C LYS M 364 47.07 1.60 30.52
N ALA M 365 47.98 2.28 31.22
CA ALA M 365 47.60 3.55 31.85
C ALA M 365 47.31 4.62 30.80
N ARG M 366 48.08 4.62 29.72
CA ARG M 366 47.82 5.59 28.64
C ARG M 366 46.50 5.29 27.94
N PHE M 367 46.16 4.01 27.81
CA PHE M 367 44.90 3.65 27.15
C PHE M 367 43.71 3.97 28.06
N LEU M 368 43.89 3.83 29.37
CA LEU M 368 42.83 4.21 30.30
C LEU M 368 42.60 5.72 30.30
N GLY M 369 43.69 6.49 30.18
CA GLY M 369 43.55 7.93 30.05
C GLY M 369 42.85 8.34 28.76
N TYR M 370 43.13 7.63 27.68
CA TYR M 370 42.44 7.90 26.41
C TYR M 370 40.95 7.54 26.49
N MET M 371 40.61 6.45 27.18
CA MET M 371 39.21 6.06 27.38
C MET M 371 38.44 7.11 28.19
N VAL M 372 39.07 7.61 29.26
CA VAL M 372 38.42 8.63 30.09
C VAL M 372 38.29 9.94 29.32
N LYS M 373 39.27 10.27 28.47
CA LYS M 373 39.16 11.44 27.60
C LYS M 373 38.00 11.31 26.64
N CYS M 374 37.77 10.10 26.11
CA CYS M 374 36.65 9.89 25.19
C CYS M 374 35.31 10.06 25.90
N LEU M 375 35.22 9.57 27.14
CA LEU M 375 33.98 9.75 27.91
C LEU M 375 33.72 11.21 28.24
N PHE M 376 34.76 11.94 28.65
CA PHE M 376 34.59 13.36 28.98
C PHE M 376 34.29 14.19 27.74
N SER M 377 34.80 13.77 26.59
CA SER M 377 34.48 14.49 25.36
C SER M 377 33.05 14.24 24.92
N ALA M 378 32.55 13.02 25.15
CA ALA M 378 31.13 12.77 24.87
C ALA M 378 30.22 13.51 25.85
N TYR M 379 30.67 13.68 27.10
CA TYR M 379 29.90 14.38 28.12
C TYR M 379 29.64 15.84 27.75
N ALA M 380 30.66 16.53 27.25
CA ALA M 380 30.58 17.95 26.95
C ALA M 380 29.87 18.25 25.63
N GLY M 381 29.44 17.23 24.89
CA GLY M 381 28.78 17.43 23.63
C GLY M 381 29.69 17.61 22.46
N LYS M 382 30.99 17.32 22.60
CA LYS M 382 31.91 17.44 21.48
C LYS M 382 31.99 16.15 20.69
N ARG M 383 31.56 15.04 21.30
CA ARG M 383 31.51 13.75 20.63
C ARG M 383 30.08 13.24 20.64
N LYS M 384 29.73 12.44 19.64
CA LYS M 384 28.42 11.84 19.54
C LYS M 384 28.44 10.45 20.14
N CYS M 385 27.29 10.02 20.65
CA CYS M 385 27.12 8.64 21.04
C CYS M 385 26.99 7.76 19.80
N GLU M 386 27.41 6.50 19.94
CA GLU M 386 27.27 5.55 18.85
C GLU M 386 25.82 5.11 18.71
N ASN M 387 25.29 5.16 17.49
CA ASN M 387 24.02 4.51 17.20
C ASN M 387 24.28 3.27 16.37
N ARG M 388 23.54 2.21 16.69
CA ARG M 388 23.80 0.92 16.06
C ARG M 388 23.10 0.78 14.72
N ASP M 389 22.54 1.85 14.17
CA ASP M 389 21.97 1.79 12.83
C ASP M 389 22.97 2.24 11.78
N ASN M 390 23.96 3.03 12.17
CA ASN M 390 25.06 3.36 11.29
C ASN M 390 25.90 2.11 11.05
N PHE M 391 26.03 1.70 9.79
CA PHE M 391 26.68 0.44 9.47
C PHE M 391 28.19 0.49 9.56
N ARG M 392 28.78 1.62 9.94
CA ARG M 392 30.20 1.59 10.26
C ARG M 392 30.48 0.97 11.62
N ASN M 393 29.45 0.66 12.41
CA ASN M 393 29.58 -0.01 13.69
C ASN M 393 29.11 -1.46 13.62
N LYS M 394 29.13 -2.07 12.45
CA LYS M 394 28.56 -3.40 12.30
C LYS M 394 29.49 -4.28 11.49
N ARG M 395 29.50 -5.56 11.85
CA ARG M 395 30.19 -6.58 11.10
C ARG M 395 29.18 -7.64 10.68
N ILE M 396 29.49 -8.34 9.60
CA ILE M 396 28.58 -9.28 8.97
C ILE M 396 29.19 -10.66 9.05
N GLU M 397 28.43 -11.61 9.59
CA GLU M 397 28.92 -12.96 9.84
C GLU M 397 28.30 -13.90 8.82
N LEU M 398 29.16 -14.63 8.12
CA LEU M 398 28.80 -15.60 7.11
C LEU M 398 29.31 -16.97 7.57
N ALA M 399 29.35 -17.94 6.65
CA ALA M 399 29.50 -19.36 6.94
C ALA M 399 30.68 -19.73 7.85
N GLY M 400 31.82 -19.05 7.69
CA GLY M 400 32.97 -19.37 8.54
C GLY M 400 32.78 -18.95 9.98
N GLU M 401 32.28 -17.73 10.19
CA GLU M 401 32.01 -17.20 11.52
C GLU M 401 30.92 -17.98 12.25
N LEU M 402 29.93 -18.47 11.53
CA LEU M 402 28.87 -19.24 12.16
C LEU M 402 29.27 -20.68 12.39
N LEU M 403 30.04 -21.27 11.48
CA LEU M 403 30.43 -22.66 11.60
C LEU M 403 31.48 -22.86 12.67
N GLU M 404 32.39 -21.90 12.85
CA GLU M 404 33.32 -21.90 13.98
C GLU M 404 32.61 -21.88 15.33
N ARG M 405 31.62 -20.99 15.49
CA ARG M 405 30.86 -20.90 16.72
C ARG M 405 30.06 -22.17 16.99
N GLU M 406 29.50 -22.78 15.94
CA GLU M 406 28.75 -24.01 16.13
C GLU M 406 29.67 -25.18 16.45
N LEU M 407 30.87 -25.20 15.89
CA LEU M 407 31.75 -26.33 16.10
C LEU M 407 32.40 -26.29 17.47
N ARG M 408 32.61 -25.10 18.03
CA ARG M 408 33.19 -25.01 19.39
C ARG M 408 32.30 -25.65 20.44
N VAL M 409 30.98 -25.55 20.28
CA VAL M 409 30.03 -26.10 21.25
C VAL M 409 30.10 -27.63 21.28
N HIS M 410 30.02 -28.25 20.12
CA HIS M 410 30.04 -29.70 20.06
C HIS M 410 31.43 -30.28 20.22
N LEU M 411 32.49 -29.49 19.99
CA LEU M 411 33.81 -29.95 20.36
C LEU M 411 34.00 -29.96 21.87
N ALA M 412 33.47 -28.96 22.57
CA ALA M 412 33.48 -28.98 24.02
C ALA M 412 32.62 -30.12 24.57
N HIS M 413 31.47 -30.39 23.94
CA HIS M 413 30.63 -31.51 24.36
C HIS M 413 31.30 -32.86 24.09
N ALA M 414 32.15 -32.93 23.07
CA ALA M 414 32.89 -34.17 22.85
C ALA M 414 33.98 -34.37 23.90
N ARG M 415 34.74 -33.31 24.19
CA ARG M 415 35.81 -33.42 25.19
C ARG M 415 35.26 -33.71 26.58
N ARG M 416 34.09 -33.15 26.91
CA ARG M 416 33.54 -33.32 28.24
C ARG M 416 33.09 -34.75 28.49
N THR M 417 32.49 -35.40 27.49
CA THR M 417 32.13 -36.81 27.61
C THR M 417 33.27 -37.72 27.19
N MET M 418 34.42 -37.17 26.84
CA MET M 418 35.64 -37.98 26.74
C MET M 418 36.34 -38.14 28.08
N THR M 419 36.42 -37.07 28.87
CA THR M 419 37.14 -37.15 30.14
C THR M 419 36.44 -38.02 31.17
N LYS M 420 35.11 -37.91 31.27
CA LYS M 420 34.41 -38.75 32.24
C LYS M 420 34.19 -40.17 31.75
N ALA M 421 34.61 -40.48 30.52
CA ALA M 421 34.73 -41.86 30.09
C ALA M 421 36.13 -42.42 30.26
N MET M 422 37.16 -41.57 30.15
CA MET M 422 38.52 -42.06 30.39
C MET M 422 38.79 -42.24 31.87
N GLN M 423 38.20 -41.40 32.73
CA GLN M 423 38.57 -41.38 34.15
C GLN M 423 38.16 -42.63 34.90
N ARG M 424 37.31 -43.49 34.34
CA ARG M 424 37.04 -44.77 34.96
C ARG M 424 38.15 -45.77 34.66
N HIS M 425 38.51 -45.92 33.39
CA HIS M 425 39.50 -46.90 32.99
C HIS M 425 40.93 -46.51 33.36
N LEU M 426 41.15 -45.26 33.75
CA LEU M 426 42.46 -44.81 34.18
C LEU M 426 42.59 -45.11 35.65
N THR M 427 41.50 -44.94 36.39
CA THR M 427 41.55 -45.34 37.77
C THR M 427 41.76 -46.82 37.66
N GLY M 428 41.17 -47.41 36.62
CA GLY M 428 41.27 -48.83 36.43
C GLY M 428 42.53 -49.23 35.70
N ASP M 429 43.67 -49.01 36.36
CA ASP M 429 44.99 -49.40 35.78
C ASP M 429 45.17 -48.72 34.43
N GLY M 430 46.29 -48.99 33.75
CA GLY M 430 46.41 -48.47 32.38
C GLY M 430 45.21 -48.96 31.61
N ASP M 431 45.19 -50.25 31.25
CA ASP M 431 44.02 -50.85 30.56
C ASP M 431 43.43 -49.83 29.58
N LEU M 432 44.22 -48.81 29.23
CA LEU M 432 43.75 -47.78 28.33
C LEU M 432 43.60 -48.33 26.93
N LYS M 433 42.50 -47.97 26.29
CA LYS M 433 42.19 -48.43 24.95
C LYS M 433 42.91 -47.55 23.93
N PRO M 434 42.87 -47.94 22.65
CA PRO M 434 43.14 -46.96 21.60
C PRO M 434 42.19 -45.77 21.67
N ILE M 435 42.66 -44.63 21.17
CA ILE M 435 41.94 -43.37 21.37
C ILE M 435 40.65 -43.29 20.57
N GLU M 436 40.44 -44.18 19.59
CA GLU M 436 39.19 -44.19 18.83
C GLU M 436 38.02 -44.69 19.65
N HIS M 437 38.28 -45.33 20.79
CA HIS M 437 37.19 -45.79 21.64
C HIS M 437 36.68 -44.66 22.54
N TYR M 438 37.59 -43.87 23.11
CA TYR M 438 37.22 -42.88 24.10
C TYR M 438 36.61 -41.61 23.50
N LEU M 439 36.65 -41.45 22.18
CA LEU M 439 36.11 -40.27 21.52
C LEU M 439 35.03 -40.70 20.54
N ASP M 440 33.80 -40.27 20.78
CA ASP M 440 32.70 -40.55 19.88
C ASP M 440 32.70 -39.50 18.78
N ALA M 441 32.64 -39.95 17.53
CA ALA M 441 32.68 -39.03 16.40
C ALA M 441 31.29 -38.55 15.99
N SER M 442 30.24 -39.20 16.45
CA SER M 442 28.89 -38.83 16.02
C SER M 442 28.34 -37.61 16.77
N ILE M 443 29.06 -37.09 17.76
CA ILE M 443 28.60 -35.91 18.48
C ILE M 443 28.64 -34.69 17.58
N ILE M 444 29.80 -34.43 16.97
CA ILE M 444 29.97 -33.31 16.06
C ILE M 444 29.09 -33.49 14.83
N THR M 445 29.11 -34.70 14.26
CA THR M 445 28.33 -35.04 13.07
C THR M 445 26.85 -34.87 13.27
N ASN M 446 26.31 -35.30 14.41
CA ASN M 446 24.89 -35.13 14.65
C ASN M 446 24.55 -33.68 15.00
N GLY M 447 25.43 -32.97 15.71
CA GLY M 447 25.11 -31.62 16.12
C GLY M 447 25.05 -30.63 14.97
N LEU M 448 26.01 -30.72 14.05
CA LEU M 448 26.02 -29.84 12.89
C LEU M 448 24.81 -30.09 11.99
N SER M 449 24.49 -31.35 11.73
CA SER M 449 23.35 -31.66 10.88
C SER M 449 22.02 -31.36 11.55
N ARG M 450 21.92 -31.47 12.87
CA ARG M 450 20.70 -31.07 13.55
C ARG M 450 20.49 -29.57 13.49
N ALA M 451 21.58 -28.80 13.66
CA ALA M 451 21.47 -27.36 13.54
C ALA M 451 21.18 -26.91 12.12
N PHE M 452 21.59 -27.69 11.13
CA PHE M 452 21.22 -27.37 9.75
C PHE M 452 19.77 -27.72 9.45
N SER M 453 19.29 -28.86 9.96
CA SER M 453 17.97 -29.35 9.61
C SER M 453 16.86 -28.79 10.48
N THR M 454 17.17 -28.10 11.57
CA THR M 454 16.12 -27.45 12.35
C THR M 454 16.12 -25.94 12.26
N GLY M 455 17.25 -25.32 11.97
CA GLY M 455 17.34 -23.88 11.86
C GLY M 455 17.83 -23.18 13.11
N ALA M 456 17.88 -23.87 14.24
CA ALA M 456 18.29 -23.30 15.52
C ALA M 456 19.81 -23.29 15.60
N TRP M 457 20.42 -22.12 15.39
CA TRP M 457 21.85 -21.97 15.51
C TRP M 457 22.20 -21.65 16.97
N CYS M 458 23.42 -21.22 17.24
CA CYS M 458 23.75 -20.76 18.58
C CYS M 458 23.64 -19.26 18.67
N HIS M 459 23.37 -18.78 19.88
CA HIS M 459 23.32 -17.36 20.14
C HIS M 459 24.73 -16.78 20.04
N PRO M 460 24.86 -15.55 19.54
CA PRO M 460 26.20 -14.94 19.42
C PRO M 460 26.96 -14.80 20.72
N PHE M 461 26.30 -14.38 21.80
CA PHE M 461 27.01 -14.17 23.06
C PHE M 461 26.34 -14.84 24.27
N ARG M 462 25.03 -15.06 24.23
CA ARG M 462 24.38 -15.86 25.27
C ARG M 462 24.80 -17.31 25.15
N LYS M 463 25.10 -17.92 26.27
CA LYS M 463 25.50 -19.28 26.24
C LYS M 463 24.24 -20.06 26.38
N MET M 464 24.23 -21.27 25.88
CA MET M 464 23.08 -22.12 26.05
C MET M 464 21.78 -21.56 25.47
N GLU M 465 21.87 -20.63 24.51
CA GLU M 465 20.67 -20.15 23.85
C GLU M 465 20.70 -20.48 22.35
N ARG M 466 19.63 -20.19 21.62
CA ARG M 466 19.55 -20.55 20.21
C ARG M 466 18.71 -19.54 19.45
N VAL M 467 19.30 -18.94 18.40
CA VAL M 467 18.62 -18.05 17.48
C VAL M 467 17.98 -18.85 16.35
N SER M 468 17.10 -18.23 15.57
CA SER M 468 16.25 -18.98 14.64
C SER M 468 16.24 -18.48 13.20
N GLY M 469 16.69 -17.27 12.90
CA GLY M 469 16.59 -16.80 11.53
C GLY M 469 17.84 -16.96 10.70
N VAL M 470 18.53 -18.10 10.83
CA VAL M 470 19.90 -18.24 10.34
C VAL M 470 19.96 -19.03 9.03
N VAL M 471 19.34 -20.20 9.00
CA VAL M 471 19.40 -21.11 7.86
C VAL M 471 18.05 -21.11 7.16
N ALA M 472 18.04 -20.85 5.86
CA ALA M 472 16.81 -20.82 5.08
C ALA M 472 16.82 -21.91 4.03
N ASN M 473 15.69 -22.10 3.38
CA ASN M 473 15.53 -23.02 2.27
C ASN M 473 15.87 -22.32 0.96
N LEU M 474 16.47 -23.06 0.03
CA LEU M 474 16.77 -22.54 -1.28
C LEU M 474 15.60 -22.74 -2.21
N GLY M 475 15.15 -21.66 -2.82
CA GLY M 475 14.04 -21.71 -3.76
C GLY M 475 14.53 -21.88 -5.19
N ARG M 476 13.79 -22.66 -5.97
CA ARG M 476 14.16 -22.96 -7.34
C ARG M 476 12.99 -22.73 -8.31
N ALA M 477 12.18 -21.70 -8.07
CA ALA M 477 11.07 -21.41 -8.96
C ALA M 477 11.56 -20.87 -10.29
N ASN M 478 12.50 -19.95 -10.24
CA ASN M 478 13.28 -19.53 -11.40
C ASN M 478 14.69 -19.32 -10.90
N PRO M 479 15.67 -19.14 -11.79
CA PRO M 479 17.03 -18.84 -11.31
C PRO M 479 17.19 -17.52 -10.56
N LEU M 480 16.29 -16.55 -10.74
CA LEU M 480 16.42 -15.30 -10.00
C LEU M 480 16.06 -15.44 -8.53
N GLN M 481 15.10 -16.30 -8.19
CA GLN M 481 14.78 -16.53 -6.79
C GLN M 481 15.93 -17.21 -6.06
N SER M 482 16.61 -18.13 -6.73
CA SER M 482 17.81 -18.74 -6.17
C SER M 482 18.94 -17.73 -6.05
N LEU M 483 19.02 -16.78 -6.98
CA LEU M 483 20.06 -15.77 -6.93
C LEU M 483 19.86 -14.83 -5.76
N ILE M 484 18.62 -14.42 -5.50
CA ILE M 484 18.42 -13.44 -4.43
C ILE M 484 18.26 -14.09 -3.07
N ASP M 485 18.09 -15.40 -3.00
CA ASP M 485 18.08 -16.08 -1.72
C ASP M 485 19.47 -16.26 -1.15
N LEU M 486 20.50 -16.09 -1.97
CA LEU M 486 21.88 -16.24 -1.55
C LEU M 486 22.55 -14.93 -1.22
N ARG M 487 21.85 -13.81 -1.31
CA ARG M 487 22.44 -12.49 -1.12
C ARG M 487 21.67 -11.68 -0.10
N ARG M 488 21.32 -12.27 1.03
CA ARG M 488 20.51 -11.59 2.02
C ARG M 488 21.31 -11.34 3.30
N THR M 489 20.79 -10.43 4.12
CA THR M 489 21.44 -9.99 5.34
C THR M 489 20.36 -9.73 6.38
N ARG M 490 20.57 -10.08 7.64
CA ARG M 490 19.53 -9.92 8.70
C ARG M 490 19.89 -9.29 10.03
N GLN M 491 19.06 -8.39 10.53
CA GLN M 491 19.23 -7.84 11.85
C GLN M 491 18.19 -8.54 12.67
N GLN M 492 18.59 -9.42 13.57
CA GLN M 492 17.64 -10.16 14.39
C GLN M 492 17.31 -9.32 15.60
N VAL M 493 16.05 -9.28 16.01
CA VAL M 493 15.63 -8.40 17.10
C VAL M 493 14.83 -9.23 18.07
N LEU M 494 14.61 -8.73 19.28
CA LEU M 494 13.90 -9.54 20.30
C LEU M 494 12.41 -9.70 20.17
N TYR M 495 11.67 -8.62 20.32
CA TYR M 495 10.26 -8.68 20.05
C TYR M 495 10.12 -7.96 18.75
N THR M 496 9.68 -8.65 17.72
CA THR M 496 9.47 -8.00 16.44
C THR M 496 8.24 -7.10 16.46
N GLY M 497 8.43 -5.80 16.28
CA GLY M 497 7.27 -4.93 16.39
C GLY M 497 7.57 -3.70 17.21
N ARG M 498 8.66 -3.72 17.98
CA ARG M 498 9.14 -2.55 18.69
C ARG M 498 10.65 -2.46 18.49
N VAL M 499 11.05 -1.83 17.40
CA VAL M 499 12.45 -1.60 17.08
C VAL M 499 12.62 -0.09 16.89
N GLY M 500 13.84 0.36 16.69
CA GLY M 500 14.08 1.78 16.50
C GLY M 500 13.99 2.17 15.05
N ASP M 501 15.10 2.68 14.50
CA ASP M 501 15.23 2.92 13.08
C ASP M 501 15.82 1.74 12.35
N ALA M 502 15.65 0.53 12.88
CA ALA M 502 16.21 -0.65 12.25
C ALA M 502 15.49 -0.97 10.94
N ARG M 503 14.22 -0.60 10.82
CA ARG M 503 13.40 -0.90 9.67
C ARG M 503 13.54 0.11 8.55
N TYR M 504 14.48 1.03 8.63
CA TYR M 504 14.53 2.15 7.71
C TYR M 504 15.86 2.21 6.98
N PRO M 505 15.93 2.88 5.83
CA PRO M 505 17.23 3.11 5.20
C PRO M 505 18.02 4.17 5.92
N HIS M 506 19.19 3.90 6.17
CA HIS M 506 20.19 4.80 6.68
C HIS M 506 21.09 5.26 5.54
N PRO M 507 21.63 6.48 5.57
CA PRO M 507 22.52 6.92 4.49
C PRO M 507 23.84 6.17 4.39
N SER M 508 24.21 5.34 5.35
CA SER M 508 25.40 4.51 5.25
C SER M 508 25.13 3.19 4.56
N HIS M 509 23.98 3.03 3.93
CA HIS M 509 23.69 1.86 3.11
C HIS M 509 24.12 2.07 1.66
N TRP M 510 24.41 3.31 1.27
CA TRP M 510 24.67 3.75 -0.09
C TRP M 510 25.77 2.96 -0.77
N GLY M 511 25.41 2.24 -1.82
CA GLY M 511 26.35 1.46 -2.56
C GLY M 511 26.56 0.06 -2.05
N ARG M 512 26.00 -0.30 -0.91
CA ARG M 512 26.29 -1.61 -0.34
C ARG M 512 25.06 -2.43 0.02
N LEU M 513 23.96 -1.78 0.37
CA LEU M 513 22.69 -2.47 0.52
C LEU M 513 21.62 -1.72 -0.24
N CYS M 514 20.69 -2.46 -0.84
CA CYS M 514 19.63 -1.86 -1.63
C CYS M 514 18.60 -1.19 -0.73
N PHE M 515 18.30 0.08 -1.02
CA PHE M 515 17.31 0.80 -0.25
C PHE M 515 15.92 0.77 -0.87
N LEU M 516 15.72 -0.01 -1.93
CA LEU M 516 14.41 -0.10 -2.57
C LEU M 516 13.71 -1.42 -2.36
N SER M 517 14.42 -2.51 -2.18
CA SER M 517 13.84 -3.84 -2.11
C SER M 517 14.02 -4.43 -0.72
N THR M 518 12.93 -4.90 -0.15
CA THR M 518 12.84 -5.41 1.21
C THR M 518 11.48 -6.09 1.34
N PRO M 519 11.33 -7.02 2.29
CA PRO M 519 10.00 -7.59 2.53
C PRO M 519 9.02 -6.56 3.05
N ASP M 520 7.75 -6.96 3.13
CA ASP M 520 6.72 -6.09 3.67
C ASP M 520 5.95 -6.72 4.82
N GLY M 521 6.27 -7.94 5.22
CA GLY M 521 5.61 -8.53 6.36
C GLY M 521 6.22 -8.11 7.67
N GLU M 522 6.50 -9.06 8.56
CA GLU M 522 7.14 -8.71 9.81
C GLU M 522 8.61 -8.36 9.61
N ASN M 523 9.24 -8.91 8.57
CA ASN M 523 10.64 -8.68 8.29
C ASN M 523 10.88 -7.48 7.41
N CYS M 524 9.98 -6.51 7.42
CA CYS M 524 10.16 -5.31 6.62
C CYS M 524 11.32 -4.49 7.17
N GLY M 525 12.33 -4.28 6.33
CA GLY M 525 13.51 -3.53 6.71
C GLY M 525 14.55 -4.29 7.50
N LEU M 526 14.17 -5.37 8.17
CA LEU M 526 15.12 -6.13 8.96
C LEU M 526 15.97 -7.06 8.10
N VAL M 527 15.45 -7.46 6.94
CA VAL M 527 16.19 -8.27 5.98
C VAL M 527 16.56 -7.37 4.81
N LYS M 528 17.84 -7.34 4.49
CA LYS M 528 18.41 -6.51 3.46
C LYS M 528 18.97 -7.38 2.34
N ASN M 529 19.20 -6.75 1.19
CA ASN M 529 19.77 -7.38 0.01
C ASN M 529 21.05 -6.66 -0.35
N LEU M 530 22.08 -7.44 -0.69
CA LEU M 530 23.34 -6.88 -1.14
C LEU M 530 23.16 -6.11 -2.44
N SER M 531 23.95 -5.04 -2.59
CA SER M 531 24.03 -4.36 -3.86
C SER M 531 24.82 -5.20 -4.86
N LEU M 532 24.83 -4.75 -6.12
CA LEU M 532 25.42 -5.57 -7.18
C LEU M 532 26.93 -5.65 -7.07
N LEU M 533 27.59 -4.51 -6.86
CA LEU M 533 29.05 -4.49 -6.73
C LEU M 533 29.51 -4.59 -5.28
N GLY M 534 28.72 -5.20 -4.40
CA GLY M 534 29.07 -5.26 -3.00
C GLY M 534 29.88 -6.50 -2.65
N LEU M 535 30.85 -6.31 -1.77
CA LEU M 535 31.77 -7.36 -1.37
C LEU M 535 31.89 -7.38 0.14
N VAL M 536 32.03 -8.57 0.71
CA VAL M 536 32.27 -8.74 2.14
C VAL M 536 33.73 -9.08 2.33
N SER M 537 34.43 -8.33 3.17
CA SER M 537 35.85 -8.53 3.35
C SER M 537 36.13 -9.78 4.18
N THR M 538 37.38 -10.22 4.12
CA THR M 538 37.84 -11.40 4.84
C THR M 538 39.09 -11.02 5.62
N GLN M 539 39.48 -11.90 6.53
CA GLN M 539 40.55 -11.59 7.48
C GLN M 539 41.92 -11.68 6.82
N ILE M 540 42.77 -10.71 7.12
CA ILE M 540 44.11 -10.66 6.58
C ILE M 540 45.05 -11.41 7.52
N MET M 541 45.74 -12.43 7.00
CA MET M 541 46.56 -13.30 7.80
C MET M 541 48.00 -12.85 7.93
N GLU M 542 48.45 -11.90 7.15
CA GLU M 542 49.82 -11.45 7.33
C GLU M 542 49.88 -10.32 8.36
N PRO M 543 50.98 -10.18 9.09
CA PRO M 543 51.09 -9.04 10.01
C PRO M 543 51.30 -7.75 9.24
N VAL M 544 50.62 -6.69 9.70
CA VAL M 544 50.63 -5.43 8.99
C VAL M 544 51.22 -4.30 9.83
N VAL M 545 51.45 -4.53 11.13
CA VAL M 545 51.83 -3.43 12.00
C VAL M 545 53.29 -3.01 11.79
N GLU M 546 54.13 -3.89 11.29
CA GLU M 546 55.54 -3.54 11.12
C GLU M 546 55.80 -2.82 9.81
N GLU M 547 54.84 -2.81 8.89
CA GLU M 547 54.98 -2.03 7.68
C GLU M 547 54.32 -0.67 7.78
N LEU M 548 53.82 -0.31 8.96
CA LEU M 548 53.30 1.02 9.18
C LEU M 548 54.38 2.01 9.52
N PHE M 549 55.53 1.54 10.02
CA PHE M 549 56.62 2.45 10.38
C PHE M 549 57.27 3.08 9.16
N ASP M 550 57.18 2.44 8.00
CA ASP M 550 57.82 2.93 6.79
C ASP M 550 57.14 4.15 6.18
N SER M 551 55.97 4.54 6.68
CA SER M 551 55.26 5.69 6.17
C SER M 551 55.34 6.89 7.10
N GLY M 552 55.97 6.75 8.26
CA GLY M 552 56.13 7.87 9.16
C GLY M 552 55.45 7.70 10.50
N MET M 553 55.34 6.46 10.97
CA MET M 553 54.79 6.16 12.27
C MET M 553 55.91 5.84 13.25
N GLU M 554 55.77 6.30 14.48
CA GLU M 554 56.78 6.10 15.50
C GLU M 554 56.20 5.36 16.69
N GLU M 555 57.12 4.90 17.54
CA GLU M 555 56.81 3.96 18.62
C GLU M 555 56.01 4.64 19.73
N LEU M 556 55.41 3.82 20.58
CA LEU M 556 54.71 4.27 21.78
C LEU M 556 55.62 3.95 22.97
N MET M 557 56.32 4.95 23.47
CA MET M 557 57.37 4.76 24.47
C MET M 557 56.76 4.47 25.84
N ASP M 558 57.64 4.04 26.76
CA ASP M 558 57.23 3.56 28.08
C ASP M 558 57.90 4.42 29.14
N ASP M 559 57.31 5.58 29.43
CA ASP M 559 57.77 6.36 30.57
C ASP M 559 56.66 6.97 31.40
N THR M 560 55.41 7.01 30.90
CA THR M 560 54.20 7.70 31.40
C THR M 560 54.48 9.07 32.00
N SER M 561 55.42 9.81 31.43
CA SER M 561 55.81 11.10 31.95
C SER M 561 55.90 12.12 30.82
N THR M 562 56.08 11.64 29.61
CA THR M 562 56.19 12.46 28.41
C THR M 562 54.82 12.74 27.83
N PRO M 563 54.51 13.99 27.51
CA PRO M 563 53.21 14.30 26.88
C PRO M 563 53.27 14.20 25.36
N LEU M 564 52.11 13.95 24.78
CA LEU M 564 52.01 13.65 23.35
C LEU M 564 51.04 14.59 22.65
N SER M 565 51.16 15.89 22.89
CA SER M 565 50.25 16.84 22.27
C SER M 565 50.61 17.06 20.81
N GLY M 566 49.60 17.26 19.99
CA GLY M 566 49.77 17.49 18.57
C GLY M 566 49.84 16.24 17.74
N LYS M 567 50.36 15.15 18.29
CA LYS M 567 50.44 13.89 17.57
C LYS M 567 49.08 13.23 17.50
N HIS M 568 48.81 12.56 16.39
CA HIS M 568 47.61 11.77 16.23
C HIS M 568 47.89 10.33 16.64
N LYS M 569 46.89 9.69 17.20
CA LYS M 569 47.00 8.31 17.62
C LYS M 569 46.60 7.39 16.47
N VAL M 570 47.32 6.28 16.30
CA VAL M 570 46.90 5.30 15.32
C VAL M 570 46.38 4.07 16.04
N LEU M 571 45.36 3.46 15.47
CA LEU M 571 44.65 2.36 16.11
C LEU M 571 44.47 1.27 15.07
N LEU M 572 45.03 0.10 15.34
CA LEU M 572 44.92 -1.02 14.43
C LEU M 572 43.96 -2.02 15.05
N ASN M 573 42.77 -2.12 14.46
CA ASN M 573 41.66 -2.95 14.95
C ASN M 573 41.27 -2.57 16.38
N GLY M 574 41.39 -1.29 16.71
CA GLY M 574 41.03 -0.80 18.01
C GLY M 574 42.17 -0.73 19.01
N ASP M 575 43.31 -1.34 18.72
CA ASP M 575 44.44 -1.36 19.62
C ASP M 575 45.38 -0.21 19.29
N TRP M 576 45.70 0.61 20.29
CA TRP M 576 46.61 1.73 20.10
C TRP M 576 48.04 1.21 19.94
N VAL M 577 48.64 1.44 18.78
CA VAL M 577 49.97 0.93 18.47
C VAL M 577 50.99 2.02 18.20
N GLY M 578 50.59 3.28 18.06
CA GLY M 578 51.58 4.30 17.80
C GLY M 578 50.96 5.67 17.64
N VAL M 579 51.82 6.63 17.28
CA VAL M 579 51.41 8.00 16.99
C VAL M 579 52.02 8.43 15.66
N CYS M 580 51.53 9.54 15.13
CA CYS M 580 52.10 10.14 13.93
C CYS M 580 51.93 11.64 14.00
N SER M 581 52.97 12.37 13.60
CA SER M 581 52.95 13.82 13.70
C SER M 581 52.12 14.44 12.59
N ASP M 582 52.53 14.23 11.35
CA ASP M 582 51.76 14.66 10.20
C ASP M 582 50.80 13.55 9.81
N SER M 583 49.50 13.85 9.87
CA SER M 583 48.50 12.86 9.51
C SER M 583 48.02 12.99 8.07
N ASP M 584 48.20 14.15 7.44
CA ASP M 584 47.84 14.31 6.04
C ASP M 584 48.98 13.95 5.10
N TYR M 585 50.01 13.29 5.62
CA TYR M 585 51.03 12.63 4.83
C TYR M 585 51.07 11.14 5.09
N PHE M 586 50.74 10.73 6.32
CA PHE M 586 50.72 9.32 6.68
C PHE M 586 49.64 8.57 5.91
N VAL M 587 48.43 9.13 5.91
CA VAL M 587 47.29 8.52 5.21
C VAL M 587 47.48 8.51 3.71
N ALA M 588 47.94 9.62 3.13
CA ALA M 588 48.15 9.71 1.69
C ALA M 588 49.32 8.86 1.21
N ASP M 589 50.24 8.47 2.09
CA ASP M 589 51.30 7.56 1.70
C ASP M 589 50.89 6.11 1.86
N LEU M 590 50.09 5.79 2.89
CA LEU M 590 49.52 4.46 3.01
C LEU M 590 48.59 4.15 1.85
N LYS M 591 47.80 5.12 1.42
CA LYS M 591 46.88 4.90 0.30
C LYS M 591 47.63 4.77 -1.01
N SER M 592 48.78 5.44 -1.14
CA SER M 592 49.56 5.30 -2.37
C SER M 592 50.28 3.97 -2.40
N ARG M 593 50.71 3.46 -1.25
CA ARG M 593 51.32 2.15 -1.20
C ARG M 593 50.31 1.03 -1.32
N ARG M 594 49.02 1.31 -1.05
CA ARG M 594 48.01 0.30 -1.31
C ARG M 594 47.66 0.20 -2.78
N ARG M 595 47.74 1.31 -3.52
CA ARG M 595 47.47 1.34 -4.95
C ARG M 595 48.60 0.79 -5.80
N GLN M 596 49.68 0.27 -5.20
CA GLN M 596 50.78 -0.32 -5.95
C GLN M 596 51.10 -1.73 -5.48
N SER M 597 50.18 -2.34 -4.72
CA SER M 597 50.22 -3.76 -4.33
C SER M 597 51.44 -4.11 -3.48
N GLU M 598 51.68 -3.33 -2.44
CA GLU M 598 52.58 -3.77 -1.37
C GLU M 598 51.93 -3.59 0.01
N LEU M 599 50.68 -3.19 0.05
CA LEU M 599 49.79 -3.25 1.20
C LEU M 599 48.56 -4.03 0.78
N PRO M 600 47.87 -4.69 1.72
CA PRO M 600 46.72 -5.52 1.33
C PRO M 600 45.55 -4.70 0.84
N ARG M 601 44.77 -5.31 -0.07
CA ARG M 601 43.73 -4.57 -0.76
C ARG M 601 42.50 -4.34 0.08
N GLN M 602 42.31 -5.11 1.14
CA GLN M 602 41.14 -4.99 2.01
C GLN M 602 41.44 -4.23 3.29
N MET M 603 42.37 -3.28 3.25
CA MET M 603 42.78 -2.53 4.42
C MET M 603 42.09 -1.18 4.41
N GLU M 604 41.36 -0.88 5.47
CA GLU M 604 40.60 0.36 5.58
C GLU M 604 41.37 1.39 6.39
N ILE M 605 41.56 2.57 5.82
CA ILE M 605 42.27 3.67 6.47
C ILE M 605 41.33 4.87 6.57
N LYS M 606 41.08 5.33 7.80
CA LYS M 606 40.19 6.44 8.04
C LYS M 606 40.92 7.51 8.84
N LEU M 607 40.95 8.72 8.31
CA LEU M 607 41.53 9.87 8.99
C LEU M 607 40.41 10.67 9.63
N ASP M 608 40.58 11.01 10.91
CA ASP M 608 39.53 11.64 11.71
C ASP M 608 40.08 12.93 12.28
N LYS M 609 39.62 14.06 11.73
CA LYS M 609 40.21 15.36 12.05
C LYS M 609 39.75 15.86 13.41
N ASP M 610 38.48 15.62 13.75
CA ASP M 610 37.95 16.13 15.00
C ASP M 610 38.46 15.33 16.20
N ASP M 611 38.57 14.02 16.07
CA ASP M 611 39.06 13.23 17.20
C ASP M 611 40.57 13.13 17.23
N LYS M 612 41.26 13.68 16.24
CA LYS M 612 42.71 13.59 16.04
C LYS M 612 43.18 12.14 16.06
N GLU M 613 42.72 11.39 15.05
CA GLU M 613 42.89 9.95 15.15
C GLU M 613 42.99 9.35 13.76
N VAL M 614 43.73 8.25 13.65
CA VAL M 614 43.85 7.48 12.41
C VAL M 614 43.46 6.04 12.72
N ARG M 615 42.34 5.60 12.16
CA ARG M 615 41.86 4.25 12.40
C ARG M 615 42.14 3.36 11.21
N ILE M 616 42.64 2.16 11.48
CA ILE M 616 42.96 1.18 10.45
C ILE M 616 42.24 -0.11 10.79
N PHE M 617 41.58 -0.71 9.81
CA PHE M 617 40.85 -1.96 9.99
C PHE M 617 41.33 -3.00 9.00
N THR M 618 41.59 -4.21 9.50
CA THR M 618 41.93 -5.37 8.68
C THR M 618 41.12 -6.61 9.05
N ASP M 619 39.97 -6.46 9.68
CA ASP M 619 39.24 -7.65 10.12
C ASP M 619 38.14 -8.02 9.12
N ALA M 620 37.50 -9.15 9.38
CA ALA M 620 36.48 -9.71 8.52
C ALA M 620 35.11 -9.12 8.82
N GLY M 621 34.27 -9.06 7.80
CA GLY M 621 32.90 -8.63 7.96
C GLY M 621 32.58 -7.23 7.52
N ARG M 622 33.50 -6.54 6.87
CA ARG M 622 33.25 -5.19 6.41
C ARG M 622 32.74 -5.23 4.97
N LEU M 623 31.88 -4.29 4.63
CA LEU M 623 31.25 -4.22 3.32
C LEU M 623 32.03 -3.27 2.42
N LEU M 624 32.49 -3.77 1.29
CA LEU M 624 33.36 -3.04 0.37
C LEU M 624 32.67 -2.83 -0.97
N ARG M 625 33.16 -1.88 -1.75
CA ARG M 625 32.69 -1.69 -3.11
C ARG M 625 33.79 -1.05 -3.93
N PRO M 626 33.83 -1.24 -5.25
CA PRO M 626 34.88 -0.63 -6.05
C PRO M 626 34.52 0.76 -6.54
N LEU M 627 35.55 1.59 -6.67
CA LEU M 627 35.38 2.94 -7.18
C LEU M 627 36.58 3.29 -8.04
N LEU M 628 36.36 4.22 -8.96
CA LEU M 628 37.42 4.76 -9.80
C LEU M 628 38.26 5.74 -9.00
N VAL M 629 39.57 5.71 -9.21
CA VAL M 629 40.49 6.65 -8.59
C VAL M 629 40.85 7.68 -9.64
N VAL M 630 40.45 8.93 -9.41
CA VAL M 630 40.47 9.96 -10.45
C VAL M 630 41.90 10.32 -10.85
N GLU M 631 42.80 10.47 -9.87
CA GLU M 631 44.15 10.90 -10.14
C GLU M 631 44.98 9.86 -10.87
N ASN M 632 44.61 8.59 -10.82
CA ASN M 632 45.24 7.57 -11.63
C ASN M 632 44.45 7.26 -12.89
N LEU M 633 43.50 8.10 -13.24
CA LEU M 633 42.56 7.75 -14.29
C LEU M 633 43.09 8.07 -15.67
N HIS M 634 44.16 8.87 -15.75
CA HIS M 634 44.78 9.22 -17.02
C HIS M 634 45.60 8.09 -17.62
N LYS M 635 45.79 6.99 -16.90
CA LYS M 635 46.59 5.86 -17.35
C LYS M 635 45.81 4.90 -18.21
N LEU M 636 44.78 5.37 -18.86
CA LEU M 636 44.08 4.49 -19.73
C LEU M 636 44.48 4.84 -21.13
N LYS M 637 44.52 6.12 -21.44
CA LYS M 637 44.90 6.62 -22.76
C LYS M 637 46.14 5.92 -23.32
N GLN M 638 47.19 5.89 -22.52
CA GLN M 638 48.43 5.25 -22.95
C GLN M 638 48.37 3.73 -22.98
N SER M 639 47.37 3.12 -22.36
CA SER M 639 47.23 1.67 -22.40
C SER M 639 46.55 1.23 -23.69
N LYS M 640 46.22 -0.06 -23.77
CA LYS M 640 45.48 -0.56 -24.91
C LYS M 640 44.08 -1.00 -24.50
N PRO M 641 43.05 -0.66 -25.29
CA PRO M 641 41.69 -0.94 -24.85
C PRO M 641 41.23 -2.36 -25.15
N SER M 642 42.09 -3.33 -24.89
CA SER M 642 41.68 -4.72 -24.81
C SER M 642 40.93 -4.94 -23.51
N LYS M 643 39.97 -5.86 -23.54
CA LYS M 643 39.03 -6.01 -22.42
C LYS M 643 39.77 -6.55 -21.21
N TYR M 644 39.62 -5.85 -20.09
CA TYR M 644 40.58 -5.91 -19.00
C TYR M 644 40.29 -7.07 -18.08
N THR M 645 41.27 -7.41 -17.27
CA THR M 645 41.00 -8.16 -16.06
C THR M 645 40.78 -7.17 -14.93
N PHE M 646 40.10 -7.62 -13.89
CA PHE M 646 39.93 -6.78 -12.71
C PHE M 646 41.25 -6.62 -11.97
N GLU M 647 42.08 -7.66 -11.98
CA GLU M 647 43.37 -7.61 -11.28
C GLU M 647 44.29 -6.59 -11.90
N HIS M 648 44.28 -6.46 -13.22
CA HIS M 648 45.15 -5.49 -13.87
C HIS M 648 44.69 -4.06 -13.59
N LEU M 649 43.39 -3.82 -13.48
CA LEU M 649 42.93 -2.48 -13.14
C LEU M 649 43.17 -2.16 -11.68
N LEU M 650 43.13 -3.16 -10.80
CA LEU M 650 43.48 -2.91 -9.41
C LEU M 650 44.97 -2.63 -9.25
N ASP M 651 45.81 -3.36 -9.99
CA ASP M 651 47.26 -3.25 -9.84
C ASP M 651 47.82 -1.97 -10.41
N GLN M 652 47.05 -1.21 -11.18
CA GLN M 652 47.50 0.07 -11.69
C GLN M 652 46.87 1.24 -10.98
N GLY M 653 46.10 1.01 -9.93
CA GLY M 653 45.52 2.08 -9.17
C GLY M 653 44.35 2.78 -9.81
N ILE M 654 43.81 2.25 -10.91
CA ILE M 654 42.63 2.86 -11.49
C ILE M 654 41.39 2.56 -10.66
N LEU M 655 41.31 1.39 -10.04
CA LEU M 655 40.19 1.03 -9.20
C LEU M 655 40.66 0.76 -7.77
N GLU M 656 39.76 0.94 -6.82
CA GLU M 656 40.02 0.66 -5.42
C GLU M 656 38.81 -0.01 -4.80
N LEU M 657 39.05 -0.85 -3.81
CA LEU M 657 38.00 -1.37 -2.95
C LEU M 657 37.95 -0.52 -1.69
N ILE M 658 36.76 -0.02 -1.37
CA ILE M 658 36.58 1.00 -0.33
C ILE M 658 35.46 0.55 0.59
N GLY M 659 35.69 0.68 1.92
CA GLY M 659 34.70 0.34 2.91
C GLY M 659 33.89 1.54 3.36
N ILE M 660 32.96 1.28 4.28
CA ILE M 660 31.98 2.29 4.69
C ILE M 660 32.64 3.44 5.43
N GLU M 661 33.61 3.15 6.28
CA GLU M 661 34.22 4.20 7.06
C GLU M 661 35.19 5.04 6.24
N GLU M 662 35.92 4.42 5.30
CA GLU M 662 36.82 5.20 4.44
C GLU M 662 36.04 6.08 3.48
N GLU M 663 34.82 5.67 3.09
CA GLU M 663 34.04 6.44 2.13
C GLU M 663 33.55 7.77 2.70
N GLU M 664 33.55 7.93 4.02
CA GLU M 664 33.25 9.21 4.63
C GLU M 664 34.33 10.26 4.37
N ASP M 665 35.53 9.86 3.93
CA ASP M 665 36.56 10.80 3.54
C ASP M 665 36.68 10.95 2.03
N CYS M 666 35.60 10.71 1.29
CA CYS M 666 35.67 10.63 -0.15
C CYS M 666 34.62 11.54 -0.76
N THR M 667 35.03 12.30 -1.77
CA THR M 667 34.10 13.02 -2.65
C THR M 667 33.94 12.18 -3.91
N THR M 668 32.76 11.61 -4.10
CA THR M 668 32.47 10.72 -5.20
C THR M 668 31.53 11.41 -6.18
N ALA M 669 31.94 11.51 -7.43
CA ALA M 669 31.03 12.00 -8.45
C ALA M 669 29.95 10.97 -8.73
N TRP M 670 28.74 11.44 -9.03
CA TRP M 670 27.56 10.60 -9.16
C TRP M 670 27.54 9.82 -10.48
N GLY M 671 28.54 8.96 -10.67
CA GLY M 671 28.46 7.95 -11.70
C GLY M 671 28.64 8.44 -13.11
N THR M 672 27.73 9.35 -13.47
CA THR M 672 27.80 10.24 -14.61
C THR M 672 29.22 10.75 -14.78
N LYS M 673 29.77 10.51 -15.95
CA LYS M 673 31.03 11.11 -16.27
C LYS M 673 30.88 12.59 -16.55
N GLN M 674 29.67 13.04 -16.87
CA GLN M 674 29.44 14.45 -17.09
C GLN M 674 29.48 15.23 -15.78
N LEU M 675 29.19 14.58 -14.66
CA LEU M 675 29.47 15.24 -13.39
C LEU M 675 30.95 15.26 -13.08
N LEU M 676 31.69 14.24 -13.50
CA LEU M 676 33.10 14.18 -13.19
C LEU M 676 33.90 15.17 -14.01
N LYS M 677 33.62 15.26 -15.31
CA LYS M 677 34.50 15.98 -16.22
C LYS M 677 34.06 17.40 -16.47
N GLN M 678 32.94 17.84 -15.90
CA GLN M 678 32.60 19.26 -15.98
C GLN M 678 33.18 20.06 -14.82
N GLN M 679 33.69 19.39 -13.78
CA GLN M 679 34.23 20.06 -12.61
C GLN M 679 35.08 19.03 -11.88
N LYS M 680 36.35 19.33 -11.63
CA LYS M 680 37.22 18.37 -10.97
C LYS M 680 37.52 18.85 -9.55
N SER M 681 36.59 18.56 -8.65
CA SER M 681 36.75 18.71 -7.20
C SER M 681 36.41 17.39 -6.53
N TYR M 682 36.75 16.29 -7.19
CA TYR M 682 36.36 14.96 -6.79
C TYR M 682 37.60 14.09 -6.61
N THR M 683 37.47 13.08 -5.77
CA THR M 683 38.52 12.08 -5.63
C THR M 683 38.15 10.73 -6.22
N HIS M 684 36.86 10.42 -6.35
CA HIS M 684 36.42 9.16 -6.92
C HIS M 684 35.24 9.40 -7.87
N CYS M 685 34.74 8.32 -8.47
CA CYS M 685 33.55 8.34 -9.31
C CYS M 685 32.95 6.94 -9.31
N GLU M 686 31.63 6.86 -9.41
CA GLU M 686 30.98 5.55 -9.42
C GLU M 686 31.15 4.87 -10.77
N LEU M 687 30.94 3.56 -10.78
CA LEU M 687 30.91 2.83 -12.06
C LEU M 687 29.56 3.02 -12.75
N ASP M 688 28.47 2.88 -12.00
CA ASP M 688 27.13 3.26 -12.45
C ASP M 688 26.25 3.45 -11.22
N LEU M 689 25.29 4.36 -11.33
CA LEU M 689 24.39 4.63 -10.21
C LEU M 689 23.42 3.48 -9.95
N SER M 690 23.03 2.75 -11.00
CA SER M 690 22.10 1.63 -10.86
C SER M 690 22.69 0.45 -10.13
N PHE M 691 24.00 0.41 -9.96
CA PHE M 691 24.63 -0.61 -9.13
C PHE M 691 24.48 -0.32 -7.65
N LEU M 692 23.83 0.78 -7.28
CA LEU M 692 23.39 0.98 -5.91
C LEU M 692 22.27 0.04 -5.50
N LEU M 693 21.59 -0.59 -6.45
CA LEU M 693 20.44 -1.45 -6.17
C LEU M 693 20.81 -2.92 -6.26
N GLY M 694 19.96 -3.76 -5.70
CA GLY M 694 20.14 -5.19 -5.75
C GLY M 694 19.86 -5.75 -7.12
N VAL M 695 20.03 -7.07 -7.24
CA VAL M 695 20.09 -7.69 -8.56
C VAL M 695 18.70 -7.75 -9.22
N SER M 696 17.64 -7.85 -8.43
CA SER M 696 16.30 -7.84 -9.03
C SER M 696 15.74 -6.44 -9.18
N CYS M 697 16.39 -5.43 -8.63
CA CYS M 697 15.91 -4.06 -8.75
C CYS M 697 16.69 -3.25 -9.78
N ALA M 698 17.94 -3.61 -10.05
CA ALA M 698 18.75 -2.90 -11.03
C ALA M 698 18.38 -3.23 -12.46
N ILE M 699 17.66 -4.33 -12.70
CA ILE M 699 17.25 -4.73 -14.03
C ILE M 699 15.87 -4.20 -14.41
N VAL M 700 15.21 -3.47 -13.52
CA VAL M 700 13.86 -2.98 -13.78
C VAL M 700 13.95 -1.73 -14.63
N PRO M 701 13.22 -1.64 -15.74
CA PRO M 701 13.29 -0.44 -16.57
C PRO M 701 12.57 0.74 -15.92
N PHE M 702 13.21 1.91 -15.97
CA PHE M 702 12.70 3.17 -15.43
C PHE M 702 12.32 3.05 -13.96
N ALA M 703 13.13 2.33 -13.18
CA ALA M 703 12.76 1.97 -11.82
C ALA M 703 12.73 3.18 -10.87
N ASN M 704 13.36 4.29 -11.24
CA ASN M 704 13.24 5.54 -10.50
C ASN M 704 12.12 6.42 -11.04
N HIS M 705 11.20 5.85 -11.82
CA HIS M 705 10.04 6.59 -12.27
C HIS M 705 8.75 6.12 -11.63
N ASP M 706 8.80 5.11 -10.77
CA ASP M 706 7.63 4.54 -10.13
C ASP M 706 7.65 4.83 -8.64
N HIS M 707 6.49 4.70 -8.02
CA HIS M 707 6.36 4.79 -6.57
C HIS M 707 7.03 3.60 -5.89
N GLY M 708 7.57 3.82 -4.70
CA GLY M 708 8.40 2.85 -4.01
C GLY M 708 7.72 1.58 -3.57
N ARG M 709 6.43 1.63 -3.25
CA ARG M 709 5.70 0.41 -2.93
C ARG M 709 5.57 -0.49 -4.15
N ARG M 710 5.47 0.11 -5.34
CA ARG M 710 5.37 -0.66 -6.58
C ARG M 710 6.67 -1.33 -6.96
N VAL M 711 7.80 -0.61 -6.80
CA VAL M 711 9.10 -1.19 -7.03
C VAL M 711 9.38 -2.29 -6.03
N LEU M 712 8.91 -2.14 -4.79
CA LEU M 712 9.03 -3.19 -3.80
C LEU M 712 8.22 -4.43 -4.19
N TYR M 713 7.00 -4.23 -4.69
CA TYR M 713 6.16 -5.33 -5.17
C TYR M 713 6.82 -6.08 -6.31
N GLN M 714 7.38 -5.37 -7.28
CA GLN M 714 8.04 -6.04 -8.40
C GLN M 714 9.29 -6.78 -7.95
N SER M 715 10.19 -6.10 -7.24
CA SER M 715 11.51 -6.67 -7.03
C SER M 715 11.60 -7.59 -5.81
N GLN M 716 10.59 -7.66 -4.98
CA GLN M 716 10.67 -8.60 -3.86
C GLN M 716 9.70 -9.75 -4.00
N LYS M 717 8.53 -9.53 -4.59
CA LYS M 717 7.47 -10.52 -4.62
C LYS M 717 7.21 -11.10 -6.00
N HIS M 718 7.00 -10.26 -7.00
CA HIS M 718 6.48 -10.75 -8.26
C HIS M 718 7.54 -11.42 -9.12
N CYS M 719 8.80 -11.03 -9.00
CA CYS M 719 9.83 -11.67 -9.79
C CYS M 719 10.21 -13.04 -9.23
N GLN M 720 9.94 -13.32 -7.96
CA GLN M 720 10.14 -14.65 -7.43
C GLN M 720 9.02 -15.60 -7.79
N GLN M 721 7.90 -15.09 -8.27
CA GLN M 721 6.74 -15.92 -8.58
C GLN M 721 6.50 -16.06 -10.08
N ALA M 722 7.33 -15.46 -10.91
CA ALA M 722 7.14 -15.56 -12.35
C ALA M 722 7.49 -16.95 -12.85
N ILE M 723 6.91 -17.33 -13.99
CA ILE M 723 7.18 -18.61 -14.61
C ILE M 723 8.00 -18.37 -15.85
N GLY M 724 9.19 -18.93 -15.88
CA GLY M 724 10.13 -18.77 -16.97
C GLY M 724 11.00 -19.98 -17.16
N PHE M 725 12.31 -19.75 -17.10
CA PHE M 725 13.31 -20.81 -17.07
C PHE M 725 13.24 -21.57 -15.76
N CYS M 726 13.49 -22.88 -15.82
CA CYS M 726 13.62 -23.68 -14.60
C CYS M 726 15.00 -24.30 -14.46
N SER M 727 15.44 -25.10 -15.42
CA SER M 727 16.74 -25.77 -15.36
C SER M 727 17.08 -26.28 -16.75
N THR M 728 18.35 -26.66 -16.93
CA THR M 728 18.82 -27.26 -18.16
C THR M 728 19.09 -28.76 -18.04
N ASN M 729 18.78 -29.36 -16.90
CA ASN M 729 18.97 -30.79 -16.70
C ASN M 729 17.83 -31.32 -15.85
N PRO M 730 16.61 -31.35 -16.40
CA PRO M 730 15.45 -31.67 -15.56
C PRO M 730 15.29 -33.14 -15.28
N ASN M 731 16.12 -34.00 -15.89
CA ASN M 731 16.04 -35.43 -15.71
C ASN M 731 16.58 -35.90 -14.37
N ILE M 732 17.28 -35.05 -13.64
CA ILE M 732 17.79 -35.39 -12.32
C ILE M 732 17.30 -34.44 -11.25
N ARG M 733 16.16 -33.78 -11.47
CA ARG M 733 15.60 -32.84 -10.51
C ARG M 733 14.22 -33.34 -10.08
N CYS M 734 14.15 -33.93 -8.89
CA CYS M 734 12.87 -34.38 -8.37
C CYS M 734 12.25 -33.40 -7.39
N ASP M 735 12.04 -32.15 -7.80
CA ASP M 735 11.42 -31.15 -6.94
C ASP M 735 9.93 -31.42 -6.78
N THR M 736 9.32 -30.74 -5.81
CA THR M 736 7.89 -30.88 -5.58
C THR M 736 7.09 -30.26 -6.71
N LEU M 737 7.47 -29.07 -7.14
CA LEU M 737 6.84 -28.41 -8.28
C LEU M 737 7.92 -27.83 -9.17
N SER M 738 7.77 -27.98 -10.48
CA SER M 738 8.65 -27.35 -11.45
C SER M 738 7.81 -26.81 -12.59
N GLN M 739 7.91 -25.51 -12.86
CA GLN M 739 7.13 -24.91 -13.94
C GLN M 739 8.05 -24.23 -14.94
N GLN M 740 7.57 -24.14 -16.18
CA GLN M 740 8.43 -23.66 -17.25
C GLN M 740 7.59 -23.18 -18.41
N LEU M 741 7.99 -22.07 -19.03
CA LEU M 741 7.31 -21.64 -20.25
C LEU M 741 7.76 -22.48 -21.44
N PHE M 742 6.93 -22.49 -22.47
CA PHE M 742 7.29 -23.15 -23.72
C PHE M 742 8.36 -22.36 -24.47
N TYR M 743 8.20 -21.04 -24.59
CA TYR M 743 9.13 -20.19 -25.32
C TYR M 743 9.48 -18.93 -24.53
N PRO M 744 10.46 -19.00 -23.63
CA PRO M 744 10.84 -17.80 -22.87
C PRO M 744 11.55 -16.76 -23.74
N GLN M 745 11.23 -15.50 -23.49
CA GLN M 745 11.82 -14.41 -24.24
C GLN M 745 12.58 -13.49 -23.29
N ARG M 746 13.45 -12.71 -23.85
CA ARG M 746 14.17 -11.65 -23.19
C ARG M 746 13.50 -10.32 -23.50
N PRO M 747 13.71 -9.28 -22.72
CA PRO M 747 13.09 -7.98 -23.04
C PRO M 747 13.73 -7.31 -24.24
N LEU M 748 13.07 -6.26 -24.70
CA LEU M 748 13.59 -5.48 -25.82
C LEU M 748 14.60 -4.45 -25.36
N PHE M 749 14.39 -3.84 -24.20
CA PHE M 749 15.29 -2.84 -23.62
C PHE M 749 16.53 -3.51 -23.03
N LYS M 750 17.56 -2.70 -22.77
CA LYS M 750 18.86 -3.17 -22.30
C LYS M 750 19.38 -2.33 -21.14
N THR M 751 19.20 -2.75 -19.89
CA THR M 751 19.83 -1.95 -18.83
C THR M 751 21.33 -2.22 -18.76
N MET M 752 22.01 -1.48 -17.90
CA MET M 752 23.45 -1.64 -17.73
C MET M 752 23.81 -2.93 -17.02
N ALA M 753 23.03 -3.31 -16.01
CA ALA M 753 23.29 -4.55 -15.29
C ALA M 753 23.04 -5.78 -16.18
N SER M 754 22.06 -5.72 -17.08
CA SER M 754 21.81 -6.88 -17.91
C SER M 754 22.86 -7.00 -19.01
N GLU M 755 23.38 -5.87 -19.48
CA GLU M 755 24.49 -5.88 -20.40
C GLU M 755 25.78 -6.33 -19.74
N CYS M 756 25.93 -6.12 -18.43
CA CYS M 756 27.17 -6.50 -17.76
C CYS M 756 27.15 -7.93 -17.24
N LEU M 757 26.02 -8.45 -16.79
CA LEU M 757 26.03 -9.82 -16.29
C LEU M 757 25.94 -10.85 -17.41
N GLN M 758 25.30 -10.50 -18.52
CA GLN M 758 25.07 -11.37 -19.68
C GLN M 758 24.34 -12.65 -19.31
N LYS M 759 23.17 -12.47 -18.69
CA LYS M 759 22.31 -13.58 -18.31
C LYS M 759 20.93 -13.34 -18.87
N ASP M 760 20.29 -14.41 -19.33
CA ASP M 760 18.93 -14.33 -19.82
C ASP M 760 17.90 -14.80 -18.81
N VAL M 761 18.34 -15.48 -17.76
CA VAL M 761 17.43 -16.10 -16.81
C VAL M 761 17.11 -15.16 -15.66
N LEU M 762 17.47 -13.89 -15.81
CA LEU M 762 17.00 -12.88 -14.89
C LEU M 762 15.59 -12.43 -15.21
N PHE M 763 15.10 -12.71 -16.41
CA PHE M 763 13.77 -12.31 -16.86
C PHE M 763 12.95 -13.55 -17.17
N ASN M 764 11.74 -13.59 -16.64
CA ASN M 764 10.85 -14.74 -16.79
C ASN M 764 9.47 -14.25 -17.22
N GLY M 765 9.23 -14.23 -18.52
CA GLY M 765 7.95 -13.80 -19.03
C GLY M 765 7.97 -13.68 -20.53
N GLN M 766 7.01 -12.93 -21.06
CA GLN M 766 6.86 -12.76 -22.49
C GLN M 766 6.77 -11.27 -22.79
N ASN M 767 6.95 -10.93 -24.06
CA ASN M 767 6.72 -9.56 -24.51
C ASN M 767 5.34 -9.52 -25.13
N ALA M 768 4.37 -8.99 -24.40
CA ALA M 768 3.01 -8.92 -24.89
C ALA M 768 2.73 -7.52 -25.39
N ILE M 769 1.97 -7.42 -26.48
CA ILE M 769 1.53 -6.14 -26.98
C ILE M 769 0.32 -5.70 -26.18
N VAL M 770 0.44 -4.58 -25.47
CA VAL M 770 -0.57 -4.08 -24.56
C VAL M 770 -1.21 -2.85 -25.16
N ALA M 771 -2.54 -2.81 -25.14
CA ALA M 771 -3.31 -1.59 -25.38
C ALA M 771 -3.92 -1.13 -24.07
N VAL M 772 -4.13 0.18 -23.95
CA VAL M 772 -4.78 0.77 -22.80
C VAL M 772 -6.15 1.26 -23.27
N ASN M 773 -7.20 0.53 -22.92
CA ASN M 773 -8.54 0.75 -23.46
C ASN M 773 -9.55 0.01 -22.59
N VAL M 774 -10.80 0.47 -22.64
CA VAL M 774 -11.90 -0.23 -22.00
C VAL M 774 -12.40 -1.33 -22.91
N HIS M 775 -12.81 -2.47 -22.34
CA HIS M 775 -13.29 -3.61 -23.12
C HIS M 775 -14.59 -4.12 -22.52
N LEU M 776 -15.70 -3.47 -22.89
CA LEU M 776 -17.07 -3.83 -22.49
C LEU M 776 -17.27 -3.96 -20.98
N GLY M 777 -16.45 -3.28 -20.19
CA GLY M 777 -16.51 -3.44 -18.75
C GLY M 777 -15.98 -4.74 -18.21
N PHE M 778 -15.11 -5.42 -18.94
CA PHE M 778 -14.58 -6.70 -18.51
C PHE M 778 -13.20 -6.59 -17.87
N ASN M 779 -12.57 -5.42 -17.90
CA ASN M 779 -11.26 -5.22 -17.32
C ASN M 779 -11.26 -4.20 -16.19
N GLN M 780 -12.39 -4.08 -15.48
CA GLN M 780 -12.47 -3.20 -14.32
C GLN M 780 -11.87 -3.88 -13.09
N GLU M 781 -11.53 -3.06 -12.08
CA GLU M 781 -11.00 -3.48 -10.79
C GLU M 781 -9.74 -4.33 -10.92
N ASP M 782 -8.84 -3.89 -11.81
CA ASP M 782 -7.58 -4.55 -12.15
C ASP M 782 -7.79 -5.94 -12.77
N SER M 783 -8.69 -6.05 -13.72
CA SER M 783 -8.74 -7.23 -14.56
C SER M 783 -8.07 -6.93 -15.89
N ILE M 784 -7.71 -8.00 -16.60
CA ILE M 784 -7.14 -7.86 -17.94
C ILE M 784 -7.94 -8.74 -18.90
N VAL M 785 -7.84 -8.41 -20.18
CA VAL M 785 -8.47 -9.16 -21.26
C VAL M 785 -7.35 -9.67 -22.16
N MET M 786 -7.39 -10.95 -22.52
CA MET M 786 -6.38 -11.54 -23.36
C MET M 786 -6.94 -11.96 -24.72
N ASN M 787 -6.03 -12.27 -25.63
CA ASN M 787 -6.36 -12.69 -26.98
C ASN M 787 -6.42 -14.21 -27.05
N LYS M 788 -7.47 -14.73 -27.68
CA LYS M 788 -7.61 -16.17 -27.83
C LYS M 788 -6.59 -16.74 -28.80
N ALA M 789 -6.38 -16.07 -29.92
CA ALA M 789 -5.51 -16.61 -30.96
C ALA M 789 -4.04 -16.51 -30.60
N SER M 790 -3.65 -15.47 -29.86
CA SER M 790 -2.29 -15.41 -29.32
C SER M 790 -2.03 -16.52 -28.31
N LEU M 791 -3.04 -16.90 -27.53
CA LEU M 791 -2.87 -18.01 -26.60
C LEU M 791 -2.82 -19.34 -27.32
N GLU M 792 -3.55 -19.49 -28.42
CA GLU M 792 -3.53 -20.76 -29.16
C GLU M 792 -2.23 -20.96 -29.93
N ARG M 793 -1.56 -19.88 -30.31
CA ARG M 793 -0.25 -19.97 -30.95
C ARG M 793 0.88 -20.12 -29.95
N GLY M 794 0.60 -20.23 -28.66
CA GLY M 794 1.59 -20.62 -27.68
C GLY M 794 2.11 -19.52 -26.78
N MET M 795 1.49 -18.36 -26.74
CA MET M 795 1.90 -17.35 -25.75
C MET M 795 1.45 -17.78 -24.36
N PHE M 796 2.36 -17.66 -23.40
CA PHE M 796 2.15 -17.97 -21.97
C PHE M 796 1.74 -19.42 -21.75
N ARG M 797 2.18 -20.33 -22.61
CA ARG M 797 1.89 -21.73 -22.45
C ARG M 797 2.92 -22.35 -21.53
N SER M 798 2.46 -23.13 -20.57
CA SER M 798 3.28 -23.54 -19.44
C SER M 798 3.26 -25.05 -19.26
N GLU M 799 4.39 -25.59 -18.87
CA GLU M 799 4.54 -26.98 -18.48
C GLU M 799 4.78 -27.06 -16.99
N GLN M 800 4.24 -28.10 -16.37
CA GLN M 800 4.32 -28.23 -14.92
C GLN M 800 4.56 -29.69 -14.58
N ILE M 801 5.55 -29.95 -13.72
CA ILE M 801 5.90 -31.30 -13.32
C ILE M 801 5.85 -31.37 -11.79
N ARG M 802 5.07 -32.31 -11.28
CA ARG M 802 4.94 -32.54 -9.85
C ARG M 802 5.45 -33.92 -9.48
N SER M 803 6.07 -34.03 -8.31
CA SER M 803 6.67 -35.29 -7.88
C SER M 803 5.99 -35.79 -6.62
N TYR M 804 5.74 -37.09 -6.60
CA TYR M 804 5.08 -37.77 -5.49
C TYR M 804 6.05 -38.83 -5.00
N LYS M 805 6.41 -38.74 -3.71
CA LYS M 805 7.49 -39.53 -3.13
C LYS M 805 6.97 -40.46 -2.04
N ALA M 806 7.68 -41.57 -1.86
CA ALA M 806 7.36 -42.53 -0.80
C ALA M 806 8.59 -43.33 -0.44
N ASP M 807 8.60 -43.90 0.77
CA ASP M 807 9.75 -44.66 1.26
C ASP M 807 9.30 -45.91 2.00
N VAL M 808 10.18 -46.92 2.01
CA VAL M 808 10.01 -48.10 2.84
C VAL M 808 11.35 -48.44 3.50
N ASP M 809 11.29 -49.31 4.50
CA ASP M 809 12.49 -49.90 5.06
C ASP M 809 12.99 -51.03 4.18
N SER M 810 14.26 -51.36 4.31
CA SER M 810 14.85 -52.38 3.47
C SER M 810 15.13 -53.65 4.23
N VAL M 822 5.78 -56.33 7.46
CA VAL M 822 6.65 -55.40 6.78
C VAL M 822 5.85 -54.75 5.64
N VAL M 823 6.22 -53.53 5.27
CA VAL M 823 5.59 -52.87 4.13
C VAL M 823 6.61 -52.87 3.00
N GLN M 824 6.16 -53.17 1.78
CA GLN M 824 7.01 -53.10 0.61
C GLN M 824 6.23 -52.50 -0.57
N PHE M 825 6.91 -52.31 -1.69
CA PHE M 825 6.26 -51.84 -2.91
C PHE M 825 5.67 -53.02 -3.66
N GLY M 826 4.42 -52.89 -4.09
CA GLY M 826 3.77 -53.99 -4.78
C GLY M 826 2.45 -53.57 -5.38
N LYS M 827 1.87 -54.49 -6.16
CA LYS M 827 0.72 -54.19 -7.00
C LYS M 827 -0.59 -54.06 -6.21
N THR M 828 -0.59 -54.45 -4.92
CA THR M 828 -1.71 -54.45 -3.97
C THR M 828 -2.82 -55.42 -4.33
N HIS M 829 -2.69 -56.15 -5.43
CA HIS M 829 -3.44 -57.35 -5.78
C HIS M 829 -4.95 -57.11 -5.97
N SER M 830 -5.40 -55.87 -6.06
CA SER M 830 -6.83 -55.57 -6.09
C SER M 830 -7.02 -54.16 -6.63
N LYS M 831 -8.26 -53.68 -6.55
CA LYS M 831 -8.67 -52.35 -7.01
C LYS M 831 -9.43 -51.62 -5.91
N ILE M 832 -8.82 -51.59 -4.71
CA ILE M 832 -9.41 -50.88 -3.57
C ILE M 832 -9.48 -49.37 -3.85
N GLY M 833 -8.44 -48.83 -4.48
CA GLY M 833 -8.50 -47.49 -5.03
C GLY M 833 -8.86 -47.61 -6.49
N ARG M 834 -7.88 -47.43 -7.39
CA ARG M 834 -8.08 -47.77 -8.80
C ARG M 834 -6.71 -48.10 -9.38
N VAL M 835 -6.52 -49.36 -9.77
CA VAL M 835 -5.23 -49.87 -10.22
C VAL M 835 -5.40 -50.32 -11.67
N ASP M 836 -4.89 -49.52 -12.58
CA ASP M 836 -4.91 -49.88 -14.00
C ASP M 836 -3.52 -49.86 -14.61
N SER M 837 -2.71 -48.87 -14.27
CA SER M 837 -1.43 -48.65 -14.91
C SER M 837 -0.25 -49.26 -14.16
N LEU M 838 -0.50 -49.91 -13.02
CA LEU M 838 0.58 -50.42 -12.20
C LEU M 838 1.17 -51.69 -12.78
N ASP M 839 2.49 -51.82 -12.64
CA ASP M 839 3.19 -53.06 -12.92
C ASP M 839 3.32 -53.86 -11.63
N ASP M 840 4.10 -54.95 -11.68
CA ASP M 840 4.28 -55.79 -10.50
C ASP M 840 5.07 -55.11 -9.40
N ASP M 841 5.94 -54.15 -9.76
CA ASP M 841 6.77 -53.50 -8.76
C ASP M 841 5.99 -52.49 -7.92
N GLY M 842 4.86 -52.03 -8.41
CA GLY M 842 4.02 -51.11 -7.66
C GLY M 842 4.02 -49.69 -8.17
N PHE M 843 4.68 -49.41 -9.28
CA PHE M 843 4.79 -48.12 -9.92
C PHE M 843 4.28 -48.23 -11.34
N PRO M 844 3.70 -47.16 -11.90
CA PRO M 844 3.11 -47.26 -13.24
C PRO M 844 4.12 -47.33 -14.36
N PHE M 845 3.66 -47.35 -15.59
CA PHE M 845 4.59 -47.31 -16.71
C PHE M 845 4.77 -45.88 -17.19
N VAL M 846 5.87 -45.64 -17.88
CA VAL M 846 6.20 -44.30 -18.35
C VAL M 846 5.33 -43.96 -19.54
N GLY M 847 4.60 -42.86 -19.45
CA GLY M 847 3.64 -42.49 -20.45
C GLY M 847 2.21 -42.80 -20.10
N ALA M 848 1.94 -43.31 -18.90
CA ALA M 848 0.59 -43.58 -18.48
C ALA M 848 -0.15 -42.28 -18.22
N ASN M 849 -1.47 -42.33 -18.31
CA ASN M 849 -2.31 -41.17 -18.11
C ASN M 849 -3.06 -41.37 -16.81
N MET M 850 -2.50 -40.87 -15.72
CA MET M 850 -3.07 -41.07 -14.41
C MET M 850 -4.15 -40.03 -14.12
N HIS M 851 -5.21 -40.46 -13.46
CA HIS M 851 -6.37 -39.62 -13.20
C HIS M 851 -6.56 -39.43 -11.71
N SER M 852 -7.37 -38.44 -11.36
CA SER M 852 -7.66 -38.16 -9.96
C SER M 852 -8.49 -39.29 -9.37
N GLY M 853 -7.96 -39.90 -8.32
CA GLY M 853 -8.51 -41.12 -7.77
C GLY M 853 -7.69 -42.36 -8.04
N ASP M 854 -6.70 -42.29 -8.93
CA ASP M 854 -5.85 -43.43 -9.20
C ASP M 854 -4.83 -43.62 -8.09
N ILE M 855 -4.08 -44.70 -8.18
CA ILE M 855 -3.04 -45.03 -7.21
C ILE M 855 -1.70 -44.81 -7.89
N VAL M 856 -0.92 -43.87 -7.39
CA VAL M 856 0.34 -43.53 -8.02
C VAL M 856 1.49 -44.39 -7.50
N ILE M 857 1.51 -44.70 -6.21
CA ILE M 857 2.56 -45.52 -5.61
C ILE M 857 1.88 -46.61 -4.79
N GLY M 858 2.17 -47.87 -5.12
CA GLY M 858 1.52 -48.97 -4.43
C GLY M 858 2.36 -49.58 -3.33
N ARG M 859 2.08 -49.22 -2.08
CA ARG M 859 2.81 -49.78 -0.95
C ARG M 859 1.94 -50.88 -0.35
N CYS M 860 2.04 -52.06 -0.95
CA CYS M 860 1.33 -53.23 -0.47
C CYS M 860 2.00 -53.69 0.81
N THR M 861 1.34 -53.48 1.94
CA THR M 861 1.70 -54.20 3.14
C THR M 861 1.44 -55.67 2.90
N GLU M 862 2.37 -56.52 3.35
CA GLU M 862 2.31 -57.94 3.06
C GLU M 862 1.07 -58.58 3.68
N SER M 863 0.40 -59.41 2.87
CA SER M 863 -0.91 -60.01 3.16
C SER M 863 -1.99 -58.96 3.40
N GLY M 864 -1.92 -57.84 2.70
CA GLY M 864 -2.99 -56.86 2.67
C GLY M 864 -2.84 -55.80 3.76
N THR M 865 -3.95 -55.09 3.98
CA THR M 865 -4.05 -53.90 4.85
C THR M 865 -3.00 -52.85 4.48
N ASP M 866 -3.05 -52.41 3.22
CA ASP M 866 -1.98 -51.62 2.64
C ASP M 866 -2.15 -50.13 2.89
N HIS M 867 -1.07 -49.39 2.66
CA HIS M 867 -1.05 -47.93 2.71
C HIS M 867 -0.48 -47.40 1.39
N SER M 868 -1.33 -47.26 0.37
CA SER M 868 -0.87 -46.71 -0.89
C SER M 868 -1.06 -45.21 -0.93
N VAL M 869 -0.49 -44.59 -1.96
CA VAL M 869 -0.58 -43.14 -2.18
C VAL M 869 -1.52 -42.90 -3.34
N LYS M 870 -2.55 -42.09 -3.11
CA LYS M 870 -3.55 -41.81 -4.13
C LYS M 870 -3.47 -40.35 -4.54
N LEU M 871 -3.75 -40.10 -5.82
CA LEU M 871 -3.84 -38.74 -6.29
C LEU M 871 -5.08 -38.07 -5.72
N LYS M 872 -4.97 -36.79 -5.39
CA LYS M 872 -6.05 -36.09 -4.72
C LYS M 872 -7.11 -35.67 -5.74
N HIS M 873 -8.02 -34.80 -5.33
CA HIS M 873 -9.17 -34.51 -6.17
C HIS M 873 -8.85 -33.59 -7.34
N THR M 874 -7.64 -33.03 -7.41
CA THR M 874 -7.24 -32.17 -8.51
C THR M 874 -5.81 -32.44 -8.97
N GLU M 875 -5.36 -33.69 -8.90
CA GLU M 875 -3.99 -34.04 -9.25
C GLU M 875 -4.02 -35.02 -10.43
N ARG M 876 -3.59 -34.54 -11.59
CA ARG M 876 -3.65 -35.26 -12.86
C ARG M 876 -2.26 -35.39 -13.45
N GLY M 877 -2.17 -36.02 -14.62
CA GLY M 877 -0.94 -35.94 -15.37
C GLY M 877 -0.47 -37.18 -16.09
N ILE M 878 0.56 -37.03 -16.90
CA ILE M 878 1.20 -38.11 -17.62
C ILE M 878 2.54 -38.41 -16.95
N VAL M 879 2.83 -39.69 -16.78
CA VAL M 879 4.03 -40.11 -16.06
C VAL M 879 5.26 -39.76 -16.88
N GLN M 880 6.14 -38.95 -16.32
CA GLN M 880 7.37 -38.53 -16.98
C GLN M 880 8.54 -39.44 -16.64
N LYS M 881 8.77 -39.71 -15.36
CA LYS M 881 9.81 -40.63 -14.96
C LYS M 881 9.43 -41.28 -13.63
N VAL M 882 10.07 -42.41 -13.35
CA VAL M 882 9.99 -43.07 -12.05
C VAL M 882 11.41 -43.38 -11.60
N VAL M 883 11.80 -42.86 -10.43
CA VAL M 883 13.15 -42.99 -9.93
C VAL M 883 13.13 -43.81 -8.65
N LEU M 884 14.04 -44.78 -8.55
CA LEU M 884 14.19 -45.65 -7.40
C LEU M 884 15.57 -45.44 -6.78
N SER M 885 15.61 -45.06 -5.51
CA SER M 885 16.86 -44.73 -4.83
C SER M 885 16.93 -45.51 -3.53
N SER M 886 18.14 -45.66 -3.01
CA SER M 886 18.32 -46.25 -1.70
C SER M 886 19.34 -45.44 -0.94
N ASN M 887 19.49 -45.76 0.33
CA ASN M 887 20.26 -44.99 1.28
C ASN M 887 21.51 -45.78 1.67
N ASP M 888 22.27 -45.27 2.63
CA ASP M 888 23.37 -46.07 3.15
C ASP M 888 22.99 -46.82 4.42
N ASP M 889 21.96 -46.38 5.13
CA ASP M 889 21.50 -47.05 6.34
C ASP M 889 20.29 -47.95 6.10
N GLY M 890 20.07 -48.38 4.86
CA GLY M 890 18.98 -49.29 4.57
C GLY M 890 17.59 -48.69 4.54
N LYS M 891 17.32 -47.85 3.53
CA LYS M 891 15.99 -47.30 3.34
C LYS M 891 15.80 -47.02 1.86
N ASN M 892 14.65 -47.44 1.32
CA ASN M 892 14.34 -47.31 -0.10
C ASN M 892 13.37 -46.16 -0.33
N TYR M 893 13.59 -45.46 -1.44
CA TYR M 893 12.76 -44.32 -1.84
C TYR M 893 12.32 -44.50 -3.28
N ALA M 894 11.12 -43.97 -3.57
CA ALA M 894 10.58 -43.95 -4.91
C ALA M 894 9.95 -42.59 -5.18
N THR M 895 10.10 -42.11 -6.41
CA THR M 895 9.56 -40.83 -6.84
C THR M 895 8.93 -40.97 -8.20
N VAL M 896 7.70 -40.49 -8.35
CA VAL M 896 6.97 -40.53 -9.61
C VAL M 896 6.61 -39.09 -10.00
N SER M 897 6.88 -38.71 -11.23
CA SER M 897 6.67 -37.35 -11.70
C SER M 897 5.56 -37.30 -12.74
N LEU M 898 4.70 -36.29 -12.64
CA LEU M 898 3.52 -36.14 -13.49
C LEU M 898 3.60 -34.80 -14.23
N ARG M 899 3.35 -34.84 -15.53
CA ARG M 899 3.48 -33.70 -16.42
C ARG M 899 2.12 -33.18 -16.84
N GLN M 900 1.92 -31.87 -16.72
CA GLN M 900 0.72 -31.18 -17.14
C GLN M 900 1.08 -30.01 -18.03
N VAL M 901 0.17 -29.63 -18.91
CA VAL M 901 0.37 -28.51 -19.82
C VAL M 901 -0.83 -27.59 -19.69
N ARG M 902 -0.56 -26.32 -19.40
CA ARG M 902 -1.61 -25.34 -19.10
C ARG M 902 -1.45 -24.11 -19.98
N SER M 903 -2.51 -23.70 -20.59
CA SER M 903 -2.70 -22.37 -21.12
C SER M 903 -3.55 -21.57 -20.16
N PRO M 904 -3.49 -20.23 -20.18
CA PRO M 904 -4.18 -19.45 -19.15
C PRO M 904 -5.70 -19.57 -19.19
N CYS M 905 -6.29 -19.76 -18.02
CA CYS M 905 -7.72 -19.82 -17.81
C CYS M 905 -8.18 -18.52 -17.17
N LEU M 906 -9.46 -18.45 -16.83
CA LEU M 906 -10.12 -17.18 -16.57
C LEU M 906 -9.96 -16.71 -15.13
N GLY M 907 -8.98 -17.19 -14.40
CA GLY M 907 -8.68 -16.55 -13.14
C GLY M 907 -7.21 -16.61 -12.81
N ASP M 908 -6.39 -16.81 -13.83
CA ASP M 908 -4.95 -16.84 -13.64
C ASP M 908 -4.40 -15.43 -13.48
N LYS M 909 -3.28 -15.33 -12.79
CA LYS M 909 -2.77 -14.07 -12.27
C LYS M 909 -1.56 -13.61 -13.07
N PHE M 910 -1.50 -12.31 -13.37
CA PHE M 910 -0.46 -11.74 -14.18
C PHE M 910 -0.02 -10.42 -13.59
N SER M 911 1.16 -9.96 -13.98
CA SER M 911 1.67 -8.67 -13.52
C SER M 911 2.71 -8.17 -14.50
N SER M 912 2.83 -6.86 -14.59
CA SER M 912 3.86 -6.24 -15.42
C SER M 912 5.15 -6.13 -14.61
N MET M 913 6.14 -5.40 -15.12
CA MET M 913 7.37 -5.20 -14.39
C MET M 913 7.35 -3.93 -13.55
N HIS M 914 6.17 -3.37 -13.29
CA HIS M 914 6.03 -2.16 -12.49
C HIS M 914 5.01 -2.32 -11.39
N GLY M 915 4.70 -3.54 -10.98
CA GLY M 915 3.82 -3.76 -9.85
C GLY M 915 2.34 -3.65 -10.13
N GLN M 916 1.90 -3.83 -11.38
CA GLN M 916 0.49 -3.77 -11.73
C GLN M 916 -0.03 -5.19 -11.91
N LYS M 917 -0.40 -5.82 -10.80
CA LYS M 917 -0.91 -7.17 -10.86
C LYS M 917 -2.42 -7.19 -11.08
N GLY M 918 -2.90 -8.28 -11.61
CA GLY M 918 -4.30 -8.39 -11.97
C GLY M 918 -4.62 -9.80 -12.38
N VAL M 919 -5.91 -10.03 -12.62
CA VAL M 919 -6.38 -11.36 -12.96
C VAL M 919 -6.98 -11.32 -14.36
N LEU M 920 -6.93 -12.44 -15.05
CA LEU M 920 -7.51 -12.54 -16.38
C LEU M 920 -9.02 -12.67 -16.24
N GLY M 921 -9.76 -11.79 -16.90
CA GLY M 921 -11.20 -11.75 -16.69
C GLY M 921 -12.03 -12.05 -17.92
N TYR M 922 -11.40 -12.11 -19.09
CA TYR M 922 -12.11 -12.34 -20.34
C TYR M 922 -11.11 -12.76 -21.39
N ILE M 923 -11.47 -13.75 -22.20
CA ILE M 923 -10.69 -14.16 -23.35
C ILE M 923 -11.51 -13.85 -24.60
N GLU M 924 -10.98 -12.97 -25.43
CA GLU M 924 -11.70 -12.44 -26.59
C GLU M 924 -11.19 -13.07 -27.87
N GLU M 925 -12.08 -13.28 -28.83
CA GLU M 925 -11.69 -13.74 -30.16
C GLU M 925 -10.92 -12.67 -30.91
N GLN M 926 -10.10 -13.11 -31.86
CA GLN M 926 -9.19 -12.21 -32.56
C GLN M 926 -9.94 -11.20 -33.42
N GLU M 927 -10.92 -11.67 -34.18
CA GLU M 927 -11.65 -10.78 -35.08
C GLU M 927 -12.59 -9.82 -34.36
N ASN M 928 -12.79 -9.97 -33.05
CA ASN M 928 -13.55 -8.99 -32.28
C ASN M 928 -12.69 -7.88 -31.71
N PHE M 929 -11.37 -8.04 -31.73
CA PHE M 929 -10.47 -7.01 -31.23
C PHE M 929 -10.39 -5.85 -32.20
N ALA M 930 -10.06 -4.70 -31.66
CA ALA M 930 -9.89 -3.50 -32.44
C ALA M 930 -8.48 -3.44 -33.02
N PHE M 931 -8.36 -3.04 -34.28
CA PHE M 931 -7.15 -3.28 -35.05
C PHE M 931 -6.61 -2.00 -35.67
N THR M 932 -5.33 -2.03 -36.02
CA THR M 932 -4.65 -0.90 -36.62
C THR M 932 -4.57 -1.07 -38.13
N ASN M 933 -3.97 -0.10 -38.81
CA ASN M 933 -3.95 -0.08 -40.27
C ASN M 933 -3.01 -1.10 -40.87
N GLN M 934 -2.23 -1.80 -40.06
CA GLN M 934 -1.43 -2.94 -40.51
C GLN M 934 -2.02 -4.27 -40.07
N GLY M 935 -3.06 -4.26 -39.25
CA GLY M 935 -3.69 -5.47 -38.80
C GLY M 935 -3.23 -5.98 -37.46
N ILE M 936 -2.43 -5.20 -36.73
CA ILE M 936 -1.97 -5.61 -35.42
C ILE M 936 -3.09 -5.47 -34.41
N VAL M 937 -3.39 -6.55 -33.69
CA VAL M 937 -4.38 -6.54 -32.62
C VAL M 937 -3.62 -6.68 -31.32
N PRO M 938 -4.17 -6.28 -30.18
CA PRO M 938 -3.45 -6.47 -28.91
C PRO M 938 -3.45 -7.92 -28.48
N ASP M 939 -2.52 -8.24 -27.60
CA ASP M 939 -2.54 -9.48 -26.86
C ASP M 939 -3.17 -9.32 -25.49
N ILE M 940 -3.04 -8.14 -24.88
CA ILE M 940 -3.52 -7.84 -23.55
C ILE M 940 -4.11 -6.44 -23.58
N VAL M 941 -5.30 -6.27 -22.99
CA VAL M 941 -5.92 -4.95 -22.88
C VAL M 941 -6.11 -4.63 -21.40
N ILE M 942 -5.62 -3.47 -20.98
CA ILE M 942 -5.76 -3.03 -19.61
C ILE M 942 -6.55 -1.73 -19.57
N ASN M 943 -7.09 -1.43 -18.41
CA ASN M 943 -8.02 -0.32 -18.19
C ASN M 943 -7.26 0.98 -17.93
N PRO M 944 -7.71 2.10 -18.50
CA PRO M 944 -7.03 3.38 -18.24
C PRO M 944 -7.31 3.99 -16.88
N HIS M 945 -8.18 3.40 -16.07
CA HIS M 945 -8.35 3.89 -14.70
C HIS M 945 -7.25 3.42 -13.78
N ALA M 946 -6.37 2.53 -14.23
CA ALA M 946 -5.30 2.04 -13.38
C ALA M 946 -4.10 2.98 -13.36
N PHE M 947 -3.96 3.86 -14.31
CA PHE M 947 -2.78 4.70 -14.33
C PHE M 947 -2.80 5.99 -13.49
N PRO M 948 -3.88 6.79 -13.43
CA PRO M 948 -3.82 7.98 -12.55
C PRO M 948 -3.81 7.69 -11.06
N SER M 949 -3.92 6.45 -10.63
CA SER M 949 -4.12 6.13 -9.23
C SER M 949 -3.03 5.26 -8.60
N ARG M 950 -2.25 4.52 -9.39
CA ARG M 950 -1.23 3.64 -8.83
C ARG M 950 0.15 4.25 -8.79
N GLN M 951 0.38 5.34 -9.54
CA GLN M 951 1.66 6.05 -9.66
C GLN M 951 2.77 5.15 -10.21
N THR M 952 2.50 4.54 -11.36
CA THR M 952 3.51 3.81 -12.12
C THR M 952 3.63 4.34 -13.54
N PRO M 953 4.15 5.57 -13.73
CA PRO M 953 4.23 6.11 -15.10
C PRO M 953 5.28 5.44 -15.96
N GLY M 954 6.26 4.75 -15.36
CA GLY M 954 7.32 4.12 -16.11
C GLY M 954 6.85 3.05 -17.07
N GLN M 955 5.69 2.42 -16.77
CA GLN M 955 5.07 1.47 -17.68
C GLN M 955 4.68 2.11 -19.00
N LEU M 956 4.31 3.38 -19.00
CA LEU M 956 4.06 4.02 -20.28
C LEU M 956 5.36 4.37 -21.00
N LEU M 957 6.44 4.59 -20.25
CA LEU M 957 7.68 4.98 -20.90
C LEU M 957 8.44 3.79 -21.43
N GLU M 958 8.30 2.63 -20.79
CA GLU M 958 8.90 1.41 -21.31
C GLU M 958 8.26 1.00 -22.62
N ALA M 959 6.92 1.01 -22.66
CA ALA M 959 6.19 0.61 -23.85
C ALA M 959 6.43 1.55 -25.02
N ALA M 960 6.62 2.84 -24.75
CA ALA M 960 6.97 3.77 -25.80
C ALA M 960 8.41 3.61 -26.24
N LEU M 961 9.28 3.09 -25.38
CA LEU M 961 10.65 2.88 -25.80
C LEU M 961 10.77 1.62 -26.62
N SER M 962 10.15 0.53 -26.15
CA SER M 962 10.21 -0.77 -26.81
C SER M 962 9.61 -0.74 -28.20
N LYS M 963 8.49 -0.04 -28.39
CA LYS M 963 7.90 0.12 -29.71
C LYS M 963 8.85 0.84 -30.65
N GLY M 964 9.67 1.75 -30.13
CA GLY M 964 10.61 2.41 -31.00
C GLY M 964 11.78 1.56 -31.43
N ILE M 965 12.03 0.43 -30.76
CA ILE M 965 13.23 -0.34 -31.07
C ILE M 965 12.91 -1.63 -31.77
N ALA M 966 11.64 -1.96 -31.96
CA ALA M 966 11.24 -3.10 -32.77
C ALA M 966 10.61 -2.68 -34.08
N CYS M 967 10.50 -1.46 -34.35
CA CYS M 967 9.96 -0.96 -35.61
C CYS M 967 11.05 -0.77 -36.64
N PRO M 968 10.73 -0.87 -37.93
CA PRO M 968 11.73 -0.55 -38.95
C PRO M 968 11.87 0.94 -39.17
N MET M 969 13.11 1.39 -39.33
CA MET M 969 13.37 2.79 -39.58
C MET M 969 13.10 3.09 -41.05
N GLN M 970 12.21 4.03 -41.31
CA GLN M 970 11.66 4.20 -42.66
C GLN M 970 12.61 4.87 -43.64
N LYS M 971 13.76 5.36 -43.17
CA LYS M 971 14.84 5.92 -43.98
C LYS M 971 14.35 7.11 -44.81
N LYS M 972 13.92 8.14 -44.09
CA LYS M 972 13.66 9.43 -44.72
C LYS M 972 14.94 10.08 -45.20
N LYS M 973 16.06 9.84 -44.51
CA LYS M 973 17.37 10.26 -45.00
C LYS M 973 17.84 9.40 -46.17
N GLY M 974 17.67 8.08 -46.05
CA GLY M 974 18.18 7.19 -47.08
C GLY M 974 19.67 6.98 -47.02
N LYS M 975 20.25 6.91 -45.83
CA LYS M 975 21.67 6.65 -45.66
C LYS M 975 21.91 5.20 -45.29
N SER M 976 23.17 4.87 -45.05
CA SER M 976 23.50 3.48 -44.71
C SER M 976 23.13 3.15 -43.27
N ASP M 977 23.56 3.98 -42.33
CA ASP M 977 23.44 3.69 -40.90
C ASP M 977 22.11 4.18 -40.34
N ALA M 978 21.03 3.55 -40.82
CA ALA M 978 19.70 3.95 -40.37
C ALA M 978 19.41 3.49 -38.95
N TYR M 979 20.03 2.39 -38.51
CA TYR M 979 19.80 1.83 -37.19
C TYR M 979 20.98 2.06 -36.25
N SER M 980 21.78 3.08 -36.52
CA SER M 980 22.95 3.33 -35.69
C SER M 980 22.58 4.09 -34.42
N LYS M 981 21.75 5.12 -34.55
CA LYS M 981 21.36 5.95 -33.42
C LYS M 981 20.05 5.51 -32.78
N VAL M 982 19.96 4.24 -32.38
CA VAL M 982 18.77 3.71 -31.74
C VAL M 982 19.00 3.71 -30.24
N THR M 983 18.04 4.24 -29.48
CA THR M 983 18.11 4.29 -28.02
C THR M 983 17.48 3.05 -27.42
N ARG M 984 18.27 2.24 -26.71
CA ARG M 984 17.70 1.05 -26.01
C ARG M 984 18.52 0.76 -24.75
N HIS M 985 18.20 1.43 -23.63
CA HIS M 985 18.90 1.20 -22.34
C HIS M 985 17.90 1.28 -21.18
N ALA M 986 17.35 2.47 -20.92
CA ALA M 986 16.37 2.66 -19.83
C ALA M 986 16.99 2.27 -18.49
N THR M 987 18.32 2.40 -18.36
CA THR M 987 18.99 2.09 -17.09
C THR M 987 18.45 2.98 -15.98
N PRO M 988 18.17 2.45 -14.78
CA PRO M 988 17.77 3.31 -13.66
C PRO M 988 18.82 4.35 -13.31
N PHE M 989 18.34 5.53 -12.92
CA PHE M 989 19.07 6.75 -12.57
C PHE M 989 19.86 7.37 -13.71
N SER M 990 19.86 6.77 -14.90
CA SER M 990 20.37 7.37 -16.12
C SER M 990 19.47 7.02 -17.30
N THR M 991 18.17 7.14 -17.10
CA THR M 991 17.17 6.88 -18.13
C THR M 991 17.28 7.89 -19.26
N PRO M 992 16.80 7.56 -20.46
CA PRO M 992 16.70 8.57 -21.51
C PRO M 992 15.57 9.55 -21.22
N SER M 993 15.71 10.76 -21.74
CA SER M 993 14.67 11.77 -21.58
C SER M 993 13.54 11.49 -22.54
N VAL M 994 12.39 12.13 -22.31
CA VAL M 994 11.22 11.81 -23.12
C VAL M 994 11.28 12.42 -24.50
N ASP M 995 12.14 13.41 -24.71
CA ASP M 995 12.36 13.90 -26.06
C ASP M 995 13.07 12.87 -26.94
N ASP M 996 14.01 12.10 -26.38
CA ASP M 996 14.64 11.04 -27.15
C ASP M 996 13.69 9.89 -27.47
N ILE M 997 12.82 9.51 -26.53
CA ILE M 997 11.86 8.46 -26.77
C ILE M 997 10.84 8.89 -27.81
N THR M 998 10.36 10.12 -27.74
CA THR M 998 9.40 10.59 -28.72
C THR M 998 10.02 10.87 -30.08
N ASP M 999 11.30 11.29 -30.13
CA ASP M 999 11.96 11.43 -31.42
C ASP M 999 12.21 10.08 -32.07
N GLN M 1000 12.48 9.05 -31.25
CA GLN M 1000 12.60 7.71 -31.78
C GLN M 1000 11.29 7.20 -32.32
N LEU M 1001 10.16 7.53 -31.67
CA LEU M 1001 8.87 7.14 -32.21
C LEU M 1001 8.53 7.92 -33.47
N HIS M 1002 8.98 9.17 -33.57
CA HIS M 1002 8.70 9.97 -34.76
C HIS M 1002 9.51 9.52 -35.96
N ARG M 1003 10.75 9.09 -35.74
CA ARG M 1003 11.54 8.56 -36.85
C ARG M 1003 11.01 7.24 -37.38
N ALA M 1004 10.27 6.49 -36.57
CA ALA M 1004 9.70 5.23 -37.00
C ALA M 1004 8.36 5.38 -37.68
N GLY M 1005 7.81 6.59 -37.73
CA GLY M 1005 6.57 6.84 -38.41
C GLY M 1005 5.35 6.84 -37.54
N PHE M 1006 5.49 7.14 -36.25
CA PHE M 1006 4.38 7.14 -35.33
C PHE M 1006 4.26 8.49 -34.66
N SER M 1007 3.10 8.73 -34.07
CA SER M 1007 2.86 9.94 -33.31
C SER M 1007 3.72 9.95 -32.05
N ARG M 1008 4.14 11.16 -31.65
CA ARG M 1008 5.03 11.30 -30.51
C ARG M 1008 4.32 10.95 -29.20
N SER M 1009 3.02 11.19 -29.11
CA SER M 1009 2.27 10.93 -27.89
C SER M 1009 2.12 9.45 -27.58
N GLY M 1010 2.42 8.55 -28.50
CA GLY M 1010 2.41 7.13 -28.26
C GLY M 1010 1.13 6.41 -28.62
N ASN M 1011 0.13 7.11 -29.14
CA ASN M 1011 -1.14 6.49 -29.47
C ASN M 1011 -1.36 6.52 -30.98
N GLU M 1012 -2.33 5.71 -31.43
CA GLU M 1012 -2.55 5.47 -32.85
C GLU M 1012 -4.00 5.15 -33.13
N ARG M 1013 -4.47 5.49 -34.33
CA ARG M 1013 -5.90 5.26 -34.69
C ARG M 1013 -6.15 3.75 -34.83
N VAL M 1014 -7.33 3.29 -34.38
CA VAL M 1014 -7.68 1.84 -34.45
C VAL M 1014 -9.12 1.71 -34.98
N TYR M 1015 -9.39 0.63 -35.74
CA TYR M 1015 -10.76 0.39 -36.26
C TYR M 1015 -11.50 -0.58 -35.33
N ASN M 1016 -12.81 -0.39 -35.15
CA ASN M 1016 -13.58 -1.27 -34.27
C ASN M 1016 -13.74 -2.64 -34.91
N GLY M 1017 -13.55 -3.68 -34.11
CA GLY M 1017 -13.49 -5.02 -34.67
C GLY M 1017 -14.83 -5.65 -34.95
N ARG M 1018 -15.88 -5.24 -34.24
CA ARG M 1018 -17.20 -5.81 -34.41
C ARG M 1018 -18.03 -5.10 -35.46
N THR M 1019 -17.80 -3.81 -35.67
CA THR M 1019 -18.58 -3.06 -36.64
C THR M 1019 -17.76 -2.47 -37.78
N GLY M 1020 -16.46 -2.24 -37.60
CA GLY M 1020 -15.64 -1.73 -38.66
C GLY M 1020 -15.44 -0.23 -38.66
N GLU M 1021 -16.06 0.51 -37.75
CA GLU M 1021 -15.98 1.95 -37.78
C GLU M 1021 -14.70 2.45 -37.14
N MET M 1022 -14.22 3.59 -37.64
CA MET M 1022 -13.06 4.26 -37.06
C MET M 1022 -13.42 4.81 -35.69
N MET M 1023 -12.70 4.38 -34.67
CA MET M 1023 -13.03 4.79 -33.31
C MET M 1023 -12.53 6.22 -33.06
N ARG M 1024 -13.30 6.94 -32.24
CA ARG M 1024 -13.09 8.36 -32.06
C ARG M 1024 -11.85 8.66 -31.22
N SER M 1025 -11.56 7.82 -30.23
CA SER M 1025 -10.41 7.98 -29.37
C SER M 1025 -9.19 7.25 -29.92
N LEU M 1026 -8.01 7.87 -29.80
CA LEU M 1026 -6.76 7.19 -30.10
C LEU M 1026 -6.32 6.37 -28.89
N ILE M 1027 -5.67 5.24 -29.15
CA ILE M 1027 -5.37 4.23 -28.13
C ILE M 1027 -3.86 4.08 -27.97
N PHE M 1028 -3.39 4.07 -26.72
CA PHE M 1028 -1.99 3.80 -26.42
C PHE M 1028 -1.70 2.31 -26.57
N MET M 1029 -0.77 1.96 -27.44
CA MET M 1029 -0.37 0.58 -27.68
C MET M 1029 1.15 0.45 -27.64
N GLY M 1030 1.62 -0.73 -27.28
CA GLY M 1030 3.04 -1.00 -27.31
C GLY M 1030 3.41 -2.25 -26.55
N PRO M 1031 4.62 -2.75 -26.75
CA PRO M 1031 5.02 -4.00 -26.08
C PRO M 1031 5.51 -3.77 -24.65
N ASN M 1032 4.97 -4.55 -23.73
CA ASN M 1032 5.41 -4.56 -22.35
C ASN M 1032 5.79 -5.99 -22.00
N PHE M 1033 6.80 -6.14 -21.15
CA PHE M 1033 7.21 -7.44 -20.66
C PHE M 1033 6.26 -7.85 -19.53
N TYR M 1034 5.46 -8.88 -19.76
CA TYR M 1034 4.54 -9.36 -18.75
C TYR M 1034 4.98 -10.71 -18.21
N GLN M 1035 4.51 -11.01 -17.00
CA GLN M 1035 4.92 -12.18 -16.24
C GLN M 1035 3.69 -12.96 -15.82
N ARG M 1036 3.76 -14.27 -15.95
CA ARG M 1036 2.68 -15.15 -15.52
C ARG M 1036 3.04 -15.74 -14.16
N LEU M 1037 2.29 -15.36 -13.13
CA LEU M 1037 2.61 -15.76 -11.79
C LEU M 1037 2.04 -17.15 -11.47
N ILE M 1038 2.50 -17.71 -10.35
CA ILE M 1038 2.19 -19.09 -9.98
C ILE M 1038 0.85 -19.26 -9.30
N HIS M 1039 0.06 -18.19 -9.15
CA HIS M 1039 -1.26 -18.29 -8.54
C HIS M 1039 -2.27 -18.53 -9.66
N MET M 1040 -2.75 -19.75 -9.76
CA MET M 1040 -3.65 -20.16 -10.82
C MET M 1040 -5.02 -20.51 -10.26
N SER M 1041 -6.04 -20.29 -11.08
CA SER M 1041 -7.43 -20.34 -10.64
C SER M 1041 -7.86 -21.74 -10.25
N GLU M 1042 -7.40 -22.76 -10.97
CA GLU M 1042 -7.87 -24.11 -10.70
C GLU M 1042 -7.23 -24.72 -9.46
N ASP M 1043 -6.24 -24.08 -8.86
CA ASP M 1043 -5.69 -24.52 -7.59
C ASP M 1043 -6.33 -23.85 -6.39
N LYS M 1044 -7.14 -22.83 -6.61
CA LYS M 1044 -7.78 -22.11 -5.52
C LYS M 1044 -9.21 -22.58 -5.27
N VAL M 1045 -9.73 -23.45 -6.11
CA VAL M 1045 -11.08 -23.98 -5.94
C VAL M 1045 -11.08 -24.98 -4.79
N LYS M 1046 -11.95 -24.75 -3.81
CA LYS M 1046 -12.11 -25.68 -2.70
C LYS M 1046 -13.59 -25.80 -2.37
N PHE M 1047 -13.97 -26.96 -1.83
CA PHE M 1047 -15.32 -27.17 -1.33
C PHE M 1047 -15.24 -28.02 -0.07
N ARG M 1048 -15.94 -27.56 0.97
CA ARG M 1048 -16.07 -28.32 2.20
C ARG M 1048 -17.37 -29.12 2.18
MG MG N . -7.68 -7.20 -3.77
ZN ZN O . 29.98 38.13 42.49
ZN ZN P . -14.43 -40.74 -43.20
ZN ZN Q . 3.23 -10.67 -36.46
ZN ZN R . 25.85 -48.50 -12.60
ZN ZN S . 1.73 40.80 2.93
ZN ZN T . 52.35 16.92 48.24
#